data_6UM9
#
_entry.id   6UM9
#
_entity_poly.entity_id   1
_entity_poly.type   'polypeptide(L)'
_entity_poly.pdbx_seq_one_letter_code
;SKEVMKQMTINFAKPMEACKQELNVPDAVMQDFFNFWKEGYQITNREAGCVILCLAKKLELLDQDMNLHHGKAMEFAMKH
GADEAMAKQLLDIKHSCEKVITIVADDPCQTMLNLAMCFKAEIHKLDWAPTLDVAVGELLADT
;
_entity_poly.pdbx_strand_id   A
#
# COMPACT_ATOMS: atom_id res chain seq x y z
N SER A 1 -12.36 3.36 -22.76
CA SER A 1 -12.37 4.48 -23.78
C SER A 1 -12.06 5.86 -23.23
N LYS A 2 -12.61 6.23 -22.05
CA LYS A 2 -12.45 7.53 -21.45
C LYS A 2 -11.01 7.80 -20.99
N GLU A 3 -10.31 6.76 -20.47
CA GLU A 3 -8.97 6.91 -19.91
C GLU A 3 -7.89 6.89 -20.95
N VAL A 4 -8.32 6.73 -22.20
CA VAL A 4 -7.49 6.95 -23.39
C VAL A 4 -7.18 8.42 -23.55
N MET A 5 -8.25 9.24 -23.39
CA MET A 5 -8.39 10.51 -24.07
C MET A 5 -7.41 11.58 -23.65
N LYS A 6 -7.16 11.68 -22.32
CA LYS A 6 -6.36 12.73 -21.72
C LYS A 6 -4.86 12.44 -21.84
N GLN A 7 -4.04 13.51 -21.85
CA GLN A 7 -2.60 13.45 -22.00
C GLN A 7 -1.89 12.71 -20.88
N MET A 8 -2.33 12.94 -19.62
CA MET A 8 -1.89 12.17 -18.47
C MET A 8 -2.97 11.14 -18.17
N THR A 9 -2.58 9.86 -18.02
CA THR A 9 -3.50 8.81 -17.62
C THR A 9 -2.71 7.91 -16.72
N ILE A 10 -3.38 7.17 -15.81
CA ILE A 10 -2.72 6.47 -14.72
C ILE A 10 -2.91 4.98 -14.89
N ASN A 11 -1.79 4.22 -15.07
CA ASN A 11 -1.78 2.77 -15.28
C ASN A 11 -2.30 1.99 -14.08
N PHE A 12 -1.93 2.41 -12.85
CA PHE A 12 -2.28 1.71 -11.62
C PHE A 12 -3.67 2.03 -11.09
N ALA A 13 -4.46 2.85 -11.82
CA ALA A 13 -5.81 3.23 -11.45
C ALA A 13 -6.86 2.15 -11.60
N LYS A 14 -6.67 1.15 -12.50
CA LYS A 14 -7.66 0.12 -12.75
C LYS A 14 -8.03 -0.72 -11.53
N PRO A 15 -7.14 -1.26 -10.67
CA PRO A 15 -7.55 -1.84 -9.40
C PRO A 15 -8.06 -0.84 -8.41
N MET A 16 -7.65 0.44 -8.49
CA MET A 16 -7.92 1.42 -7.47
C MET A 16 -9.34 1.96 -7.59
N GLU A 17 -9.80 2.23 -8.84
CA GLU A 17 -11.17 2.61 -9.13
C GLU A 17 -12.12 1.44 -8.94
N ALA A 18 -11.63 0.21 -9.21
CA ALA A 18 -12.32 -1.02 -8.96
C ALA A 18 -12.56 -1.25 -7.50
N CYS A 19 -11.56 -0.98 -6.62
CA CYS A 19 -11.72 -1.15 -5.19
C CYS A 19 -12.87 -0.26 -4.71
N LYS A 20 -12.91 1.03 -5.12
CA LYS A 20 -13.86 1.98 -4.57
C LYS A 20 -15.32 1.55 -4.78
N GLN A 21 -15.65 1.05 -5.99
CA GLN A 21 -16.97 0.51 -6.27
C GLN A 21 -17.23 -0.88 -5.69
N GLU A 22 -16.20 -1.75 -5.72
CA GLU A 22 -16.20 -3.12 -5.19
C GLU A 22 -16.51 -3.13 -3.74
N LEU A 23 -15.95 -2.14 -3.02
CA LEU A 23 -16.11 -2.07 -1.59
C LEU A 23 -17.41 -1.37 -1.24
N ASN A 24 -18.06 -0.73 -2.25
CA ASN A 24 -19.25 0.09 -2.14
C ASN A 24 -19.07 1.29 -1.20
N VAL A 25 -17.94 2.00 -1.37
CA VAL A 25 -17.54 3.10 -0.50
C VAL A 25 -17.47 4.38 -1.33
N PRO A 26 -17.57 5.58 -0.74
CA PRO A 26 -17.46 6.81 -1.49
C PRO A 26 -16.03 7.17 -1.88
N ASP A 27 -15.91 8.15 -2.80
CA ASP A 27 -14.69 8.71 -3.36
C ASP A 27 -13.89 9.42 -2.26
N ALA A 28 -14.61 9.85 -1.20
CA ALA A 28 -14.07 10.42 0.00
C ALA A 28 -13.11 9.50 0.74
N VAL A 29 -13.32 8.17 0.69
CA VAL A 29 -12.51 7.31 1.54
C VAL A 29 -11.40 6.64 0.77
N MET A 30 -11.51 6.51 -0.57
CA MET A 30 -10.36 6.12 -1.38
C MET A 30 -9.31 7.25 -1.40
N GLN A 31 -9.74 8.53 -1.34
CA GLN A 31 -8.84 9.66 -1.26
C GLN A 31 -8.23 9.82 0.10
N ASP A 32 -8.84 9.20 1.15
CA ASP A 32 -8.19 9.09 2.45
C ASP A 32 -6.86 8.34 2.40
N PHE A 33 -6.79 7.26 1.60
CA PHE A 33 -5.57 6.55 1.21
C PHE A 33 -4.55 7.40 0.46
N PHE A 34 -4.97 8.28 -0.47
CA PHE A 34 -4.07 9.25 -1.09
C PHE A 34 -3.47 10.24 -0.09
N ASN A 35 -4.29 10.78 0.83
CA ASN A 35 -3.91 11.64 1.95
C ASN A 35 -3.02 10.96 2.99
N PHE A 36 -3.16 9.64 3.17
CA PHE A 36 -2.44 8.79 4.08
C PHE A 36 -0.94 8.83 3.88
N TRP A 37 -0.49 8.90 2.61
CA TRP A 37 0.91 8.96 2.27
C TRP A 37 1.57 10.26 2.69
N LYS A 38 0.79 11.35 2.90
CA LYS A 38 1.31 12.59 3.46
C LYS A 38 1.81 12.37 4.89
N GLU A 39 3.06 12.77 5.20
CA GLU A 39 3.69 12.34 6.43
C GLU A 39 3.11 12.97 7.68
N GLY A 40 2.78 12.10 8.66
CA GLY A 40 2.18 12.49 9.94
C GLY A 40 0.71 12.77 9.85
N TYR A 41 0.10 12.70 8.63
CA TYR A 41 -1.27 13.17 8.42
C TYR A 41 -2.29 12.24 9.08
N GLN A 42 -3.29 12.83 9.78
CA GLN A 42 -4.10 12.09 10.73
C GLN A 42 -5.28 11.39 10.09
N ILE A 43 -4.98 10.25 9.46
CA ILE A 43 -5.99 9.38 8.85
C ILE A 43 -6.28 8.27 9.84
N THR A 44 -7.54 8.24 10.34
CA THR A 44 -7.98 7.34 11.40
C THR A 44 -9.12 6.46 10.93
N ASN A 45 -9.54 6.61 9.66
CA ASN A 45 -10.80 6.12 9.16
C ASN A 45 -10.70 4.68 8.73
N ARG A 46 -11.65 3.85 9.19
CA ARG A 46 -11.71 2.42 8.99
C ARG A 46 -11.76 2.01 7.53
N GLU A 47 -12.39 2.84 6.68
CA GLU A 47 -12.37 2.71 5.25
C GLU A 47 -11.03 2.84 4.61
N ALA A 48 -10.12 3.66 5.18
CA ALA A 48 -8.78 3.78 4.60
C ALA A 48 -8.07 2.44 4.56
N GLY A 49 -8.18 1.62 5.63
CA GLY A 49 -7.62 0.28 5.68
C GLY A 49 -8.26 -0.65 4.70
N CYS A 50 -9.60 -0.53 4.53
CA CYS A 50 -10.39 -1.38 3.65
C CYS A 50 -9.96 -1.19 2.20
N VAL A 51 -9.71 0.07 1.77
CA VAL A 51 -9.12 0.31 0.45
C VAL A 51 -7.70 -0.17 0.37
N ILE A 52 -6.88 0.03 1.40
CA ILE A 52 -5.46 -0.32 1.36
C ILE A 52 -5.24 -1.81 1.15
N LEU A 53 -5.98 -2.66 1.87
CA LEU A 53 -5.89 -4.09 1.82
C LEU A 53 -6.36 -4.71 0.53
N CYS A 54 -7.31 -4.03 -0.11
CA CYS A 54 -7.89 -4.32 -1.39
C CYS A 54 -6.90 -4.27 -2.52
N LEU A 55 -5.98 -3.26 -2.59
CA LEU A 55 -4.97 -3.25 -3.61
C LEU A 55 -4.08 -4.44 -3.59
N ALA A 56 -3.72 -4.92 -2.40
CA ALA A 56 -2.80 -6.01 -2.18
C ALA A 56 -3.16 -7.31 -2.88
N LYS A 57 -4.47 -7.62 -2.94
CA LYS A 57 -4.97 -8.70 -3.78
C LYS A 57 -4.89 -8.38 -5.27
N LYS A 58 -5.21 -7.12 -5.64
CA LYS A 58 -5.44 -6.66 -6.99
C LYS A 58 -4.17 -6.07 -7.62
N LEU A 59 -3.00 -6.69 -7.36
CA LEU A 59 -1.70 -6.28 -7.89
C LEU A 59 -1.48 -6.93 -9.23
N GLU A 60 -2.30 -7.96 -9.46
CA GLU A 60 -2.41 -8.77 -10.67
C GLU A 60 -2.80 -7.91 -11.84
N LEU A 61 -3.61 -6.91 -11.50
CA LEU A 61 -4.20 -5.88 -12.33
C LEU A 61 -3.15 -4.91 -12.86
N LEU A 62 -2.05 -4.73 -12.10
CA LEU A 62 -0.97 -3.78 -12.33
C LEU A 62 -0.15 -4.17 -13.55
N ASP A 63 0.59 -3.19 -14.10
CA ASP A 63 1.33 -3.39 -15.33
C ASP A 63 2.57 -4.23 -15.04
N GLN A 64 2.90 -5.18 -15.93
CA GLN A 64 4.06 -6.03 -15.81
C GLN A 64 5.39 -5.27 -15.78
N ASP A 65 5.47 -4.08 -16.40
CA ASP A 65 6.66 -3.25 -16.45
C ASP A 65 7.19 -2.85 -15.09
N MET A 66 6.33 -2.63 -14.06
CA MET A 66 6.80 -2.31 -12.72
C MET A 66 7.23 -3.55 -11.94
N ASN A 67 6.92 -4.75 -12.49
CA ASN A 67 7.20 -6.09 -12.00
C ASN A 67 6.51 -6.47 -10.69
N LEU A 68 5.36 -5.84 -10.30
CA LEU A 68 4.73 -6.18 -9.03
C LEU A 68 3.87 -7.42 -9.16
N HIS A 69 4.14 -8.44 -8.32
CA HIS A 69 3.22 -9.55 -8.16
C HIS A 69 3.23 -9.93 -6.71
N HIS A 70 2.09 -10.50 -6.23
CA HIS A 70 1.94 -10.85 -4.84
C HIS A 70 2.84 -11.99 -4.40
N GLY A 71 3.55 -11.76 -3.28
CA GLY A 71 4.54 -12.68 -2.71
C GLY A 71 5.95 -12.50 -3.22
N LYS A 72 6.16 -11.64 -4.25
CA LYS A 72 7.43 -11.51 -4.95
C LYS A 72 8.18 -10.27 -4.51
N ALA A 73 7.88 -9.74 -3.29
CA ALA A 73 8.37 -8.48 -2.79
C ALA A 73 9.86 -8.36 -2.76
N MET A 74 10.60 -9.39 -2.31
CA MET A 74 12.04 -9.29 -2.20
C MET A 74 12.71 -9.04 -3.56
N GLU A 75 12.22 -9.70 -4.62
CA GLU A 75 12.70 -9.50 -5.99
C GLU A 75 12.23 -8.18 -6.58
N PHE A 76 10.93 -7.85 -6.38
CA PHE A 76 10.28 -6.62 -6.80
C PHE A 76 10.89 -5.38 -6.18
N ALA A 77 11.12 -5.39 -4.86
CA ALA A 77 11.66 -4.27 -4.14
C ALA A 77 13.03 -3.84 -4.61
N MET A 78 13.90 -4.83 -4.92
CA MET A 78 15.21 -4.62 -5.49
C MET A 78 15.17 -4.00 -6.89
N LYS A 79 14.19 -4.36 -7.74
CA LYS A 79 13.95 -3.73 -9.03
C LYS A 79 13.62 -2.23 -8.91
N HIS A 80 13.03 -1.83 -7.75
CA HIS A 80 12.68 -0.46 -7.42
C HIS A 80 13.73 0.28 -6.61
N GLY A 81 14.97 -0.27 -6.51
CA GLY A 81 16.10 0.48 -5.98
C GLY A 81 16.36 0.27 -4.53
N ALA A 82 15.56 -0.59 -3.86
CA ALA A 82 15.95 -1.11 -2.56
C ALA A 82 17.17 -2.04 -2.68
N ASP A 83 18.12 -2.01 -1.71
CA ASP A 83 19.15 -3.02 -1.65
C ASP A 83 18.56 -4.24 -0.95
N GLU A 84 19.26 -5.40 -0.97
CA GLU A 84 18.72 -6.65 -0.43
C GLU A 84 18.47 -6.61 1.06
N ALA A 85 19.34 -5.88 1.78
CA ALA A 85 19.25 -5.56 3.19
C ALA A 85 18.04 -4.67 3.50
N MET A 86 17.81 -3.64 2.66
CA MET A 86 16.71 -2.71 2.82
C MET A 86 15.38 -3.34 2.46
N ALA A 87 15.37 -4.23 1.45
CA ALA A 87 14.19 -4.98 1.04
C ALA A 87 13.65 -5.86 2.16
N LYS A 88 14.53 -6.63 2.82
CA LYS A 88 14.16 -7.46 3.96
C LYS A 88 13.80 -6.65 5.19
N GLN A 89 14.37 -5.43 5.32
CA GLN A 89 13.96 -4.47 6.33
C GLN A 89 12.52 -4.01 6.22
N LEU A 90 11.95 -3.71 5.03
CA LEU A 90 10.56 -3.36 4.93
C LEU A 90 9.63 -4.48 5.36
N LEU A 91 9.96 -5.72 4.95
CA LEU A 91 9.27 -6.92 5.41
C LEU A 91 9.44 -7.13 6.93
N ASP A 92 10.66 -6.89 7.48
CA ASP A 92 10.95 -6.96 8.91
C ASP A 92 10.18 -5.92 9.71
N ILE A 93 10.07 -4.65 9.22
CA ILE A 93 9.29 -3.58 9.85
C ILE A 93 7.84 -3.98 9.94
N LYS A 94 7.26 -4.55 8.86
CA LYS A 94 5.88 -4.96 8.84
C LYS A 94 5.57 -5.95 9.91
N HIS A 95 6.29 -7.07 9.93
CA HIS A 95 6.02 -8.16 10.84
C HIS A 95 6.34 -7.76 12.27
N SER A 96 7.32 -6.84 12.46
CA SER A 96 7.64 -6.23 13.75
C SER A 96 6.54 -5.34 14.28
N CYS A 97 5.91 -4.57 13.40
CA CYS A 97 4.74 -3.77 13.66
C CYS A 97 3.49 -4.57 13.93
N GLU A 98 3.30 -5.72 13.27
CA GLU A 98 2.08 -6.52 13.34
C GLU A 98 1.79 -6.97 14.75
N LYS A 99 2.86 -7.20 15.53
CA LYS A 99 2.77 -7.73 16.87
C LYS A 99 2.50 -6.64 17.89
N VAL A 100 2.77 -5.35 17.54
CA VAL A 100 2.64 -4.24 18.47
C VAL A 100 1.34 -3.48 18.23
N ILE A 101 0.86 -3.46 16.97
CA ILE A 101 -0.41 -2.86 16.62
C ILE A 101 -1.63 -3.63 17.09
N THR A 102 -2.77 -2.90 17.25
CA THR A 102 -4.07 -3.54 17.38
C THR A 102 -4.51 -4.22 16.10
N ILE A 103 -4.87 -5.51 16.26
CA ILE A 103 -5.39 -6.41 15.28
C ILE A 103 -6.78 -6.65 15.74
N VAL A 104 -7.72 -6.58 14.80
CA VAL A 104 -9.09 -6.83 15.10
C VAL A 104 -9.46 -8.07 14.33
N ALA A 105 -10.05 -9.05 15.03
CA ALA A 105 -10.63 -10.23 14.41
C ALA A 105 -11.81 -9.94 13.48
N ASP A 106 -12.74 -9.08 13.93
CA ASP A 106 -13.88 -8.60 13.18
C ASP A 106 -13.53 -7.75 11.96
N ASP A 107 -12.50 -6.90 12.08
CA ASP A 107 -12.29 -5.78 11.17
C ASP A 107 -10.85 -5.84 10.64
N PRO A 108 -10.55 -6.45 9.50
CA PRO A 108 -9.18 -6.53 8.98
C PRO A 108 -8.65 -5.17 8.53
N CYS A 109 -9.54 -4.17 8.37
CA CYS A 109 -9.20 -2.85 7.88
C CYS A 109 -8.40 -2.09 8.91
N GLN A 110 -8.80 -2.16 10.21
CA GLN A 110 -8.05 -1.59 11.32
C GLN A 110 -6.69 -2.23 11.44
N THR A 111 -6.64 -3.58 11.34
CA THR A 111 -5.36 -4.30 11.33
C THR A 111 -4.42 -3.81 10.24
N MET A 112 -4.91 -3.63 8.99
CA MET A 112 -4.10 -3.10 7.90
C MET A 112 -3.66 -1.65 8.09
N LEU A 113 -4.60 -0.75 8.45
CA LEU A 113 -4.37 0.68 8.61
C LEU A 113 -3.47 0.98 9.78
N ASN A 114 -3.71 0.31 10.94
CA ASN A 114 -2.89 0.43 12.13
C ASN A 114 -1.48 -0.04 11.84
N LEU A 115 -1.35 -1.17 11.11
CA LEU A 115 -0.06 -1.67 10.68
C LEU A 115 0.64 -0.73 9.76
N ALA A 116 -0.08 -0.22 8.76
CA ALA A 116 0.46 0.61 7.71
C ALA A 116 0.98 1.91 8.27
N MET A 117 0.23 2.51 9.22
CA MET A 117 0.65 3.72 9.87
C MET A 117 1.82 3.45 10.82
N CYS A 118 1.95 2.22 11.43
CA CYS A 118 3.16 1.77 12.14
C CYS A 118 4.34 1.52 11.20
N PHE A 119 4.14 0.81 10.07
CA PHE A 119 5.14 0.64 9.03
C PHE A 119 5.73 1.92 8.49
N LYS A 120 4.88 2.91 8.14
CA LYS A 120 5.32 4.21 7.70
C LYS A 120 6.07 4.96 8.78
N ALA A 121 5.74 4.68 10.05
CA ALA A 121 6.36 5.33 11.20
C ALA A 121 7.84 5.02 11.29
N GLU A 122 8.17 3.72 11.07
CA GLU A 122 9.51 3.22 11.04
C GLU A 122 10.34 3.71 9.85
N ILE A 123 9.83 3.68 8.59
CA ILE A 123 10.52 4.24 7.43
C ILE A 123 10.68 5.75 7.46
N HIS A 124 9.83 6.48 8.22
CA HIS A 124 10.00 7.90 8.51
C HIS A 124 11.29 8.17 9.27
N LYS A 125 11.65 7.28 10.24
CA LYS A 125 12.82 7.42 11.09
C LYS A 125 14.13 7.20 10.34
N LEU A 126 14.10 6.36 9.27
CA LEU A 126 15.22 5.89 8.50
C LEU A 126 15.93 6.94 7.65
N ASP A 127 17.24 6.70 7.40
CA ASP A 127 18.12 7.60 6.68
C ASP A 127 18.02 7.40 5.17
N TRP A 128 17.17 6.47 4.70
CA TRP A 128 16.96 6.22 3.28
C TRP A 128 15.45 6.21 3.05
N ALA A 129 15.00 6.50 1.82
CA ALA A 129 13.60 6.51 1.49
C ALA A 129 13.25 5.40 0.50
N PRO A 130 12.38 4.42 0.80
CA PRO A 130 11.66 3.67 -0.23
C PRO A 130 10.65 4.58 -0.91
N THR A 131 10.32 4.31 -2.19
CA THR A 131 9.34 5.05 -2.95
C THR A 131 8.00 4.38 -2.72
N LEU A 132 6.88 5.01 -3.15
CA LEU A 132 5.55 4.43 -3.01
C LEU A 132 5.38 3.14 -3.80
N ASP A 133 6.16 2.89 -4.88
CA ASP A 133 6.15 1.61 -5.56
C ASP A 133 6.62 0.47 -4.65
N VAL A 134 7.68 0.70 -3.85
CA VAL A 134 8.39 -0.29 -3.06
C VAL A 134 7.97 -0.35 -1.62
N ALA A 135 7.77 0.80 -0.94
CA ALA A 135 7.36 0.82 0.46
C ALA A 135 5.99 0.20 0.67
N VAL A 136 5.02 0.60 -0.16
CA VAL A 136 3.71 -0.02 -0.16
C VAL A 136 3.78 -1.36 -0.81
N GLY A 137 4.63 -1.50 -1.86
CA GLY A 137 4.66 -2.71 -2.64
C GLY A 137 5.06 -3.92 -1.87
N GLU A 138 6.07 -3.85 -0.97
CA GLU A 138 6.42 -4.98 -0.12
C GLU A 138 5.31 -5.35 0.88
N LEU A 139 4.58 -4.35 1.46
CA LEU A 139 3.40 -4.57 2.27
C LEU A 139 2.30 -5.24 1.55
N LEU A 140 1.96 -4.65 0.39
CA LEU A 140 0.86 -5.16 -0.39
C LEU A 140 1.17 -6.52 -1.00
N ALA A 141 2.41 -6.74 -1.51
CA ALA A 141 2.86 -8.02 -2.00
C ALA A 141 2.83 -9.12 -0.95
N ASP A 142 3.26 -8.83 0.30
CA ASP A 142 3.28 -9.82 1.37
C ASP A 142 2.03 -9.71 2.25
N THR A 143 0.85 -9.33 1.70
CA THR A 143 -0.37 -9.21 2.52
C THR A 143 -0.87 -10.57 3.12
N SER A 1 -10.26 1.65 -30.22
CA SER A 1 -11.51 2.26 -29.59
C SER A 1 -11.32 2.77 -28.17
N LYS A 2 -10.65 1.99 -27.30
CA LYS A 2 -10.52 2.25 -25.87
C LYS A 2 -9.70 3.49 -25.55
N GLU A 3 -8.55 3.64 -26.25
CA GLU A 3 -7.56 4.68 -25.96
C GLU A 3 -7.89 6.02 -26.55
N VAL A 4 -9.02 6.04 -27.26
CA VAL A 4 -9.70 7.24 -27.75
C VAL A 4 -10.27 8.03 -26.59
N MET A 5 -10.94 7.31 -25.66
CA MET A 5 -12.09 7.82 -24.93
C MET A 5 -11.76 8.97 -24.00
N LYS A 6 -10.63 8.84 -23.28
CA LYS A 6 -10.07 9.86 -22.42
C LYS A 6 -8.58 9.78 -22.66
N GLN A 7 -7.86 10.92 -22.67
CA GLN A 7 -6.43 10.94 -22.85
C GLN A 7 -5.66 10.29 -21.69
N MET A 8 -4.53 9.63 -22.01
CA MET A 8 -3.80 8.82 -21.05
C MET A 8 -3.00 9.65 -20.05
N THR A 9 -3.08 9.26 -18.77
CA THR A 9 -2.17 9.71 -17.71
C THR A 9 -1.61 8.43 -17.13
N ILE A 10 -0.46 8.49 -16.43
CA ILE A 10 0.10 7.30 -15.80
C ILE A 10 -0.27 7.38 -14.32
N ASN A 11 -1.28 6.57 -13.91
CA ASN A 11 -1.74 6.46 -12.54
C ASN A 11 -2.16 5.01 -12.40
N PHE A 12 -2.17 4.45 -11.17
CA PHE A 12 -2.64 3.09 -10.94
C PHE A 12 -4.16 3.03 -10.79
N ALA A 13 -4.86 3.65 -11.74
CA ALA A 13 -6.28 3.94 -11.71
C ALA A 13 -7.23 2.77 -11.70
N LYS A 14 -6.98 1.70 -12.50
CA LYS A 14 -7.93 0.60 -12.60
C LYS A 14 -8.16 -0.15 -11.29
N PRO A 15 -7.20 -0.55 -10.46
CA PRO A 15 -7.52 -0.99 -9.11
C PRO A 15 -7.95 0.13 -8.19
N MET A 16 -7.50 1.39 -8.40
CA MET A 16 -7.80 2.47 -7.47
C MET A 16 -9.29 2.84 -7.51
N GLU A 17 -9.88 2.95 -8.73
CA GLU A 17 -11.28 3.26 -8.93
C GLU A 17 -12.18 2.12 -8.51
N ALA A 18 -11.70 0.86 -8.70
CA ALA A 18 -12.38 -0.33 -8.28
C ALA A 18 -12.54 -0.38 -6.77
N CYS A 19 -11.46 -0.10 -6.01
CA CYS A 19 -11.44 -0.05 -4.56
C CYS A 19 -12.16 1.15 -3.96
N LYS A 20 -12.71 2.06 -4.77
CA LYS A 20 -13.66 3.02 -4.25
C LYS A 20 -15.09 2.46 -4.34
N GLN A 21 -15.49 1.90 -5.50
CA GLN A 21 -16.86 1.45 -5.74
C GLN A 21 -17.19 0.08 -5.17
N GLU A 22 -16.19 -0.84 -5.20
CA GLU A 22 -16.23 -2.22 -4.72
C GLU A 22 -16.56 -2.26 -3.26
N LEU A 23 -16.01 -1.27 -2.54
CA LEU A 23 -16.09 -1.21 -1.11
C LEU A 23 -17.34 -0.45 -0.71
N ASN A 24 -18.02 0.18 -1.72
CA ASN A 24 -19.17 1.04 -1.58
C ASN A 24 -18.92 2.25 -0.68
N VAL A 25 -17.77 2.92 -0.90
CA VAL A 25 -17.29 4.02 -0.08
C VAL A 25 -17.21 5.30 -0.91
N PRO A 26 -17.21 6.50 -0.32
CA PRO A 26 -17.04 7.74 -1.06
C PRO A 26 -15.62 7.99 -1.54
N ASP A 27 -15.51 8.97 -2.45
CA ASP A 27 -14.32 9.48 -3.10
C ASP A 27 -13.40 10.12 -2.06
N ALA A 28 -14.01 10.65 -0.98
CA ALA A 28 -13.38 11.20 0.18
C ALA A 28 -12.50 10.23 0.94
N VAL A 29 -12.84 8.93 1.00
CA VAL A 29 -12.09 8.06 1.88
C VAL A 29 -11.02 7.30 1.13
N MET A 30 -11.15 7.09 -0.20
CA MET A 30 -10.06 6.53 -0.97
C MET A 30 -8.90 7.53 -1.06
N GLN A 31 -9.20 8.85 -1.06
CA GLN A 31 -8.23 9.91 -1.09
C GLN A 31 -7.56 10.12 0.25
N ASP A 32 -8.18 9.59 1.33
CA ASP A 32 -7.54 9.54 2.65
C ASP A 32 -6.24 8.72 2.64
N PHE A 33 -6.19 7.62 1.88
CA PHE A 33 -4.98 6.86 1.59
C PHE A 33 -3.89 7.65 0.87
N PHE A 34 -4.23 8.51 -0.09
CA PHE A 34 -3.27 9.40 -0.72
C PHE A 34 -2.71 10.48 0.23
N ASN A 35 -3.59 11.07 1.07
CA ASN A 35 -3.26 11.99 2.16
C ASN A 35 -2.45 11.37 3.28
N PHE A 36 -2.53 10.04 3.47
CA PHE A 36 -1.84 9.24 4.46
C PHE A 36 -0.34 9.40 4.41
N TRP A 37 0.23 9.44 3.19
CA TRP A 37 1.66 9.51 2.97
C TRP A 37 2.21 10.90 3.24
N LYS A 38 1.32 11.92 3.36
CA LYS A 38 1.72 13.29 3.69
C LYS A 38 2.35 13.38 5.08
N GLU A 39 3.57 13.96 5.18
CA GLU A 39 4.22 14.14 6.46
C GLU A 39 3.55 15.26 7.25
N GLY A 40 3.25 14.99 8.54
CA GLY A 40 2.48 15.91 9.37
C GLY A 40 1.01 15.58 9.42
N TYR A 41 0.52 14.63 8.58
CA TYR A 41 -0.86 14.22 8.59
C TYR A 41 -1.09 12.98 9.42
N GLN A 42 -2.20 12.97 10.20
CA GLN A 42 -2.65 11.81 10.93
C GLN A 42 -3.97 11.37 10.34
N ILE A 43 -3.97 10.20 9.69
CA ILE A 43 -5.18 9.55 9.21
C ILE A 43 -5.58 8.49 10.22
N THR A 44 -6.81 8.59 10.74
CA THR A 44 -7.36 7.74 11.80
C THR A 44 -8.57 6.97 11.32
N ASN A 45 -9.00 7.17 10.05
CA ASN A 45 -10.28 6.75 9.56
C ASN A 45 -10.24 5.32 9.09
N ARG A 46 -11.20 4.51 9.56
CA ARG A 46 -11.33 3.09 9.34
C ARG A 46 -11.46 2.70 7.88
N GLU A 47 -12.09 3.58 7.08
CA GLU A 47 -12.11 3.45 5.64
C GLU A 47 -10.77 3.52 4.98
N ALA A 48 -9.80 4.25 5.56
CA ALA A 48 -8.46 4.30 4.98
C ALA A 48 -7.85 2.91 4.92
N GLY A 49 -7.99 2.06 5.96
CA GLY A 49 -7.52 0.69 5.94
C GLY A 49 -8.24 -0.17 4.96
N CYS A 50 -9.57 0.06 4.82
CA CYS A 50 -10.43 -0.69 3.93
C CYS A 50 -10.04 -0.49 2.50
N VAL A 51 -9.68 0.76 2.09
CA VAL A 51 -9.10 0.98 0.76
C VAL A 51 -7.75 0.36 0.64
N ILE A 52 -6.88 0.49 1.65
CA ILE A 52 -5.49 0.04 1.59
C ILE A 52 -5.37 -1.45 1.32
N LEU A 53 -6.16 -2.26 2.04
CA LEU A 53 -6.16 -3.70 1.90
C LEU A 53 -6.71 -4.20 0.60
N CYS A 54 -7.63 -3.41 0.00
CA CYS A 54 -8.21 -3.64 -1.31
C CYS A 54 -7.17 -3.59 -2.41
N LEU A 55 -6.20 -2.63 -2.43
CA LEU A 55 -5.19 -2.63 -3.45
C LEU A 55 -4.35 -3.86 -3.46
N ALA A 56 -4.06 -4.41 -2.28
CA ALA A 56 -3.21 -5.56 -2.09
C ALA A 56 -3.59 -6.80 -2.87
N LYS A 57 -4.89 -7.06 -2.96
CA LYS A 57 -5.40 -8.11 -3.83
C LYS A 57 -5.26 -7.74 -5.30
N LYS A 58 -5.55 -6.48 -5.62
CA LYS A 58 -5.69 -5.97 -6.97
C LYS A 58 -4.39 -5.40 -7.53
N LEU A 59 -3.29 -6.16 -7.41
CA LEU A 59 -1.96 -5.78 -7.92
C LEU A 59 -1.77 -6.34 -9.29
N GLU A 60 -2.61 -7.32 -9.60
CA GLU A 60 -2.69 -8.05 -10.86
C GLU A 60 -3.07 -7.10 -11.97
N LEU A 61 -3.87 -6.10 -11.56
CA LEU A 61 -4.43 -5.00 -12.30
C LEU A 61 -3.36 -4.02 -12.77
N LEU A 62 -2.25 -3.94 -12.00
CA LEU A 62 -1.15 -3.00 -12.15
C LEU A 62 -0.33 -3.28 -13.40
N ASP A 63 0.39 -2.23 -13.85
CA ASP A 63 1.16 -2.28 -15.06
C ASP A 63 2.40 -3.14 -14.89
N GLN A 64 2.64 -4.09 -15.83
CA GLN A 64 3.70 -5.09 -15.77
C GLN A 64 5.11 -4.50 -15.72
N ASP A 65 5.29 -3.29 -16.28
CA ASP A 65 6.53 -2.54 -16.27
C ASP A 65 7.09 -2.26 -14.87
N MET A 66 6.25 -2.08 -13.82
CA MET A 66 6.78 -1.87 -12.48
C MET A 66 7.14 -3.19 -11.81
N ASN A 67 6.71 -4.32 -12.42
CA ASN A 67 6.89 -5.70 -12.02
C ASN A 67 6.22 -6.09 -10.69
N LEU A 68 5.11 -5.44 -10.27
CA LEU A 68 4.47 -5.84 -9.02
C LEU A 68 3.60 -7.07 -9.24
N HIS A 69 3.86 -8.14 -8.49
CA HIS A 69 2.92 -9.22 -8.37
C HIS A 69 2.96 -9.68 -6.94
N HIS A 70 1.82 -10.19 -6.46
CA HIS A 70 1.60 -10.57 -5.09
C HIS A 70 2.47 -11.74 -4.68
N GLY A 71 3.11 -11.63 -3.50
CA GLY A 71 4.00 -12.66 -2.96
C GLY A 71 5.44 -12.53 -3.41
N LYS A 72 5.71 -11.69 -4.43
CA LYS A 72 6.97 -11.61 -5.13
C LYS A 72 7.75 -10.39 -4.67
N ALA A 73 7.45 -9.89 -3.44
CA ALA A 73 7.96 -8.66 -2.89
C ALA A 73 9.45 -8.59 -2.84
N MET A 74 10.14 -9.66 -2.42
CA MET A 74 11.60 -9.60 -2.32
C MET A 74 12.25 -9.33 -3.66
N GLU A 75 11.76 -9.96 -4.75
CA GLU A 75 12.24 -9.72 -6.10
C GLU A 75 11.86 -8.35 -6.65
N PHE A 76 10.58 -7.96 -6.45
CA PHE A 76 10.00 -6.68 -6.80
C PHE A 76 10.66 -5.50 -6.12
N ALA A 77 10.89 -5.59 -4.80
CA ALA A 77 11.45 -4.54 -4.01
C ALA A 77 12.85 -4.15 -4.45
N MET A 78 13.67 -5.16 -4.80
CA MET A 78 14.99 -5.00 -5.36
C MET A 78 15.01 -4.31 -6.72
N LYS A 79 13.99 -4.54 -7.59
CA LYS A 79 13.83 -3.80 -8.85
C LYS A 79 13.61 -2.30 -8.61
N HIS A 80 13.02 -1.94 -7.45
CA HIS A 80 12.71 -0.60 -7.02
C HIS A 80 13.75 0.02 -6.13
N GLY A 81 14.97 -0.56 -6.08
CA GLY A 81 16.12 0.11 -5.49
C GLY A 81 16.38 -0.25 -4.07
N ALA A 82 15.52 -1.09 -3.45
CA ALA A 82 15.86 -1.72 -2.19
C ALA A 82 17.04 -2.71 -2.35
N ASP A 83 17.98 -2.77 -1.38
CA ASP A 83 18.94 -3.86 -1.33
C ASP A 83 18.30 -5.07 -0.68
N GLU A 84 18.95 -6.24 -0.71
CA GLU A 84 18.32 -7.49 -0.26
C GLU A 84 18.01 -7.49 1.22
N ALA A 85 18.89 -6.83 2.00
CA ALA A 85 18.75 -6.56 3.42
C ALA A 85 17.61 -5.60 3.72
N MET A 86 17.50 -4.53 2.92
CA MET A 86 16.46 -3.52 3.01
C MET A 86 15.11 -4.08 2.63
N ALA A 87 15.06 -4.94 1.59
CA ALA A 87 13.87 -5.64 1.17
C ALA A 87 13.28 -6.56 2.24
N LYS A 88 14.12 -7.40 2.89
CA LYS A 88 13.70 -8.23 4.00
C LYS A 88 13.37 -7.40 5.23
N GLN A 89 14.01 -6.23 5.41
CA GLN A 89 13.66 -5.26 6.42
C GLN A 89 12.26 -4.69 6.31
N LEU A 90 11.72 -4.33 5.12
CA LEU A 90 10.37 -3.88 5.02
C LEU A 90 9.38 -4.97 5.41
N LEU A 91 9.62 -6.21 4.96
CA LEU A 91 8.84 -7.37 5.35
C LEU A 91 8.95 -7.65 6.85
N ASP A 92 10.14 -7.50 7.48
CA ASP A 92 10.37 -7.59 8.88
C ASP A 92 9.74 -6.48 9.74
N ILE A 93 9.76 -5.19 9.31
CA ILE A 93 9.13 -4.07 10.01
C ILE A 93 7.65 -4.34 10.13
N LYS A 94 7.04 -4.83 9.03
CA LYS A 94 5.67 -5.23 9.01
C LYS A 94 5.35 -6.26 10.07
N HIS A 95 6.11 -7.36 10.16
CA HIS A 95 5.68 -8.42 11.03
C HIS A 95 5.94 -8.07 12.47
N SER A 96 6.95 -7.21 12.61
CA SER A 96 7.35 -6.58 13.87
C SER A 96 6.30 -5.65 14.44
N CYS A 97 5.67 -4.88 13.56
CA CYS A 97 4.53 -4.05 13.85
C CYS A 97 3.25 -4.80 14.14
N GLU A 98 3.00 -5.93 13.46
CA GLU A 98 1.77 -6.72 13.55
C GLU A 98 1.51 -7.24 14.94
N LYS A 99 2.59 -7.48 15.70
CA LYS A 99 2.52 -8.00 17.05
C LYS A 99 2.30 -6.89 18.08
N VAL A 100 2.58 -5.61 17.74
CA VAL A 100 2.48 -4.50 18.66
C VAL A 100 1.23 -3.69 18.41
N ILE A 101 0.76 -3.61 17.15
CA ILE A 101 -0.50 -2.95 16.81
C ILE A 101 -1.74 -3.68 17.29
N THR A 102 -2.85 -2.92 17.49
CA THR A 102 -4.18 -3.51 17.61
C THR A 102 -4.63 -4.15 16.32
N ILE A 103 -5.01 -5.43 16.43
CA ILE A 103 -5.56 -6.30 15.43
C ILE A 103 -6.96 -6.48 15.87
N VAL A 104 -7.90 -6.32 14.93
CA VAL A 104 -9.28 -6.49 15.22
C VAL A 104 -9.72 -7.72 14.46
N ALA A 105 -10.36 -8.66 15.16
CA ALA A 105 -11.01 -9.81 14.56
C ALA A 105 -12.16 -9.46 13.62
N ASP A 106 -13.05 -8.53 14.06
CA ASP A 106 -14.15 -8.00 13.29
C ASP A 106 -13.73 -7.18 12.07
N ASP A 107 -12.65 -6.37 12.20
CA ASP A 107 -12.40 -5.27 11.29
C ASP A 107 -10.97 -5.36 10.76
N PRO A 108 -10.65 -5.99 9.64
CA PRO A 108 -9.29 -6.04 9.12
C PRO A 108 -8.75 -4.69 8.67
N CYS A 109 -9.62 -3.66 8.54
CA CYS A 109 -9.25 -2.35 8.08
C CYS A 109 -8.39 -1.64 9.13
N GLN A 110 -8.77 -1.73 10.43
CA GLN A 110 -7.99 -1.23 11.55
C GLN A 110 -6.67 -1.92 11.64
N THR A 111 -6.66 -3.28 11.52
CA THR A 111 -5.43 -4.06 11.51
C THR A 111 -4.49 -3.60 10.40
N MET A 112 -4.98 -3.38 9.15
CA MET A 112 -4.16 -2.86 8.07
C MET A 112 -3.66 -1.43 8.29
N LEU A 113 -4.56 -0.51 8.65
CA LEU A 113 -4.26 0.91 8.85
C LEU A 113 -3.34 1.15 10.02
N ASN A 114 -3.61 0.47 11.17
CA ASN A 114 -2.79 0.56 12.37
C ASN A 114 -1.41 0.01 12.08
N LEU A 115 -1.32 -1.11 11.32
CA LEU A 115 -0.06 -1.66 10.87
C LEU A 115 0.70 -0.73 9.97
N ALA A 116 -0.02 -0.16 8.99
CA ALA A 116 0.54 0.69 7.95
C ALA A 116 1.14 1.94 8.54
N MET A 117 0.41 2.54 9.53
CA MET A 117 0.89 3.70 10.21
C MET A 117 2.04 3.35 11.17
N CYS A 118 2.09 2.11 11.74
CA CYS A 118 3.28 1.59 12.46
C CYS A 118 4.45 1.31 11.54
N PHE A 119 4.23 0.62 10.40
CA PHE A 119 5.23 0.36 9.39
C PHE A 119 5.91 1.59 8.82
N LYS A 120 5.09 2.59 8.44
CA LYS A 120 5.55 3.86 7.93
C LYS A 120 6.39 4.59 8.95
N ALA A 121 6.06 4.41 10.24
CA ALA A 121 6.73 5.06 11.34
C ALA A 121 8.19 4.66 11.43
N GLU A 122 8.45 3.35 11.27
CA GLU A 122 9.76 2.75 11.23
C GLU A 122 10.59 3.13 10.01
N ILE A 123 10.05 3.12 8.76
CA ILE A 123 10.75 3.61 7.57
C ILE A 123 11.04 5.10 7.58
N HIS A 124 10.27 5.91 8.35
CA HIS A 124 10.57 7.31 8.58
C HIS A 124 11.87 7.49 9.37
N LYS A 125 12.18 6.58 10.32
CA LYS A 125 13.32 6.73 11.23
C LYS A 125 14.65 6.43 10.55
N LEU A 126 14.60 5.60 9.48
CA LEU A 126 15.71 5.02 8.76
C LEU A 126 16.55 6.00 7.96
N ASP A 127 17.84 5.63 7.76
CA ASP A 127 18.82 6.42 7.07
C ASP A 127 18.75 6.24 5.55
N TRP A 128 17.81 5.39 5.06
CA TRP A 128 17.58 5.19 3.64
C TRP A 128 16.09 5.31 3.43
N ALA A 129 15.64 5.70 2.21
CA ALA A 129 14.23 5.88 1.94
C ALA A 129 13.75 4.89 0.89
N PRO A 130 12.80 3.99 1.14
CA PRO A 130 12.02 3.35 0.08
C PRO A 130 11.08 4.37 -0.55
N THR A 131 10.78 4.25 -1.85
CA THR A 131 9.67 4.95 -2.48
C THR A 131 8.39 4.19 -2.19
N LEU A 132 7.22 4.82 -2.42
CA LEU A 132 5.93 4.26 -2.08
C LEU A 132 5.67 2.97 -2.84
N ASP A 133 6.19 2.85 -4.08
CA ASP A 133 6.00 1.68 -4.93
C ASP A 133 6.56 0.41 -4.28
N VAL A 134 7.75 0.51 -3.65
CA VAL A 134 8.40 -0.53 -2.86
C VAL A 134 7.93 -0.62 -1.43
N ALA A 135 7.78 0.52 -0.72
CA ALA A 135 7.36 0.55 0.67
C ALA A 135 5.96 0.02 0.86
N VAL A 136 4.98 0.46 0.05
CA VAL A 136 3.65 -0.12 0.16
C VAL A 136 3.66 -1.43 -0.57
N GLY A 137 4.50 -1.57 -1.61
CA GLY A 137 4.46 -2.74 -2.47
C GLY A 137 4.80 -4.01 -1.77
N GLU A 138 5.82 -4.03 -0.89
CA GLU A 138 6.14 -5.21 -0.11
C GLU A 138 5.03 -5.58 0.87
N LEU A 139 4.35 -4.56 1.47
CA LEU A 139 3.18 -4.75 2.31
C LEU A 139 2.05 -5.32 1.55
N LEU A 140 1.69 -4.65 0.45
CA LEU A 140 0.55 -5.06 -0.32
C LEU A 140 0.77 -6.40 -1.00
N ALA A 141 1.98 -6.67 -1.56
CA ALA A 141 2.33 -7.97 -2.09
C ALA A 141 2.30 -9.11 -1.08
N ASP A 142 2.74 -8.88 0.18
CA ASP A 142 2.68 -9.90 1.21
C ASP A 142 1.27 -10.02 1.82
N THR A 143 0.44 -8.95 1.77
CA THR A 143 -0.89 -8.91 2.41
C THR A 143 -1.89 -9.99 1.93
N SER A 1 -1.74 24.89 -18.69
CA SER A 1 -2.74 24.80 -19.83
C SER A 1 -2.58 23.65 -20.80
N LYS A 2 -1.34 23.33 -21.23
CA LYS A 2 -1.07 22.35 -22.26
C LYS A 2 -1.30 20.93 -21.79
N GLU A 3 -1.01 20.63 -20.50
CA GLU A 3 -1.13 19.29 -19.93
C GLU A 3 -2.54 18.95 -19.50
N VAL A 4 -3.42 19.93 -19.67
CA VAL A 4 -4.87 19.77 -19.54
C VAL A 4 -5.42 18.93 -20.67
N MET A 5 -4.95 19.24 -21.90
CA MET A 5 -5.71 19.11 -23.12
C MET A 5 -6.01 17.67 -23.50
N LYS A 6 -5.00 16.79 -23.35
CA LYS A 6 -5.09 15.42 -23.77
C LYS A 6 -5.54 14.53 -22.63
N GLN A 7 -6.64 13.76 -22.85
CA GLN A 7 -7.13 12.82 -21.86
C GLN A 7 -6.23 11.60 -21.72
N MET A 8 -6.13 11.06 -20.48
CA MET A 8 -5.22 9.98 -20.16
C MET A 8 -6.01 8.92 -19.41
N THR A 9 -5.61 7.64 -19.57
CA THR A 9 -6.21 6.51 -18.87
C THR A 9 -5.17 5.90 -17.97
N ILE A 10 -5.59 5.29 -16.83
CA ILE A 10 -4.66 4.71 -15.88
C ILE A 10 -4.84 3.20 -15.93
N ASN A 11 -3.78 2.46 -16.34
CA ASN A 11 -3.78 1.01 -16.46
C ASN A 11 -3.93 0.29 -15.12
N PHE A 12 -3.26 0.79 -14.06
CA PHE A 12 -3.22 0.18 -12.74
C PHE A 12 -4.43 0.52 -11.89
N ALA A 13 -5.44 1.21 -12.46
CA ALA A 13 -6.72 1.50 -11.85
C ALA A 13 -7.65 0.33 -11.73
N LYS A 14 -7.41 -0.76 -12.49
CA LYS A 14 -8.29 -1.90 -12.53
C LYS A 14 -8.47 -2.61 -11.19
N PRO A 15 -7.46 -2.93 -10.35
CA PRO A 15 -7.73 -3.38 -8.99
C PRO A 15 -8.27 -2.27 -8.09
N MET A 16 -7.94 -0.98 -8.35
CA MET A 16 -8.36 0.11 -7.50
C MET A 16 -9.87 0.35 -7.55
N GLU A 17 -10.45 0.34 -8.77
CA GLU A 17 -11.89 0.50 -8.97
C GLU A 17 -12.67 -0.72 -8.52
N ALA A 18 -12.05 -1.92 -8.66
CA ALA A 18 -12.60 -3.16 -8.15
C ALA A 18 -12.75 -3.14 -6.65
N CYS A 19 -11.71 -2.68 -5.91
CA CYS A 19 -11.71 -2.55 -4.47
C CYS A 19 -12.55 -1.41 -3.94
N LYS A 20 -13.22 -0.63 -4.80
CA LYS A 20 -14.26 0.26 -4.33
C LYS A 20 -15.61 -0.46 -4.38
N GLN A 21 -15.95 -1.13 -5.50
CA GLN A 21 -17.25 -1.76 -5.70
C GLN A 21 -17.41 -3.10 -5.02
N GLU A 22 -16.32 -3.92 -5.00
CA GLU A 22 -16.22 -5.26 -4.44
C GLU A 22 -16.54 -5.25 -2.98
N LEU A 23 -16.08 -4.17 -2.33
CA LEU A 23 -16.16 -4.01 -0.90
C LEU A 23 -17.48 -3.36 -0.54
N ASN A 24 -18.22 -2.86 -1.58
CA ASN A 24 -19.46 -2.10 -1.48
C ASN A 24 -19.32 -0.82 -0.65
N VAL A 25 -18.26 -0.04 -0.93
CA VAL A 25 -17.90 1.16 -0.20
C VAL A 25 -17.96 2.36 -1.12
N PRO A 26 -18.10 3.59 -0.63
CA PRO A 26 -18.07 4.77 -1.47
C PRO A 26 -16.67 5.12 -1.96
N ASP A 27 -16.62 6.02 -2.97
CA ASP A 27 -15.44 6.56 -3.63
C ASP A 27 -14.60 7.33 -2.63
N ALA A 28 -15.29 7.91 -1.62
CA ALA A 28 -14.75 8.65 -0.52
C ALA A 28 -13.77 7.85 0.32
N VAL A 29 -13.98 6.53 0.48
CA VAL A 29 -13.12 5.81 1.38
C VAL A 29 -11.99 5.11 0.67
N MET A 30 -12.12 4.81 -0.66
CA MET A 30 -10.95 4.38 -1.43
C MET A 30 -9.94 5.52 -1.59
N GLN A 31 -10.40 6.78 -1.68
CA GLN A 31 -9.54 7.94 -1.76
C GLN A 31 -8.92 8.31 -0.43
N ASP A 32 -9.49 7.82 0.69
CA ASP A 32 -8.87 7.92 2.00
C ASP A 32 -7.50 7.23 2.07
N PHE A 33 -7.34 6.08 1.38
CA PHE A 33 -6.05 5.43 1.15
C PHE A 33 -5.03 6.29 0.40
N PHE A 34 -5.44 7.02 -0.64
CA PHE A 34 -4.54 7.94 -1.33
C PHE A 34 -4.11 9.13 -0.48
N ASN A 35 -5.05 9.72 0.31
CA ASN A 35 -4.83 10.75 1.30
C ASN A 35 -3.97 10.32 2.48
N PHE A 36 -3.89 9.01 2.77
CA PHE A 36 -3.09 8.39 3.83
C PHE A 36 -1.62 8.76 3.74
N TRP A 37 -1.08 8.81 2.51
CA TRP A 37 0.34 8.99 2.26
C TRP A 37 0.71 10.46 2.32
N LYS A 38 -0.31 11.35 2.39
CA LYS A 38 -0.12 12.79 2.45
C LYS A 38 0.54 13.24 3.75
N GLU A 39 1.50 14.19 3.69
CA GLU A 39 2.09 14.73 4.89
C GLU A 39 1.14 15.67 5.59
N GLY A 40 1.04 15.54 6.94
CA GLY A 40 0.06 16.26 7.73
C GLY A 40 -1.21 15.48 7.95
N TYR A 41 -1.44 14.38 7.20
CA TYR A 41 -2.60 13.54 7.40
C TYR A 41 -2.40 12.29 8.20
N GLN A 42 -3.46 12.02 8.98
CA GLN A 42 -3.78 10.79 9.64
C GLN A 42 -5.15 10.43 9.15
N ILE A 43 -5.25 9.15 8.79
CA ILE A 43 -6.43 8.43 8.42
C ILE A 43 -6.68 7.38 9.47
N THR A 44 -7.88 7.38 10.06
CA THR A 44 -8.25 6.52 11.18
C THR A 44 -9.50 5.74 10.87
N ASN A 45 -9.94 5.76 9.59
CA ASN A 45 -11.20 5.19 9.15
C ASN A 45 -11.05 3.73 8.79
N ARG A 46 -11.96 2.88 9.31
CA ARG A 46 -11.95 1.44 9.21
C ARG A 46 -12.00 0.94 7.77
N GLU A 47 -12.69 1.68 6.89
CA GLU A 47 -12.67 1.46 5.47
C GLU A 47 -11.36 1.63 4.80
N ALA A 48 -10.48 2.51 5.31
CA ALA A 48 -9.16 2.66 4.71
C ALA A 48 -8.38 1.34 4.70
N GLY A 49 -8.43 0.57 5.81
CA GLY A 49 -7.81 -0.74 5.88
C GLY A 49 -8.43 -1.73 4.97
N CYS A 50 -9.77 -1.68 4.82
CA CYS A 50 -10.53 -2.59 3.98
C CYS A 50 -10.15 -2.42 2.52
N VAL A 51 -9.94 -1.17 2.04
CA VAL A 51 -9.41 -0.97 0.70
C VAL A 51 -7.98 -1.43 0.59
N ILE A 52 -7.13 -1.13 1.58
CA ILE A 52 -5.69 -1.40 1.53
C ILE A 52 -5.39 -2.88 1.35
N LEU A 53 -6.08 -3.73 2.14
CA LEU A 53 -5.92 -5.16 2.09
C LEU A 53 -6.41 -5.81 0.82
N CYS A 54 -7.41 -5.17 0.18
CA CYS A 54 -7.97 -5.54 -1.09
C CYS A 54 -6.96 -5.45 -2.21
N LEU A 55 -6.10 -4.38 -2.30
CA LEU A 55 -5.09 -4.33 -3.31
C LEU A 55 -4.11 -5.46 -3.24
N ALA A 56 -3.73 -5.89 -2.03
CA ALA A 56 -2.73 -6.90 -1.78
C ALA A 56 -2.97 -8.22 -2.47
N LYS A 57 -4.24 -8.65 -2.53
CA LYS A 57 -4.64 -9.81 -3.30
C LYS A 57 -4.59 -9.56 -4.81
N LYS A 58 -4.97 -8.35 -5.24
CA LYS A 58 -5.22 -7.97 -6.61
C LYS A 58 -4.02 -7.28 -7.26
N LEU A 59 -2.79 -7.67 -6.87
CA LEU A 59 -1.54 -7.12 -7.40
C LEU A 59 -1.22 -7.70 -8.74
N GLU A 60 -1.69 -8.94 -8.93
CA GLU A 60 -1.59 -9.67 -10.17
C GLU A 60 -2.37 -9.03 -11.31
N LEU A 61 -3.26 -8.06 -10.96
CA LEU A 61 -3.99 -7.21 -11.87
C LEU A 61 -3.10 -6.10 -12.44
N LEU A 62 -2.05 -5.71 -11.68
CA LEU A 62 -1.11 -4.64 -11.94
C LEU A 62 -0.23 -4.95 -13.13
N ASP A 63 0.36 -3.88 -13.71
CA ASP A 63 1.14 -3.98 -14.92
C ASP A 63 2.44 -4.75 -14.71
N GLN A 64 2.76 -5.71 -15.61
CA GLN A 64 3.94 -6.56 -15.52
C GLN A 64 5.25 -5.78 -15.57
N ASP A 65 5.25 -4.59 -16.22
CA ASP A 65 6.40 -3.69 -16.29
C ASP A 65 6.94 -3.27 -14.92
N MET A 66 6.08 -3.10 -13.88
CA MET A 66 6.57 -2.75 -12.55
C MET A 66 7.02 -3.98 -11.77
N ASN A 67 6.71 -5.20 -12.27
CA ASN A 67 7.02 -6.52 -11.72
C ASN A 67 6.43 -6.83 -10.36
N LEU A 68 5.27 -6.24 -9.96
CA LEU A 68 4.68 -6.57 -8.67
C LEU A 68 3.89 -7.85 -8.75
N HIS A 69 4.26 -8.86 -7.92
CA HIS A 69 3.41 -9.99 -7.70
C HIS A 69 3.47 -10.36 -6.25
N HIS A 70 2.36 -10.95 -5.75
CA HIS A 70 2.23 -11.32 -4.36
C HIS A 70 3.17 -12.45 -3.94
N GLY A 71 3.88 -12.20 -2.84
CA GLY A 71 4.89 -13.08 -2.27
C GLY A 71 6.31 -12.83 -2.73
N LYS A 72 6.52 -11.95 -3.74
CA LYS A 72 7.80 -11.78 -4.41
C LYS A 72 8.39 -10.42 -4.09
N ALA A 73 8.15 -9.90 -2.86
CA ALA A 73 8.56 -8.57 -2.43
C ALA A 73 10.04 -8.33 -2.53
N MET A 74 10.88 -9.29 -2.11
CA MET A 74 12.32 -9.10 -2.13
C MET A 74 12.86 -8.84 -3.53
N GLU A 75 12.35 -9.58 -4.54
CA GLU A 75 12.73 -9.41 -5.93
C GLU A 75 12.18 -8.12 -6.53
N PHE A 76 10.89 -7.84 -6.27
CA PHE A 76 10.19 -6.63 -6.66
C PHE A 76 10.79 -5.37 -6.06
N ALA A 77 11.07 -5.36 -4.74
CA ALA A 77 11.56 -4.21 -4.04
C ALA A 77 12.92 -3.74 -4.55
N MET A 78 13.82 -4.71 -4.85
CA MET A 78 15.12 -4.45 -5.44
C MET A 78 15.05 -3.86 -6.84
N LYS A 79 14.05 -4.26 -7.67
CA LYS A 79 13.77 -3.63 -8.97
C LYS A 79 13.39 -2.15 -8.83
N HIS A 80 12.76 -1.77 -7.70
CA HIS A 80 12.31 -0.43 -7.38
C HIS A 80 13.29 0.40 -6.58
N GLY A 81 14.57 -0.05 -6.48
CA GLY A 81 15.64 0.79 -5.97
C GLY A 81 15.94 0.59 -4.51
N ALA A 82 15.19 -0.30 -3.83
CA ALA A 82 15.63 -0.78 -2.53
C ALA A 82 16.89 -1.64 -2.65
N ASP A 83 17.86 -1.53 -1.71
CA ASP A 83 18.96 -2.48 -1.65
C ASP A 83 18.47 -3.71 -0.90
N GLU A 84 19.26 -4.80 -0.88
CA GLU A 84 18.82 -6.08 -0.32
C GLU A 84 18.58 -6.00 1.18
N ALA A 85 19.40 -5.18 1.88
CA ALA A 85 19.29 -4.84 3.27
C ALA A 85 18.04 -4.03 3.56
N MET A 86 17.75 -3.02 2.70
CA MET A 86 16.59 -2.17 2.83
C MET A 86 15.30 -2.89 2.52
N ALA A 87 15.33 -3.81 1.54
CA ALA A 87 14.20 -4.64 1.18
C ALA A 87 13.72 -5.50 2.34
N LYS A 88 14.66 -6.20 3.03
CA LYS A 88 14.35 -7.01 4.19
C LYS A 88 13.96 -6.17 5.40
N GLN A 89 14.46 -4.92 5.49
CA GLN A 89 14.01 -3.94 6.46
C GLN A 89 12.54 -3.58 6.36
N LEU A 90 11.94 -3.37 5.17
CA LEU A 90 10.54 -3.09 5.07
C LEU A 90 9.68 -4.26 5.54
N LEU A 91 10.07 -5.50 5.19
CA LEU A 91 9.46 -6.71 5.69
C LEU A 91 9.66 -6.88 7.21
N ASP A 92 10.87 -6.55 7.75
CA ASP A 92 11.17 -6.55 9.17
C ASP A 92 10.35 -5.52 9.96
N ILE A 93 10.17 -4.27 9.43
CA ILE A 93 9.32 -3.23 10.02
C ILE A 93 7.90 -3.72 10.15
N LYS A 94 7.37 -4.36 9.09
CA LYS A 94 6.02 -4.86 9.08
C LYS A 94 5.80 -5.86 10.18
N HIS A 95 6.63 -6.92 10.24
CA HIS A 95 6.38 -7.96 11.21
C HIS A 95 6.69 -7.50 12.62
N SER A 96 7.58 -6.49 12.78
CA SER A 96 7.84 -5.81 14.04
C SER A 96 6.67 -5.02 14.54
N CYS A 97 5.98 -4.34 13.62
CA CYS A 97 4.75 -3.63 13.87
C CYS A 97 3.56 -4.52 14.18
N GLU A 98 3.47 -5.70 13.54
CA GLU A 98 2.36 -6.63 13.66
C GLU A 98 2.14 -7.13 15.07
N LYS A 99 3.22 -7.20 15.86
CA LYS A 99 3.18 -7.69 17.22
C LYS A 99 2.83 -6.59 18.21
N VAL A 100 2.99 -5.28 17.83
CA VAL A 100 2.76 -4.16 18.71
C VAL A 100 1.41 -3.52 18.45
N ILE A 101 0.94 -3.55 17.19
CA ILE A 101 -0.38 -3.05 16.83
C ILE A 101 -1.53 -3.91 17.32
N THR A 102 -2.72 -3.28 17.51
CA THR A 102 -3.97 -4.01 17.65
C THR A 102 -4.37 -4.73 16.39
N ILE A 103 -4.61 -6.06 16.55
CA ILE A 103 -5.07 -7.01 15.60
C ILE A 103 -6.45 -7.32 16.04
N VAL A 104 -7.39 -7.31 15.10
CA VAL A 104 -8.75 -7.62 15.41
C VAL A 104 -9.07 -8.91 14.68
N ALA A 105 -9.58 -9.89 15.41
CA ALA A 105 -10.08 -11.14 14.89
C ALA A 105 -11.29 -11.00 13.97
N ASP A 106 -12.24 -10.16 14.39
CA ASP A 106 -13.42 -9.76 13.66
C ASP A 106 -13.09 -8.99 12.38
N ASP A 107 -12.07 -8.11 12.45
CA ASP A 107 -11.93 -7.05 11.46
C ASP A 107 -10.48 -7.01 10.94
N PRO A 108 -10.12 -7.59 9.80
CA PRO A 108 -8.74 -7.50 9.29
C PRO A 108 -8.37 -6.10 8.82
N CYS A 109 -9.37 -5.20 8.67
CA CYS A 109 -9.18 -3.86 8.17
C CYS A 109 -8.42 -3.00 9.17
N GLN A 110 -8.79 -3.09 10.47
CA GLN A 110 -8.05 -2.46 11.57
C GLN A 110 -6.66 -3.01 11.68
N THR A 111 -6.51 -4.35 11.59
CA THR A 111 -5.18 -4.98 11.59
C THR A 111 -4.30 -4.44 10.47
N MET A 112 -4.82 -4.32 9.22
CA MET A 112 -4.07 -3.78 8.10
C MET A 112 -3.72 -2.30 8.26
N LEU A 113 -4.72 -1.46 8.60
CA LEU A 113 -4.59 -0.02 8.76
C LEU A 113 -3.72 0.38 9.92
N ASN A 114 -3.91 -0.27 11.10
CA ASN A 114 -3.12 -0.05 12.29
C ASN A 114 -1.67 -0.42 12.02
N LEU A 115 -1.46 -1.55 11.30
CA LEU A 115 -0.14 -1.95 10.86
C LEU A 115 0.48 -0.97 9.93
N ALA A 116 -0.29 -0.52 8.92
CA ALA A 116 0.17 0.34 7.86
C ALA A 116 0.62 1.68 8.40
N MET A 117 -0.17 2.22 9.35
CA MET A 117 0.16 3.46 10.00
C MET A 117 1.34 3.29 10.96
N CYS A 118 1.57 2.08 11.57
CA CYS A 118 2.82 1.74 12.26
C CYS A 118 4.01 1.56 11.32
N PHE A 119 3.85 0.81 10.21
CA PHE A 119 4.87 0.65 9.18
C PHE A 119 5.37 1.95 8.58
N LYS A 120 4.45 2.85 8.19
CA LYS A 120 4.78 4.15 7.67
C LYS A 120 5.49 5.01 8.70
N ALA A 121 5.18 4.78 9.99
CA ALA A 121 5.79 5.51 11.09
C ALA A 121 7.29 5.29 11.15
N GLU A 122 7.71 4.02 10.97
CA GLU A 122 9.08 3.61 10.90
C GLU A 122 9.85 4.10 9.67
N ILE A 123 9.33 4.03 8.42
CA ILE A 123 9.96 4.62 7.26
C ILE A 123 9.99 6.13 7.23
N HIS A 124 9.11 6.81 8.00
CA HIS A 124 9.18 8.25 8.27
C HIS A 124 10.48 8.61 9.00
N LYS A 125 10.91 7.77 9.98
CA LYS A 125 12.08 8.02 10.81
C LYS A 125 13.40 7.87 10.06
N LEU A 126 13.41 7.00 9.02
CA LEU A 126 14.57 6.56 8.25
C LEU A 126 15.22 7.62 7.38
N ASP A 127 16.53 7.44 7.13
CA ASP A 127 17.37 8.36 6.39
C ASP A 127 17.30 8.10 4.88
N TRP A 128 16.51 7.11 4.44
CA TRP A 128 16.30 6.81 3.03
C TRP A 128 14.80 6.70 2.82
N ALA A 129 14.32 6.94 1.59
CA ALA A 129 12.91 6.86 1.29
C ALA A 129 12.62 5.70 0.34
N PRO A 130 11.81 4.69 0.68
CA PRO A 130 11.11 3.88 -0.31
C PRO A 130 10.02 4.72 -0.96
N THR A 131 9.68 4.42 -2.23
CA THR A 131 8.61 5.09 -2.95
C THR A 131 7.33 4.32 -2.64
N LEU A 132 6.14 4.87 -3.01
CA LEU A 132 4.89 4.18 -2.78
C LEU A 132 4.75 2.88 -3.55
N ASP A 133 5.47 2.69 -4.68
CA ASP A 133 5.52 1.41 -5.38
C ASP A 133 6.11 0.30 -4.52
N VAL A 134 7.19 0.61 -3.76
CA VAL A 134 8.02 -0.33 -3.01
C VAL A 134 7.65 -0.40 -1.54
N ALA A 135 7.40 0.75 -0.87
CA ALA A 135 7.05 0.74 0.55
C ALA A 135 5.75 0.02 0.82
N VAL A 136 4.70 0.34 0.04
CA VAL A 136 3.44 -0.37 0.14
C VAL A 136 3.57 -1.70 -0.53
N GLY A 137 4.40 -1.77 -1.60
CA GLY A 137 4.50 -2.99 -2.39
C GLY A 137 5.02 -4.16 -1.63
N GLU A 138 6.06 -4.00 -0.77
CA GLU A 138 6.50 -5.08 0.10
C GLU A 138 5.47 -5.50 1.13
N LEU A 139 4.69 -4.56 1.71
CA LEU A 139 3.57 -4.88 2.57
C LEU A 139 2.52 -5.66 1.88
N LEU A 140 2.05 -5.11 0.76
CA LEU A 140 0.97 -5.73 0.03
C LEU A 140 1.39 -7.06 -0.59
N ALA A 141 2.62 -7.17 -1.13
CA ALA A 141 3.16 -8.42 -1.62
C ALA A 141 3.26 -9.50 -0.56
N ASP A 142 3.74 -9.18 0.66
CA ASP A 142 3.76 -10.12 1.77
C ASP A 142 2.35 -10.44 2.27
N THR A 143 1.44 -9.45 2.27
CA THR A 143 0.07 -9.58 2.79
C THR A 143 -0.80 -10.64 2.06
N SER A 1 -7.02 3.72 -29.05
CA SER A 1 -7.30 5.21 -28.94
C SER A 1 -8.67 5.64 -29.43
N LYS A 2 -9.11 5.15 -30.61
CA LYS A 2 -10.33 5.58 -31.29
C LYS A 2 -11.61 5.27 -30.54
N GLU A 3 -11.67 4.12 -29.83
CA GLU A 3 -12.82 3.71 -29.03
C GLU A 3 -12.78 4.24 -27.62
N VAL A 4 -11.73 5.02 -27.34
CA VAL A 4 -11.45 5.56 -26.02
C VAL A 4 -11.77 7.04 -26.05
N MET A 5 -11.05 7.72 -26.96
CA MET A 5 -10.89 9.12 -27.26
C MET A 5 -10.70 10.02 -26.07
N LYS A 6 -9.90 9.53 -25.10
CA LYS A 6 -9.53 10.26 -23.92
C LYS A 6 -8.05 9.98 -23.68
N GLN A 7 -7.27 11.00 -23.27
CA GLN A 7 -5.87 10.89 -22.96
C GLN A 7 -5.61 10.00 -21.75
N MET A 8 -4.59 9.11 -21.84
CA MET A 8 -4.27 8.15 -20.80
C MET A 8 -2.79 8.27 -20.51
N THR A 9 -2.39 8.01 -19.25
CA THR A 9 -1.00 7.96 -18.84
C THR A 9 -0.90 6.89 -17.78
N ILE A 10 0.33 6.53 -17.35
CA ILE A 10 0.59 5.48 -16.36
C ILE A 10 0.04 5.86 -14.99
N ASN A 11 -0.65 4.90 -14.31
CA ASN A 11 -1.31 5.20 -13.06
C ASN A 11 -1.52 3.90 -12.31
N PHE A 12 -2.08 4.00 -11.07
CA PHE A 12 -2.53 2.86 -10.28
C PHE A 12 -4.01 3.01 -9.94
N ALA A 13 -4.76 3.82 -10.72
CA ALA A 13 -6.10 4.25 -10.39
C ALA A 13 -7.20 3.24 -10.65
N LYS A 14 -7.03 2.29 -11.60
CA LYS A 14 -8.05 1.31 -11.92
C LYS A 14 -8.42 0.40 -10.74
N PRO A 15 -7.52 -0.21 -9.95
CA PRO A 15 -7.93 -0.85 -8.71
C PRO A 15 -8.38 0.12 -7.64
N MET A 16 -7.88 1.37 -7.60
CA MET A 16 -8.21 2.30 -6.54
C MET A 16 -9.66 2.79 -6.63
N GLU A 17 -10.14 3.11 -7.86
CA GLU A 17 -11.50 3.54 -8.11
C GLU A 17 -12.48 2.40 -7.94
N ALA A 18 -12.04 1.16 -8.26
CA ALA A 18 -12.77 -0.05 -7.97
C ALA A 18 -12.98 -0.28 -6.49
N CYS A 19 -11.94 -0.09 -5.65
CA CYS A 19 -12.07 -0.21 -4.20
C CYS A 19 -13.09 0.79 -3.68
N LYS A 20 -13.06 2.07 -4.12
CA LYS A 20 -13.94 3.08 -3.55
C LYS A 20 -15.41 2.72 -3.71
N GLN A 21 -15.81 2.22 -4.90
CA GLN A 21 -17.17 1.76 -5.10
C GLN A 21 -17.48 0.40 -4.51
N GLU A 22 -16.54 -0.56 -4.63
CA GLU A 22 -16.64 -1.95 -4.17
C GLU A 22 -16.86 -2.00 -2.69
N LEU A 23 -16.15 -1.10 -1.99
CA LEU A 23 -16.20 -1.08 -0.55
C LEU A 23 -17.42 -0.28 -0.09
N ASN A 24 -18.14 0.37 -1.04
CA ASN A 24 -19.25 1.28 -0.84
C ASN A 24 -18.92 2.46 0.08
N VAL A 25 -17.77 3.11 -0.15
CA VAL A 25 -17.23 4.17 0.70
C VAL A 25 -17.17 5.46 -0.09
N PRO A 26 -17.14 6.64 0.52
CA PRO A 26 -16.99 7.89 -0.19
C PRO A 26 -15.56 8.13 -0.69
N ASP A 27 -15.43 9.12 -1.58
CA ASP A 27 -14.22 9.60 -2.23
C ASP A 27 -13.27 10.14 -1.19
N ALA A 28 -13.85 10.68 -0.10
CA ALA A 28 -13.22 11.22 1.07
C ALA A 28 -12.30 10.23 1.77
N VAL A 29 -12.62 8.92 1.75
CA VAL A 29 -11.83 8.00 2.53
C VAL A 29 -10.82 7.24 1.70
N MET A 30 -11.03 7.08 0.37
CA MET A 30 -9.95 6.63 -0.51
C MET A 30 -8.86 7.66 -0.62
N GLN A 31 -9.21 8.97 -0.54
CA GLN A 31 -8.22 10.02 -0.58
C GLN A 31 -7.40 10.10 0.68
N ASP A 32 -7.92 9.57 1.80
CA ASP A 32 -7.21 9.44 3.06
C ASP A 32 -5.97 8.56 2.94
N PHE A 33 -6.04 7.47 2.15
CA PHE A 33 -4.88 6.62 1.88
C PHE A 33 -3.73 7.33 1.18
N PHE A 34 -3.98 8.16 0.16
CA PHE A 34 -2.87 8.89 -0.42
C PHE A 34 -2.30 10.01 0.43
N ASN A 35 -3.17 10.68 1.20
CA ASN A 35 -2.83 11.64 2.23
C ASN A 35 -2.05 11.07 3.39
N PHE A 36 -2.10 9.74 3.61
CA PHE A 36 -1.39 8.98 4.63
C PHE A 36 0.11 9.17 4.52
N TRP A 37 0.64 9.17 3.28
CA TRP A 37 2.06 9.21 3.01
C TRP A 37 2.63 10.62 3.11
N LYS A 38 1.76 11.65 3.22
CA LYS A 38 2.16 13.03 3.38
C LYS A 38 2.89 13.27 4.69
N GLU A 39 4.04 13.97 4.67
CA GLU A 39 4.78 14.29 5.88
C GLU A 39 4.01 15.25 6.77
N GLY A 40 3.88 14.91 8.08
CA GLY A 40 3.14 15.72 9.03
C GLY A 40 1.68 15.36 9.15
N TYR A 41 1.17 14.40 8.34
CA TYR A 41 -0.23 14.00 8.39
C TYR A 41 -0.44 12.77 9.24
N GLN A 42 -1.50 12.79 10.09
CA GLN A 42 -1.94 11.63 10.82
C GLN A 42 -3.32 11.23 10.31
N ILE A 43 -3.39 10.05 9.67
CA ILE A 43 -4.64 9.41 9.28
C ILE A 43 -5.00 8.39 10.36
N THR A 44 -6.22 8.50 10.91
CA THR A 44 -6.71 7.71 12.02
C THR A 44 -7.95 6.90 11.65
N ASN A 45 -8.46 7.08 10.42
CA ASN A 45 -9.79 6.67 10.04
C ASN A 45 -9.85 5.22 9.61
N ARG A 46 -10.85 4.48 10.12
CA ARG A 46 -11.04 3.06 9.95
C ARG A 46 -11.19 2.63 8.50
N GLU A 47 -11.80 3.50 7.68
CA GLU A 47 -11.87 3.36 6.25
C GLU A 47 -10.55 3.39 5.54
N ALA A 48 -9.55 4.11 6.07
CA ALA A 48 -8.23 4.12 5.43
C ALA A 48 -7.65 2.73 5.32
N GLY A 49 -7.76 1.91 6.39
CA GLY A 49 -7.31 0.51 6.38
C GLY A 49 -8.08 -0.34 5.43
N CYS A 50 -9.42 -0.10 5.33
CA CYS A 50 -10.31 -0.85 4.48
C CYS A 50 -9.95 -0.65 3.02
N VAL A 51 -9.61 0.59 2.59
CA VAL A 51 -9.10 0.82 1.25
C VAL A 51 -7.72 0.21 1.06
N ILE A 52 -6.81 0.34 2.05
CA ILE A 52 -5.43 -0.12 1.93
C ILE A 52 -5.33 -1.61 1.64
N LEU A 53 -6.10 -2.43 2.37
CA LEU A 53 -6.13 -3.87 2.19
C LEU A 53 -6.74 -4.29 0.87
N CYS A 54 -7.67 -3.47 0.34
CA CYS A 54 -8.31 -3.64 -0.94
C CYS A 54 -7.31 -3.56 -2.09
N LEU A 55 -6.33 -2.60 -2.11
CA LEU A 55 -5.34 -2.58 -3.15
C LEU A 55 -4.49 -3.80 -3.19
N ALA A 56 -4.14 -4.34 -2.02
CA ALA A 56 -3.23 -5.44 -1.84
C ALA A 56 -3.61 -6.73 -2.54
N LYS A 57 -4.93 -7.01 -2.59
CA LYS A 57 -5.47 -8.03 -3.47
C LYS A 57 -5.40 -7.65 -4.95
N LYS A 58 -5.73 -6.38 -5.28
CA LYS A 58 -5.93 -5.89 -6.62
C LYS A 58 -4.66 -5.33 -7.26
N LEU A 59 -3.52 -6.04 -7.12
CA LEU A 59 -2.22 -5.64 -7.67
C LEU A 59 -2.07 -6.23 -9.05
N GLU A 60 -2.96 -7.19 -9.32
CA GLU A 60 -3.14 -7.94 -10.56
C GLU A 60 -3.51 -6.98 -11.67
N LEU A 61 -4.27 -5.96 -11.24
CA LEU A 61 -4.84 -4.86 -12.01
C LEU A 61 -3.77 -3.92 -12.54
N LEU A 62 -2.63 -3.84 -11.81
CA LEU A 62 -1.51 -2.96 -12.04
C LEU A 62 -0.74 -3.34 -13.28
N ASP A 63 0.04 -2.39 -13.81
CA ASP A 63 0.73 -2.58 -15.08
C ASP A 63 1.94 -3.47 -14.86
N GLN A 64 2.23 -4.38 -15.83
CA GLN A 64 3.37 -5.27 -15.79
C GLN A 64 4.72 -4.54 -15.76
N ASP A 65 4.82 -3.33 -16.33
CA ASP A 65 6.05 -2.55 -16.38
C ASP A 65 6.64 -2.24 -15.01
N MET A 66 5.81 -2.06 -13.95
CA MET A 66 6.33 -1.85 -12.60
C MET A 66 6.70 -3.15 -11.91
N ASN A 67 6.29 -4.31 -12.48
CA ASN A 67 6.49 -5.67 -12.00
C ASN A 67 5.86 -6.02 -10.65
N LEU A 68 4.76 -5.35 -10.22
CA LEU A 68 4.13 -5.69 -8.95
C LEU A 68 3.21 -6.88 -9.12
N HIS A 69 3.47 -7.96 -8.37
CA HIS A 69 2.52 -9.03 -8.23
C HIS A 69 2.57 -9.47 -6.80
N HIS A 70 1.41 -9.94 -6.30
CA HIS A 70 1.23 -10.30 -4.91
C HIS A 70 2.07 -11.52 -4.56
N GLY A 71 2.83 -11.43 -3.44
CA GLY A 71 3.75 -12.47 -2.99
C GLY A 71 5.15 -12.36 -3.52
N LYS A 72 5.40 -11.49 -4.53
CA LYS A 72 6.66 -11.39 -5.24
C LYS A 72 7.46 -10.20 -4.77
N ALA A 73 7.24 -9.72 -3.53
CA ALA A 73 7.82 -8.51 -2.98
C ALA A 73 9.31 -8.49 -2.99
N MET A 74 9.99 -9.58 -2.63
CA MET A 74 11.45 -9.60 -2.58
C MET A 74 12.08 -9.31 -3.95
N GLU A 75 11.49 -9.86 -5.03
CA GLU A 75 11.93 -9.60 -6.39
C GLU A 75 11.52 -8.22 -6.90
N PHE A 76 10.25 -7.82 -6.63
CA PHE A 76 9.67 -6.52 -6.95
C PHE A 76 10.37 -5.37 -6.30
N ALA A 77 10.66 -5.47 -4.99
CA ALA A 77 11.28 -4.42 -4.22
C ALA A 77 12.66 -4.04 -4.75
N MET A 78 13.45 -5.06 -5.15
CA MET A 78 14.74 -4.88 -5.78
C MET A 78 14.69 -4.20 -7.14
N LYS A 79 13.62 -4.42 -7.94
CA LYS A 79 13.39 -3.67 -9.19
C LYS A 79 13.24 -2.16 -8.93
N HIS A 80 12.66 -1.80 -7.76
CA HIS A 80 12.37 -0.44 -7.36
C HIS A 80 13.45 0.22 -6.52
N GLY A 81 14.66 -0.37 -6.47
CA GLY A 81 15.82 0.31 -5.91
C GLY A 81 16.09 0.00 -4.48
N ALA A 82 15.27 -0.86 -3.84
CA ALA A 82 15.68 -1.48 -2.59
C ALA A 82 16.84 -2.45 -2.82
N ASP A 83 17.84 -2.51 -1.91
CA ASP A 83 18.83 -3.57 -1.97
C ASP A 83 18.26 -4.80 -1.28
N GLU A 84 18.94 -5.97 -1.35
CA GLU A 84 18.38 -7.23 -0.86
C GLU A 84 18.16 -7.22 0.64
N ALA A 85 19.04 -6.50 1.37
CA ALA A 85 18.96 -6.26 2.80
C ALA A 85 17.77 -5.40 3.17
N MET A 86 17.57 -4.30 2.42
CA MET A 86 16.45 -3.39 2.52
C MET A 86 15.12 -4.03 2.18
N ALA A 87 15.10 -4.87 1.14
CA ALA A 87 13.91 -5.59 0.72
C ALA A 87 13.38 -6.53 1.80
N LYS A 88 14.26 -7.35 2.41
CA LYS A 88 13.90 -8.21 3.52
C LYS A 88 13.61 -7.43 4.78
N GLN A 89 14.24 -6.24 4.95
CA GLN A 89 13.93 -5.30 6.00
C GLN A 89 12.52 -4.75 5.98
N LEU A 90 11.91 -4.37 4.83
CA LEU A 90 10.55 -3.94 4.80
C LEU A 90 9.58 -5.03 5.24
N LEU A 91 9.82 -6.27 4.78
CA LEU A 91 9.08 -7.44 5.22
C LEU A 91 9.32 -7.73 6.71
N ASP A 92 10.57 -7.58 7.22
CA ASP A 92 10.91 -7.71 8.63
C ASP A 92 10.24 -6.65 9.50
N ILE A 93 10.19 -5.37 9.06
CA ILE A 93 9.48 -4.28 9.75
C ILE A 93 8.01 -4.61 9.86
N LYS A 94 7.39 -5.09 8.77
CA LYS A 94 6.00 -5.46 8.75
C LYS A 94 5.71 -6.54 9.75
N HIS A 95 6.45 -7.64 9.70
CA HIS A 95 6.12 -8.77 10.53
C HIS A 95 6.42 -8.46 11.99
N SER A 96 7.43 -7.59 12.24
CA SER A 96 7.77 -7.08 13.57
C SER A 96 6.68 -6.20 14.15
N CYS A 97 6.09 -5.34 13.31
CA CYS A 97 4.98 -4.50 13.67
C CYS A 97 3.70 -5.26 13.94
N GLU A 98 3.44 -6.36 13.21
CA GLU A 98 2.22 -7.15 13.30
C GLU A 98 1.98 -7.73 14.67
N LYS A 99 3.07 -7.98 15.42
CA LYS A 99 2.98 -8.58 16.74
C LYS A 99 2.80 -7.52 17.82
N VAL A 100 3.14 -6.23 17.54
CA VAL A 100 3.09 -5.16 18.53
C VAL A 100 1.84 -4.32 18.37
N ILE A 101 1.33 -4.19 17.13
CA ILE A 101 0.08 -3.48 16.87
C ILE A 101 -1.17 -4.20 17.35
N THR A 102 -2.24 -3.42 17.62
CA THR A 102 -3.58 -3.97 17.79
C THR A 102 -4.12 -4.55 16.50
N ILE A 103 -4.56 -5.81 16.60
CA ILE A 103 -5.17 -6.64 15.62
C ILE A 103 -6.57 -6.78 16.11
N VAL A 104 -7.52 -6.59 15.22
CA VAL A 104 -8.90 -6.74 15.56
C VAL A 104 -9.40 -7.93 14.78
N ALA A 105 -10.02 -8.89 15.46
CA ALA A 105 -10.71 -10.01 14.86
C ALA A 105 -11.89 -9.61 13.98
N ASP A 106 -12.74 -8.69 14.49
CA ASP A 106 -13.87 -8.13 13.79
C ASP A 106 -13.50 -7.29 12.57
N ASP A 107 -12.41 -6.50 12.66
CA ASP A 107 -12.16 -5.41 11.76
C ASP A 107 -10.76 -5.55 11.16
N PRO A 108 -10.51 -6.10 9.98
CA PRO A 108 -9.15 -6.21 9.44
C PRO A 108 -8.57 -4.86 9.06
N CYS A 109 -9.40 -3.80 8.99
CA CYS A 109 -9.03 -2.48 8.55
C CYS A 109 -8.11 -1.81 9.57
N GLN A 110 -8.45 -1.91 10.87
CA GLN A 110 -7.61 -1.45 11.99
C GLN A 110 -6.30 -2.19 12.01
N THR A 111 -6.33 -3.54 11.84
CA THR A 111 -5.10 -4.34 11.77
C THR A 111 -4.19 -3.84 10.64
N MET A 112 -4.71 -3.59 9.43
CA MET A 112 -3.93 -3.09 8.31
C MET A 112 -3.39 -1.68 8.52
N LEU A 113 -4.25 -0.73 8.96
CA LEU A 113 -3.92 0.68 9.20
C LEU A 113 -2.97 0.87 10.35
N ASN A 114 -3.22 0.16 11.48
CA ASN A 114 -2.36 0.18 12.65
C ASN A 114 -0.99 -0.37 12.30
N LEU A 115 -0.95 -1.45 11.50
CA LEU A 115 0.29 -1.99 10.99
C LEU A 115 1.01 -1.02 10.09
N ALA A 116 0.27 -0.40 9.17
CA ALA A 116 0.80 0.49 8.15
C ALA A 116 1.42 1.71 8.77
N MET A 117 0.75 2.26 9.81
CA MET A 117 1.26 3.40 10.53
C MET A 117 2.44 3.00 11.42
N CYS A 118 2.51 1.73 11.93
CA CYS A 118 3.73 1.18 12.56
C CYS A 118 4.87 0.93 11.56
N PHE A 119 4.57 0.31 10.40
CA PHE A 119 5.53 0.14 9.32
C PHE A 119 6.16 1.41 8.82
N LYS A 120 5.36 2.45 8.55
CA LYS A 120 5.83 3.73 8.12
C LYS A 120 6.72 4.37 9.17
N ALA A 121 6.41 4.09 10.46
CA ALA A 121 7.11 4.66 11.59
C ALA A 121 8.59 4.25 11.60
N GLU A 122 8.84 2.97 11.29
CA GLU A 122 10.15 2.40 11.15
C GLU A 122 10.92 2.91 9.92
N ILE A 123 10.36 3.00 8.70
CA ILE A 123 11.03 3.61 7.54
C ILE A 123 11.26 5.11 7.65
N HIS A 124 10.51 5.83 8.52
CA HIS A 124 10.78 7.20 8.91
C HIS A 124 12.14 7.32 9.60
N LYS A 125 12.49 6.36 10.48
CA LYS A 125 13.69 6.40 11.30
C LYS A 125 14.97 6.16 10.50
N LEU A 126 14.85 5.42 9.38
CA LEU A 126 15.92 4.90 8.55
C LEU A 126 16.67 5.94 7.74
N ASP A 127 17.95 5.63 7.42
CA ASP A 127 18.87 6.48 6.70
C ASP A 127 18.69 6.35 5.18
N TRP A 128 17.77 5.50 4.72
CA TRP A 128 17.45 5.33 3.31
C TRP A 128 15.95 5.41 3.19
N ALA A 129 15.42 5.79 2.01
CA ALA A 129 13.99 5.90 1.81
C ALA A 129 13.52 4.89 0.76
N PRO A 130 12.61 3.96 1.05
CA PRO A 130 11.81 3.31 0.01
C PRO A 130 10.82 4.32 -0.56
N THR A 131 10.44 4.16 -1.86
CA THR A 131 9.44 5.00 -2.50
C THR A 131 8.11 4.35 -2.21
N LEU A 132 6.98 5.04 -2.45
CA LEU A 132 5.66 4.46 -2.22
C LEU A 132 5.33 3.29 -3.12
N ASP A 133 5.99 3.13 -4.29
CA ASP A 133 5.87 1.92 -5.11
C ASP A 133 6.35 0.67 -4.36
N VAL A 134 7.47 0.79 -3.62
CA VAL A 134 8.18 -0.29 -2.94
C VAL A 134 7.81 -0.44 -1.49
N ALA A 135 7.71 0.68 -0.72
CA ALA A 135 7.38 0.63 0.69
C ALA A 135 6.00 0.06 0.93
N VAL A 136 4.99 0.55 0.18
CA VAL A 136 3.67 -0.03 0.28
C VAL A 136 3.63 -1.31 -0.48
N GLY A 137 4.40 -1.41 -1.59
CA GLY A 137 4.31 -2.56 -2.47
C GLY A 137 4.67 -3.86 -1.81
N GLU A 138 5.73 -3.89 -0.97
CA GLU A 138 6.06 -5.07 -0.20
C GLU A 138 4.98 -5.47 0.81
N LEU A 139 4.34 -4.48 1.48
CA LEU A 139 3.23 -4.67 2.39
C LEU A 139 2.03 -5.22 1.71
N LEU A 140 1.67 -4.55 0.60
CA LEU A 140 0.50 -4.92 -0.12
C LEU A 140 0.68 -6.28 -0.80
N ALA A 141 1.85 -6.54 -1.39
CA ALA A 141 2.17 -7.83 -1.95
C ALA A 141 2.18 -8.97 -0.93
N ASP A 142 2.63 -8.73 0.30
CA ASP A 142 2.66 -9.76 1.34
C ASP A 142 1.40 -9.75 2.21
N THR A 143 0.26 -9.15 1.80
CA THR A 143 -0.94 -9.18 2.67
C THR A 143 -1.52 -10.62 2.87
N SER A 1 -8.90 -1.17 -30.88
CA SER A 1 -9.73 -0.50 -29.80
C SER A 1 -8.99 -0.14 -28.53
N LYS A 2 -8.12 -1.05 -28.02
CA LYS A 2 -7.49 -0.98 -26.73
C LYS A 2 -6.54 0.20 -26.53
N GLU A 3 -5.83 0.65 -27.59
CA GLU A 3 -5.01 1.85 -27.56
C GLU A 3 -5.66 3.00 -28.29
N VAL A 4 -6.98 2.89 -28.53
CA VAL A 4 -7.73 3.93 -29.23
C VAL A 4 -8.61 4.63 -28.24
N MET A 5 -9.51 3.85 -27.58
CA MET A 5 -10.73 4.37 -27.02
C MET A 5 -10.51 5.33 -25.86
N LYS A 6 -9.57 4.96 -24.98
CA LYS A 6 -9.05 5.80 -23.93
C LYS A 6 -7.54 5.63 -24.04
N GLN A 7 -6.75 6.72 -23.93
CA GLN A 7 -5.32 6.72 -24.21
C GLN A 7 -4.51 5.83 -23.28
N MET A 8 -4.80 5.83 -21.95
CA MET A 8 -4.27 4.84 -21.05
C MET A 8 -5.41 3.95 -20.61
N THR A 9 -5.31 2.62 -20.84
CA THR A 9 -6.32 1.66 -20.42
C THR A 9 -6.25 1.37 -18.92
N ILE A 10 -5.03 1.27 -18.34
CA ILE A 10 -4.81 1.05 -16.93
C ILE A 10 -3.78 2.05 -16.42
N ASN A 11 -3.88 2.42 -15.13
CA ASN A 11 -3.00 3.35 -14.47
C ASN A 11 -3.22 3.13 -12.98
N PHE A 12 -2.44 3.82 -12.11
CA PHE A 12 -2.46 3.74 -10.65
C PHE A 12 -3.83 4.11 -10.08
N ALA A 13 -4.48 5.15 -10.65
CA ALA A 13 -5.80 5.61 -10.27
C ALA A 13 -6.94 4.65 -10.49
N LYS A 14 -6.88 3.73 -11.48
CA LYS A 14 -7.97 2.82 -11.80
C LYS A 14 -8.36 1.88 -10.66
N PRO A 15 -7.49 1.18 -9.92
CA PRO A 15 -7.91 0.52 -8.69
C PRO A 15 -8.24 1.50 -7.58
N MET A 16 -7.66 2.71 -7.55
CA MET A 16 -7.85 3.63 -6.45
C MET A 16 -9.27 4.20 -6.43
N GLU A 17 -9.80 4.59 -7.62
CA GLU A 17 -11.16 5.09 -7.79
C GLU A 17 -12.19 3.98 -7.67
N ALA A 18 -11.81 2.75 -8.06
CA ALA A 18 -12.61 1.56 -7.90
C ALA A 18 -12.87 1.22 -6.46
N CYS A 19 -11.84 1.34 -5.57
CA CYS A 19 -12.02 1.12 -4.14
C CYS A 19 -13.04 2.09 -3.58
N LYS A 20 -12.99 3.40 -3.93
CA LYS A 20 -13.87 4.37 -3.30
C LYS A 20 -15.34 4.04 -3.52
N GLN A 21 -15.72 3.64 -4.75
CA GLN A 21 -17.07 3.21 -5.04
C GLN A 21 -17.40 1.81 -4.55
N GLU A 22 -16.46 0.85 -4.73
CA GLU A 22 -16.62 -0.56 -4.36
C GLU A 22 -16.86 -0.72 -2.90
N LEU A 23 -16.14 0.11 -2.13
CA LEU A 23 -16.22 0.03 -0.69
C LEU A 23 -17.42 0.82 -0.18
N ASN A 24 -18.07 1.61 -1.09
CA ASN A 24 -19.20 2.49 -0.85
C ASN A 24 -18.90 3.57 0.19
N VAL A 25 -17.74 4.25 0.02
CA VAL A 25 -17.21 5.23 0.95
C VAL A 25 -17.10 6.58 0.24
N PRO A 26 -17.06 7.71 0.93
CA PRO A 26 -16.87 9.00 0.29
C PRO A 26 -15.44 9.25 -0.19
N ASP A 27 -15.28 10.30 -1.02
CA ASP A 27 -14.06 10.77 -1.63
C ASP A 27 -13.08 11.21 -0.56
N ALA A 28 -13.66 11.70 0.57
CA ALA A 28 -13.01 12.14 1.77
C ALA A 28 -12.11 11.08 2.40
N VAL A 29 -12.46 9.79 2.26
CA VAL A 29 -11.69 8.79 2.99
C VAL A 29 -10.71 8.07 2.09
N MET A 30 -10.94 7.99 0.75
CA MET A 30 -9.89 7.56 -0.17
C MET A 30 -8.75 8.55 -0.21
N GLN A 31 -9.05 9.87 -0.02
CA GLN A 31 -8.03 10.88 0.00
C GLN A 31 -7.20 10.86 1.25
N ASP A 32 -7.74 10.27 2.34
CA ASP A 32 -7.02 10.06 3.59
C ASP A 32 -5.80 9.16 3.42
N PHE A 33 -5.90 8.12 2.56
CA PHE A 33 -4.78 7.26 2.22
C PHE A 33 -3.61 7.97 1.57
N PHE A 34 -3.85 8.87 0.61
CA PHE A 34 -2.71 9.61 0.07
C PHE A 34 -2.11 10.67 0.98
N ASN A 35 -2.97 11.32 1.78
CA ASN A 35 -2.60 12.22 2.86
C ASN A 35 -1.83 11.55 4.00
N PHE A 36 -1.92 10.22 4.14
CA PHE A 36 -1.24 9.39 5.12
C PHE A 36 0.27 9.54 5.03
N TRP A 37 0.79 9.59 3.79
CA TRP A 37 2.21 9.59 3.52
C TRP A 37 2.83 10.97 3.74
N LYS A 38 2.00 12.03 3.86
CA LYS A 38 2.45 13.39 4.07
C LYS A 38 3.17 13.57 5.41
N GLU A 39 4.35 14.24 5.41
CA GLU A 39 5.09 14.49 6.63
C GLU A 39 4.33 15.42 7.56
N GLY A 40 4.20 15.03 8.84
CA GLY A 40 3.45 15.81 9.83
C GLY A 40 1.99 15.46 9.92
N TYR A 41 1.46 14.56 9.07
CA TYR A 41 0.06 14.16 9.09
C TYR A 41 -0.16 12.90 9.89
N GLN A 42 -1.24 12.89 10.72
CA GLN A 42 -1.70 11.70 11.40
C GLN A 42 -3.09 11.37 10.89
N ILE A 43 -3.21 10.23 10.21
CA ILE A 43 -4.48 9.64 9.80
C ILE A 43 -4.87 8.58 10.82
N THR A 44 -6.10 8.70 11.37
CA THR A 44 -6.62 7.85 12.44
C THR A 44 -7.88 7.14 12.01
N ASN A 45 -8.34 7.34 10.76
CA ASN A 45 -9.67 7.01 10.33
C ASN A 45 -9.78 5.58 9.83
N ARG A 46 -10.80 4.85 10.30
CA ARG A 46 -11.02 3.44 10.06
C ARG A 46 -11.18 3.09 8.60
N GLU A 47 -11.77 4.02 7.81
CA GLU A 47 -11.83 3.94 6.38
C GLU A 47 -10.51 3.98 5.67
N ALA A 48 -9.49 4.65 6.24
CA ALA A 48 -8.18 4.66 5.60
C ALA A 48 -7.63 3.25 5.41
N GLY A 49 -7.77 2.37 6.43
CA GLY A 49 -7.35 0.98 6.35
C GLY A 49 -8.12 0.20 5.34
N CYS A 50 -9.45 0.47 5.24
CA CYS A 50 -10.35 -0.20 4.33
C CYS A 50 -9.97 0.06 2.89
N VAL A 51 -9.61 1.32 2.54
CA VAL A 51 -9.07 1.61 1.22
C VAL A 51 -7.71 0.99 1.01
N ILE A 52 -6.82 1.03 2.02
CA ILE A 52 -5.44 0.52 1.90
C ILE A 52 -5.38 -0.95 1.54
N LEU A 53 -6.18 -1.80 2.22
CA LEU A 53 -6.26 -3.22 1.94
C LEU A 53 -6.87 -3.55 0.59
N CYS A 54 -7.77 -2.67 0.11
CA CYS A 54 -8.38 -2.72 -1.20
C CYS A 54 -7.38 -2.52 -2.32
N LEU A 55 -6.38 -1.60 -2.24
CA LEU A 55 -5.37 -1.57 -3.27
C LEU A 55 -4.59 -2.85 -3.37
N ALA A 56 -4.27 -3.45 -2.23
CA ALA A 56 -3.51 -4.67 -2.12
C ALA A 56 -4.10 -5.84 -2.86
N LYS A 57 -5.43 -5.94 -2.89
CA LYS A 57 -6.09 -6.98 -3.65
C LYS A 57 -6.17 -6.64 -5.15
N LYS A 58 -6.03 -5.35 -5.53
CA LYS A 58 -6.25 -4.81 -6.86
C LYS A 58 -4.95 -4.37 -7.53
N LEU A 59 -3.82 -5.05 -7.24
CA LEU A 59 -2.49 -4.69 -7.74
C LEU A 59 -2.31 -5.12 -9.16
N GLU A 60 -3.06 -6.16 -9.52
CA GLU A 60 -3.14 -6.71 -10.87
C GLU A 60 -3.74 -5.71 -11.86
N LEU A 61 -4.41 -4.67 -11.34
CA LEU A 61 -4.96 -3.56 -12.09
C LEU A 61 -3.86 -2.59 -12.52
N LEU A 62 -2.76 -2.56 -11.74
CA LEU A 62 -1.60 -1.69 -11.89
C LEU A 62 -0.81 -2.05 -13.13
N ASP A 63 0.01 -1.12 -13.63
CA ASP A 63 0.67 -1.29 -14.91
C ASP A 63 1.78 -2.34 -14.77
N GLN A 64 1.93 -3.23 -15.77
CA GLN A 64 2.96 -4.25 -15.79
C GLN A 64 4.38 -3.71 -15.78
N ASP A 65 4.61 -2.48 -16.29
CA ASP A 65 5.92 -1.86 -16.35
C ASP A 65 6.59 -1.70 -14.98
N MET A 66 5.81 -1.46 -13.90
CA MET A 66 6.39 -1.37 -12.56
C MET A 66 6.67 -2.73 -11.96
N ASN A 67 6.07 -3.81 -12.52
CA ASN A 67 6.12 -5.21 -12.09
C ASN A 67 5.53 -5.54 -10.73
N LEU A 68 4.48 -4.82 -10.24
CA LEU A 68 3.86 -5.18 -8.98
C LEU A 68 2.87 -6.31 -9.17
N HIS A 69 3.06 -7.44 -8.46
CA HIS A 69 2.04 -8.46 -8.37
C HIS A 69 2.04 -8.99 -6.97
N HIS A 70 0.91 -9.57 -6.52
CA HIS A 70 0.77 -9.99 -5.15
C HIS A 70 1.66 -11.18 -4.82
N GLY A 71 2.34 -11.08 -3.66
CA GLY A 71 3.26 -12.10 -3.16
C GLY A 71 4.67 -11.99 -3.67
N LYS A 72 4.92 -11.15 -4.69
CA LYS A 72 6.14 -11.09 -5.45
C LYS A 72 7.07 -9.99 -4.97
N ALA A 73 6.85 -9.53 -3.72
CA ALA A 73 7.49 -8.36 -3.15
C ALA A 73 8.98 -8.42 -3.15
N MET A 74 9.60 -9.57 -2.80
CA MET A 74 11.04 -9.64 -2.72
C MET A 74 11.72 -9.35 -4.07
N GLU A 75 11.14 -9.85 -5.19
CA GLU A 75 11.64 -9.59 -6.52
C GLU A 75 11.32 -8.19 -7.04
N PHE A 76 10.06 -7.74 -6.83
CA PHE A 76 9.53 -6.42 -7.13
C PHE A 76 10.24 -5.30 -6.38
N ALA A 77 10.48 -5.46 -5.07
CA ALA A 77 11.14 -4.47 -4.25
C ALA A 77 12.52 -4.08 -4.78
N MET A 78 13.31 -5.08 -5.24
CA MET A 78 14.58 -4.88 -5.88
C MET A 78 14.51 -4.10 -7.20
N LYS A 79 13.44 -4.31 -8.01
CA LYS A 79 13.21 -3.55 -9.25
C LYS A 79 13.06 -2.05 -8.99
N HIS A 80 12.56 -1.68 -7.79
CA HIS A 80 12.33 -0.32 -7.35
C HIS A 80 13.45 0.28 -6.54
N GLY A 81 14.65 -0.35 -6.54
CA GLY A 81 15.85 0.29 -6.05
C GLY A 81 16.19 -0.08 -4.64
N ALA A 82 15.35 -0.89 -3.97
CA ALA A 82 15.75 -1.54 -2.73
C ALA A 82 16.86 -2.57 -2.98
N ASP A 83 17.83 -2.70 -2.04
CA ASP A 83 18.80 -3.80 -2.10
C ASP A 83 18.15 -5.04 -1.51
N GLU A 84 18.80 -6.22 -1.62
CA GLU A 84 18.21 -7.49 -1.21
C GLU A 84 17.93 -7.56 0.28
N ALA A 85 18.82 -6.92 1.07
CA ALA A 85 18.69 -6.72 2.49
C ALA A 85 17.54 -5.79 2.85
N MET A 86 17.39 -4.67 2.11
CA MET A 86 16.36 -3.68 2.33
C MET A 86 14.99 -4.19 1.92
N ALA A 87 14.92 -4.99 0.83
CA ALA A 87 13.74 -5.64 0.34
C ALA A 87 13.07 -6.55 1.37
N LYS A 88 13.88 -7.40 2.05
CA LYS A 88 13.40 -8.26 3.12
C LYS A 88 13.19 -7.51 4.41
N GLN A 89 13.88 -6.36 4.63
CA GLN A 89 13.62 -5.47 5.73
C GLN A 89 12.23 -4.88 5.77
N LEU A 90 11.63 -4.44 4.63
CA LEU A 90 10.28 -3.96 4.64
C LEU A 90 9.28 -5.04 5.04
N LEU A 91 9.47 -6.26 4.54
CA LEU A 91 8.70 -7.43 4.95
C LEU A 91 8.93 -7.79 6.42
N ASP A 92 10.19 -7.71 6.92
CA ASP A 92 10.55 -7.90 8.31
C ASP A 92 9.92 -6.85 9.23
N ILE A 93 9.92 -5.54 8.85
CA ILE A 93 9.25 -4.45 9.59
C ILE A 93 7.78 -4.73 9.73
N LYS A 94 7.12 -5.16 8.63
CA LYS A 94 5.72 -5.46 8.62
C LYS A 94 5.38 -6.52 9.61
N HIS A 95 6.03 -7.69 9.52
CA HIS A 95 5.72 -8.84 10.31
C HIS A 95 6.04 -8.57 11.77
N SER A 96 7.10 -7.75 12.03
CA SER A 96 7.49 -7.28 13.35
C SER A 96 6.45 -6.38 13.98
N CYS A 97 5.88 -5.47 13.19
CA CYS A 97 4.79 -4.62 13.56
C CYS A 97 3.48 -5.34 13.79
N GLU A 98 3.19 -6.42 13.03
CA GLU A 98 1.93 -7.15 13.06
C GLU A 98 1.65 -7.71 14.43
N LYS A 99 2.73 -8.08 15.16
CA LYS A 99 2.63 -8.72 16.45
C LYS A 99 2.47 -7.71 17.58
N VAL A 100 2.84 -6.42 17.35
CA VAL A 100 2.82 -5.39 18.38
C VAL A 100 1.59 -4.52 18.26
N ILE A 101 1.07 -4.34 17.02
CA ILE A 101 -0.16 -3.60 16.78
C ILE A 101 -1.42 -4.29 17.24
N THR A 102 -2.48 -3.49 17.52
CA THR A 102 -3.84 -4.00 17.64
C THR A 102 -4.38 -4.53 16.34
N ILE A 103 -4.86 -5.78 16.40
CA ILE A 103 -5.49 -6.56 15.38
C ILE A 103 -6.88 -6.69 15.85
N VAL A 104 -7.83 -6.44 14.95
CA VAL A 104 -9.21 -6.57 15.27
C VAL A 104 -9.72 -7.70 14.41
N ALA A 105 -10.39 -8.68 15.04
CA ALA A 105 -11.11 -9.72 14.36
C ALA A 105 -12.29 -9.24 13.51
N ASP A 106 -13.11 -8.33 14.08
CA ASP A 106 -14.24 -7.68 13.44
C ASP A 106 -13.84 -6.80 12.26
N ASP A 107 -12.73 -6.06 12.39
CA ASP A 107 -12.43 -4.91 11.57
C ASP A 107 -11.04 -5.07 10.96
N PRO A 108 -10.82 -5.63 9.78
CA PRO A 108 -9.48 -5.80 9.22
C PRO A 108 -8.83 -4.47 8.84
N CYS A 109 -9.62 -3.39 8.76
CA CYS A 109 -9.18 -2.08 8.37
C CYS A 109 -8.27 -1.46 9.42
N GLN A 110 -8.64 -1.60 10.72
CA GLN A 110 -7.80 -1.20 11.85
C GLN A 110 -6.52 -1.97 11.88
N THR A 111 -6.59 -3.31 11.68
CA THR A 111 -5.39 -4.15 11.59
C THR A 111 -4.44 -3.66 10.50
N MET A 112 -4.94 -3.34 9.29
CA MET A 112 -4.13 -2.83 8.20
C MET A 112 -3.56 -1.43 8.46
N LEU A 113 -4.38 -0.48 8.92
CA LEU A 113 -4.02 0.92 9.21
C LEU A 113 -3.07 1.04 10.37
N ASN A 114 -3.34 0.30 11.47
CA ASN A 114 -2.51 0.26 12.66
C ASN A 114 -1.15 -0.31 12.30
N LEU A 115 -1.13 -1.37 11.47
CA LEU A 115 0.10 -1.94 10.96
C LEU A 115 0.85 -0.96 10.10
N ALA A 116 0.14 -0.31 9.18
CA ALA A 116 0.70 0.58 8.19
C ALA A 116 1.36 1.77 8.85
N MET A 117 0.70 2.34 9.88
CA MET A 117 1.24 3.44 10.63
C MET A 117 2.39 2.99 11.52
N CYS A 118 2.43 1.70 12.00
CA CYS A 118 3.63 1.10 12.61
C CYS A 118 4.75 0.85 11.61
N PHE A 119 4.45 0.25 10.43
CA PHE A 119 5.40 0.06 9.35
C PHE A 119 6.09 1.33 8.87
N LYS A 120 5.30 2.39 8.64
CA LYS A 120 5.78 3.67 8.22
C LYS A 120 6.68 4.29 9.28
N ALA A 121 6.39 3.98 10.57
CA ALA A 121 7.12 4.50 11.71
C ALA A 121 8.58 4.06 11.69
N GLU A 122 8.79 2.77 11.37
CA GLU A 122 10.10 2.17 11.20
C GLU A 122 10.87 2.70 9.99
N ILE A 123 10.28 2.81 8.77
CA ILE A 123 10.94 3.40 7.61
C ILE A 123 11.23 4.88 7.73
N HIS A 124 10.49 5.61 8.61
CA HIS A 124 10.79 6.97 9.02
C HIS A 124 12.14 7.08 9.72
N LYS A 125 12.45 6.10 10.61
CA LYS A 125 13.63 6.14 11.47
C LYS A 125 14.92 5.82 10.73
N LEU A 126 14.81 5.06 9.61
CA LEU A 126 15.89 4.54 8.79
C LEU A 126 16.69 5.58 8.03
N ASP A 127 17.96 5.23 7.74
CA ASP A 127 18.93 6.10 7.09
C ASP A 127 18.83 6.03 5.56
N TRP A 128 17.89 5.22 5.03
CA TRP A 128 17.65 5.13 3.59
C TRP A 128 16.15 5.29 3.40
N ALA A 129 15.71 5.77 2.22
CA ALA A 129 14.30 5.96 1.94
C ALA A 129 13.82 5.02 0.85
N PRO A 130 12.90 4.09 1.07
CA PRO A 130 12.08 3.53 -0.01
C PRO A 130 11.10 4.58 -0.52
N THR A 131 10.76 4.55 -1.83
CA THR A 131 9.64 5.29 -2.38
C THR A 131 8.36 4.52 -2.13
N LEU A 132 7.19 5.15 -2.36
CA LEU A 132 5.88 4.60 -2.04
C LEU A 132 5.61 3.33 -2.83
N ASP A 133 6.16 3.24 -4.07
CA ASP A 133 5.99 2.08 -4.95
C ASP A 133 6.52 0.80 -4.31
N VAL A 134 7.62 0.89 -3.55
CA VAL A 134 8.32 -0.18 -2.87
C VAL A 134 7.90 -0.30 -1.41
N ALA A 135 7.81 0.84 -0.67
CA ALA A 135 7.39 0.83 0.71
C ALA A 135 5.96 0.36 0.90
N VAL A 136 4.98 0.89 0.13
CA VAL A 136 3.63 0.37 0.26
C VAL A 136 3.54 -0.90 -0.52
N GLY A 137 4.34 -1.03 -1.61
CA GLY A 137 4.24 -2.19 -2.48
C GLY A 137 4.49 -3.49 -1.80
N GLU A 138 5.53 -3.61 -0.94
CA GLU A 138 5.80 -4.83 -0.21
C GLU A 138 4.73 -5.16 0.81
N LEU A 139 4.12 -4.13 1.48
CA LEU A 139 2.95 -4.30 2.32
C LEU A 139 1.77 -4.78 1.58
N LEU A 140 1.47 -4.08 0.47
CA LEU A 140 0.31 -4.42 -0.30
C LEU A 140 0.46 -5.78 -0.99
N ALA A 141 1.66 -6.09 -1.54
CA ALA A 141 1.95 -7.38 -2.13
C ALA A 141 1.83 -8.54 -1.17
N ASP A 142 2.26 -8.38 0.10
CA ASP A 142 2.18 -9.42 1.10
C ASP A 142 0.93 -9.28 1.97
N THR A 143 -0.19 -8.69 1.47
CA THR A 143 -1.41 -8.55 2.28
C THR A 143 -2.06 -9.90 2.71
N SER A 1 -11.46 5.13 -28.18
CA SER A 1 -12.18 4.78 -26.90
C SER A 1 -11.29 4.45 -25.70
N LYS A 2 -10.15 3.75 -25.92
CA LYS A 2 -9.35 3.17 -24.87
C LYS A 2 -8.36 4.18 -24.36
N GLU A 3 -8.49 4.51 -23.06
CA GLU A 3 -7.77 5.46 -22.26
C GLU A 3 -7.84 6.89 -22.75
N VAL A 4 -8.86 7.16 -23.59
CA VAL A 4 -9.20 8.48 -24.09
C VAL A 4 -9.92 9.27 -23.03
N MET A 5 -10.91 8.58 -22.40
CA MET A 5 -12.10 9.17 -21.85
C MET A 5 -11.83 10.04 -20.65
N LYS A 6 -10.92 9.58 -19.77
CA LYS A 6 -10.59 10.22 -18.52
C LYS A 6 -9.13 10.62 -18.48
N GLN A 7 -8.81 11.49 -17.50
CA GLN A 7 -7.47 12.00 -17.30
C GLN A 7 -6.97 11.49 -15.96
N MET A 8 -5.77 10.86 -15.94
CA MET A 8 -5.18 10.36 -14.73
C MET A 8 -3.68 10.32 -14.94
N THR A 9 -2.90 10.36 -13.84
CA THR A 9 -1.43 10.32 -13.91
C THR A 9 -0.87 9.28 -12.94
N ILE A 10 -1.75 8.49 -12.28
CA ILE A 10 -1.37 7.60 -11.20
C ILE A 10 -1.56 6.17 -11.67
N ASN A 11 -0.49 5.34 -11.62
CA ASN A 11 -0.44 3.97 -12.11
C ASN A 11 -1.40 3.05 -11.36
N PHE A 12 -1.59 3.32 -10.05
CA PHE A 12 -2.51 2.59 -9.18
C PHE A 12 -3.97 2.96 -9.40
N ALA A 13 -4.31 3.93 -10.27
CA ALA A 13 -5.68 4.38 -10.43
C ALA A 13 -6.70 3.34 -10.90
N LYS A 14 -6.36 2.44 -11.85
CA LYS A 14 -7.30 1.44 -12.32
C LYS A 14 -7.77 0.48 -11.21
N PRO A 15 -6.94 -0.14 -10.36
CA PRO A 15 -7.42 -0.81 -9.17
C PRO A 15 -7.97 0.12 -8.10
N MET A 16 -7.51 1.37 -7.94
CA MET A 16 -8.11 2.28 -6.96
C MET A 16 -9.56 2.67 -7.27
N GLU A 17 -9.91 2.98 -8.54
CA GLU A 17 -11.26 3.30 -8.93
C GLU A 17 -12.16 2.08 -8.88
N ALA A 18 -11.58 0.88 -9.17
CA ALA A 18 -12.24 -0.38 -8.93
C ALA A 18 -12.52 -0.67 -7.47
N CYS A 19 -11.56 -0.44 -6.55
CA CYS A 19 -11.77 -0.62 -5.12
C CYS A 19 -12.87 0.30 -4.64
N LYS A 20 -12.93 1.58 -5.06
CA LYS A 20 -13.92 2.50 -4.51
C LYS A 20 -15.36 2.04 -4.77
N GLN A 21 -15.64 1.53 -5.99
CA GLN A 21 -16.95 0.97 -6.29
C GLN A 21 -17.18 -0.42 -5.75
N GLU A 22 -16.14 -1.29 -5.81
CA GLU A 22 -16.12 -2.67 -5.34
C GLU A 22 -16.44 -2.73 -3.87
N LEU A 23 -15.88 -1.77 -3.13
CA LEU A 23 -16.03 -1.76 -1.70
C LEU A 23 -17.31 -1.03 -1.31
N ASN A 24 -17.97 -0.35 -2.29
CA ASN A 24 -19.14 0.49 -2.13
C ASN A 24 -18.94 1.63 -1.13
N VAL A 25 -17.82 2.35 -1.30
CA VAL A 25 -17.39 3.42 -0.41
C VAL A 25 -17.34 4.72 -1.22
N PRO A 26 -17.40 5.90 -0.62
CA PRO A 26 -17.32 7.15 -1.36
C PRO A 26 -15.92 7.46 -1.85
N ASP A 27 -15.85 8.45 -2.78
CA ASP A 27 -14.67 8.97 -3.44
C ASP A 27 -13.74 9.60 -2.40
N ALA A 28 -14.36 10.12 -1.33
CA ALA A 28 -13.75 10.69 -0.17
C ALA A 28 -12.80 9.76 0.56
N VAL A 29 -13.08 8.43 0.58
CA VAL A 29 -12.25 7.58 1.41
C VAL A 29 -11.19 6.86 0.59
N MET A 30 -11.41 6.64 -0.74
CA MET A 30 -10.32 6.19 -1.61
C MET A 30 -9.23 7.24 -1.73
N GLN A 31 -9.61 8.54 -1.66
CA GLN A 31 -8.66 9.62 -1.74
C GLN A 31 -7.87 9.78 -0.47
N ASP A 32 -8.41 9.29 0.67
CA ASP A 32 -7.73 9.27 1.95
C ASP A 32 -6.45 8.45 1.94
N PHE A 33 -6.44 7.31 1.21
CA PHE A 33 -5.24 6.51 1.03
C PHE A 33 -4.09 7.25 0.37
N PHE A 34 -4.32 7.98 -0.74
CA PHE A 34 -3.24 8.72 -1.35
C PHE A 34 -2.76 9.94 -0.58
N ASN A 35 -3.71 10.60 0.10
CA ASN A 35 -3.47 11.65 1.07
C ASN A 35 -2.70 11.23 2.31
N PHE A 36 -2.50 9.92 2.56
CA PHE A 36 -1.67 9.39 3.64
C PHE A 36 -0.24 9.86 3.47
N TRP A 37 0.26 9.84 2.21
CA TRP A 37 1.63 10.13 1.84
C TRP A 37 2.02 11.58 2.06
N LYS A 38 1.02 12.49 2.07
CA LYS A 38 1.20 13.92 2.23
C LYS A 38 1.81 14.27 3.59
N GLU A 39 2.87 15.11 3.61
CA GLU A 39 3.47 15.52 4.86
C GLU A 39 2.55 16.41 5.68
N GLY A 40 2.48 16.14 7.01
CA GLY A 40 1.57 16.84 7.91
C GLY A 40 0.21 16.18 7.99
N TYR A 41 -0.08 15.15 7.17
CA TYR A 41 -1.37 14.48 7.18
C TYR A 41 -1.36 13.25 8.05
N GLN A 42 -2.38 13.10 8.92
CA GLN A 42 -2.62 11.88 9.66
C GLN A 42 -3.94 11.32 9.19
N ILE A 43 -3.89 10.12 8.58
CA ILE A 43 -5.06 9.37 8.18
C ILE A 43 -5.40 8.36 9.26
N THR A 44 -6.64 8.46 9.78
CA THR A 44 -7.12 7.68 10.92
C THR A 44 -8.36 6.87 10.59
N ASN A 45 -8.89 7.02 9.36
CA ASN A 45 -10.21 6.58 9.00
C ASN A 45 -10.24 5.11 8.62
N ARG A 46 -11.24 4.37 9.15
CA ARG A 46 -11.40 2.93 9.03
C ARG A 46 -11.51 2.44 7.60
N GLU A 47 -12.12 3.26 6.73
CA GLU A 47 -12.15 3.06 5.30
C GLU A 47 -10.81 3.10 4.62
N ALA A 48 -9.84 3.87 5.15
CA ALA A 48 -8.52 3.91 4.53
C ALA A 48 -7.89 2.52 4.49
N GLY A 49 -8.00 1.72 5.57
CA GLY A 49 -7.50 0.35 5.61
C GLY A 49 -8.21 -0.54 4.65
N CYS A 50 -9.54 -0.36 4.51
CA CYS A 50 -10.39 -1.15 3.64
C CYS A 50 -9.99 -0.97 2.18
N VAL A 51 -9.67 0.28 1.74
CA VAL A 51 -9.10 0.48 0.42
C VAL A 51 -7.71 -0.07 0.32
N ILE A 52 -6.85 0.11 1.32
CA ILE A 52 -5.45 -0.29 1.27
C ILE A 52 -5.27 -1.78 1.05
N LEU A 53 -6.03 -2.61 1.78
CA LEU A 53 -6.01 -4.04 1.61
C LEU A 53 -6.56 -4.54 0.28
N CYS A 54 -7.50 -3.77 -0.30
CA CYS A 54 -8.06 -3.97 -1.62
C CYS A 54 -7.01 -3.89 -2.72
N LEU A 55 -6.05 -2.92 -2.70
CA LEU A 55 -5.00 -2.87 -3.69
C LEU A 55 -4.14 -4.10 -3.72
N ALA A 56 -3.84 -4.67 -2.55
CA ALA A 56 -2.95 -5.77 -2.35
C ALA A 56 -3.29 -7.03 -3.11
N LYS A 57 -4.61 -7.29 -3.25
CA LYS A 57 -5.13 -8.38 -4.07
C LYS A 57 -5.28 -8.00 -5.54
N LYS A 58 -5.17 -6.70 -5.90
CA LYS A 58 -5.42 -6.17 -7.22
C LYS A 58 -4.17 -5.53 -7.82
N LEU A 59 -2.99 -6.14 -7.58
CA LEU A 59 -1.69 -5.66 -8.05
C LEU A 59 -1.46 -6.09 -9.47
N GLU A 60 -2.10 -7.21 -9.81
CA GLU A 60 -2.15 -7.79 -11.13
C GLU A 60 -2.83 -6.89 -12.16
N LEU A 61 -3.56 -5.87 -11.66
CA LEU A 61 -4.17 -4.80 -12.44
C LEU A 61 -3.13 -3.77 -12.89
N LEU A 62 -2.03 -3.64 -12.11
CA LEU A 62 -0.97 -2.66 -12.24
C LEU A 62 -0.14 -2.92 -13.47
N ASP A 63 0.59 -1.88 -13.91
CA ASP A 63 1.38 -1.95 -15.12
C ASP A 63 2.56 -2.89 -14.95
N GLN A 64 2.71 -3.89 -15.86
CA GLN A 64 3.66 -4.98 -15.76
C GLN A 64 5.12 -4.53 -15.75
N ASP A 65 5.37 -3.34 -16.34
CA ASP A 65 6.66 -2.66 -16.39
C ASP A 65 7.27 -2.40 -15.02
N MET A 66 6.47 -2.16 -13.94
CA MET A 66 7.04 -1.96 -12.62
C MET A 66 7.38 -3.28 -11.92
N ASN A 67 6.96 -4.42 -12.52
CA ASN A 67 7.13 -5.79 -12.06
C ASN A 67 6.47 -6.15 -10.74
N LEU A 68 5.36 -5.48 -10.33
CA LEU A 68 4.69 -5.82 -9.08
C LEU A 68 3.80 -7.03 -9.28
N HIS A 69 4.05 -8.11 -8.51
CA HIS A 69 3.12 -9.22 -8.43
C HIS A 69 3.05 -9.57 -6.98
N HIS A 70 1.98 -10.28 -6.58
CA HIS A 70 1.71 -10.57 -5.19
C HIS A 70 2.78 -11.53 -4.68
N GLY A 71 3.18 -11.41 -3.40
CA GLY A 71 4.09 -12.37 -2.77
C GLY A 71 5.56 -12.10 -3.01
N LYS A 72 5.97 -11.85 -4.27
CA LYS A 72 7.34 -11.80 -4.71
C LYS A 72 7.89 -10.40 -4.52
N ALA A 73 7.68 -9.87 -3.29
CA ALA A 73 8.14 -8.60 -2.84
C ALA A 73 9.62 -8.52 -2.87
N MET A 74 10.32 -9.57 -2.46
CA MET A 74 11.78 -9.54 -2.38
C MET A 74 12.43 -9.27 -3.74
N GLU A 75 11.90 -9.91 -4.81
CA GLU A 75 12.34 -9.69 -6.17
C GLU A 75 11.94 -8.33 -6.73
N PHE A 76 10.68 -7.92 -6.50
CA PHE A 76 10.10 -6.63 -6.87
C PHE A 76 10.81 -5.46 -6.20
N ALA A 77 11.03 -5.55 -4.89
CA ALA A 77 11.63 -4.50 -4.10
C ALA A 77 13.04 -4.15 -4.56
N MET A 78 13.86 -5.17 -4.89
CA MET A 78 15.17 -4.99 -5.48
C MET A 78 15.16 -4.32 -6.85
N LYS A 79 14.15 -4.58 -7.71
CA LYS A 79 13.99 -3.88 -8.98
C LYS A 79 13.75 -2.38 -8.80
N HIS A 80 13.18 -1.99 -7.63
CA HIS A 80 12.89 -0.61 -7.25
C HIS A 80 13.96 0.05 -6.40
N GLY A 81 15.16 -0.56 -6.31
CA GLY A 81 16.31 0.13 -5.73
C GLY A 81 16.55 -0.17 -4.29
N ALA A 82 15.70 -1.02 -3.66
CA ALA A 82 16.06 -1.61 -2.39
C ALA A 82 17.23 -2.59 -2.54
N ASP A 83 18.18 -2.64 -1.58
CA ASP A 83 19.18 -3.71 -1.57
C ASP A 83 18.55 -4.93 -0.93
N GLU A 84 19.23 -6.11 -0.99
CA GLU A 84 18.65 -7.37 -0.54
C GLU A 84 18.39 -7.38 0.97
N ALA A 85 19.28 -6.70 1.72
CA ALA A 85 19.18 -6.45 3.14
C ALA A 85 18.02 -5.53 3.49
N MET A 86 17.84 -4.45 2.69
CA MET A 86 16.80 -3.48 2.87
C MET A 86 15.43 -4.01 2.50
N ALA A 87 15.36 -4.85 1.45
CA ALA A 87 14.15 -5.52 1.03
C ALA A 87 13.56 -6.43 2.10
N LYS A 88 14.39 -7.27 2.74
CA LYS A 88 13.97 -8.12 3.85
C LYS A 88 13.65 -7.33 5.10
N GLN A 89 14.29 -6.15 5.29
CA GLN A 89 13.95 -5.19 6.31
C GLN A 89 12.54 -4.64 6.23
N LEU A 90 11.98 -4.29 5.03
CA LEU A 90 10.61 -3.86 4.94
C LEU A 90 9.63 -4.95 5.36
N LEU A 91 9.87 -6.20 4.92
CA LEU A 91 9.11 -7.35 5.36
C LEU A 91 9.26 -7.62 6.87
N ASP A 92 10.49 -7.45 7.43
CA ASP A 92 10.77 -7.56 8.85
C ASP A 92 10.07 -6.48 9.68
N ILE A 93 10.04 -5.20 9.21
CA ILE A 93 9.29 -4.10 9.84
C ILE A 93 7.82 -4.42 9.87
N LYS A 94 7.26 -4.92 8.75
CA LYS A 94 5.86 -5.29 8.68
C LYS A 94 5.52 -6.32 9.69
N HIS A 95 6.24 -7.44 9.70
CA HIS A 95 5.84 -8.54 10.54
C HIS A 95 6.09 -8.20 12.00
N SER A 96 7.10 -7.33 12.28
CA SER A 96 7.38 -6.82 13.62
C SER A 96 6.25 -5.93 14.13
N CYS A 97 5.76 -5.04 13.26
CA CYS A 97 4.66 -4.14 13.53
C CYS A 97 3.33 -4.84 13.76
N GLU A 98 3.09 -5.98 13.10
CA GLU A 98 1.87 -6.78 13.21
C GLU A 98 1.64 -7.28 14.62
N LYS A 99 2.73 -7.41 15.38
CA LYS A 99 2.75 -7.88 16.75
C LYS A 99 2.27 -6.78 17.68
N VAL A 100 2.70 -5.53 17.39
CA VAL A 100 2.62 -4.42 18.33
C VAL A 100 1.36 -3.59 18.09
N ILE A 101 0.86 -3.55 16.84
CA ILE A 101 -0.39 -2.90 16.50
C ILE A 101 -1.62 -3.64 16.99
N THR A 102 -2.74 -2.89 17.17
CA THR A 102 -4.05 -3.51 17.31
C THR A 102 -4.49 -4.19 16.04
N ILE A 103 -4.77 -5.51 16.17
CA ILE A 103 -5.32 -6.40 15.21
C ILE A 103 -6.73 -6.57 15.66
N VAL A 104 -7.65 -6.43 14.71
CA VAL A 104 -9.04 -6.61 15.01
C VAL A 104 -9.47 -7.85 14.25
N ALA A 105 -10.10 -8.79 14.96
CA ALA A 105 -10.74 -9.94 14.39
C ALA A 105 -11.92 -9.62 13.48
N ASP A 106 -12.79 -8.70 13.94
CA ASP A 106 -13.95 -8.19 13.23
C ASP A 106 -13.58 -7.42 11.97
N ASP A 107 -12.51 -6.61 12.02
CA ASP A 107 -12.29 -5.53 11.07
C ASP A 107 -10.87 -5.64 10.52
N PRO A 108 -10.56 -6.24 9.38
CA PRO A 108 -9.19 -6.32 8.87
C PRO A 108 -8.65 -4.96 8.44
N CYS A 109 -9.51 -3.94 8.31
CA CYS A 109 -9.17 -2.62 7.83
C CYS A 109 -8.32 -1.88 8.85
N GLN A 110 -8.69 -1.94 10.16
CA GLN A 110 -7.89 -1.44 11.26
C GLN A 110 -6.57 -2.13 11.36
N THR A 111 -6.56 -3.48 11.26
CA THR A 111 -5.31 -4.25 11.25
C THR A 111 -4.38 -3.77 10.13
N MET A 112 -4.88 -3.58 8.89
CA MET A 112 -4.08 -3.10 7.78
C MET A 112 -3.59 -1.66 7.94
N LEU A 113 -4.50 -0.72 8.30
CA LEU A 113 -4.20 0.70 8.46
C LEU A 113 -3.29 0.96 9.64
N ASN A 114 -3.56 0.32 10.80
CA ASN A 114 -2.75 0.42 12.01
C ASN A 114 -1.35 -0.11 11.73
N LEU A 115 -1.25 -1.24 10.99
CA LEU A 115 0.01 -1.77 10.55
C LEU A 115 0.74 -0.83 9.64
N ALA A 116 0.03 -0.29 8.64
CA ALA A 116 0.59 0.55 7.60
C ALA A 116 1.18 1.81 8.18
N MET A 117 0.43 2.43 9.12
CA MET A 117 0.91 3.59 9.81
C MET A 117 2.05 3.25 10.79
N CYS A 118 2.12 2.02 11.37
CA CYS A 118 3.32 1.53 12.09
C CYS A 118 4.51 1.26 11.18
N PHE A 119 4.30 0.56 10.05
CA PHE A 119 5.33 0.32 9.04
C PHE A 119 5.99 1.58 8.49
N LYS A 120 5.20 2.59 8.08
CA LYS A 120 5.73 3.83 7.56
C LYS A 120 6.44 4.63 8.63
N ALA A 121 6.11 4.37 9.92
CA ALA A 121 6.75 5.00 11.06
C ALA A 121 8.21 4.61 11.18
N GLU A 122 8.50 3.31 11.00
CA GLU A 122 9.83 2.73 11.02
C GLU A 122 10.72 3.18 9.87
N ILE A 123 10.25 3.20 8.61
CA ILE A 123 10.99 3.71 7.46
C ILE A 123 11.26 5.20 7.49
N HIS A 124 10.45 5.98 8.26
CA HIS A 124 10.72 7.38 8.58
C HIS A 124 12.01 7.53 9.38
N LYS A 125 12.25 6.62 10.35
CA LYS A 125 13.39 6.68 11.26
C LYS A 125 14.72 6.36 10.59
N LEU A 126 14.67 5.55 9.51
CA LEU A 126 15.78 5.03 8.75
C LEU A 126 16.58 6.06 7.95
N ASP A 127 17.86 5.74 7.71
CA ASP A 127 18.81 6.61 7.04
C ASP A 127 18.75 6.44 5.52
N TRP A 128 17.86 5.57 5.00
CA TRP A 128 17.65 5.37 3.57
C TRP A 128 16.16 5.47 3.33
N ALA A 129 15.75 5.82 2.09
CA ALA A 129 14.35 5.93 1.75
C ALA A 129 13.93 4.88 0.73
N PRO A 130 13.00 3.96 1.00
CA PRO A 130 12.21 3.31 -0.04
C PRO A 130 11.25 4.33 -0.64
N THR A 131 10.83 4.14 -1.90
CA THR A 131 9.81 4.95 -2.54
C THR A 131 8.47 4.34 -2.16
N LEU A 132 7.34 5.02 -2.42
CA LEU A 132 6.03 4.45 -2.13
C LEU A 132 5.76 3.17 -2.89
N ASP A 133 6.28 3.04 -4.14
CA ASP A 133 6.10 1.87 -4.98
C ASP A 133 6.66 0.59 -4.33
N VAL A 134 7.84 0.69 -3.70
CA VAL A 134 8.53 -0.38 -2.98
C VAL A 134 8.09 -0.51 -1.55
N ALA A 135 7.95 0.62 -0.81
CA ALA A 135 7.50 0.61 0.57
C ALA A 135 6.08 0.09 0.72
N VAL A 136 5.11 0.55 -0.11
CA VAL A 136 3.79 -0.03 -0.02
C VAL A 136 3.82 -1.35 -0.74
N GLY A 137 4.70 -1.50 -1.77
CA GLY A 137 4.67 -2.67 -2.62
C GLY A 137 5.00 -3.94 -1.91
N GLU A 138 6.01 -3.95 -1.01
CA GLU A 138 6.30 -5.13 -0.21
C GLU A 138 5.17 -5.50 0.74
N LEU A 139 4.49 -4.49 1.34
CA LEU A 139 3.30 -4.67 2.15
C LEU A 139 2.15 -5.23 1.41
N LEU A 140 1.85 -4.57 0.28
CA LEU A 140 0.72 -5.01 -0.51
C LEU A 140 0.97 -6.36 -1.16
N ALA A 141 2.20 -6.62 -1.66
CA ALA A 141 2.54 -7.92 -2.17
C ALA A 141 2.45 -9.02 -1.11
N ASP A 142 2.94 -8.80 0.13
CA ASP A 142 2.89 -9.79 1.18
C ASP A 142 1.63 -9.66 2.04
N THR A 143 0.46 -9.26 1.47
CA THR A 143 -0.77 -9.14 2.26
C THR A 143 -1.31 -10.49 2.84
N SER A 1 1.38 -11.38 -27.15
CA SER A 1 0.34 -10.59 -27.92
C SER A 1 -0.69 -9.82 -27.12
N LYS A 2 -1.20 -10.40 -26.02
CA LYS A 2 -2.34 -9.90 -25.28
C LYS A 2 -1.98 -8.66 -24.48
N GLU A 3 -0.81 -8.70 -23.81
CA GLU A 3 -0.35 -7.66 -22.89
C GLU A 3 0.12 -6.40 -23.55
N VAL A 4 0.18 -6.48 -24.86
CA VAL A 4 0.40 -5.36 -25.78
C VAL A 4 -0.81 -4.42 -25.76
N MET A 5 -2.01 -5.03 -25.84
CA MET A 5 -3.16 -4.44 -26.49
C MET A 5 -3.71 -3.24 -25.78
N LYS A 6 -3.79 -3.32 -24.44
CA LYS A 6 -4.31 -2.24 -23.62
C LYS A 6 -3.11 -1.60 -22.93
N GLN A 7 -2.89 -0.30 -23.20
CA GLN A 7 -1.73 0.42 -22.69
C GLN A 7 -2.00 1.89 -22.42
N MET A 8 -2.92 2.55 -23.17
CA MET A 8 -3.28 3.94 -22.94
C MET A 8 -4.25 4.11 -21.78
N THR A 9 -4.17 5.29 -21.10
CA THR A 9 -5.05 5.76 -20.02
C THR A 9 -4.85 5.13 -18.65
N ILE A 10 -4.05 4.05 -18.54
CA ILE A 10 -3.81 3.34 -17.29
C ILE A 10 -2.95 4.14 -16.31
N ASN A 11 -3.42 4.26 -15.04
CA ASN A 11 -2.81 5.09 -14.02
C ASN A 11 -3.05 4.47 -12.66
N PHE A 12 -2.29 4.92 -11.63
CA PHE A 12 -2.49 4.62 -10.21
C PHE A 12 -3.87 5.10 -9.74
N ALA A 13 -4.35 6.21 -10.32
CA ALA A 13 -5.65 6.77 -10.10
C ALA A 13 -6.83 5.87 -10.42
N LYS A 14 -6.72 4.95 -11.42
CA LYS A 14 -7.85 4.13 -11.81
C LYS A 14 -8.32 3.15 -10.74
N PRO A 15 -7.51 2.36 -10.02
CA PRO A 15 -7.98 1.70 -8.81
C PRO A 15 -8.25 2.66 -7.67
N MET A 16 -7.58 3.83 -7.59
CA MET A 16 -7.72 4.74 -6.46
C MET A 16 -9.10 5.41 -6.43
N GLU A 17 -9.61 5.87 -7.61
CA GLU A 17 -10.93 6.48 -7.74
C GLU A 17 -12.04 5.47 -7.59
N ALA A 18 -11.78 4.20 -8.00
CA ALA A 18 -12.67 3.08 -7.78
C ALA A 18 -12.89 2.82 -6.30
N CYS A 19 -11.82 2.86 -5.50
CA CYS A 19 -11.85 2.74 -4.04
C CYS A 19 -12.38 3.98 -3.33
N LYS A 20 -12.76 5.06 -4.04
CA LYS A 20 -13.57 6.09 -3.42
C LYS A 20 -15.06 5.74 -3.57
N GLN A 21 -15.50 5.37 -4.79
CA GLN A 21 -16.92 5.12 -5.08
C GLN A 21 -17.42 3.78 -4.62
N GLU A 22 -16.57 2.73 -4.75
CA GLU A 22 -16.84 1.33 -4.39
C GLU A 22 -17.18 1.21 -2.94
N LEU A 23 -16.46 2.00 -2.15
CA LEU A 23 -16.52 1.94 -0.72
C LEU A 23 -17.64 2.84 -0.23
N ASN A 24 -18.22 3.66 -1.15
CA ASN A 24 -19.24 4.66 -0.91
C ASN A 24 -18.81 5.71 0.12
N VAL A 25 -17.59 6.25 -0.05
CA VAL A 25 -16.96 7.20 0.84
C VAL A 25 -16.71 8.50 0.10
N PRO A 26 -16.58 9.66 0.75
CA PRO A 26 -16.28 10.91 0.07
C PRO A 26 -14.84 11.01 -0.39
N ASP A 27 -14.57 12.02 -1.25
CA ASP A 27 -13.30 12.38 -1.82
C ASP A 27 -12.34 12.85 -0.73
N ALA A 28 -12.93 13.36 0.37
CA ALA A 28 -12.25 13.76 1.58
C ALA A 28 -11.46 12.65 2.24
N VAL A 29 -11.91 11.38 2.13
CA VAL A 29 -11.24 10.34 2.89
C VAL A 29 -10.33 9.51 2.03
N MET A 30 -10.53 9.44 0.69
CA MET A 30 -9.52 8.87 -0.19
C MET A 30 -8.29 9.76 -0.24
N GLN A 31 -8.47 11.10 -0.09
CA GLN A 31 -7.37 12.02 -0.08
C GLN A 31 -6.56 11.94 1.19
N ASP A 32 -7.18 11.42 2.27
CA ASP A 32 -6.51 11.14 3.53
C ASP A 32 -5.38 10.12 3.39
N PHE A 33 -5.56 9.08 2.53
CA PHE A 33 -4.51 8.14 2.22
C PHE A 33 -3.28 8.74 1.57
N PHE A 34 -3.40 9.67 0.61
CA PHE A 34 -2.20 10.29 0.10
C PHE A 34 -1.51 11.29 1.01
N ASN A 35 -2.31 12.02 1.80
CA ASN A 35 -1.90 12.87 2.89
C ASN A 35 -1.22 12.15 4.04
N PHE A 36 -1.44 10.82 4.18
CA PHE A 36 -0.85 9.93 5.16
C PHE A 36 0.66 9.95 5.10
N TRP A 37 1.21 9.99 3.88
CA TRP A 37 2.64 9.89 3.64
C TRP A 37 3.35 11.20 3.89
N LYS A 38 2.60 12.32 4.11
CA LYS A 38 3.19 13.58 4.50
C LYS A 38 3.83 13.51 5.88
N GLU A 39 5.13 13.89 5.99
CA GLU A 39 5.78 14.00 7.29
C GLU A 39 5.24 15.18 8.08
N GLY A 40 4.90 14.93 9.37
CA GLY A 40 4.22 15.90 10.22
C GLY A 40 2.73 15.75 10.24
N TYR A 41 2.14 14.89 9.37
CA TYR A 41 0.72 14.60 9.38
C TYR A 41 0.43 13.31 10.09
N GLN A 42 -0.65 13.35 10.90
CA GLN A 42 -1.27 12.18 11.45
C GLN A 42 -2.63 12.05 10.81
N ILE A 43 -2.86 10.88 10.20
CA ILE A 43 -4.16 10.43 9.74
C ILE A 43 -4.64 9.37 10.72
N THR A 44 -5.85 9.58 11.28
CA THR A 44 -6.41 8.77 12.35
C THR A 44 -7.76 8.20 11.96
N ASN A 45 -8.24 8.50 10.73
CA ASN A 45 -9.59 8.25 10.31
C ASN A 45 -9.76 6.86 9.74
N ARG A 46 -10.84 6.16 10.19
CA ARG A 46 -11.14 4.78 9.90
C ARG A 46 -11.33 4.48 8.42
N GLU A 47 -11.84 5.48 7.66
CA GLU A 47 -11.90 5.47 6.23
C GLU A 47 -10.58 5.43 5.53
N ALA A 48 -9.52 6.01 6.13
CA ALA A 48 -8.19 5.94 5.52
C ALA A 48 -7.76 4.49 5.36
N GLY A 49 -8.03 3.65 6.37
CA GLY A 49 -7.77 2.22 6.33
C GLY A 49 -8.56 1.49 5.29
N CYS A 50 -9.84 1.85 5.15
CA CYS A 50 -10.78 1.27 4.22
C CYS A 50 -10.35 1.50 2.78
N VAL A 51 -9.87 2.72 2.45
CA VAL A 51 -9.28 2.95 1.13
C VAL A 51 -7.99 2.18 0.93
N ILE A 52 -7.12 2.12 1.95
CA ILE A 52 -5.80 1.50 1.84
C ILE A 52 -5.85 0.03 1.47
N LEU A 53 -6.75 -0.71 2.14
CA LEU A 53 -6.93 -2.13 1.92
C LEU A 53 -7.54 -2.46 0.57
N CYS A 54 -8.35 -1.52 0.04
CA CYS A 54 -8.96 -1.57 -1.27
C CYS A 54 -7.93 -1.56 -2.38
N LEU A 55 -6.85 -0.72 -2.34
CA LEU A 55 -5.84 -0.78 -3.36
C LEU A 55 -5.13 -2.10 -3.44
N ALA A 56 -4.90 -2.74 -2.31
CA ALA A 56 -4.15 -3.98 -2.18
C ALA A 56 -4.67 -5.15 -2.96
N LYS A 57 -6.00 -5.26 -3.08
CA LYS A 57 -6.60 -6.15 -4.06
C LYS A 57 -6.43 -5.67 -5.49
N LYS A 58 -6.60 -4.35 -5.75
CA LYS A 58 -6.71 -3.76 -7.06
C LYS A 58 -5.36 -3.32 -7.64
N LEU A 59 -4.33 -4.20 -7.57
CA LEU A 59 -3.00 -3.92 -8.10
C LEU A 59 -2.90 -4.46 -9.50
N GLU A 60 -3.91 -5.26 -9.84
CA GLU A 60 -4.16 -5.86 -11.14
C GLU A 60 -4.43 -4.80 -12.17
N LEU A 61 -4.97 -3.68 -11.66
CA LEU A 61 -5.41 -2.50 -12.35
C LEU A 61 -4.24 -1.65 -12.81
N LEU A 62 -3.09 -1.81 -12.13
CA LEU A 62 -1.85 -1.10 -12.30
C LEU A 62 -1.10 -1.59 -13.52
N ASP A 63 -0.16 -0.77 -14.04
CA ASP A 63 0.49 -1.07 -15.29
C ASP A 63 1.60 -2.11 -15.10
N GLN A 64 1.80 -2.96 -16.13
CA GLN A 64 2.86 -3.97 -16.14
C GLN A 64 4.28 -3.41 -16.06
N ASP A 65 4.54 -2.19 -16.58
CA ASP A 65 5.88 -1.59 -16.56
C ASP A 65 6.46 -1.42 -15.16
N MET A 66 5.63 -1.12 -14.14
CA MET A 66 6.11 -1.04 -12.77
C MET A 66 6.31 -2.41 -12.13
N ASN A 67 5.70 -3.48 -12.72
CA ASN A 67 5.67 -4.86 -12.29
C ASN A 67 4.98 -5.15 -10.97
N LEU A 68 3.99 -4.34 -10.51
CA LEU A 68 3.31 -4.64 -9.27
C LEU A 68 2.25 -5.69 -9.49
N HIS A 69 2.36 -6.83 -8.79
CA HIS A 69 1.29 -7.79 -8.75
C HIS A 69 1.27 -8.31 -7.34
N HIS A 70 0.06 -8.65 -6.86
CA HIS A 70 -0.19 -9.07 -5.50
C HIS A 70 0.49 -10.40 -5.21
N GLY A 71 1.25 -10.46 -4.10
CA GLY A 71 2.00 -11.64 -3.69
C GLY A 71 3.42 -11.69 -4.21
N LYS A 72 3.80 -10.83 -5.17
CA LYS A 72 5.08 -10.86 -5.87
C LYS A 72 6.02 -9.80 -5.33
N ALA A 73 5.81 -9.38 -4.05
CA ALA A 73 6.52 -8.29 -3.41
C ALA A 73 8.01 -8.44 -3.40
N MET A 74 8.55 -9.63 -3.10
CA MET A 74 10.00 -9.79 -3.03
C MET A 74 10.68 -9.48 -4.35
N GLU A 75 10.07 -9.90 -5.49
CA GLU A 75 10.56 -9.63 -6.83
C GLU A 75 10.34 -8.19 -7.26
N PHE A 76 9.12 -7.65 -7.03
CA PHE A 76 8.72 -6.27 -7.29
C PHE A 76 9.52 -5.26 -6.50
N ALA A 77 9.75 -5.49 -5.19
CA ALA A 77 10.48 -4.60 -4.33
C ALA A 77 11.89 -4.32 -4.83
N MET A 78 12.59 -5.37 -5.31
CA MET A 78 13.90 -5.27 -5.93
C MET A 78 13.92 -4.46 -7.22
N LYS A 79 12.87 -4.56 -8.08
CA LYS A 79 12.74 -3.78 -9.30
C LYS A 79 12.68 -2.27 -9.02
N HIS A 80 12.18 -1.90 -7.83
CA HIS A 80 12.04 -0.53 -7.36
C HIS A 80 13.19 -0.03 -6.52
N GLY A 81 14.33 -0.74 -6.53
CA GLY A 81 15.58 -0.20 -5.99
C GLY A 81 15.87 -0.63 -4.58
N ALA A 82 14.96 -1.41 -3.96
CA ALA A 82 15.30 -2.11 -2.74
C ALA A 82 16.33 -3.22 -3.00
N ASP A 83 17.28 -3.46 -2.06
CA ASP A 83 18.14 -4.64 -2.14
C ASP A 83 17.37 -5.82 -1.58
N GLU A 84 17.90 -7.06 -1.72
CA GLU A 84 17.18 -8.28 -1.36
C GLU A 84 16.87 -8.37 0.12
N ALA A 85 17.81 -7.85 0.94
CA ALA A 85 17.68 -7.68 2.36
C ALA A 85 16.65 -6.64 2.75
N MET A 86 16.64 -5.50 2.05
CA MET A 86 15.71 -4.41 2.28
C MET A 86 14.30 -4.77 1.85
N ALA A 87 14.16 -5.54 0.75
CA ALA A 87 12.91 -6.07 0.26
C ALA A 87 12.20 -6.96 1.26
N LYS A 88 12.96 -7.89 1.90
CA LYS A 88 12.44 -8.76 2.94
C LYS A 88 12.26 -8.04 4.25
N GLN A 89 13.02 -6.94 4.51
CA GLN A 89 12.81 -6.05 5.63
C GLN A 89 11.46 -5.37 5.64
N LEU A 90 10.91 -4.86 4.51
CA LEU A 90 9.61 -4.27 4.50
C LEU A 90 8.52 -5.28 4.87
N LEU A 91 8.62 -6.51 4.34
CA LEU A 91 7.77 -7.63 4.70
C LEU A 91 7.95 -8.02 6.18
N ASP A 92 9.20 -8.04 6.71
CA ASP A 92 9.52 -8.29 8.10
C ASP A 92 8.95 -7.22 9.04
N ILE A 93 9.05 -5.91 8.68
CA ILE A 93 8.47 -4.80 9.45
C ILE A 93 6.97 -4.98 9.57
N LYS A 94 6.29 -5.33 8.45
CA LYS A 94 4.87 -5.50 8.42
C LYS A 94 4.40 -6.54 9.39
N HIS A 95 4.94 -7.76 9.27
CA HIS A 95 4.50 -8.88 10.06
C HIS A 95 4.89 -8.71 11.51
N SER A 96 6.01 -7.97 11.78
CA SER A 96 6.42 -7.56 13.12
C SER A 96 5.48 -6.59 13.77
N CYS A 97 4.97 -5.63 12.99
CA CYS A 97 3.95 -4.69 13.37
C CYS A 97 2.58 -5.30 13.57
N GLU A 98 2.21 -6.33 12.78
CA GLU A 98 0.88 -6.92 12.78
C GLU A 98 0.52 -7.49 14.14
N LYS A 99 1.54 -7.98 14.87
CA LYS A 99 1.37 -8.64 16.14
C LYS A 99 1.27 -7.64 17.28
N VAL A 100 1.76 -6.38 17.09
CA VAL A 100 1.80 -5.38 18.13
C VAL A 100 0.65 -4.40 18.00
N ILE A 101 0.17 -4.17 16.76
CA ILE A 101 -1.01 -3.36 16.51
C ILE A 101 -2.33 -3.99 16.93
N THR A 102 -3.35 -3.13 17.17
CA THR A 102 -4.74 -3.59 17.25
C THR A 102 -5.27 -4.01 15.90
N ILE A 103 -5.83 -5.24 15.88
CA ILE A 103 -6.50 -5.93 14.82
C ILE A 103 -7.90 -5.98 15.29
N VAL A 104 -8.83 -5.63 14.41
CA VAL A 104 -10.22 -5.65 14.77
C VAL A 104 -10.86 -6.69 13.90
N ALA A 105 -11.59 -7.61 14.52
CA ALA A 105 -12.40 -8.60 13.85
C ALA A 105 -13.53 -8.04 13.01
N ASP A 106 -14.25 -7.05 13.58
CA ASP A 106 -15.27 -6.26 12.94
C ASP A 106 -14.73 -5.39 11.80
N ASP A 107 -13.52 -4.82 11.96
CA ASP A 107 -13.12 -3.66 11.20
C ASP A 107 -11.73 -3.88 10.60
N PRO A 108 -11.55 -4.42 9.39
CA PRO A 108 -10.23 -4.63 8.80
C PRO A 108 -9.54 -3.33 8.43
N CYS A 109 -10.28 -2.20 8.40
CA CYS A 109 -9.78 -0.88 8.06
C CYS A 109 -8.81 -0.39 9.12
N GLN A 110 -9.15 -0.56 10.43
CA GLN A 110 -8.25 -0.34 11.55
C GLN A 110 -7.06 -1.26 11.49
N THR A 111 -7.25 -2.56 11.20
CA THR A 111 -6.13 -3.49 11.07
C THR A 111 -5.11 -3.04 10.01
N MET A 112 -5.52 -2.63 8.79
CA MET A 112 -4.60 -2.00 7.85
C MET A 112 -4.04 -0.63 8.23
N LEU A 113 -4.86 0.34 8.69
CA LEU A 113 -4.41 1.68 9.07
C LEU A 113 -3.47 1.68 10.25
N ASN A 114 -3.81 0.91 11.31
CA ASN A 114 -3.00 0.76 12.51
C ASN A 114 -1.68 0.12 12.14
N LEU A 115 -1.70 -0.91 11.26
CA LEU A 115 -0.50 -1.53 10.75
C LEU A 115 0.34 -0.58 9.96
N ALA A 116 -0.30 0.17 9.05
CA ALA A 116 0.35 1.07 8.12
C ALA A 116 1.09 2.17 8.86
N MET A 117 0.43 2.72 9.91
CA MET A 117 1.03 3.75 10.73
C MET A 117 2.14 3.17 11.62
N CYS A 118 2.09 1.85 12.00
CA CYS A 118 3.25 1.16 12.60
C CYS A 118 4.36 0.86 11.59
N PHE A 119 4.03 0.33 10.40
CA PHE A 119 4.97 0.09 9.32
C PHE A 119 5.75 1.29 8.87
N LYS A 120 5.07 2.44 8.66
CA LYS A 120 5.69 3.66 8.27
C LYS A 120 6.65 4.14 9.34
N ALA A 121 6.31 3.86 10.61
CA ALA A 121 7.08 4.29 11.76
C ALA A 121 8.48 3.72 11.75
N GLU A 122 8.58 2.42 11.39
CA GLU A 122 9.82 1.73 11.18
C GLU A 122 10.64 2.20 9.96
N ILE A 123 10.08 2.41 8.74
CA ILE A 123 10.81 2.99 7.62
C ILE A 123 11.20 4.45 7.78
N HIS A 124 10.52 5.20 8.67
CA HIS A 124 10.93 6.53 9.10
C HIS A 124 12.28 6.50 9.81
N LYS A 125 12.51 5.48 10.66
CA LYS A 125 13.68 5.41 11.54
C LYS A 125 14.97 5.02 10.80
N LEU A 126 14.81 4.33 9.66
CA LEU A 126 15.85 3.71 8.84
C LEU A 126 16.76 4.68 8.12
N ASP A 127 18.00 4.20 7.84
CA ASP A 127 19.07 4.97 7.23
C ASP A 127 18.95 4.99 5.70
N TRP A 128 17.92 4.33 5.14
CA TRP A 128 17.65 4.30 3.71
C TRP A 128 16.17 4.55 3.55
N ALA A 129 15.72 5.06 2.39
CA ALA A 129 14.32 5.32 2.15
C ALA A 129 13.77 4.44 1.03
N PRO A 130 12.78 3.56 1.23
CA PRO A 130 11.94 3.07 0.14
C PRO A 130 11.04 4.19 -0.37
N THR A 131 10.65 4.14 -1.66
CA THR A 131 9.70 5.07 -2.24
C THR A 131 8.32 4.53 -1.94
N LEU A 132 7.24 5.30 -2.17
CA LEU A 132 5.88 4.84 -1.91
C LEU A 132 5.49 3.66 -2.76
N ASP A 133 6.05 3.50 -3.98
CA ASP A 133 5.78 2.39 -4.87
C ASP A 133 6.18 1.05 -4.24
N VAL A 134 7.30 1.03 -3.51
CA VAL A 134 7.93 -0.12 -2.87
C VAL A 134 7.49 -0.25 -1.42
N ALA A 135 7.49 0.86 -0.65
CA ALA A 135 7.03 0.83 0.73
C ALA A 135 5.57 0.48 0.88
N VAL A 136 4.65 1.08 0.10
CA VAL A 136 3.28 0.64 0.19
C VAL A 136 3.11 -0.61 -0.62
N GLY A 137 3.90 -0.77 -1.70
CA GLY A 137 3.70 -1.88 -2.61
C GLY A 137 3.85 -3.23 -1.98
N GLU A 138 4.87 -3.46 -1.11
CA GLU A 138 5.03 -4.71 -0.43
C GLU A 138 3.92 -5.01 0.58
N LEU A 139 3.41 -3.95 1.26
CA LEU A 139 2.25 -4.03 2.13
C LEU A 139 1.03 -4.40 1.40
N LEU A 140 0.78 -3.66 0.32
CA LEU A 140 -0.41 -3.89 -0.44
C LEU A 140 -0.35 -5.21 -1.19
N ALA A 141 0.80 -5.59 -1.77
CA ALA A 141 0.98 -6.87 -2.41
C ALA A 141 0.86 -8.05 -1.48
N ASP A 142 1.36 -7.97 -0.22
CA ASP A 142 1.26 -9.06 0.72
C ASP A 142 0.07 -8.89 1.67
N THR A 143 -1.04 -8.22 1.26
CA THR A 143 -2.22 -8.11 2.13
C THR A 143 -2.93 -9.47 2.38
N SER A 1 5.91 -1.36 -26.96
CA SER A 1 4.66 -1.95 -27.57
C SER A 1 4.62 -3.47 -27.61
N LYS A 2 5.75 -4.12 -27.98
CA LYS A 2 5.85 -5.55 -28.23
C LYS A 2 5.62 -6.43 -27.02
N GLU A 3 6.02 -5.98 -25.80
CA GLU A 3 5.78 -6.70 -24.56
C GLU A 3 4.53 -6.25 -23.85
N VAL A 4 3.75 -5.41 -24.53
CA VAL A 4 2.50 -4.87 -24.00
C VAL A 4 1.40 -5.62 -24.72
N MET A 5 1.47 -5.50 -26.06
CA MET A 5 0.64 -5.97 -27.14
C MET A 5 -0.70 -5.28 -27.17
N LYS A 6 -1.29 -5.05 -26.00
CA LYS A 6 -2.52 -4.33 -25.81
C LYS A 6 -2.47 -2.85 -26.15
N GLN A 7 -3.67 -2.31 -26.44
CA GLN A 7 -3.92 -0.94 -26.88
C GLN A 7 -3.62 0.12 -25.84
N MET A 8 -3.97 -0.13 -24.56
CA MET A 8 -4.03 0.89 -23.54
C MET A 8 -3.60 0.34 -22.20
N THR A 9 -3.33 1.26 -21.24
CA THR A 9 -2.95 0.94 -19.87
C THR A 9 -3.86 1.78 -19.00
N ILE A 10 -4.08 1.34 -17.73
CA ILE A 10 -5.08 1.91 -16.84
C ILE A 10 -4.37 2.64 -15.71
N ASN A 11 -4.77 3.90 -15.45
CA ASN A 11 -4.09 4.82 -14.55
C ASN A 11 -4.36 4.56 -13.07
N PHE A 12 -3.50 5.16 -12.20
CA PHE A 12 -3.42 5.01 -10.75
C PHE A 12 -4.74 5.35 -10.06
N ALA A 13 -5.43 6.41 -10.53
CA ALA A 13 -6.72 6.83 -10.01
C ALA A 13 -7.88 5.86 -10.16
N LYS A 14 -7.91 4.97 -11.18
CA LYS A 14 -9.04 4.08 -11.39
C LYS A 14 -9.30 3.11 -10.25
N PRO A 15 -8.36 2.38 -9.61
CA PRO A 15 -8.67 1.69 -8.37
C PRO A 15 -8.92 2.63 -7.22
N MET A 16 -8.36 3.85 -7.21
CA MET A 16 -8.46 4.74 -6.07
C MET A 16 -9.88 5.32 -5.94
N GLU A 17 -10.50 5.74 -7.07
CA GLU A 17 -11.88 6.20 -7.12
C GLU A 17 -12.87 5.06 -6.92
N ALA A 18 -12.51 3.83 -7.37
CA ALA A 18 -13.28 2.63 -7.14
C ALA A 18 -13.39 2.31 -5.66
N CYS A 19 -12.28 2.41 -4.90
CA CYS A 19 -12.25 2.22 -3.46
C CYS A 19 -12.88 3.35 -2.66
N LYS A 20 -13.39 4.43 -3.30
CA LYS A 20 -14.29 5.32 -2.60
C LYS A 20 -15.74 4.81 -2.71
N GLN A 21 -16.19 4.47 -3.95
CA GLN A 21 -17.58 4.10 -4.20
C GLN A 21 -17.94 2.68 -3.82
N GLU A 22 -17.00 1.73 -4.02
CA GLU A 22 -17.10 0.30 -3.76
C GLU A 22 -17.38 0.06 -2.31
N LEU A 23 -16.74 0.89 -1.48
CA LEU A 23 -16.75 0.74 -0.06
C LEU A 23 -17.93 1.51 0.52
N ASN A 24 -18.60 2.33 -0.34
CA ASN A 24 -19.69 3.23 -0.01
C ASN A 24 -19.31 4.25 1.06
N VAL A 25 -18.13 4.89 0.88
CA VAL A 25 -17.58 5.85 1.83
C VAL A 25 -17.45 7.20 1.15
N PRO A 26 -17.41 8.32 1.86
CA PRO A 26 -17.26 9.63 1.24
C PRO A 26 -15.85 9.92 0.75
N ASP A 27 -15.74 10.99 -0.08
CA ASP A 27 -14.54 11.52 -0.68
C ASP A 27 -13.59 12.04 0.41
N ALA A 28 -14.17 12.42 1.56
CA ALA A 28 -13.48 12.82 2.76
C ALA A 28 -12.58 11.76 3.36
N VAL A 29 -12.90 10.46 3.16
CA VAL A 29 -12.09 9.45 3.79
C VAL A 29 -11.16 8.81 2.79
N MET A 30 -11.46 8.76 1.48
CA MET A 30 -10.48 8.30 0.49
C MET A 30 -9.28 9.24 0.42
N GLN A 31 -9.50 10.55 0.74
CA GLN A 31 -8.44 11.51 0.78
C GLN A 31 -7.53 11.38 1.97
N ASP A 32 -8.03 10.68 3.01
CA ASP A 32 -7.30 10.54 4.25
C ASP A 32 -6.12 9.60 4.08
N PHE A 33 -6.24 8.62 3.16
CA PHE A 33 -5.17 7.73 2.76
C PHE A 33 -4.01 8.43 2.10
N PHE A 34 -4.25 9.34 1.14
CA PHE A 34 -3.13 10.06 0.57
C PHE A 34 -2.47 11.06 1.48
N ASN A 35 -3.28 11.70 2.33
CA ASN A 35 -2.85 12.59 3.38
C ASN A 35 -2.06 11.91 4.49
N PHE A 36 -2.13 10.57 4.60
CA PHE A 36 -1.40 9.73 5.54
C PHE A 36 0.10 9.92 5.39
N TRP A 37 0.58 10.01 4.13
CA TRP A 37 1.99 10.01 3.80
C TRP A 37 2.59 11.39 3.98
N LYS A 38 1.76 12.44 4.22
CA LYS A 38 2.20 13.78 4.54
C LYS A 38 2.95 13.82 5.88
N GLU A 39 4.14 14.45 5.94
CA GLU A 39 4.87 14.54 7.19
C GLU A 39 4.19 15.45 8.21
N GLY A 40 4.13 14.98 9.47
CA GLY A 40 3.44 15.67 10.54
C GLY A 40 1.99 15.26 10.67
N TYR A 41 1.43 14.55 9.67
CA TYR A 41 0.04 14.13 9.71
C TYR A 41 -0.15 12.81 10.41
N GLN A 42 -1.16 12.75 11.29
CA GLN A 42 -1.62 11.51 11.86
C GLN A 42 -3.04 11.25 11.39
N ILE A 43 -3.21 10.12 10.69
CA ILE A 43 -4.48 9.57 10.28
C ILE A 43 -4.84 8.45 11.22
N THR A 44 -6.03 8.55 11.86
CA THR A 44 -6.48 7.65 12.91
C THR A 44 -7.84 7.07 12.60
N ASN A 45 -8.38 7.35 11.40
CA ASN A 45 -9.75 7.10 11.05
C ASN A 45 -9.96 5.69 10.53
N ARG A 46 -11.01 5.02 11.00
CA ARG A 46 -11.34 3.62 10.75
C ARG A 46 -11.55 3.30 9.28
N GLU A 47 -12.09 4.28 8.52
CA GLU A 47 -12.16 4.27 7.08
C GLU A 47 -10.86 4.26 6.34
N ALA A 48 -9.80 4.86 6.91
CA ALA A 48 -8.50 4.90 6.26
C ALA A 48 -7.99 3.51 5.95
N GLY A 49 -8.12 2.56 6.91
CA GLY A 49 -7.75 1.17 6.70
C GLY A 49 -8.56 0.50 5.66
N CYS A 50 -9.89 0.80 5.61
CA CYS A 50 -10.82 0.22 4.68
C CYS A 50 -10.48 0.59 3.26
N VAL A 51 -10.09 1.87 2.99
CA VAL A 51 -9.59 2.26 1.68
C VAL A 51 -8.25 1.62 1.39
N ILE A 52 -7.33 1.59 2.36
CA ILE A 52 -5.96 1.12 2.16
C ILE A 52 -5.91 -0.33 1.70
N LEU A 53 -6.69 -1.21 2.36
CA LEU A 53 -6.77 -2.61 2.03
C LEU A 53 -7.41 -2.92 0.68
N CYS A 54 -8.32 -2.02 0.25
CA CYS A 54 -8.97 -2.03 -1.04
C CYS A 54 -8.00 -1.79 -2.18
N LEU A 55 -6.98 -0.88 -2.10
CA LEU A 55 -6.04 -0.78 -3.17
C LEU A 55 -5.29 -2.05 -3.40
N ALA A 56 -4.92 -2.74 -2.33
CA ALA A 56 -4.19 -3.99 -2.33
C ALA A 56 -4.84 -5.09 -3.15
N LYS A 57 -6.19 -5.16 -3.14
CA LYS A 57 -6.90 -6.12 -3.95
C LYS A 57 -7.07 -5.66 -5.39
N LYS A 58 -6.91 -4.33 -5.66
CA LYS A 58 -7.13 -3.68 -6.93
C LYS A 58 -5.82 -3.16 -7.55
N LEU A 59 -4.69 -3.85 -7.34
CA LEU A 59 -3.36 -3.48 -7.85
C LEU A 59 -3.23 -3.87 -9.28
N GLU A 60 -4.04 -4.85 -9.67
CA GLU A 60 -4.16 -5.42 -11.00
C GLU A 60 -4.63 -4.39 -12.00
N LEU A 61 -5.33 -3.39 -11.45
CA LEU A 61 -5.86 -2.21 -12.11
C LEU A 61 -4.75 -1.26 -12.52
N LEU A 62 -3.62 -1.25 -11.77
CA LEU A 62 -2.48 -0.35 -11.90
C LEU A 62 -1.70 -0.56 -13.17
N ASP A 63 -0.89 0.46 -13.54
CA ASP A 63 -0.11 0.45 -14.76
C ASP A 63 0.95 -0.65 -14.78
N GLN A 64 1.02 -1.43 -15.89
CA GLN A 64 2.00 -2.49 -16.04
C GLN A 64 3.44 -2.00 -16.04
N ASP A 65 3.68 -0.74 -16.46
CA ASP A 65 4.98 -0.09 -16.44
C ASP A 65 5.62 -0.05 -15.04
N MET A 66 4.82 0.11 -13.95
CA MET A 66 5.39 0.06 -12.60
C MET A 66 5.60 -1.36 -12.10
N ASN A 67 5.02 -2.37 -12.80
CA ASN A 67 5.06 -3.80 -12.52
C ASN A 67 4.45 -4.24 -11.20
N LEU A 68 3.45 -3.50 -10.63
CA LEU A 68 2.84 -3.95 -9.38
C LEU A 68 1.79 -5.00 -9.64
N HIS A 69 1.94 -6.19 -9.01
CA HIS A 69 0.86 -7.14 -8.93
C HIS A 69 0.94 -7.72 -7.55
N HIS A 70 -0.21 -8.03 -6.92
CA HIS A 70 -0.17 -8.61 -5.59
C HIS A 70 0.37 -10.02 -5.51
N GLY A 71 1.18 -10.20 -4.46
CA GLY A 71 1.97 -11.39 -4.19
C GLY A 71 3.39 -11.34 -4.70
N LYS A 72 3.74 -10.35 -5.55
CA LYS A 72 5.00 -10.30 -6.28
C LYS A 72 5.87 -9.16 -5.78
N ALA A 73 5.77 -8.80 -4.47
CA ALA A 73 6.44 -7.66 -3.87
C ALA A 73 7.93 -7.69 -4.01
N MET A 74 8.60 -8.84 -3.76
CA MET A 74 10.05 -8.86 -3.79
C MET A 74 10.63 -8.49 -5.15
N GLU A 75 9.99 -8.99 -6.24
CA GLU A 75 10.39 -8.66 -7.61
C GLU A 75 10.06 -7.21 -7.99
N PHE A 76 8.85 -6.75 -7.63
CA PHE A 76 8.36 -5.39 -7.79
C PHE A 76 9.17 -4.37 -7.04
N ALA A 77 9.48 -4.62 -5.75
CA ALA A 77 10.20 -3.72 -4.89
C ALA A 77 11.58 -3.39 -5.39
N MET A 78 12.30 -4.41 -5.91
CA MET A 78 13.60 -4.26 -6.54
C MET A 78 13.56 -3.42 -7.82
N LYS A 79 12.48 -3.50 -8.63
CA LYS A 79 12.27 -2.62 -9.79
C LYS A 79 12.16 -1.15 -9.39
N HIS A 80 11.70 -0.86 -8.15
CA HIS A 80 11.55 0.47 -7.59
C HIS A 80 12.71 0.94 -6.76
N GLY A 81 13.87 0.26 -6.84
CA GLY A 81 15.12 0.79 -6.30
C GLY A 81 15.44 0.30 -4.92
N ALA A 82 14.57 -0.53 -4.31
CA ALA A 82 14.96 -1.31 -3.15
C ALA A 82 16.03 -2.35 -3.49
N ASP A 83 17.04 -2.57 -2.62
CA ASP A 83 17.93 -3.71 -2.76
C ASP A 83 17.24 -4.93 -2.19
N GLU A 84 17.79 -6.14 -2.40
CA GLU A 84 17.12 -7.39 -2.03
C GLU A 84 16.94 -7.52 -0.52
N ALA A 85 17.93 -7.00 0.23
CA ALA A 85 17.94 -6.89 1.67
C ALA A 85 16.90 -5.91 2.18
N MET A 86 16.78 -4.74 1.51
CA MET A 86 15.79 -3.72 1.81
C MET A 86 14.38 -4.17 1.48
N ALA A 87 14.22 -4.90 0.36
CA ALA A 87 12.95 -5.46 -0.04
C ALA A 87 12.40 -6.46 0.97
N LYS A 88 13.24 -7.39 1.45
CA LYS A 88 12.86 -8.34 2.49
C LYS A 88 12.67 -7.66 3.84
N GLN A 89 13.38 -6.54 4.10
CA GLN A 89 13.16 -5.68 5.23
C GLN A 89 11.79 -5.06 5.31
N LEU A 90 11.18 -4.53 4.21
CA LEU A 90 9.85 -4.00 4.27
C LEU A 90 8.82 -5.08 4.60
N LEU A 91 8.96 -6.29 4.02
CA LEU A 91 8.17 -7.44 4.37
C LEU A 91 8.41 -7.89 5.82
N ASP A 92 9.67 -7.87 6.32
CA ASP A 92 10.04 -8.17 7.69
C ASP A 92 9.45 -7.17 8.69
N ILE A 93 9.47 -5.85 8.39
CA ILE A 93 8.84 -4.80 9.20
C ILE A 93 7.36 -5.05 9.33
N LYS A 94 6.69 -5.38 8.20
CA LYS A 94 5.27 -5.64 8.18
C LYS A 94 4.90 -6.77 9.09
N HIS A 95 5.54 -7.93 8.92
CA HIS A 95 5.12 -9.08 9.68
C HIS A 95 5.55 -8.97 11.13
N SER A 96 6.63 -8.20 11.42
CA SER A 96 7.03 -7.86 12.78
C SER A 96 6.00 -7.00 13.48
N CYS A 97 5.47 -6.00 12.75
CA CYS A 97 4.44 -5.10 13.21
C CYS A 97 3.10 -5.75 13.42
N GLU A 98 2.76 -6.78 12.64
CA GLU A 98 1.48 -7.51 12.70
C GLU A 98 1.27 -8.16 14.04
N LYS A 99 2.38 -8.49 14.71
CA LYS A 99 2.43 -9.13 16.00
C LYS A 99 2.12 -8.12 17.09
N VAL A 100 2.71 -6.91 16.97
CA VAL A 100 2.68 -5.90 18.02
C VAL A 100 1.40 -5.07 17.99
N ILE A 101 0.86 -4.81 16.77
CA ILE A 101 -0.37 -4.06 16.59
C ILE A 101 -1.62 -4.81 17.02
N THR A 102 -2.68 -4.05 17.37
CA THR A 102 -4.03 -4.61 17.48
C THR A 102 -4.56 -5.05 16.13
N ILE A 103 -4.93 -6.34 16.07
CA ILE A 103 -5.59 -7.03 15.01
C ILE A 103 -6.98 -7.18 15.51
N VAL A 104 -7.94 -6.85 14.65
CA VAL A 104 -9.31 -6.98 14.98
C VAL A 104 -9.86 -8.07 14.08
N ALA A 105 -10.52 -9.06 14.69
CA ALA A 105 -11.26 -10.08 13.98
C ALA A 105 -12.46 -9.55 13.20
N ASP A 106 -13.25 -8.66 13.84
CA ASP A 106 -14.39 -7.99 13.28
C ASP A 106 -14.07 -7.05 12.11
N ASP A 107 -12.94 -6.33 12.20
CA ASP A 107 -12.70 -5.15 11.41
C ASP A 107 -11.31 -5.27 10.76
N PRO A 108 -11.11 -5.66 9.51
CA PRO A 108 -9.77 -5.74 8.92
C PRO A 108 -9.14 -4.37 8.71
N CYS A 109 -9.95 -3.28 8.80
CA CYS A 109 -9.53 -1.92 8.52
C CYS A 109 -8.59 -1.41 9.60
N GLN A 110 -8.91 -1.65 10.90
CA GLN A 110 -8.02 -1.37 12.02
C GLN A 110 -6.75 -2.17 11.93
N THR A 111 -6.82 -3.48 11.62
CA THR A 111 -5.62 -4.30 11.41
C THR A 111 -4.72 -3.72 10.33
N MET A 112 -5.26 -3.31 9.16
CA MET A 112 -4.47 -2.70 8.11
C MET A 112 -3.88 -1.34 8.49
N LEU A 113 -4.70 -0.42 9.04
CA LEU A 113 -4.33 0.93 9.42
C LEU A 113 -3.34 0.97 10.55
N ASN A 114 -3.60 0.17 11.61
CA ASN A 114 -2.73 0.05 12.79
C ASN A 114 -1.39 -0.51 12.35
N LEU A 115 -1.39 -1.51 11.44
CA LEU A 115 -0.18 -2.03 10.85
C LEU A 115 0.57 -1.01 10.05
N ALA A 116 -0.16 -0.27 9.19
CA ALA A 116 0.41 0.67 8.24
C ALA A 116 1.12 1.79 8.96
N MET A 117 0.49 2.29 10.05
CA MET A 117 1.07 3.31 10.88
C MET A 117 2.24 2.76 11.72
N CYS A 118 2.26 1.44 12.10
CA CYS A 118 3.45 0.77 12.65
C CYS A 118 4.57 0.56 11.62
N PHE A 119 4.23 0.06 10.41
CA PHE A 119 5.17 -0.11 9.31
C PHE A 119 5.89 1.16 8.89
N LYS A 120 5.15 2.26 8.72
CA LYS A 120 5.66 3.56 8.42
C LYS A 120 6.56 4.09 9.52
N ALA A 121 6.27 3.70 10.77
CA ALA A 121 7.04 4.12 11.94
C ALA A 121 8.48 3.63 11.87
N GLU A 122 8.66 2.35 11.47
CA GLU A 122 9.93 1.72 11.26
C GLU A 122 10.71 2.27 10.06
N ILE A 123 10.11 2.48 8.86
CA ILE A 123 10.80 3.10 7.72
C ILE A 123 11.16 4.56 7.93
N HIS A 124 10.48 5.27 8.85
CA HIS A 124 10.85 6.60 9.31
C HIS A 124 12.21 6.60 10.00
N LYS A 125 12.53 5.54 10.78
CA LYS A 125 13.74 5.46 11.59
C LYS A 125 14.98 5.18 10.76
N LEU A 126 14.80 4.52 9.58
CA LEU A 126 15.81 4.03 8.68
C LEU A 126 16.60 5.09 7.95
N ASP A 127 17.86 4.70 7.62
CA ASP A 127 18.86 5.54 7.00
C ASP A 127 18.72 5.57 5.49
N TRP A 128 17.73 4.85 4.92
CA TRP A 128 17.43 4.85 3.49
C TRP A 128 15.95 5.09 3.36
N ALA A 129 15.49 5.63 2.21
CA ALA A 129 14.08 5.89 2.00
C ALA A 129 13.53 5.02 0.88
N PRO A 130 12.56 4.12 1.08
CA PRO A 130 11.67 3.67 0.01
C PRO A 130 10.76 4.82 -0.39
N THR A 131 10.39 4.90 -1.68
CA THR A 131 9.27 5.75 -2.12
C THR A 131 7.97 5.03 -1.83
N LEU A 132 6.83 5.74 -1.88
CA LEU A 132 5.54 5.21 -1.52
C LEU A 132 5.12 4.08 -2.42
N ASP A 133 5.55 4.08 -3.69
CA ASP A 133 5.23 3.02 -4.65
C ASP A 133 5.74 1.65 -4.19
N VAL A 134 6.97 1.59 -3.65
CA VAL A 134 7.60 0.41 -3.06
C VAL A 134 7.24 0.18 -1.61
N ALA A 135 7.23 1.23 -0.75
CA ALA A 135 6.91 1.11 0.65
C ALA A 135 5.50 0.66 0.89
N VAL A 136 4.49 1.26 0.20
CA VAL A 136 3.14 0.76 0.35
C VAL A 136 2.99 -0.43 -0.53
N GLY A 137 3.75 -0.50 -1.64
CA GLY A 137 3.59 -1.57 -2.60
C GLY A 137 3.88 -2.93 -2.06
N GLU A 138 4.94 -3.10 -1.25
CA GLU A 138 5.20 -4.37 -0.59
C GLU A 138 4.13 -4.76 0.42
N LEU A 139 3.56 -3.77 1.18
CA LEU A 139 2.42 -3.99 2.05
C LEU A 139 1.20 -4.40 1.33
N LEU A 140 0.86 -3.62 0.29
CA LEU A 140 -0.35 -3.89 -0.44
C LEU A 140 -0.23 -5.17 -1.26
N ALA A 141 0.94 -5.43 -1.88
CA ALA A 141 1.20 -6.67 -2.58
C ALA A 141 1.11 -7.89 -1.70
N ASP A 142 1.64 -7.86 -0.46
CA ASP A 142 1.57 -8.98 0.45
C ASP A 142 0.38 -8.85 1.41
N THR A 143 -0.76 -8.26 1.00
CA THR A 143 -1.92 -8.12 1.89
C THR A 143 -2.56 -9.47 2.32
N SER A 1 -15.58 11.13 -14.88
CA SER A 1 -15.42 11.90 -16.19
C SER A 1 -14.10 12.64 -16.34
N LYS A 2 -13.62 13.32 -15.27
CA LYS A 2 -12.39 14.09 -15.27
C LYS A 2 -11.15 13.23 -15.37
N GLU A 3 -11.17 12.02 -14.75
CA GLU A 3 -10.03 11.12 -14.66
C GLU A 3 -9.73 10.38 -15.93
N VAL A 4 -10.67 10.53 -16.86
CA VAL A 4 -10.57 10.10 -18.25
C VAL A 4 -9.53 10.91 -19.00
N MET A 5 -9.60 12.25 -18.79
CA MET A 5 -9.23 13.23 -19.78
C MET A 5 -7.76 13.27 -20.12
N LYS A 6 -6.89 13.14 -19.10
CA LYS A 6 -5.45 13.32 -19.24
C LYS A 6 -4.78 12.11 -19.88
N GLN A 7 -3.95 12.36 -20.93
CA GLN A 7 -3.25 11.35 -21.69
C GLN A 7 -2.24 10.53 -20.90
N MET A 8 -1.43 11.19 -20.04
CA MET A 8 -0.42 10.51 -19.25
C MET A 8 -0.99 10.18 -17.89
N THR A 9 -0.96 8.88 -17.51
CA THR A 9 -1.52 8.40 -16.26
C THR A 9 -0.71 7.19 -15.85
N ILE A 10 -1.02 6.60 -14.69
CA ILE A 10 -0.28 5.50 -14.10
C ILE A 10 -1.22 4.30 -13.94
N ASN A 11 -0.73 3.08 -14.24
CA ASN A 11 -1.52 1.85 -14.27
C ASN A 11 -2.09 1.45 -12.91
N PHE A 12 -1.51 1.99 -11.81
CA PHE A 12 -1.86 1.73 -10.42
C PHE A 12 -3.31 2.10 -10.13
N ALA A 13 -3.85 3.12 -10.83
CA ALA A 13 -5.26 3.48 -10.77
C ALA A 13 -6.26 2.44 -11.24
N LYS A 14 -5.88 1.53 -12.18
CA LYS A 14 -6.81 0.55 -12.72
C LYS A 14 -7.30 -0.45 -11.67
N PRO A 15 -6.51 -1.09 -10.80
CA PRO A 15 -7.04 -1.79 -9.64
C PRO A 15 -7.66 -0.90 -8.59
N MET A 16 -7.26 0.39 -8.44
CA MET A 16 -7.91 1.27 -7.49
C MET A 16 -9.37 1.57 -7.81
N GLU A 17 -9.70 1.84 -9.10
CA GLU A 17 -11.07 2.08 -9.52
C GLU A 17 -11.89 0.81 -9.49
N ALA A 18 -11.25 -0.35 -9.75
CA ALA A 18 -11.86 -1.65 -9.53
C ALA A 18 -12.19 -1.91 -8.07
N CYS A 19 -11.29 -1.61 -7.12
CA CYS A 19 -11.56 -1.74 -5.69
C CYS A 19 -12.73 -0.86 -5.30
N LYS A 20 -12.80 0.41 -5.75
CA LYS A 20 -13.85 1.31 -5.30
C LYS A 20 -15.25 0.79 -5.60
N GLN A 21 -15.46 0.25 -6.81
CA GLN A 21 -16.74 -0.36 -7.16
C GLN A 21 -16.95 -1.74 -6.57
N GLU A 22 -15.89 -2.57 -6.55
CA GLU A 22 -15.85 -3.96 -6.06
C GLU A 22 -16.22 -4.01 -4.62
N LEU A 23 -15.74 -3.00 -3.88
CA LEU A 23 -15.95 -2.96 -2.45
C LEU A 23 -17.26 -2.26 -2.14
N ASN A 24 -17.93 -1.68 -3.17
CA ASN A 24 -19.12 -0.88 -3.11
C ASN A 24 -18.98 0.36 -2.19
N VAL A 25 -17.86 1.10 -2.33
CA VAL A 25 -17.51 2.23 -1.49
C VAL A 25 -17.47 3.49 -2.32
N PRO A 26 -17.60 4.69 -1.78
CA PRO A 26 -17.51 5.92 -2.55
C PRO A 26 -16.09 6.28 -2.96
N ASP A 27 -15.99 7.25 -3.89
CA ASP A 27 -14.78 7.81 -4.46
C ASP A 27 -13.95 8.46 -3.36
N ALA A 28 -14.67 9.03 -2.37
CA ALA A 28 -14.18 9.67 -1.18
C ALA A 28 -13.28 8.80 -0.34
N VAL A 29 -13.49 7.47 -0.32
CA VAL A 29 -12.69 6.65 0.57
C VAL A 29 -11.55 5.96 -0.17
N MET A 30 -11.67 5.69 -1.49
CA MET A 30 -10.51 5.26 -2.27
C MET A 30 -9.45 6.34 -2.38
N GLN A 31 -9.88 7.63 -2.43
CA GLN A 31 -8.97 8.76 -2.48
C GLN A 31 -8.28 8.97 -1.14
N ASP A 32 -8.90 8.47 -0.06
CA ASP A 32 -8.42 8.61 1.30
C ASP A 32 -7.15 7.78 1.50
N PHE A 33 -7.02 6.62 0.82
CA PHE A 33 -5.79 5.84 0.80
C PHE A 33 -4.60 6.59 0.22
N PHE A 34 -4.72 7.25 -0.94
CA PHE A 34 -3.57 7.94 -1.49
C PHE A 34 -3.17 9.18 -0.75
N ASN A 35 -4.18 9.83 -0.15
CA ASN A 35 -4.03 10.93 0.76
C ASN A 35 -3.39 10.56 2.10
N PHE A 36 -3.12 9.26 2.38
CA PHE A 36 -2.34 8.79 3.50
C PHE A 36 -0.94 9.39 3.44
N TRP A 37 -0.35 9.42 2.22
CA TRP A 37 1.05 9.72 2.01
C TRP A 37 1.32 11.21 2.08
N LYS A 38 0.24 12.04 2.08
CA LYS A 38 0.31 13.48 2.23
C LYS A 38 0.88 13.90 3.59
N GLU A 39 1.88 14.81 3.63
CA GLU A 39 2.45 15.23 4.89
C GLU A 39 1.48 16.02 5.75
N GLY A 40 1.43 15.66 7.06
CA GLY A 40 0.49 16.23 8.00
C GLY A 40 -0.81 15.47 8.08
N TYR A 41 -1.08 14.55 7.12
CA TYR A 41 -2.34 13.81 7.11
C TYR A 41 -2.26 12.56 7.94
N GLN A 42 -3.31 12.34 8.78
CA GLN A 42 -3.57 11.08 9.38
C GLN A 42 -4.88 10.56 8.83
N ILE A 43 -4.82 9.36 8.26
CA ILE A 43 -5.99 8.64 7.78
C ILE A 43 -6.40 7.63 8.83
N THR A 44 -7.66 7.73 9.28
CA THR A 44 -8.18 6.98 10.42
C THR A 44 -9.41 6.17 10.05
N ASN A 45 -9.84 6.23 8.77
CA ASN A 45 -11.12 5.72 8.32
C ASN A 45 -11.07 4.26 7.94
N ARG A 46 -12.06 3.47 8.40
CA ARG A 46 -12.14 2.03 8.28
C ARG A 46 -12.15 1.53 6.85
N GLU A 47 -12.75 2.33 5.94
CA GLU A 47 -12.69 2.15 4.51
C GLU A 47 -11.33 2.25 3.91
N ALA A 48 -10.42 3.08 4.48
CA ALA A 48 -9.07 3.19 3.94
C ALA A 48 -8.38 1.83 3.97
N GLY A 49 -8.56 1.09 5.07
CA GLY A 49 -8.05 -0.25 5.25
C GLY A 49 -8.61 -1.24 4.28
N CYS A 50 -9.92 -1.14 4.01
CA CYS A 50 -10.64 -2.00 3.11
C CYS A 50 -10.16 -1.84 1.67
N VAL A 51 -9.90 -0.59 1.22
CA VAL A 51 -9.26 -0.38 -0.08
C VAL A 51 -7.83 -0.88 -0.10
N ILE A 52 -7.04 -0.65 0.96
CA ILE A 52 -5.63 -1.01 1.01
C ILE A 52 -5.38 -2.49 0.81
N LEU A 53 -6.15 -3.35 1.49
CA LEU A 53 -6.06 -4.78 1.34
C LEU A 53 -6.49 -5.29 -0.01
N CYS A 54 -7.43 -4.58 -0.65
CA CYS A 54 -7.91 -4.82 -2.00
C CYS A 54 -6.80 -4.68 -3.02
N LEU A 55 -5.89 -3.66 -2.96
CA LEU A 55 -4.80 -3.57 -3.89
C LEU A 55 -3.87 -4.74 -3.86
N ALA A 56 -3.59 -5.29 -2.67
CA ALA A 56 -2.64 -6.34 -2.46
C ALA A 56 -2.90 -7.62 -3.24
N LYS A 57 -4.19 -7.98 -3.36
CA LYS A 57 -4.60 -9.02 -4.28
C LYS A 57 -4.44 -8.61 -5.75
N LYS A 58 -4.83 -7.35 -6.08
CA LYS A 58 -4.96 -6.86 -7.43
C LYS A 58 -3.69 -6.20 -7.96
N LEU A 59 -2.53 -6.84 -7.73
CA LEU A 59 -1.22 -6.37 -8.19
C LEU A 59 -0.93 -6.93 -9.55
N GLU A 60 -1.60 -8.04 -9.84
CA GLU A 60 -1.59 -8.71 -11.13
C GLU A 60 -2.21 -7.86 -12.23
N LEU A 61 -2.96 -6.81 -11.82
CA LEU A 61 -3.55 -5.78 -12.65
C LEU A 61 -2.50 -4.79 -13.16
N LEU A 62 -1.39 -4.67 -12.40
CA LEU A 62 -0.32 -3.71 -12.56
C LEU A 62 0.57 -4.09 -13.73
N ASP A 63 1.36 -3.11 -14.21
CA ASP A 63 2.19 -3.30 -15.38
C ASP A 63 3.44 -4.13 -15.10
N GLN A 64 3.83 -4.99 -16.06
CA GLN A 64 5.02 -5.83 -15.95
C GLN A 64 6.32 -5.05 -15.84
N ASP A 65 6.39 -3.83 -16.43
CA ASP A 65 7.56 -2.97 -16.40
C ASP A 65 8.01 -2.61 -14.98
N MET A 66 7.07 -2.41 -14.02
CA MET A 66 7.44 -2.15 -12.64
C MET A 66 7.79 -3.41 -11.87
N ASN A 67 7.49 -4.60 -12.45
CA ASN A 67 7.73 -5.94 -11.92
C ASN A 67 7.02 -6.30 -10.63
N LEU A 68 5.86 -5.67 -10.29
CA LEU A 68 5.17 -6.05 -9.07
C LEU A 68 4.32 -7.29 -9.27
N HIS A 69 4.58 -8.34 -8.47
CA HIS A 69 3.67 -9.46 -8.40
C HIS A 69 3.66 -9.89 -6.96
N HIS A 70 2.57 -10.53 -6.51
CA HIS A 70 2.43 -10.87 -5.11
C HIS A 70 3.35 -12.01 -4.69
N GLY A 71 3.92 -11.84 -3.48
CA GLY A 71 4.78 -12.84 -2.85
C GLY A 71 6.26 -12.69 -3.11
N LYS A 72 6.67 -11.89 -4.13
CA LYS A 72 8.05 -11.76 -4.57
C LYS A 72 8.53 -10.35 -4.32
N ALA A 73 8.23 -9.81 -3.11
CA ALA A 73 8.60 -8.47 -2.69
C ALA A 73 10.07 -8.24 -2.70
N MET A 74 10.90 -9.18 -2.22
CA MET A 74 12.33 -8.95 -2.13
C MET A 74 12.97 -8.69 -3.50
N GLU A 75 12.54 -9.47 -4.52
CA GLU A 75 13.00 -9.29 -5.90
C GLU A 75 12.51 -8.00 -6.53
N PHE A 76 11.21 -7.68 -6.34
CA PHE A 76 10.56 -6.44 -6.74
C PHE A 76 11.17 -5.21 -6.09
N ALA A 77 11.34 -5.24 -4.76
CA ALA A 77 11.81 -4.13 -3.98
C ALA A 77 13.20 -3.69 -4.37
N MET A 78 14.11 -4.66 -4.63
CA MET A 78 15.44 -4.41 -5.14
C MET A 78 15.47 -3.78 -6.53
N LYS A 79 14.53 -4.15 -7.44
CA LYS A 79 14.35 -3.48 -8.73
C LYS A 79 13.98 -1.99 -8.58
N HIS A 80 13.32 -1.62 -7.47
CA HIS A 80 12.93 -0.27 -7.12
C HIS A 80 13.94 0.48 -6.27
N GLY A 81 15.18 -0.03 -6.14
CA GLY A 81 16.27 0.73 -5.57
C GLY A 81 16.50 0.49 -4.11
N ALA A 82 15.69 -0.39 -3.47
CA ALA A 82 16.04 -0.91 -2.16
C ALA A 82 17.28 -1.82 -2.23
N ASP A 83 18.19 -1.76 -1.23
CA ASP A 83 19.23 -2.77 -1.11
C ASP A 83 18.64 -4.00 -0.43
N GLU A 84 19.35 -5.14 -0.44
CA GLU A 84 18.79 -6.41 0.04
C GLU A 84 18.47 -6.38 1.52
N ALA A 85 19.31 -5.67 2.30
CA ALA A 85 19.16 -5.38 3.71
C ALA A 85 17.96 -4.49 3.99
N MET A 86 17.79 -3.42 3.16
CA MET A 86 16.69 -2.50 3.28
C MET A 86 15.37 -3.14 2.87
N ALA A 87 15.39 -4.00 1.85
CA ALA A 87 14.24 -4.76 1.41
C ALA A 87 13.69 -5.69 2.49
N LYS A 88 14.57 -6.46 3.17
CA LYS A 88 14.18 -7.31 4.28
C LYS A 88 13.77 -6.52 5.49
N GLN A 89 14.30 -5.29 5.67
CA GLN A 89 13.83 -4.34 6.66
C GLN A 89 12.39 -3.91 6.51
N LEU A 90 11.85 -3.62 5.29
CA LEU A 90 10.47 -3.29 5.13
C LEU A 90 9.56 -4.44 5.53
N LEU A 91 9.92 -5.67 5.14
CA LEU A 91 9.23 -6.88 5.56
C LEU A 91 9.35 -7.10 7.08
N ASP A 92 10.54 -6.85 7.69
CA ASP A 92 10.77 -6.91 9.13
C ASP A 92 9.95 -5.88 9.90
N ILE A 93 9.84 -4.61 9.42
CA ILE A 93 9.00 -3.56 10.02
C ILE A 93 7.56 -4.00 10.04
N LYS A 94 7.06 -4.55 8.92
CA LYS A 94 5.68 -4.98 8.81
C LYS A 94 5.33 -6.01 9.84
N HIS A 95 6.06 -7.12 9.87
CA HIS A 95 5.76 -8.24 10.72
C HIS A 95 6.00 -7.89 12.18
N SER A 96 6.95 -6.96 12.45
CA SER A 96 7.17 -6.41 13.79
C SER A 96 6.00 -5.58 14.27
N CYS A 97 5.45 -4.73 13.38
CA CYS A 97 4.27 -3.93 13.61
C CYS A 97 3.00 -4.73 13.78
N GLU A 98 2.86 -5.90 13.11
CA GLU A 98 1.66 -6.73 13.13
C GLU A 98 1.34 -7.21 14.54
N LYS A 99 2.41 -7.36 15.35
CA LYS A 99 2.42 -7.81 16.71
C LYS A 99 1.82 -6.76 17.62
N VAL A 100 2.17 -5.48 17.35
CA VAL A 100 1.96 -4.39 18.27
C VAL A 100 0.66 -3.67 17.99
N ILE A 101 0.21 -3.69 16.72
CA ILE A 101 -1.07 -3.15 16.31
C ILE A 101 -2.25 -4.00 16.75
N THR A 102 -3.45 -3.38 16.85
CA THR A 102 -4.69 -4.14 16.91
C THR A 102 -5.00 -4.82 15.60
N ILE A 103 -5.18 -6.15 15.69
CA ILE A 103 -5.60 -7.07 14.68
C ILE A 103 -7.01 -7.37 15.05
N VAL A 104 -7.91 -7.30 14.08
CA VAL A 104 -9.29 -7.57 14.33
C VAL A 104 -9.63 -8.83 13.57
N ALA A 105 -10.21 -9.80 14.27
CA ALA A 105 -10.75 -11.01 13.70
C ALA A 105 -11.92 -10.81 12.76
N ASP A 106 -12.85 -9.93 13.19
CA ASP A 106 -14.00 -9.47 12.43
C ASP A 106 -13.61 -8.67 11.19
N ASP A 107 -12.55 -7.83 11.30
CA ASP A 107 -12.36 -6.75 10.36
C ASP A 107 -10.92 -6.72 9.83
N PRO A 108 -10.55 -7.24 8.68
CA PRO A 108 -9.18 -7.17 8.18
C PRO A 108 -8.76 -5.75 7.80
N CYS A 109 -9.72 -4.81 7.66
CA CYS A 109 -9.50 -3.45 7.24
C CYS A 109 -8.71 -2.67 8.28
N GLN A 110 -9.10 -2.80 9.58
CA GLN A 110 -8.33 -2.31 10.72
C GLN A 110 -6.97 -2.96 10.80
N THR A 111 -6.87 -4.30 10.65
CA THR A 111 -5.57 -4.98 10.67
C THR A 111 -4.60 -4.44 9.62
N MET A 112 -5.01 -4.23 8.34
CA MET A 112 -4.19 -3.52 7.39
C MET A 112 -3.95 -2.04 7.63
N LEU A 113 -4.97 -1.23 7.94
CA LEU A 113 -4.81 0.21 8.17
C LEU A 113 -3.98 0.52 9.40
N ASN A 114 -4.24 -0.18 10.52
CA ASN A 114 -3.50 -0.03 11.77
C ASN A 114 -2.05 -0.42 11.55
N LEU A 115 -1.81 -1.51 10.78
CA LEU A 115 -0.48 -1.92 10.40
C LEU A 115 0.21 -0.92 9.53
N ALA A 116 -0.50 -0.41 8.51
CA ALA A 116 0.04 0.49 7.51
C ALA A 116 0.47 1.79 8.12
N MET A 117 -0.37 2.31 9.05
CA MET A 117 -0.04 3.50 9.79
C MET A 117 1.15 3.24 10.76
N CYS A 118 1.33 2.01 11.32
CA CYS A 118 2.54 1.61 12.07
C CYS A 118 3.78 1.43 11.19
N PHE A 119 3.64 0.72 10.04
CA PHE A 119 4.69 0.54 9.06
C PHE A 119 5.29 1.81 8.51
N LYS A 120 4.44 2.77 8.10
CA LYS A 120 4.87 4.05 7.62
C LYS A 120 5.57 4.86 8.69
N ALA A 121 5.18 4.64 9.97
CA ALA A 121 5.75 5.31 11.11
C ALA A 121 7.24 5.04 11.26
N GLU A 122 7.61 3.76 11.08
CA GLU A 122 8.98 3.27 11.07
C GLU A 122 9.82 3.75 9.89
N ILE A 123 9.36 3.72 8.61
CA ILE A 123 10.09 4.31 7.49
C ILE A 123 10.21 5.82 7.51
N HIS A 124 9.32 6.53 8.24
CA HIS A 124 9.47 7.95 8.54
C HIS A 124 10.71 8.23 9.38
N LYS A 125 11.06 7.33 10.34
CA LYS A 125 12.15 7.55 11.28
C LYS A 125 13.52 7.32 10.66
N LEU A 126 13.57 6.49 9.59
CA LEU A 126 14.75 6.03 8.88
C LEU A 126 15.50 7.11 8.10
N ASP A 127 16.82 6.88 7.94
CA ASP A 127 17.75 7.80 7.30
C ASP A 127 17.76 7.62 5.78
N TRP A 128 16.96 6.69 5.24
CA TRP A 128 16.83 6.45 3.81
C TRP A 128 15.35 6.41 3.50
N ALA A 129 14.95 6.71 2.26
CA ALA A 129 13.56 6.71 1.87
C ALA A 129 13.28 5.61 0.84
N PRO A 130 12.43 4.61 1.08
CA PRO A 130 11.75 3.86 0.03
C PRO A 130 10.73 4.77 -0.64
N THR A 131 10.42 4.53 -1.94
CA THR A 131 9.35 5.24 -2.63
C THR A 131 8.08 4.51 -2.27
N LEU A 132 6.89 5.09 -2.58
CA LEU A 132 5.63 4.44 -2.27
C LEU A 132 5.46 3.13 -3.04
N ASP A 133 6.03 3.00 -4.26
CA ASP A 133 5.97 1.79 -5.07
C ASP A 133 6.62 0.60 -4.37
N VAL A 134 7.76 0.81 -3.69
CA VAL A 134 8.52 -0.19 -2.94
C VAL A 134 8.04 -0.32 -1.51
N ALA A 135 7.79 0.81 -0.81
CA ALA A 135 7.31 0.78 0.56
C ALA A 135 5.95 0.17 0.69
N VAL A 136 4.96 0.54 -0.16
CA VAL A 136 3.69 -0.14 -0.09
C VAL A 136 3.80 -1.44 -0.82
N GLY A 137 4.70 -1.53 -1.83
CA GLY A 137 4.81 -2.73 -2.64
C GLY A 137 5.21 -3.95 -1.87
N GLU A 138 6.18 -3.85 -0.94
CA GLU A 138 6.53 -4.98 -0.09
C GLU A 138 5.41 -5.39 0.86
N LEU A 139 4.62 -4.42 1.41
CA LEU A 139 3.43 -4.69 2.19
C LEU A 139 2.37 -5.39 1.41
N LEU A 140 2.03 -4.79 0.25
CA LEU A 140 0.99 -5.36 -0.55
C LEU A 140 1.37 -6.69 -1.18
N ALA A 141 2.63 -6.85 -1.66
CA ALA A 141 3.14 -8.10 -2.17
C ALA A 141 3.12 -9.21 -1.13
N ASP A 142 3.50 -8.94 0.14
CA ASP A 142 3.51 -9.93 1.19
C ASP A 142 2.23 -9.87 2.03
N THR A 143 1.04 -9.55 1.44
CA THR A 143 -0.22 -9.50 2.20
C THR A 143 -0.65 -10.88 2.79
N SER A 1 -8.02 0.70 -32.41
CA SER A 1 -8.56 0.76 -30.99
C SER A 1 -7.59 1.31 -29.95
N LYS A 2 -6.29 0.94 -30.02
CA LYS A 2 -5.33 1.16 -28.96
C LYS A 2 -4.72 2.52 -29.09
N GLU A 3 -4.97 3.36 -28.05
CA GLU A 3 -4.63 4.75 -27.87
C GLU A 3 -5.20 5.65 -28.95
N VAL A 4 -6.30 5.19 -29.59
CA VAL A 4 -6.97 5.91 -30.66
C VAL A 4 -8.10 6.72 -30.08
N MET A 5 -8.94 6.03 -29.26
CA MET A 5 -10.33 6.38 -29.10
C MET A 5 -10.43 7.62 -28.23
N LYS A 6 -9.54 7.65 -27.23
CA LYS A 6 -9.39 8.67 -26.24
C LYS A 6 -7.93 8.57 -25.86
N GLN A 7 -7.40 9.53 -25.08
CA GLN A 7 -6.02 9.48 -24.64
C GLN A 7 -6.00 9.08 -23.18
N MET A 8 -5.32 7.95 -22.87
CA MET A 8 -5.20 7.43 -21.53
C MET A 8 -4.00 6.52 -21.52
N THR A 9 -3.48 6.19 -20.32
CA THR A 9 -2.51 5.11 -20.18
C THR A 9 -2.84 4.45 -18.85
N ILE A 10 -2.52 3.15 -18.70
CA ILE A 10 -2.80 2.37 -17.51
C ILE A 10 -1.86 2.73 -16.36
N ASN A 11 -2.42 2.89 -15.14
CA ASN A 11 -1.69 3.38 -14.00
C ASN A 11 -2.39 2.89 -12.74
N PHE A 12 -1.92 3.33 -11.55
CA PHE A 12 -2.42 2.93 -10.25
C PHE A 12 -3.85 3.36 -9.92
N ALA A 13 -4.44 4.33 -10.66
CA ALA A 13 -5.78 4.83 -10.42
C ALA A 13 -6.91 3.84 -10.60
N LYS A 14 -6.80 2.84 -11.52
CA LYS A 14 -7.90 1.94 -11.82
C LYS A 14 -8.32 1.06 -10.64
N PRO A 15 -7.48 0.39 -9.84
CA PRO A 15 -7.92 -0.16 -8.56
C PRO A 15 -8.22 0.90 -7.53
N MET A 16 -7.60 2.10 -7.57
CA MET A 16 -7.75 3.08 -6.52
C MET A 16 -9.16 3.70 -6.53
N GLU A 17 -9.69 4.03 -7.73
CA GLU A 17 -11.05 4.53 -7.92
C GLU A 17 -12.08 3.45 -7.66
N ALA A 18 -11.75 2.18 -7.98
CA ALA A 18 -12.56 1.02 -7.67
C ALA A 18 -12.74 0.85 -6.17
N CYS A 19 -11.66 0.99 -5.39
CA CYS A 19 -11.66 0.95 -3.93
C CYS A 19 -12.30 2.16 -3.26
N LYS A 20 -12.79 3.17 -4.01
CA LYS A 20 -13.68 4.15 -3.44
C LYS A 20 -15.15 3.70 -3.59
N GLN A 21 -15.55 3.26 -4.80
CA GLN A 21 -16.93 2.90 -5.09
C GLN A 21 -17.35 1.52 -4.60
N GLU A 22 -16.42 0.53 -4.67
CA GLU A 22 -16.56 -0.87 -4.28
C GLU A 22 -16.91 -0.98 -2.83
N LEU A 23 -16.29 -0.08 -2.06
CA LEU A 23 -16.40 -0.08 -0.62
C LEU A 23 -17.62 0.73 -0.21
N ASN A 24 -18.25 1.42 -1.19
CA ASN A 24 -19.37 2.33 -1.07
C ASN A 24 -19.09 3.51 -0.13
N VAL A 25 -17.90 4.14 -0.27
CA VAL A 25 -17.41 5.18 0.62
C VAL A 25 -17.26 6.50 -0.12
N PRO A 26 -17.20 7.64 0.56
CA PRO A 26 -16.87 8.91 -0.07
C PRO A 26 -15.42 9.02 -0.46
N ASP A 27 -15.15 10.01 -1.34
CA ASP A 27 -13.88 10.39 -1.92
C ASP A 27 -12.94 10.89 -0.84
N ALA A 28 -13.54 11.41 0.26
CA ALA A 28 -12.87 11.84 1.45
C ALA A 28 -12.06 10.74 2.12
N VAL A 29 -12.57 9.48 2.14
CA VAL A 29 -11.85 8.45 2.84
C VAL A 29 -10.71 7.85 2.03
N MET A 30 -10.85 7.72 0.68
CA MET A 30 -9.76 7.19 -0.14
C MET A 30 -8.57 8.15 -0.18
N GLN A 31 -8.85 9.47 -0.12
CA GLN A 31 -7.84 10.51 -0.11
C GLN A 31 -7.13 10.61 1.21
N ASP A 32 -7.72 10.03 2.28
CA ASP A 32 -7.05 9.87 3.56
C ASP A 32 -5.77 9.02 3.45
N PHE A 33 -5.77 7.96 2.61
CA PHE A 33 -4.56 7.22 2.26
C PHE A 33 -3.48 8.05 1.56
N PHE A 34 -3.85 8.95 0.64
CA PHE A 34 -2.89 9.88 0.04
C PHE A 34 -2.28 10.87 1.03
N ASN A 35 -3.11 11.44 1.93
CA ASN A 35 -2.74 12.31 3.05
C ASN A 35 -1.91 11.61 4.13
N PHE A 36 -2.03 10.28 4.25
CA PHE A 36 -1.35 9.41 5.21
C PHE A 36 0.16 9.56 5.13
N TRP A 37 0.70 9.66 3.90
CA TRP A 37 2.13 9.70 3.66
C TRP A 37 2.71 11.08 3.92
N LYS A 38 1.86 12.11 4.13
CA LYS A 38 2.31 13.46 4.47
C LYS A 38 3.02 13.50 5.82
N GLU A 39 4.22 14.13 5.89
CA GLU A 39 4.96 14.25 7.14
C GLU A 39 4.25 15.15 8.13
N GLY A 40 4.08 14.67 9.39
CA GLY A 40 3.37 15.38 10.43
C GLY A 40 1.90 15.03 10.52
N TYR A 41 1.33 14.31 9.52
CA TYR A 41 -0.07 13.94 9.53
C TYR A 41 -0.33 12.64 10.27
N GLN A 42 -1.38 12.65 11.11
CA GLN A 42 -1.92 11.46 11.70
C GLN A 42 -3.30 11.21 11.11
N ILE A 43 -3.45 10.05 10.45
CA ILE A 43 -4.70 9.53 9.95
C ILE A 43 -5.18 8.46 10.89
N THR A 44 -6.42 8.64 11.42
CA THR A 44 -7.01 7.82 12.46
C THR A 44 -8.38 7.33 12.01
N ASN A 45 -8.71 7.51 10.72
CA ASN A 45 -10.00 7.16 10.16
C ASN A 45 -9.98 5.72 9.75
N ARG A 46 -10.96 4.95 10.24
CA ARG A 46 -11.08 3.51 10.10
C ARG A 46 -11.13 3.07 8.64
N GLU A 47 -11.75 3.87 7.76
CA GLU A 47 -11.73 3.67 6.35
C GLU A 47 -10.45 3.85 5.64
N ALA A 48 -9.49 4.64 6.18
CA ALA A 48 -8.16 4.70 5.59
C ALA A 48 -7.59 3.29 5.50
N GLY A 49 -7.85 2.49 6.54
CA GLY A 49 -7.61 1.07 6.56
C GLY A 49 -8.40 0.28 5.56
N CYS A 50 -9.71 0.57 5.39
CA CYS A 50 -10.53 -0.18 4.46
C CYS A 50 -10.12 0.05 3.03
N VAL A 51 -9.74 1.29 2.65
CA VAL A 51 -9.17 1.52 1.33
C VAL A 51 -7.85 0.81 1.16
N ILE A 52 -6.95 0.83 2.16
CA ILE A 52 -5.60 0.28 2.06
C ILE A 52 -5.60 -1.20 1.74
N LEU A 53 -6.43 -1.98 2.45
CA LEU A 53 -6.54 -3.40 2.25
C LEU A 53 -7.15 -3.81 0.93
N CYS A 54 -8.01 -2.92 0.40
CA CYS A 54 -8.61 -3.03 -0.91
C CYS A 54 -7.57 -2.97 -2.02
N LEU A 55 -6.56 -2.05 -2.00
CA LEU A 55 -5.54 -2.08 -3.01
C LEU A 55 -4.72 -3.33 -2.99
N ALA A 56 -4.42 -3.84 -1.80
CA ALA A 56 -3.54 -4.96 -1.56
C ALA A 56 -3.94 -6.25 -2.25
N LYS A 57 -5.27 -6.49 -2.33
CA LYS A 57 -5.82 -7.52 -3.18
C LYS A 57 -5.76 -7.15 -4.67
N LYS A 58 -6.08 -5.87 -4.99
CA LYS A 58 -6.30 -5.41 -6.35
C LYS A 58 -5.04 -4.86 -7.01
N LEU A 59 -3.93 -5.63 -6.93
CA LEU A 59 -2.65 -5.30 -7.57
C LEU A 59 -2.58 -5.98 -8.90
N GLU A 60 -3.55 -6.87 -9.10
CA GLU A 60 -3.82 -7.66 -10.29
C GLU A 60 -4.17 -6.74 -11.44
N LEU A 61 -4.82 -5.63 -11.03
CA LEU A 61 -5.34 -4.55 -11.82
C LEU A 61 -4.22 -3.71 -12.44
N LEU A 62 -3.06 -3.69 -11.76
CA LEU A 62 -1.87 -2.91 -12.06
C LEU A 62 -1.16 -3.42 -13.29
N ASP A 63 -0.34 -2.56 -13.91
CA ASP A 63 0.31 -2.89 -15.16
C ASP A 63 1.56 -3.73 -14.90
N GLN A 64 1.90 -4.62 -15.85
CA GLN A 64 3.08 -5.46 -15.78
C GLN A 64 4.40 -4.68 -15.76
N ASP A 65 4.48 -3.49 -16.42
CA ASP A 65 5.68 -2.68 -16.47
C ASP A 65 6.19 -2.21 -15.11
N MET A 66 5.32 -2.02 -14.10
CA MET A 66 5.79 -1.66 -12.76
C MET A 66 6.19 -2.87 -11.94
N ASN A 67 5.94 -4.09 -12.48
CA ASN A 67 6.25 -5.41 -11.94
C ASN A 67 5.51 -5.80 -10.67
N LEU A 68 4.39 -5.12 -10.27
CA LEU A 68 3.75 -5.45 -9.01
C LEU A 68 2.79 -6.59 -9.18
N HIS A 69 2.99 -7.67 -8.40
CA HIS A 69 1.99 -8.69 -8.24
C HIS A 69 2.03 -9.11 -6.80
N HIS A 70 0.88 -9.56 -6.27
CA HIS A 70 0.71 -9.93 -4.88
C HIS A 70 1.56 -11.15 -4.53
N GLY A 71 2.29 -11.06 -3.39
CA GLY A 71 3.20 -12.10 -2.92
C GLY A 71 4.60 -11.99 -3.44
N LYS A 72 4.84 -11.18 -4.49
CA LYS A 72 6.06 -11.15 -5.26
C LYS A 72 6.95 -9.99 -4.86
N ALA A 73 6.77 -9.49 -3.61
CA ALA A 73 7.40 -8.30 -3.09
C ALA A 73 8.89 -8.31 -3.14
N MET A 74 9.54 -9.45 -2.81
CA MET A 74 11.00 -9.51 -2.80
C MET A 74 11.60 -9.22 -4.17
N GLU A 75 10.97 -9.73 -5.25
CA GLU A 75 11.39 -9.48 -6.62
C GLU A 75 11.02 -8.09 -7.11
N PHE A 76 9.78 -7.65 -6.81
CA PHE A 76 9.22 -6.33 -7.11
C PHE A 76 9.98 -5.21 -6.45
N ALA A 77 10.30 -5.33 -5.15
CA ALA A 77 10.97 -4.32 -4.39
C ALA A 77 12.35 -3.97 -4.93
N MET A 78 13.11 -5.02 -5.34
CA MET A 78 14.41 -4.88 -5.97
C MET A 78 14.35 -4.17 -7.31
N LYS A 79 13.29 -4.40 -8.13
CA LYS A 79 13.06 -3.66 -9.37
C LYS A 79 12.86 -2.15 -9.14
N HIS A 80 12.34 -1.77 -7.95
CA HIS A 80 12.11 -0.41 -7.52
C HIS A 80 13.23 0.21 -6.72
N GLY A 81 14.42 -0.41 -6.70
CA GLY A 81 15.61 0.23 -6.17
C GLY A 81 15.90 -0.08 -4.73
N ALA A 82 15.07 -0.92 -4.08
CA ALA A 82 15.48 -1.54 -2.83
C ALA A 82 16.62 -2.52 -3.05
N ASP A 83 17.62 -2.59 -2.14
CA ASP A 83 18.61 -3.65 -2.19
C ASP A 83 18.02 -4.89 -1.51
N GLU A 84 18.71 -6.05 -1.60
CA GLU A 84 18.14 -7.31 -1.14
C GLU A 84 17.92 -7.35 0.36
N ALA A 85 18.79 -6.64 1.11
CA ALA A 85 18.70 -6.43 2.54
C ALA A 85 17.52 -5.55 2.92
N MET A 86 17.33 -4.43 2.19
CA MET A 86 16.25 -3.50 2.31
C MET A 86 14.90 -4.09 1.97
N ALA A 87 14.86 -4.92 0.90
CA ALA A 87 13.66 -5.60 0.47
C ALA A 87 13.10 -6.54 1.52
N LYS A 88 13.95 -7.37 2.15
CA LYS A 88 13.54 -8.24 3.24
C LYS A 88 13.30 -7.46 4.52
N GLN A 89 13.96 -6.30 4.70
CA GLN A 89 13.68 -5.37 5.78
C GLN A 89 12.29 -4.78 5.78
N LEU A 90 11.69 -4.36 4.64
CA LEU A 90 10.34 -3.89 4.65
C LEU A 90 9.34 -4.96 5.07
N LEU A 91 9.55 -6.20 4.58
CA LEU A 91 8.78 -7.36 5.01
C LEU A 91 9.03 -7.69 6.49
N ASP A 92 10.29 -7.59 6.98
CA ASP A 92 10.67 -7.77 8.37
C ASP A 92 10.07 -6.72 9.32
N ILE A 93 10.03 -5.43 8.91
CA ILE A 93 9.38 -4.37 9.66
C ILE A 93 7.93 -4.68 9.87
N LYS A 94 7.19 -5.13 8.82
CA LYS A 94 5.75 -5.24 8.98
C LYS A 94 5.45 -6.31 9.98
N HIS A 95 6.14 -7.46 9.86
CA HIS A 95 5.83 -8.65 10.64
C HIS A 95 6.09 -8.35 12.11
N SER A 96 7.13 -7.51 12.29
CA SER A 96 7.56 -7.00 13.59
C SER A 96 6.54 -6.08 14.20
N CYS A 97 5.92 -5.25 13.35
CA CYS A 97 4.78 -4.46 13.70
C CYS A 97 3.51 -5.26 13.91
N GLU A 98 3.26 -6.35 13.12
CA GLU A 98 1.99 -7.08 13.14
C GLU A 98 1.68 -7.66 14.51
N LYS A 99 2.75 -8.04 15.22
CA LYS A 99 2.68 -8.69 16.51
C LYS A 99 2.49 -7.68 17.64
N VAL A 100 2.83 -6.38 17.42
CA VAL A 100 2.74 -5.36 18.44
C VAL A 100 1.49 -4.53 18.28
N ILE A 101 1.03 -4.33 17.03
CA ILE A 101 -0.20 -3.60 16.76
C ILE A 101 -1.46 -4.33 17.17
N THR A 102 -2.54 -3.55 17.45
CA THR A 102 -3.88 -4.11 17.56
C THR A 102 -4.40 -4.64 16.25
N ILE A 103 -4.82 -5.91 16.29
CA ILE A 103 -5.41 -6.70 15.26
C ILE A 103 -6.81 -6.87 15.73
N VAL A 104 -7.76 -6.64 14.83
CA VAL A 104 -9.14 -6.79 15.16
C VAL A 104 -9.65 -7.92 14.31
N ALA A 105 -10.29 -8.91 14.93
CA ALA A 105 -10.99 -9.97 14.26
C ALA A 105 -12.18 -9.51 13.42
N ASP A 106 -13.00 -8.62 14.00
CA ASP A 106 -14.14 -7.99 13.36
C ASP A 106 -13.78 -7.06 12.22
N ASP A 107 -12.65 -6.31 12.34
CA ASP A 107 -12.39 -5.16 11.51
C ASP A 107 -10.99 -5.29 10.90
N PRO A 108 -10.75 -5.84 9.72
CA PRO A 108 -9.41 -5.95 9.15
C PRO A 108 -8.82 -4.60 8.77
N CYS A 109 -9.64 -3.53 8.74
CA CYS A 109 -9.25 -2.19 8.34
C CYS A 109 -8.30 -1.60 9.37
N GLN A 110 -8.61 -1.76 10.68
CA GLN A 110 -7.75 -1.37 11.78
C GLN A 110 -6.46 -2.15 11.77
N THR A 111 -6.53 -3.48 11.55
CA THR A 111 -5.33 -4.31 11.44
C THR A 111 -4.36 -3.81 10.36
N MET A 112 -4.84 -3.50 9.12
CA MET A 112 -4.00 -2.85 8.13
C MET A 112 -3.56 -1.42 8.44
N LEU A 113 -4.45 -0.52 8.89
CA LEU A 113 -4.11 0.87 9.20
C LEU A 113 -3.15 0.99 10.36
N ASN A 114 -3.39 0.24 11.46
CA ASN A 114 -2.53 0.22 12.64
C ASN A 114 -1.16 -0.31 12.27
N LEU A 115 -1.12 -1.38 11.43
CA LEU A 115 0.13 -1.92 10.92
C LEU A 115 0.87 -0.94 10.08
N ALA A 116 0.15 -0.29 9.16
CA ALA A 116 0.70 0.61 8.15
C ALA A 116 1.34 1.80 8.81
N MET A 117 0.67 2.34 9.86
CA MET A 117 1.18 3.47 10.58
C MET A 117 2.34 3.05 11.50
N CYS A 118 2.39 1.78 11.99
CA CYS A 118 3.60 1.22 12.64
C CYS A 118 4.74 0.95 11.66
N PHE A 119 4.46 0.34 10.48
CA PHE A 119 5.43 0.16 9.41
C PHE A 119 6.09 1.42 8.92
N LYS A 120 5.28 2.48 8.66
CA LYS A 120 5.77 3.76 8.23
C LYS A 120 6.67 4.38 9.28
N ALA A 121 6.37 4.09 10.56
CA ALA A 121 7.09 4.63 11.70
C ALA A 121 8.55 4.20 11.70
N GLU A 122 8.79 2.91 11.39
CA GLU A 122 10.09 2.32 11.23
C GLU A 122 10.86 2.81 10.00
N ILE A 123 10.28 2.90 8.78
CA ILE A 123 10.92 3.46 7.60
C ILE A 123 11.21 4.94 7.69
N HIS A 124 10.48 5.70 8.56
CA HIS A 124 10.78 7.07 8.92
C HIS A 124 12.14 7.19 9.60
N LYS A 125 12.48 6.23 10.50
CA LYS A 125 13.69 6.26 11.31
C LYS A 125 14.96 5.99 10.50
N LEU A 126 14.81 5.23 9.39
CA LEU A 126 15.88 4.69 8.55
C LEU A 126 16.65 5.72 7.76
N ASP A 127 17.93 5.38 7.47
CA ASP A 127 18.89 6.22 6.81
C ASP A 127 18.81 6.11 5.28
N TRP A 128 17.88 5.29 4.76
CA TRP A 128 17.64 5.13 3.34
C TRP A 128 16.14 5.28 3.13
N ALA A 129 15.71 5.70 1.92
CA ALA A 129 14.30 5.87 1.64
C ALA A 129 13.80 4.86 0.61
N PRO A 130 12.84 3.99 0.90
CA PRO A 130 11.99 3.39 -0.13
C PRO A 130 11.04 4.46 -0.67
N THR A 131 10.57 4.31 -1.92
CA THR A 131 9.53 5.17 -2.48
C THR A 131 8.22 4.58 -2.03
N LEU A 132 7.08 5.30 -2.20
CA LEU A 132 5.79 4.76 -1.84
C LEU A 132 5.43 3.51 -2.63
N ASP A 133 5.86 3.42 -3.91
CA ASP A 133 5.57 2.27 -4.77
C ASP A 133 6.14 0.97 -4.21
N VAL A 134 7.36 1.01 -3.66
CA VAL A 134 8.06 -0.10 -3.00
C VAL A 134 7.68 -0.26 -1.55
N ALA A 135 7.63 0.85 -0.76
CA ALA A 135 7.28 0.80 0.64
C ALA A 135 5.88 0.31 0.89
N VAL A 136 4.88 0.82 0.14
CA VAL A 136 3.55 0.27 0.28
C VAL A 136 3.46 -1.00 -0.51
N GLY A 137 4.23 -1.11 -1.63
CA GLY A 137 4.10 -2.26 -2.51
C GLY A 137 4.43 -3.57 -1.87
N GLU A 138 5.49 -3.63 -1.04
CA GLU A 138 5.79 -4.84 -0.29
C GLU A 138 4.71 -5.20 0.73
N LEU A 139 4.11 -4.19 1.41
CA LEU A 139 2.99 -4.37 2.30
C LEU A 139 1.76 -4.83 1.62
N LEU A 140 1.41 -4.13 0.54
CA LEU A 140 0.22 -4.46 -0.19
C LEU A 140 0.33 -5.81 -0.88
N ALA A 141 1.51 -6.13 -1.45
CA ALA A 141 1.77 -7.46 -1.96
C ALA A 141 1.74 -8.56 -0.92
N ASP A 142 2.27 -8.35 0.31
CA ASP A 142 2.28 -9.37 1.33
C ASP A 142 1.13 -9.18 2.34
N THR A 143 -0.09 -8.78 1.90
CA THR A 143 -1.22 -8.73 2.84
C THR A 143 -1.79 -10.13 3.20
N SER A 1 -7.76 -11.67 -29.79
CA SER A 1 -7.94 -12.40 -28.47
C SER A 1 -7.14 -11.85 -27.30
N LYS A 2 -5.88 -11.41 -27.52
CA LYS A 2 -4.95 -11.09 -26.46
C LYS A 2 -5.13 -9.65 -26.04
N GLU A 3 -5.50 -9.46 -24.75
CA GLU A 3 -5.78 -8.24 -24.04
C GLU A 3 -6.88 -7.39 -24.64
N VAL A 4 -7.72 -8.04 -25.47
CA VAL A 4 -8.91 -7.47 -26.09
C VAL A 4 -10.03 -7.36 -25.08
N MET A 5 -10.22 -8.48 -24.33
CA MET A 5 -11.50 -8.95 -23.84
C MET A 5 -12.13 -8.01 -22.83
N LYS A 6 -11.32 -7.47 -21.91
CA LYS A 6 -11.71 -6.42 -21.02
C LYS A 6 -10.69 -5.32 -21.23
N GLN A 7 -11.14 -4.07 -21.49
CA GLN A 7 -10.29 -2.98 -21.90
C GLN A 7 -9.32 -2.50 -20.84
N MET A 8 -8.05 -2.27 -21.22
CA MET A 8 -6.98 -1.89 -20.32
C MET A 8 -7.05 -0.42 -19.93
N THR A 9 -6.54 -0.09 -18.73
CA THR A 9 -6.30 1.29 -18.32
C THR A 9 -4.97 1.24 -17.61
N ILE A 10 -4.23 2.38 -17.57
CA ILE A 10 -2.80 2.38 -17.28
C ILE A 10 -2.39 3.30 -16.12
N ASN A 11 -3.05 4.47 -15.93
CA ASN A 11 -2.53 5.52 -15.06
C ASN A 11 -2.77 5.29 -13.57
N PHE A 12 -1.80 5.69 -12.72
CA PHE A 12 -1.77 5.44 -11.29
C PHE A 12 -2.90 6.04 -10.47
N ALA A 13 -3.54 7.12 -10.97
CA ALA A 13 -4.73 7.72 -10.41
C ALA A 13 -6.00 6.92 -10.58
N LYS A 14 -6.06 6.03 -11.59
CA LYS A 14 -7.27 5.28 -11.88
C LYS A 14 -7.68 4.33 -10.77
N PRO A 15 -6.85 3.52 -10.09
CA PRO A 15 -7.28 2.83 -8.88
C PRO A 15 -7.54 3.78 -7.72
N MET A 16 -6.88 4.96 -7.64
CA MET A 16 -7.09 5.86 -6.52
C MET A 16 -8.47 6.50 -6.52
N GLU A 17 -8.97 6.94 -7.71
CA GLU A 17 -10.28 7.52 -7.86
C GLU A 17 -11.39 6.48 -7.71
N ALA A 18 -11.10 5.23 -8.13
CA ALA A 18 -11.97 4.09 -7.95
C ALA A 18 -12.22 3.78 -6.48
N CYS A 19 -11.16 3.77 -5.65
CA CYS A 19 -11.23 3.54 -4.21
C CYS A 19 -11.75 4.75 -3.45
N LYS A 20 -12.09 5.87 -4.11
CA LYS A 20 -12.90 6.89 -3.45
C LYS A 20 -14.39 6.56 -3.63
N GLN A 21 -14.82 6.26 -4.87
CA GLN A 21 -16.24 6.07 -5.19
C GLN A 21 -16.79 4.71 -4.82
N GLU A 22 -15.96 3.65 -4.99
CA GLU A 22 -16.26 2.25 -4.72
C GLU A 22 -16.63 2.04 -3.29
N LEU A 23 -15.92 2.77 -2.43
CA LEU A 23 -16.02 2.63 -1.01
C LEU A 23 -17.12 3.53 -0.49
N ASN A 24 -17.66 4.41 -1.38
CA ASN A 24 -18.66 5.42 -1.11
C ASN A 24 -18.23 6.42 -0.02
N VAL A 25 -17.00 6.93 -0.14
CA VAL A 25 -16.38 7.81 0.82
C VAL A 25 -16.09 9.15 0.15
N PRO A 26 -15.96 10.27 0.85
CA PRO A 26 -15.61 11.54 0.24
C PRO A 26 -14.15 11.64 -0.16
N ASP A 27 -13.85 12.67 -0.97
CA ASP A 27 -12.55 13.03 -1.52
C ASP A 27 -11.59 13.41 -0.40
N ALA A 28 -12.17 13.84 0.73
CA ALA A 28 -11.51 14.18 1.96
C ALA A 28 -10.75 13.03 2.58
N VAL A 29 -11.20 11.78 2.37
CA VAL A 29 -10.59 10.69 3.11
C VAL A 29 -9.67 9.87 2.24
N MET A 30 -9.85 9.86 0.90
CA MET A 30 -8.83 9.31 -0.01
C MET A 30 -7.59 10.16 0.00
N GLN A 31 -7.73 11.49 0.23
CA GLN A 31 -6.60 12.38 0.29
C GLN A 31 -5.80 12.21 1.55
N ASP A 32 -6.44 11.65 2.60
CA ASP A 32 -5.79 11.31 3.85
C ASP A 32 -4.67 10.29 3.67
N PHE A 33 -4.86 9.29 2.77
CA PHE A 33 -3.83 8.33 2.44
C PHE A 33 -2.57 8.93 1.85
N PHE A 34 -2.65 9.89 0.91
CA PHE A 34 -1.43 10.52 0.44
C PHE A 34 -0.75 11.47 1.41
N ASN A 35 -1.56 12.17 2.21
CA ASN A 35 -1.15 12.98 3.34
C ASN A 35 -0.51 12.20 4.49
N PHE A 36 -0.74 10.87 4.58
CA PHE A 36 -0.19 9.95 5.55
C PHE A 36 1.33 9.96 5.53
N TRP A 37 1.91 10.01 4.31
CA TRP A 37 3.33 9.91 4.08
C TRP A 37 4.06 11.21 4.43
N LYS A 38 3.30 12.32 4.63
CA LYS A 38 3.87 13.61 5.03
C LYS A 38 4.52 13.56 6.41
N GLU A 39 5.80 14.01 6.53
CA GLU A 39 6.48 14.05 7.81
C GLU A 39 5.87 15.10 8.71
N GLY A 40 5.55 14.72 9.96
CA GLY A 40 4.86 15.59 10.90
C GLY A 40 3.36 15.42 10.90
N TYR A 41 2.78 14.64 9.96
CA TYR A 41 1.36 14.36 9.95
C TYR A 41 1.02 13.06 10.60
N GLN A 42 -0.06 13.10 11.40
CA GLN A 42 -0.73 11.93 11.88
C GLN A 42 -2.08 11.84 11.20
N ILE A 43 -2.31 10.70 10.55
CA ILE A 43 -3.61 10.28 10.06
C ILE A 43 -4.14 9.23 11.02
N THR A 44 -5.33 9.49 11.58
CA THR A 44 -5.95 8.70 12.64
C THR A 44 -7.30 8.16 12.20
N ASN A 45 -7.70 8.45 10.94
CA ASN A 45 -9.05 8.28 10.46
C ASN A 45 -9.27 6.91 9.89
N ARG A 46 -10.38 6.25 10.28
CA ARG A 46 -10.73 4.90 9.94
C ARG A 46 -10.90 4.67 8.45
N GLU A 47 -11.37 5.69 7.71
CA GLU A 47 -11.40 5.71 6.28
C GLU A 47 -10.06 5.64 5.60
N ALA A 48 -8.99 6.14 6.24
CA ALA A 48 -7.66 6.02 5.64
C ALA A 48 -7.27 4.58 5.38
N GLY A 49 -7.55 3.64 6.32
CA GLY A 49 -7.29 2.22 6.12
C GLY A 49 -8.13 1.62 5.05
N CYS A 50 -9.40 2.06 4.94
CA CYS A 50 -10.36 1.57 3.98
C CYS A 50 -9.91 1.86 2.56
N VAL A 51 -9.37 3.08 2.31
CA VAL A 51 -8.74 3.37 1.02
C VAL A 51 -7.47 2.59 0.81
N ILE A 52 -6.62 2.46 1.83
CA ILE A 52 -5.30 1.81 1.71
C ILE A 52 -5.40 0.37 1.27
N LEU A 53 -6.31 -0.42 1.89
CA LEU A 53 -6.51 -1.81 1.54
C LEU A 53 -7.09 -2.02 0.16
N CYS A 54 -7.88 -1.03 -0.30
CA CYS A 54 -8.47 -0.97 -1.63
C CYS A 54 -7.43 -0.90 -2.73
N LEU A 55 -6.32 -0.11 -2.61
CA LEU A 55 -5.29 -0.12 -3.61
C LEU A 55 -4.66 -1.45 -3.83
N ALA A 56 -4.47 -2.22 -2.76
CA ALA A 56 -3.78 -3.50 -2.76
C ALA A 56 -4.33 -4.52 -3.73
N LYS A 57 -5.67 -4.57 -3.86
CA LYS A 57 -6.32 -5.35 -4.90
C LYS A 57 -6.10 -4.79 -6.30
N LYS A 58 -6.10 -3.46 -6.45
CA LYS A 58 -6.17 -2.73 -7.70
C LYS A 58 -4.80 -2.28 -8.19
N LEU A 59 -3.75 -3.08 -7.93
CA LEU A 59 -2.37 -2.77 -8.29
C LEU A 59 -2.12 -3.03 -9.73
N GLU A 60 -2.83 -4.02 -10.25
CA GLU A 60 -2.85 -4.41 -11.65
C GLU A 60 -3.36 -3.32 -12.57
N LEU A 61 -4.03 -2.29 -11.98
CA LEU A 61 -4.48 -1.08 -12.64
C LEU A 61 -3.32 -0.11 -12.89
N LEU A 62 -2.27 -0.18 -12.05
CA LEU A 62 -1.11 0.71 -11.98
C LEU A 62 -0.23 0.59 -13.20
N ASP A 63 0.64 1.60 -13.39
CA ASP A 63 1.51 1.69 -14.55
C ASP A 63 2.49 0.52 -14.62
N GLN A 64 2.48 -0.26 -15.73
CA GLN A 64 3.26 -1.47 -15.93
C GLN A 64 4.76 -1.23 -15.87
N ASP A 65 5.21 0.00 -16.19
CA ASP A 65 6.60 0.43 -16.08
C ASP A 65 7.20 0.25 -14.69
N MET A 66 6.41 0.42 -13.60
CA MET A 66 6.95 0.20 -12.26
C MET A 66 7.00 -1.28 -11.90
N ASN A 67 6.28 -2.14 -12.67
CA ASN A 67 6.12 -3.57 -12.52
C ASN A 67 5.46 -4.03 -11.23
N LEU A 68 4.48 -3.27 -10.66
CA LEU A 68 3.79 -3.72 -9.47
C LEU A 68 2.70 -4.69 -9.81
N HIS A 69 2.74 -5.92 -9.24
CA HIS A 69 1.60 -6.80 -9.27
C HIS A 69 1.50 -7.49 -7.94
N HIS A 70 0.27 -7.83 -7.54
CA HIS A 70 -0.03 -8.43 -6.27
C HIS A 70 0.54 -9.82 -6.12
N GLY A 71 1.26 -10.03 -4.99
CA GLY A 71 1.99 -11.25 -4.67
C GLY A 71 3.44 -11.27 -5.08
N LYS A 72 3.91 -10.30 -5.90
CA LYS A 72 5.21 -10.32 -6.55
C LYS A 72 6.19 -9.36 -5.89
N ALA A 73 5.97 -9.03 -4.60
CA ALA A 73 6.71 -7.99 -3.89
C ALA A 73 8.18 -8.20 -3.85
N MET A 74 8.67 -9.43 -3.61
CA MET A 74 10.10 -9.67 -3.52
C MET A 74 10.84 -9.32 -4.81
N GLU A 75 10.24 -9.65 -5.98
CA GLU A 75 10.80 -9.32 -7.28
C GLU A 75 10.66 -7.84 -7.63
N PHE A 76 9.47 -7.27 -7.37
CA PHE A 76 9.11 -5.88 -7.54
C PHE A 76 9.94 -4.95 -6.69
N ALA A 77 10.13 -5.26 -5.40
CA ALA A 77 10.87 -4.44 -4.48
C ALA A 77 12.31 -4.22 -4.88
N MET A 78 12.98 -5.28 -5.39
CA MET A 78 14.32 -5.21 -5.93
C MET A 78 14.42 -4.33 -7.17
N LYS A 79 13.39 -4.32 -8.06
CA LYS A 79 13.32 -3.40 -9.21
C LYS A 79 13.30 -1.93 -8.77
N HIS A 80 12.81 -1.64 -7.56
CA HIS A 80 12.73 -0.30 -6.96
C HIS A 80 13.88 0.03 -6.04
N GLY A 81 14.98 -0.75 -6.06
CA GLY A 81 16.22 -0.34 -5.42
C GLY A 81 16.38 -0.88 -4.03
N ALA A 82 15.41 -1.66 -3.52
CA ALA A 82 15.64 -2.49 -2.35
C ALA A 82 16.65 -3.61 -2.66
N ASP A 83 17.56 -3.93 -1.72
CA ASP A 83 18.39 -5.12 -1.85
C ASP A 83 17.56 -6.32 -1.37
N GLU A 84 18.05 -7.56 -1.56
CA GLU A 84 17.28 -8.77 -1.26
C GLU A 84 16.95 -8.89 0.22
N ALA A 85 17.88 -8.43 1.07
CA ALA A 85 17.76 -8.31 2.50
C ALA A 85 16.74 -7.27 2.92
N MET A 86 16.75 -6.09 2.25
CA MET A 86 15.83 -5.00 2.48
C MET A 86 14.42 -5.35 2.05
N ALA A 87 14.29 -6.08 0.93
CA ALA A 87 13.02 -6.55 0.42
C ALA A 87 12.31 -7.48 1.40
N LYS A 88 13.05 -8.48 1.95
CA LYS A 88 12.53 -9.38 2.97
C LYS A 88 12.30 -8.67 4.29
N GLN A 89 13.10 -7.62 4.61
CA GLN A 89 12.87 -6.75 5.74
C GLN A 89 11.56 -6.00 5.73
N LEU A 90 11.10 -5.41 4.60
CA LEU A 90 9.81 -4.77 4.56
C LEU A 90 8.67 -5.74 4.79
N LEU A 91 8.74 -6.94 4.19
CA LEU A 91 7.82 -8.02 4.45
C LEU A 91 7.90 -8.51 5.91
N ASP A 92 9.11 -8.61 6.51
CA ASP A 92 9.33 -8.95 7.91
C ASP A 92 8.76 -7.91 8.87
N ILE A 93 8.94 -6.58 8.59
CA ILE A 93 8.37 -5.48 9.37
C ILE A 93 6.87 -5.57 9.39
N LYS A 94 6.24 -5.83 8.21
CA LYS A 94 4.81 -5.94 8.11
C LYS A 94 4.26 -7.01 8.97
N HIS A 95 4.80 -8.23 8.86
CA HIS A 95 4.22 -9.31 9.60
C HIS A 95 4.58 -9.21 11.08
N SER A 96 5.73 -8.57 11.43
CA SER A 96 6.11 -8.27 12.80
C SER A 96 5.23 -7.25 13.49
N CYS A 97 4.86 -6.20 12.76
CA CYS A 97 3.87 -5.23 13.15
C CYS A 97 2.46 -5.76 13.22
N GLU A 98 2.03 -6.60 12.26
CA GLU A 98 0.64 -7.01 12.15
C GLU A 98 0.16 -7.90 13.27
N LYS A 99 1.12 -8.52 14.00
CA LYS A 99 0.85 -9.30 15.18
C LYS A 99 0.78 -8.45 16.46
N VAL A 100 1.38 -7.22 16.48
CA VAL A 100 1.47 -6.40 17.68
C VAL A 100 0.37 -5.35 17.71
N ILE A 101 -0.09 -4.92 16.52
CA ILE A 101 -1.18 -3.97 16.35
C ILE A 101 -2.55 -4.50 16.72
N THR A 102 -3.49 -3.57 17.02
CA THR A 102 -4.91 -3.88 17.07
C THR A 102 -5.47 -4.22 15.70
N ILE A 103 -6.14 -5.39 15.65
CA ILE A 103 -6.81 -6.01 14.56
C ILE A 103 -8.24 -5.99 14.98
N VAL A 104 -9.11 -5.56 14.08
CA VAL A 104 -10.51 -5.53 14.36
C VAL A 104 -11.14 -6.52 13.42
N ALA A 105 -11.94 -7.45 13.96
CA ALA A 105 -12.75 -8.35 13.18
C ALA A 105 -13.81 -7.68 12.34
N ASP A 106 -14.54 -6.72 12.93
CA ASP A 106 -15.54 -5.90 12.30
C ASP A 106 -15.02 -4.95 11.23
N ASP A 107 -13.82 -4.37 11.44
CA ASP A 107 -13.36 -3.21 10.70
C ASP A 107 -11.98 -3.54 10.10
N PRO A 108 -11.81 -3.98 8.86
CA PRO A 108 -10.48 -4.31 8.32
C PRO A 108 -9.62 -3.07 8.13
N CYS A 109 -10.21 -1.88 8.21
CA CYS A 109 -9.59 -0.62 7.91
C CYS A 109 -8.63 -0.22 9.03
N GLN A 110 -9.03 -0.40 10.31
CA GLN A 110 -8.17 -0.21 11.47
C GLN A 110 -7.01 -1.16 11.45
N THR A 111 -7.26 -2.45 11.13
CA THR A 111 -6.22 -3.47 10.99
C THR A 111 -5.15 -3.03 9.99
N MET A 112 -5.55 -2.52 8.81
CA MET A 112 -4.62 -2.04 7.80
C MET A 112 -3.89 -0.75 8.19
N LEU A 113 -4.63 0.28 8.69
CA LEU A 113 -4.09 1.59 9.08
C LEU A 113 -3.19 1.51 10.28
N ASN A 114 -3.60 0.74 11.31
CA ASN A 114 -2.82 0.51 12.52
C ASN A 114 -1.52 -0.19 12.16
N LEU A 115 -1.59 -1.18 11.22
CA LEU A 115 -0.43 -1.84 10.70
C LEU A 115 0.46 -0.93 9.93
N ALA A 116 -0.12 -0.12 9.05
CA ALA A 116 0.59 0.78 8.17
C ALA A 116 1.35 1.82 8.94
N MET A 117 0.71 2.37 10.00
CA MET A 117 1.35 3.32 10.86
C MET A 117 2.45 2.65 11.71
N CYS A 118 2.33 1.34 12.08
CA CYS A 118 3.43 0.56 12.67
C CYS A 118 4.53 0.23 11.69
N PHE A 119 4.19 -0.24 10.46
CA PHE A 119 5.14 -0.48 9.40
C PHE A 119 6.01 0.71 9.03
N LYS A 120 5.38 1.89 8.84
CA LYS A 120 6.05 3.13 8.59
C LYS A 120 6.93 3.56 9.74
N ALA A 121 6.54 3.18 10.98
CA ALA A 121 7.28 3.50 12.19
C ALA A 121 8.66 2.88 12.19
N GLU A 122 8.74 1.60 11.77
CA GLU A 122 9.96 0.86 11.63
C GLU A 122 10.88 1.36 10.51
N ILE A 123 10.38 1.64 9.28
CA ILE A 123 11.17 2.23 8.19
C ILE A 123 11.63 3.66 8.46
N HIS A 124 10.93 4.41 9.36
CA HIS A 124 11.38 5.68 9.89
C HIS A 124 12.68 5.55 10.67
N LYS A 125 12.82 4.49 11.49
CA LYS A 125 13.95 4.30 12.39
C LYS A 125 15.23 3.87 11.68
N LEU A 126 15.08 3.22 10.50
CA LEU A 126 16.13 2.66 9.66
C LEU A 126 17.06 3.67 9.03
N ASP A 127 18.31 3.22 8.75
CA ASP A 127 19.38 4.03 8.21
C ASP A 127 19.34 4.07 6.68
N TRP A 128 18.35 3.41 6.05
CA TRP A 128 18.17 3.42 4.61
C TRP A 128 16.72 3.77 4.37
N ALA A 129 16.39 4.35 3.19
CA ALA A 129 15.03 4.74 2.88
C ALA A 129 14.48 3.94 1.70
N PRO A 130 13.41 3.14 1.82
CA PRO A 130 12.58 2.76 0.68
C PRO A 130 11.81 3.99 0.20
N THR A 131 11.55 4.09 -1.12
CA THR A 131 10.56 5.02 -1.66
C THR A 131 9.17 4.42 -1.49
N LEU A 132 8.12 5.23 -1.69
CA LEU A 132 6.73 4.85 -1.48
C LEU A 132 6.32 3.72 -2.38
N ASP A 133 6.88 3.66 -3.61
CA ASP A 133 6.57 2.62 -4.59
C ASP A 133 6.88 1.23 -4.07
N VAL A 134 8.03 1.08 -3.38
CA VAL A 134 8.50 -0.15 -2.72
C VAL A 134 7.99 -0.32 -1.31
N ALA A 135 8.01 0.73 -0.46
CA ALA A 135 7.55 0.65 0.91
C ALA A 135 6.09 0.33 1.04
N VAL A 136 5.20 1.04 0.30
CA VAL A 136 3.81 0.67 0.33
C VAL A 136 3.62 -0.52 -0.56
N GLY A 137 4.47 -0.65 -1.60
CA GLY A 137 4.31 -1.68 -2.60
C GLY A 137 4.42 -3.07 -2.06
N GLU A 138 5.42 -3.36 -1.20
CA GLU A 138 5.52 -4.68 -0.57
C GLU A 138 4.37 -4.97 0.38
N LEU A 139 3.85 -3.95 1.10
CA LEU A 139 2.64 -4.09 1.89
C LEU A 139 1.45 -4.40 1.06
N LEU A 140 1.20 -3.56 0.05
CA LEU A 140 0.03 -3.73 -0.76
C LEU A 140 0.09 -5.00 -1.61
N ALA A 141 1.26 -5.33 -2.19
CA ALA A 141 1.45 -6.56 -2.93
C ALA A 141 1.22 -7.82 -2.11
N ASP A 142 1.64 -7.85 -0.82
CA ASP A 142 1.41 -8.98 0.04
C ASP A 142 0.07 -8.89 0.78
N THR A 143 -0.75 -7.83 0.55
CA THR A 143 -2.07 -7.66 1.16
C THR A 143 -3.19 -8.35 0.37
N SER A 1 2.18 -8.17 -27.07
CA SER A 1 1.09 -7.24 -27.58
C SER A 1 0.11 -7.87 -28.56
N LYS A 2 0.62 -8.68 -29.52
CA LYS A 2 -0.09 -9.18 -30.69
C LYS A 2 -1.27 -10.06 -30.36
N GLU A 3 -1.10 -10.99 -29.40
CA GLU A 3 -2.13 -11.92 -28.97
C GLU A 3 -2.94 -11.40 -27.81
N VAL A 4 -2.68 -10.15 -27.44
CA VAL A 4 -3.22 -9.52 -26.23
C VAL A 4 -4.25 -8.50 -26.66
N MET A 5 -3.74 -7.51 -27.40
CA MET A 5 -4.32 -6.31 -27.92
C MET A 5 -5.04 -5.44 -26.91
N LYS A 6 -4.43 -5.28 -25.71
CA LYS A 6 -4.97 -4.47 -24.65
C LYS A 6 -4.26 -3.15 -24.49
N GLN A 7 -4.87 -2.33 -23.61
CA GLN A 7 -4.42 -1.02 -23.25
C GLN A 7 -4.61 -0.85 -21.76
N MET A 8 -3.87 0.08 -21.13
CA MET A 8 -3.88 0.28 -19.70
C MET A 8 -3.60 1.75 -19.45
N THR A 9 -3.96 2.25 -18.24
CA THR A 9 -3.76 3.63 -17.86
C THR A 9 -2.36 3.89 -17.31
N ILE A 10 -1.96 5.18 -17.23
CA ILE A 10 -0.61 5.60 -16.94
C ILE A 10 -0.37 5.96 -15.48
N ASN A 11 -1.40 5.88 -14.60
CA ASN A 11 -1.25 6.35 -13.24
C ASN A 11 -2.10 5.52 -12.28
N PHE A 12 -2.07 5.89 -10.97
CA PHE A 12 -2.71 5.19 -9.88
C PHE A 12 -4.16 5.57 -9.63
N ALA A 13 -4.74 6.54 -10.36
CA ALA A 13 -6.05 7.09 -10.06
C ALA A 13 -7.24 6.17 -10.25
N LYS A 14 -7.24 5.27 -11.24
CA LYS A 14 -8.41 4.47 -11.56
C LYS A 14 -8.84 3.53 -10.44
N PRO A 15 -8.02 2.75 -9.74
CA PRO A 15 -8.46 2.11 -8.50
C PRO A 15 -8.70 3.08 -7.37
N MET A 16 -8.02 4.25 -7.33
CA MET A 16 -8.09 5.15 -6.20
C MET A 16 -9.45 5.84 -6.13
N GLU A 17 -9.98 6.29 -7.30
CA GLU A 17 -11.30 6.90 -7.42
C GLU A 17 -12.41 5.89 -7.25
N ALA A 18 -12.16 4.62 -7.66
CA ALA A 18 -13.05 3.51 -7.46
C ALA A 18 -13.26 3.18 -6.00
N CYS A 19 -12.19 3.17 -5.17
CA CYS A 19 -12.31 2.94 -3.74
C CYS A 19 -13.15 4.01 -3.11
N LYS A 20 -12.97 5.31 -3.44
CA LYS A 20 -13.70 6.38 -2.75
C LYS A 20 -15.21 6.21 -2.89
N GLN A 21 -15.71 5.87 -4.10
CA GLN A 21 -17.12 5.62 -4.29
C GLN A 21 -17.60 4.27 -3.81
N GLU A 22 -16.79 3.21 -4.04
CA GLU A 22 -17.07 1.80 -3.72
C GLU A 22 -17.26 1.63 -2.26
N LEU A 23 -16.43 2.36 -1.49
CA LEU A 23 -16.46 2.26 -0.06
C LEU A 23 -17.55 3.14 0.52
N ASN A 24 -18.20 3.97 -0.35
CA ASN A 24 -19.20 4.98 -0.03
C ASN A 24 -18.70 6.01 0.97
N VAL A 25 -17.47 6.53 0.78
CA VAL A 25 -16.81 7.43 1.72
C VAL A 25 -16.57 8.77 1.05
N PRO A 26 -16.38 9.87 1.77
CA PRO A 26 -16.07 11.16 1.17
C PRO A 26 -14.63 11.26 0.68
N ASP A 27 -14.38 12.29 -0.14
CA ASP A 27 -13.12 12.69 -0.74
C ASP A 27 -12.13 13.09 0.35
N ALA A 28 -12.66 13.54 1.49
CA ALA A 28 -11.96 13.86 2.70
C ALA A 28 -11.18 12.69 3.28
N VAL A 29 -11.69 11.44 3.17
CA VAL A 29 -11.03 10.37 3.87
C VAL A 29 -10.12 9.57 2.96
N MET A 30 -10.34 9.58 1.62
CA MET A 30 -9.37 9.02 0.70
C MET A 30 -8.08 9.86 0.67
N GLN A 31 -8.20 11.19 0.89
CA GLN A 31 -7.09 12.11 0.95
C GLN A 31 -6.35 12.03 2.26
N ASP A 32 -6.97 11.43 3.29
CA ASP A 32 -6.29 11.08 4.53
C ASP A 32 -5.11 10.12 4.31
N PHE A 33 -5.25 9.15 3.39
CA PHE A 33 -4.16 8.30 2.91
C PHE A 33 -3.02 9.05 2.25
N PHE A 34 -3.30 10.06 1.41
CA PHE A 34 -2.26 10.90 0.83
C PHE A 34 -1.51 11.75 1.85
N ASN A 35 -2.25 12.34 2.83
CA ASN A 35 -1.71 13.05 3.98
C ASN A 35 -0.95 12.17 4.95
N PHE A 36 -1.24 10.86 4.99
CA PHE A 36 -0.64 9.86 5.87
C PHE A 36 0.87 9.80 5.73
N TRP A 37 1.37 9.91 4.49
CA TRP A 37 2.78 9.80 4.19
C TRP A 37 3.56 11.06 4.50
N LYS A 38 2.86 12.19 4.81
CA LYS A 38 3.48 13.41 5.31
C LYS A 38 4.14 13.14 6.66
N GLU A 39 5.41 13.59 6.86
CA GLU A 39 6.24 13.10 7.95
C GLU A 39 5.70 13.46 9.32
N GLY A 40 5.37 12.42 10.13
CA GLY A 40 4.87 12.55 11.49
C GLY A 40 3.39 12.85 11.60
N TYR A 41 2.66 13.04 10.48
CA TYR A 41 1.31 13.56 10.48
C TYR A 41 0.29 12.60 11.08
N GLN A 42 -0.60 13.13 11.94
CA GLN A 42 -1.40 12.33 12.85
C GLN A 42 -2.71 11.86 12.26
N ILE A 43 -2.64 10.81 11.43
CA ILE A 43 -3.81 10.15 10.89
C ILE A 43 -4.25 9.04 11.85
N THR A 44 -5.49 9.16 12.37
CA THR A 44 -6.07 8.27 13.36
C THR A 44 -7.35 7.64 12.87
N ASN A 45 -7.79 8.02 11.65
CA ASN A 45 -9.15 7.84 11.20
C ASN A 45 -9.37 6.48 10.60
N ARG A 46 -10.46 5.81 11.03
CA ARG A 46 -10.85 4.46 10.69
C ARG A 46 -11.06 4.26 9.20
N GLU A 47 -11.53 5.30 8.49
CA GLU A 47 -11.60 5.35 7.06
C GLU A 47 -10.29 5.29 6.34
N ALA A 48 -9.20 5.83 6.93
CA ALA A 48 -7.90 5.77 6.27
C ALA A 48 -7.50 4.33 5.98
N GLY A 49 -7.68 3.41 6.96
CA GLY A 49 -7.41 1.99 6.77
C GLY A 49 -8.30 1.36 5.75
N CYS A 50 -9.59 1.76 5.71
CA CYS A 50 -10.57 1.22 4.81
C CYS A 50 -10.21 1.53 3.37
N VAL A 51 -9.73 2.76 3.08
CA VAL A 51 -9.20 3.08 1.76
C VAL A 51 -7.93 2.34 1.46
N ILE A 52 -7.00 2.24 2.43
CA ILE A 52 -5.68 1.66 2.21
C ILE A 52 -5.75 0.22 1.75
N LEU A 53 -6.61 -0.58 2.42
CA LEU A 53 -6.80 -1.98 2.12
C LEU A 53 -7.49 -2.23 0.80
N CYS A 54 -8.32 -1.27 0.37
CA CYS A 54 -9.01 -1.25 -0.90
C CYS A 54 -8.04 -1.21 -2.08
N LEU A 55 -6.94 -0.40 -2.06
CA LEU A 55 -6.00 -0.41 -3.14
C LEU A 55 -5.34 -1.74 -3.35
N ALA A 56 -5.04 -2.44 -2.25
CA ALA A 56 -4.33 -3.71 -2.24
C ALA A 56 -4.92 -4.78 -3.13
N LYS A 57 -6.26 -4.87 -3.16
CA LYS A 57 -6.97 -5.75 -4.08
C LYS A 57 -6.89 -5.27 -5.52
N LYS A 58 -6.93 -3.94 -5.73
CA LYS A 58 -7.13 -3.29 -7.01
C LYS A 58 -5.81 -2.85 -7.65
N LEU A 59 -4.72 -3.61 -7.43
CA LEU A 59 -3.38 -3.30 -7.94
C LEU A 59 -3.27 -3.70 -9.38
N GLU A 60 -4.04 -4.72 -9.74
CA GLU A 60 -4.17 -5.23 -11.10
C GLU A 60 -4.78 -4.21 -12.05
N LEU A 61 -5.39 -3.15 -11.48
CA LEU A 61 -5.90 -1.98 -12.16
C LEU A 61 -4.78 -1.05 -12.63
N LEU A 62 -3.64 -1.08 -11.91
CA LEU A 62 -2.46 -0.23 -12.06
C LEU A 62 -1.73 -0.56 -13.35
N ASP A 63 -0.82 0.36 -13.77
CA ASP A 63 -0.08 0.22 -15.01
C ASP A 63 0.86 -0.98 -14.92
N GLN A 64 0.89 -1.80 -15.99
CA GLN A 64 1.83 -2.90 -16.12
C GLN A 64 3.28 -2.44 -16.13
N ASP A 65 3.56 -1.20 -16.58
CA ASP A 65 4.91 -0.66 -16.67
C ASP A 65 5.63 -0.61 -15.32
N MET A 66 4.92 -0.36 -14.19
CA MET A 66 5.53 -0.37 -12.87
C MET A 66 5.68 -1.77 -12.32
N ASN A 67 5.02 -2.78 -12.97
CA ASN A 67 4.98 -4.19 -12.63
C ASN A 67 4.38 -4.54 -11.28
N LEU A 68 3.42 -3.73 -10.74
CA LEU A 68 2.78 -4.11 -9.50
C LEU A 68 1.67 -5.11 -9.75
N HIS A 69 1.76 -6.29 -9.10
CA HIS A 69 0.62 -7.18 -9.01
C HIS A 69 0.60 -7.76 -7.63
N HIS A 70 -0.62 -8.13 -7.16
CA HIS A 70 -0.80 -8.72 -5.86
C HIS A 70 -0.16 -10.08 -5.71
N GLY A 71 0.65 -10.23 -4.65
CA GLY A 71 1.46 -11.39 -4.35
C GLY A 71 2.88 -11.35 -4.87
N LYS A 72 3.23 -10.37 -5.72
CA LYS A 72 4.46 -10.35 -6.49
C LYS A 72 5.45 -9.32 -5.96
N ALA A 73 5.38 -8.98 -4.64
CA ALA A 73 6.16 -7.94 -4.01
C ALA A 73 7.64 -8.12 -4.14
N MET A 74 8.17 -9.34 -3.93
CA MET A 74 9.61 -9.56 -3.97
C MET A 74 10.23 -9.21 -5.32
N GLU A 75 9.53 -9.55 -6.43
CA GLU A 75 9.97 -9.21 -7.78
C GLU A 75 9.80 -7.73 -8.11
N PHE A 76 8.63 -7.16 -7.74
CA PHE A 76 8.24 -5.78 -7.86
C PHE A 76 9.13 -4.83 -7.08
N ALA A 77 9.43 -5.15 -5.81
CA ALA A 77 10.24 -4.34 -4.95
C ALA A 77 11.65 -4.13 -5.47
N MET A 78 12.27 -5.23 -5.97
CA MET A 78 13.57 -5.22 -6.59
C MET A 78 13.67 -4.40 -7.86
N LYS A 79 12.62 -4.41 -8.70
CA LYS A 79 12.45 -3.55 -9.83
C LYS A 79 12.41 -2.06 -9.46
N HIS A 80 11.86 -1.73 -8.28
CA HIS A 80 11.74 -0.38 -7.75
C HIS A 80 12.91 0.08 -6.92
N GLY A 81 14.06 -0.65 -6.95
CA GLY A 81 15.30 -0.15 -6.39
C GLY A 81 15.58 -0.64 -5.01
N ALA A 82 14.69 -1.46 -4.42
CA ALA A 82 15.06 -2.25 -3.26
C ALA A 82 16.07 -3.34 -3.64
N ASP A 83 17.02 -3.77 -2.77
CA ASP A 83 17.67 -5.04 -3.00
C ASP A 83 16.85 -6.18 -2.44
N GLU A 84 17.40 -7.39 -2.58
CA GLU A 84 16.85 -8.60 -2.01
C GLU A 84 16.85 -8.53 -0.50
N ALA A 85 17.76 -7.72 0.11
CA ALA A 85 17.76 -7.56 1.56
C ALA A 85 16.65 -6.62 2.04
N MET A 86 16.48 -5.50 1.33
CA MET A 86 15.46 -4.49 1.58
C MET A 86 14.06 -4.99 1.32
N ALA A 87 13.90 -5.78 0.24
CA ALA A 87 12.61 -6.34 -0.13
C ALA A 87 12.04 -7.27 0.93
N LYS A 88 12.87 -8.22 1.42
CA LYS A 88 12.51 -9.10 2.53
C LYS A 88 12.37 -8.34 3.82
N GLN A 89 13.14 -7.24 4.02
CA GLN A 89 12.95 -6.33 5.13
C GLN A 89 11.61 -5.62 5.18
N LEU A 90 11.04 -5.08 4.07
CA LEU A 90 9.74 -4.49 4.11
C LEU A 90 8.64 -5.51 4.43
N LEU A 91 8.72 -6.72 3.84
CA LEU A 91 7.85 -7.82 4.19
C LEU A 91 8.04 -8.26 5.66
N ASP A 92 9.30 -8.31 6.18
CA ASP A 92 9.62 -8.62 7.56
C ASP A 92 9.09 -7.56 8.54
N ILE A 93 9.20 -6.25 8.22
CA ILE A 93 8.66 -5.16 9.03
C ILE A 93 7.16 -5.31 9.18
N LYS A 94 6.46 -5.60 8.06
CA LYS A 94 5.04 -5.79 8.07
C LYS A 94 4.64 -6.90 8.98
N HIS A 95 5.22 -8.09 8.79
CA HIS A 95 4.76 -9.24 9.51
C HIS A 95 5.16 -9.14 10.98
N SER A 96 6.28 -8.42 11.27
CA SER A 96 6.71 -8.09 12.63
C SER A 96 5.75 -7.17 13.34
N CYS A 97 5.25 -6.17 12.61
CA CYS A 97 4.25 -5.25 13.09
C CYS A 97 2.90 -5.87 13.32
N GLU A 98 2.49 -6.85 12.49
CA GLU A 98 1.19 -7.51 12.55
C GLU A 98 0.92 -8.19 13.86
N LYS A 99 1.99 -8.67 14.54
CA LYS A 99 1.87 -9.37 15.80
C LYS A 99 1.84 -8.42 16.99
N VAL A 100 2.32 -7.15 16.82
CA VAL A 100 2.42 -6.20 17.91
C VAL A 100 1.27 -5.22 17.89
N ILE A 101 0.75 -4.90 16.68
CA ILE A 101 -0.42 -4.03 16.54
C ILE A 101 -1.72 -4.65 17.01
N THR A 102 -2.70 -3.79 17.37
CA THR A 102 -4.08 -4.22 17.51
C THR A 102 -4.70 -4.56 16.18
N ILE A 103 -5.26 -5.78 16.14
CA ILE A 103 -6.00 -6.40 15.08
C ILE A 103 -7.38 -6.45 15.62
N VAL A 104 -8.33 -6.01 14.80
CA VAL A 104 -9.71 -6.04 15.19
C VAL A 104 -10.37 -7.06 14.30
N ALA A 105 -11.09 -8.01 14.90
CA ALA A 105 -11.93 -8.95 14.18
C ALA A 105 -13.07 -8.31 13.42
N ASP A 106 -13.79 -7.36 14.06
CA ASP A 106 -14.86 -6.58 13.47
C ASP A 106 -14.42 -5.63 12.37
N ASP A 107 -13.23 -5.01 12.51
CA ASP A 107 -12.86 -3.83 11.75
C ASP A 107 -11.50 -4.06 11.10
N PRO A 108 -11.37 -4.55 9.87
CA PRO A 108 -10.07 -4.79 9.24
C PRO A 108 -9.33 -3.50 8.91
N CYS A 109 -10.03 -2.34 8.95
CA CYS A 109 -9.49 -1.05 8.63
C CYS A 109 -8.50 -0.60 9.70
N GLN A 110 -8.83 -0.80 10.99
CA GLN A 110 -7.92 -0.56 12.12
C GLN A 110 -6.72 -1.45 12.02
N THR A 111 -6.93 -2.76 11.72
CA THR A 111 -5.81 -3.68 11.51
C THR A 111 -4.87 -3.19 10.42
N MET A 112 -5.37 -2.73 9.26
CA MET A 112 -4.52 -2.21 8.20
C MET A 112 -3.81 -0.90 8.57
N LEU A 113 -4.56 0.09 9.12
CA LEU A 113 -4.05 1.41 9.50
C LEU A 113 -3.06 1.34 10.63
N ASN A 114 -3.37 0.56 11.69
CA ASN A 114 -2.50 0.34 12.83
C ASN A 114 -1.22 -0.32 12.37
N LEU A 115 -1.33 -1.32 11.45
CA LEU A 115 -0.17 -1.93 10.85
C LEU A 115 0.64 -0.97 10.05
N ALA A 116 -0.02 -0.17 9.21
CA ALA A 116 0.59 0.75 8.27
C ALA A 116 1.38 1.82 8.99
N MET A 117 0.80 2.35 10.09
CA MET A 117 1.45 3.33 10.91
C MET A 117 2.60 2.70 11.71
N CYS A 118 2.53 1.38 12.08
CA CYS A 118 3.69 0.63 12.60
C CYS A 118 4.75 0.33 11.54
N PHE A 119 4.36 -0.13 10.33
CA PHE A 119 5.25 -0.33 9.21
C PHE A 119 6.05 0.89 8.80
N LYS A 120 5.36 2.05 8.68
CA LYS A 120 5.96 3.31 8.37
C LYS A 120 6.96 3.72 9.45
N ALA A 121 6.65 3.36 10.72
CA ALA A 121 7.45 3.71 11.87
C ALA A 121 8.86 3.16 11.79
N GLU A 122 8.96 1.89 11.36
CA GLU A 122 10.19 1.20 11.07
C GLU A 122 10.97 1.73 9.86
N ILE A 123 10.35 1.99 8.67
CA ILE A 123 11.03 2.59 7.53
C ILE A 123 11.46 4.04 7.75
N HIS A 124 10.83 4.75 8.70
CA HIS A 124 11.26 6.05 9.18
C HIS A 124 12.64 5.99 9.83
N LYS A 125 12.92 4.92 10.61
CA LYS A 125 14.14 4.78 11.40
C LYS A 125 15.37 4.45 10.56
N LEU A 126 15.13 3.84 9.38
CA LEU A 126 16.12 3.29 8.47
C LEU A 126 16.98 4.32 7.75
N ASP A 127 18.20 3.89 7.38
CA ASP A 127 19.22 4.71 6.76
C ASP A 127 19.05 4.74 5.23
N TRP A 128 18.01 4.05 4.70
CA TRP A 128 17.71 4.06 3.28
C TRP A 128 16.22 4.34 3.16
N ALA A 129 15.78 4.89 2.01
CA ALA A 129 14.39 5.19 1.79
C ALA A 129 13.80 4.31 0.70
N PRO A 130 12.78 3.47 0.92
CA PRO A 130 11.88 3.03 -0.13
C PRO A 130 11.02 4.20 -0.57
N THR A 131 10.56 4.20 -1.84
CA THR A 131 9.58 5.17 -2.31
C THR A 131 8.23 4.64 -1.91
N LEU A 132 7.15 5.45 -2.00
CA LEU A 132 5.81 4.99 -1.66
C LEU A 132 5.36 3.84 -2.54
N ASP A 133 5.78 3.81 -3.83
CA ASP A 133 5.44 2.74 -4.76
C ASP A 133 5.90 1.37 -4.29
N VAL A 134 7.12 1.27 -3.72
CA VAL A 134 7.74 0.06 -3.18
C VAL A 134 7.37 -0.17 -1.73
N ALA A 135 7.41 0.88 -0.88
CA ALA A 135 7.05 0.77 0.52
C ALA A 135 5.61 0.38 0.75
N VAL A 136 4.64 1.03 0.08
CA VAL A 136 3.27 0.59 0.21
C VAL A 136 3.07 -0.58 -0.68
N GLY A 137 3.85 -0.68 -1.78
CA GLY A 137 3.63 -1.74 -2.75
C GLY A 137 3.86 -3.11 -2.20
N GLU A 138 4.93 -3.34 -1.41
CA GLU A 138 5.11 -4.63 -0.75
C GLU A 138 4.03 -4.96 0.28
N LEU A 139 3.52 -3.95 1.04
CA LEU A 139 2.37 -4.12 1.89
C LEU A 139 1.14 -4.49 1.14
N LEU A 140 0.81 -3.65 0.15
CA LEU A 140 -0.42 -3.85 -0.58
C LEU A 140 -0.39 -5.11 -1.43
N ALA A 141 0.75 -5.45 -2.05
CA ALA A 141 0.93 -6.69 -2.76
C ALA A 141 0.75 -7.93 -1.89
N ASP A 142 1.32 -7.96 -0.67
CA ASP A 142 1.13 -9.06 0.26
C ASP A 142 -0.29 -9.06 0.86
N THR A 143 -0.89 -7.87 1.05
CA THR A 143 -2.23 -7.71 1.66
C THR A 143 -3.39 -8.38 0.88
N SER A 1 -4.35 5.40 -36.53
CA SER A 1 -4.24 4.21 -35.58
C SER A 1 -2.88 4.01 -34.94
N LYS A 2 -1.78 4.19 -35.69
CA LYS A 2 -0.45 3.78 -35.30
C LYS A 2 0.14 4.79 -34.34
N GLU A 3 0.41 4.30 -33.11
CA GLU A 3 0.75 4.95 -31.86
C GLU A 3 -0.18 6.09 -31.48
N VAL A 4 -1.46 5.99 -31.92
CA VAL A 4 -2.48 6.98 -31.61
C VAL A 4 -3.31 6.51 -30.45
N MET A 5 -3.73 5.22 -30.52
CA MET A 5 -4.96 4.76 -29.95
C MET A 5 -4.99 4.74 -28.44
N LYS A 6 -3.83 4.51 -27.80
CA LYS A 6 -3.74 4.41 -26.36
C LYS A 6 -3.47 5.79 -25.79
N GLN A 7 -4.44 6.31 -25.03
CA GLN A 7 -4.44 7.69 -24.57
C GLN A 7 -4.59 7.85 -23.06
N MET A 8 -5.25 6.90 -22.36
CA MET A 8 -5.48 6.97 -20.94
C MET A 8 -4.72 5.85 -20.27
N THR A 9 -3.97 6.15 -19.20
CA THR A 9 -3.23 5.16 -18.42
C THR A 9 -4.10 4.58 -17.32
N ILE A 10 -3.69 3.40 -16.78
CA ILE A 10 -4.36 2.74 -15.68
C ILE A 10 -3.44 2.93 -14.48
N ASN A 11 -4.01 3.37 -13.33
CA ASN A 11 -3.21 3.79 -12.19
C ASN A 11 -3.92 3.38 -10.91
N PHE A 12 -3.36 3.81 -9.76
CA PHE A 12 -3.80 3.45 -8.42
C PHE A 12 -5.19 3.94 -8.04
N ALA A 13 -5.75 4.96 -8.72
CA ALA A 13 -7.11 5.41 -8.50
C ALA A 13 -8.18 4.41 -8.88
N LYS A 14 -7.96 3.59 -9.93
CA LYS A 14 -8.97 2.68 -10.42
C LYS A 14 -9.35 1.59 -9.42
N PRO A 15 -8.44 0.85 -8.75
CA PRO A 15 -8.82 0.07 -7.58
C PRO A 15 -9.22 0.89 -6.37
N MET A 16 -8.70 2.13 -6.17
CA MET A 16 -9.04 2.91 -4.99
C MET A 16 -10.51 3.34 -4.98
N GLU A 17 -11.05 3.81 -6.13
CA GLU A 17 -12.43 4.22 -6.26
C GLU A 17 -13.38 3.03 -6.24
N ALA A 18 -12.91 1.86 -6.72
CA ALA A 18 -13.59 0.60 -6.55
C ALA A 18 -13.72 0.19 -5.11
N CYS A 19 -12.67 0.34 -4.27
CA CYS A 19 -12.75 0.08 -2.84
C CYS A 19 -13.79 0.96 -2.19
N LYS A 20 -13.88 2.27 -2.51
CA LYS A 20 -14.79 3.17 -1.81
C LYS A 20 -16.24 2.72 -1.93
N GLN A 21 -16.67 2.30 -3.14
CA GLN A 21 -17.99 1.75 -3.34
C GLN A 21 -18.17 0.32 -2.87
N GLU A 22 -17.17 -0.56 -3.12
CA GLU A 22 -17.14 -1.98 -2.80
C GLU A 22 -17.27 -2.19 -1.33
N LEU A 23 -16.61 -1.31 -0.58
CA LEU A 23 -16.59 -1.41 0.85
C LEU A 23 -17.81 -0.72 1.45
N ASN A 24 -18.61 -0.01 0.62
CA ASN A 24 -19.75 0.80 0.98
C ASN A 24 -19.41 1.90 2.00
N VAL A 25 -18.31 2.64 1.77
CA VAL A 25 -17.78 3.65 2.68
C VAL A 25 -17.84 5.01 2.00
N PRO A 26 -17.82 6.13 2.70
CA PRO A 26 -17.81 7.45 2.08
C PRO A 26 -16.48 7.80 1.45
N ASP A 27 -16.52 8.84 0.58
CA ASP A 27 -15.46 9.43 -0.20
C ASP A 27 -14.39 9.96 0.73
N ALA A 28 -14.84 10.41 1.92
CA ALA A 28 -14.06 10.90 3.02
C ALA A 28 -13.05 9.91 3.56
N VAL A 29 -13.35 8.59 3.56
CA VAL A 29 -12.45 7.69 4.25
C VAL A 29 -11.47 7.02 3.30
N MET A 30 -11.79 6.87 2.00
CA MET A 30 -10.80 6.42 1.04
C MET A 30 -9.72 7.48 0.86
N GLN A 31 -10.11 8.78 0.96
CA GLN A 31 -9.19 9.88 0.80
C GLN A 31 -8.26 10.02 1.98
N ASP A 32 -8.65 9.43 3.12
CA ASP A 32 -7.79 9.32 4.29
C ASP A 32 -6.54 8.49 4.04
N PHE A 33 -6.63 7.39 3.27
CA PHE A 33 -5.46 6.60 2.91
C PHE A 33 -4.41 7.36 2.13
N PHE A 34 -4.79 8.15 1.10
CA PHE A 34 -3.79 8.90 0.37
C PHE A 34 -3.21 10.08 1.11
N ASN A 35 -4.04 10.71 1.95
CA ASN A 35 -3.67 11.77 2.86
C ASN A 35 -2.71 11.35 3.97
N PHE A 36 -2.51 10.03 4.20
CA PHE A 36 -1.55 9.48 5.15
C PHE A 36 -0.14 9.95 4.79
N TRP A 37 0.17 9.97 3.47
CA TRP A 37 1.47 10.28 2.92
C TRP A 37 1.87 11.73 3.12
N LYS A 38 0.88 12.63 3.34
CA LYS A 38 1.10 14.03 3.64
C LYS A 38 1.90 14.20 4.93
N GLU A 39 3.02 14.96 4.88
CA GLU A 39 3.97 15.00 5.97
C GLU A 39 3.40 15.67 7.21
N GLY A 40 3.42 14.94 8.35
CA GLY A 40 2.88 15.41 9.62
C GLY A 40 1.41 15.11 9.81
N TYR A 41 0.69 14.56 8.81
CA TYR A 41 -0.75 14.40 8.89
C TYR A 41 -1.11 13.14 9.65
N GLN A 42 -2.05 13.27 10.59
CA GLN A 42 -2.45 12.15 11.41
C GLN A 42 -3.67 11.47 10.82
N ILE A 43 -3.49 10.21 10.41
CA ILE A 43 -4.56 9.29 10.09
C ILE A 43 -4.70 8.26 11.20
N THR A 44 -5.89 8.24 11.83
CA THR A 44 -6.20 7.41 12.98
C THR A 44 -7.49 6.64 12.77
N ASN A 45 -8.12 6.76 11.59
CA ASN A 45 -9.49 6.38 11.35
C ASN A 45 -9.60 4.93 10.96
N ARG A 46 -10.56 4.21 11.58
CA ARG A 46 -10.77 2.78 11.47
C ARG A 46 -11.05 2.33 10.04
N GLU A 47 -11.74 3.17 9.26
CA GLU A 47 -11.92 3.01 7.83
C GLU A 47 -10.69 3.07 6.99
N ALA A 48 -9.64 3.80 7.41
CA ALA A 48 -8.40 3.86 6.65
C ALA A 48 -7.80 2.47 6.44
N GLY A 49 -7.80 1.60 7.47
CA GLY A 49 -7.31 0.23 7.35
C GLY A 49 -8.12 -0.60 6.42
N CYS A 50 -9.47 -0.39 6.44
CA CYS A 50 -10.43 -1.12 5.63
C CYS A 50 -10.19 -0.86 4.16
N VAL A 51 -9.92 0.41 3.77
CA VAL A 51 -9.51 0.73 2.41
C VAL A 51 -8.14 0.17 2.09
N ILE A 52 -7.16 0.28 3.01
CA ILE A 52 -5.79 -0.14 2.77
C ILE A 52 -5.66 -1.60 2.41
N LEU A 53 -6.34 -2.49 3.14
CA LEU A 53 -6.35 -3.91 2.87
C LEU A 53 -7.03 -4.29 1.58
N CYS A 54 -8.02 -3.47 1.16
CA CYS A 54 -8.72 -3.58 -0.11
C CYS A 54 -7.80 -3.39 -1.30
N LEU A 55 -6.85 -2.41 -1.31
CA LEU A 55 -5.92 -2.28 -2.40
C LEU A 55 -5.06 -3.49 -2.59
N ALA A 56 -4.65 -4.15 -1.50
CA ALA A 56 -3.73 -5.26 -1.49
C ALA A 56 -4.14 -6.44 -2.34
N LYS A 57 -5.45 -6.74 -2.33
CA LYS A 57 -6.03 -7.68 -3.26
C LYS A 57 -6.08 -7.15 -4.69
N LYS A 58 -6.43 -5.86 -4.86
CA LYS A 58 -6.76 -5.25 -6.13
C LYS A 58 -5.56 -4.60 -6.82
N LEU A 59 -4.41 -5.32 -6.86
CA LEU A 59 -3.18 -4.86 -7.49
C LEU A 59 -3.14 -5.31 -8.91
N GLU A 60 -3.90 -6.37 -9.19
CA GLU A 60 -4.13 -6.92 -10.52
C GLU A 60 -4.87 -5.93 -11.42
N LEU A 61 -5.50 -4.91 -10.79
CA LEU A 61 -6.12 -3.76 -11.43
C LEU A 61 -5.09 -2.81 -12.02
N LEU A 62 -3.87 -2.80 -11.44
CA LEU A 62 -2.78 -1.88 -11.71
C LEU A 62 -2.10 -2.24 -13.03
N ASP A 63 -1.36 -1.26 -13.59
CA ASP A 63 -0.79 -1.39 -14.91
C ASP A 63 0.48 -2.25 -14.86
N GLN A 64 0.73 -3.06 -15.89
CA GLN A 64 1.94 -3.86 -16.02
C GLN A 64 3.23 -3.05 -16.07
N ASP A 65 3.18 -1.79 -16.57
CA ASP A 65 4.33 -0.91 -16.66
C ASP A 65 5.01 -0.64 -15.32
N MET A 66 4.25 -0.53 -14.21
CA MET A 66 4.84 -0.36 -12.89
C MET A 66 5.38 -1.67 -12.32
N ASN A 67 4.95 -2.83 -12.87
CA ASN A 67 5.27 -4.20 -12.48
C ASN A 67 4.78 -4.66 -11.11
N LEU A 68 3.71 -4.08 -10.53
CA LEU A 68 3.19 -4.57 -9.26
C LEU A 68 2.29 -5.77 -9.48
N HIS A 69 2.63 -6.91 -8.84
CA HIS A 69 1.72 -8.01 -8.74
C HIS A 69 1.84 -8.56 -7.35
N HIS A 70 0.71 -9.05 -6.80
CA HIS A 70 0.60 -9.56 -5.46
C HIS A 70 1.43 -10.82 -5.30
N GLY A 71 2.25 -10.87 -4.22
CA GLY A 71 3.15 -11.97 -3.93
C GLY A 71 4.54 -11.84 -4.54
N LYS A 72 4.75 -10.89 -5.47
CA LYS A 72 5.98 -10.76 -6.26
C LYS A 72 6.85 -9.64 -5.72
N ALA A 73 6.68 -9.26 -4.44
CA ALA A 73 7.32 -8.10 -3.83
C ALA A 73 8.82 -8.11 -3.91
N MET A 74 9.48 -9.25 -3.66
CA MET A 74 10.93 -9.30 -3.66
C MET A 74 11.52 -8.93 -5.03
N GLU A 75 10.87 -9.35 -6.13
CA GLU A 75 11.27 -8.97 -7.48
C GLU A 75 10.85 -7.55 -7.85
N PHE A 76 9.59 -7.18 -7.55
CA PHE A 76 8.99 -5.87 -7.76
C PHE A 76 9.70 -4.75 -7.02
N ALA A 77 10.06 -4.95 -5.75
CA ALA A 77 10.73 -3.97 -4.92
C ALA A 77 12.05 -3.52 -5.52
N MET A 78 12.83 -4.48 -6.08
CA MET A 78 14.08 -4.23 -6.78
C MET A 78 13.91 -3.42 -8.05
N LYS A 79 12.81 -3.64 -8.83
CA LYS A 79 12.49 -2.87 -10.02
C LYS A 79 12.26 -1.38 -9.70
N HIS A 80 11.83 -1.07 -8.45
CA HIS A 80 11.61 0.27 -7.95
C HIS A 80 12.76 0.86 -7.16
N GLY A 81 13.97 0.25 -7.24
CA GLY A 81 15.17 0.88 -6.75
C GLY A 81 15.55 0.52 -5.36
N ALA A 82 14.78 -0.36 -4.68
CA ALA A 82 15.26 -1.04 -3.49
C ALA A 82 16.39 -2.00 -3.84
N ASP A 83 17.44 -2.13 -3.00
CA ASP A 83 18.43 -3.18 -3.19
C ASP A 83 17.90 -4.47 -2.58
N GLU A 84 18.60 -5.62 -2.77
CA GLU A 84 18.06 -6.92 -2.38
C GLU A 84 17.89 -7.05 -0.87
N ALA A 85 18.76 -6.37 -0.11
CA ALA A 85 18.70 -6.26 1.33
C ALA A 85 17.51 -5.43 1.81
N MET A 86 17.30 -4.27 1.17
CA MET A 86 16.20 -3.35 1.37
C MET A 86 14.85 -3.94 1.02
N ALA A 87 14.80 -4.70 -0.09
CA ALA A 87 13.61 -5.38 -0.56
C ALA A 87 13.04 -6.36 0.46
N LYS A 88 13.91 -7.20 1.06
CA LYS A 88 13.53 -8.12 2.12
C LYS A 88 13.35 -7.41 3.46
N GLN A 89 14.04 -6.28 3.68
CA GLN A 89 13.83 -5.42 4.82
C GLN A 89 12.44 -4.85 4.96
N LEU A 90 11.77 -4.38 3.87
CA LEU A 90 10.41 -3.92 3.97
C LEU A 90 9.45 -5.03 4.38
N LEU A 91 9.64 -6.24 3.83
CA LEU A 91 8.92 -7.42 4.24
C LEU A 91 9.23 -7.82 5.69
N ASP A 92 10.51 -7.72 6.13
CA ASP A 92 10.96 -7.96 7.50
C ASP A 92 10.37 -6.97 8.50
N ILE A 93 10.32 -5.64 8.16
CA ILE A 93 9.70 -4.60 9.00
C ILE A 93 8.24 -4.91 9.24
N LYS A 94 7.51 -5.31 8.19
CA LYS A 94 6.10 -5.61 8.30
C LYS A 94 5.83 -6.67 9.32
N HIS A 95 6.42 -7.85 9.15
CA HIS A 95 6.18 -8.99 9.99
C HIS A 95 6.70 -8.77 11.39
N SER A 96 7.78 -7.96 11.53
CA SER A 96 8.29 -7.54 12.83
C SER A 96 7.31 -6.64 13.58
N CYS A 97 6.70 -5.68 12.84
CA CYS A 97 5.66 -4.79 13.33
C CYS A 97 4.36 -5.46 13.67
N GLU A 98 4.00 -6.57 13.00
CA GLU A 98 2.75 -7.30 13.20
C GLU A 98 2.64 -7.82 14.62
N LYS A 99 3.81 -8.10 15.22
CA LYS A 99 4.00 -8.65 16.53
C LYS A 99 3.72 -7.59 17.58
N VAL A 100 4.20 -6.35 17.33
CA VAL A 100 4.23 -5.28 18.31
C VAL A 100 2.93 -4.51 18.34
N ILE A 101 2.26 -4.39 17.17
CA ILE A 101 0.98 -3.71 17.04
C ILE A 101 -0.19 -4.48 17.63
N THR A 102 -1.27 -3.74 17.98
CA THR A 102 -2.55 -4.38 18.25
C THR A 102 -3.18 -4.94 16.99
N ILE A 103 -3.52 -6.25 17.08
CA ILE A 103 -4.20 -7.07 16.13
C ILE A 103 -5.54 -7.26 16.73
N VAL A 104 -6.58 -7.06 15.93
CA VAL A 104 -7.92 -7.26 16.37
C VAL A 104 -8.45 -8.44 15.61
N ALA A 105 -8.99 -9.43 16.32
CA ALA A 105 -9.71 -10.55 15.75
C ALA A 105 -10.98 -10.16 15.00
N ASP A 106 -11.79 -9.28 15.62
CA ASP A 106 -13.00 -8.73 15.06
C ASP A 106 -12.79 -7.86 13.83
N ASP A 107 -11.71 -7.05 13.82
CA ASP A 107 -11.58 -5.92 12.92
C ASP A 107 -10.24 -6.01 12.19
N PRO A 108 -10.09 -6.50 10.96
CA PRO A 108 -8.79 -6.54 10.29
C PRO A 108 -8.27 -5.15 9.93
N CYS A 109 -9.11 -4.11 10.01
CA CYS A 109 -8.79 -2.76 9.60
C CYS A 109 -7.82 -2.11 10.57
N GLN A 110 -8.04 -2.26 11.90
CA GLN A 110 -7.11 -1.83 12.94
C GLN A 110 -5.79 -2.54 12.83
N THR A 111 -5.80 -3.88 12.62
CA THR A 111 -4.60 -4.68 12.39
C THR A 111 -3.80 -4.13 11.22
N MET A 112 -4.43 -3.83 10.07
CA MET A 112 -3.73 -3.27 8.93
C MET A 112 -3.22 -1.85 9.12
N LEU A 113 -4.07 -0.93 9.63
CA LEU A 113 -3.75 0.47 9.86
C LEU A 113 -2.69 0.66 10.91
N ASN A 114 -2.81 -0.06 12.05
CA ASN A 114 -1.85 -0.05 13.15
C ASN A 114 -0.51 -0.56 12.64
N LEU A 115 -0.52 -1.63 11.81
CA LEU A 115 0.67 -2.13 11.17
C LEU A 115 1.28 -1.14 10.24
N ALA A 116 0.46 -0.52 9.39
CA ALA A 116 0.91 0.37 8.33
C ALA A 116 1.58 1.58 8.91
N MET A 117 1.00 2.15 9.98
CA MET A 117 1.58 3.25 10.69
C MET A 117 2.84 2.83 11.48
N CYS A 118 2.95 1.54 11.97
CA CYS A 118 4.22 0.98 12.49
C CYS A 118 5.28 0.76 11.42
N PHE A 119 4.91 0.15 10.27
CA PHE A 119 5.78 -0.03 9.13
C PHE A 119 6.43 1.23 8.60
N LYS A 120 5.62 2.29 8.41
CA LYS A 120 6.08 3.58 7.98
C LYS A 120 6.99 4.23 9.01
N ALA A 121 6.79 3.88 10.30
CA ALA A 121 7.59 4.40 11.40
C ALA A 121 9.04 3.97 11.30
N GLU A 122 9.27 2.68 10.96
CA GLU A 122 10.57 2.10 10.74
C GLU A 122 11.30 2.62 9.51
N ILE A 123 10.66 2.75 8.32
CA ILE A 123 11.27 3.34 7.13
C ILE A 123 11.57 4.82 7.25
N HIS A 124 10.89 5.56 8.16
CA HIS A 124 11.21 6.92 8.54
C HIS A 124 12.60 7.00 9.17
N LYS A 125 12.97 6.01 10.02
CA LYS A 125 14.21 6.00 10.78
C LYS A 125 15.45 5.73 9.91
N LEU A 126 15.25 5.01 8.78
CA LEU A 126 16.25 4.51 7.86
C LEU A 126 16.98 5.57 7.06
N ASP A 127 18.23 5.24 6.66
CA ASP A 127 19.14 6.12 5.95
C ASP A 127 18.89 6.10 4.44
N TRP A 128 17.92 5.29 3.97
CA TRP A 128 17.52 5.23 2.58
C TRP A 128 16.01 5.38 2.54
N ALA A 129 15.44 5.89 1.43
CA ALA A 129 14.02 6.07 1.33
C ALA A 129 13.41 5.18 0.26
N PRO A 130 12.51 4.24 0.54
CA PRO A 130 11.61 3.70 -0.47
C PRO A 130 10.57 4.75 -0.87
N THR A 131 10.03 4.67 -2.10
CA THR A 131 8.91 5.50 -2.55
C THR A 131 7.65 4.81 -2.10
N LEU A 132 6.46 5.46 -2.23
CA LEU A 132 5.20 4.84 -1.86
C LEU A 132 4.90 3.60 -2.68
N ASP A 133 5.33 3.55 -3.97
CA ASP A 133 5.10 2.43 -4.87
C ASP A 133 5.72 1.12 -4.36
N VAL A 134 6.91 1.23 -3.73
CA VAL A 134 7.70 0.13 -3.18
C VAL A 134 7.41 -0.07 -1.71
N ALA A 135 7.35 1.01 -0.90
CA ALA A 135 7.02 0.91 0.50
C ALA A 135 5.63 0.38 0.78
N VAL A 136 4.58 0.90 0.11
CA VAL A 136 3.26 0.29 0.29
C VAL A 136 3.18 -0.95 -0.54
N GLY A 137 3.94 -0.99 -1.67
CA GLY A 137 3.85 -2.10 -2.58
C GLY A 137 4.22 -3.42 -2.00
N GLU A 138 5.32 -3.53 -1.22
CA GLU A 138 5.71 -4.78 -0.61
C GLU A 138 4.77 -5.22 0.50
N LEU A 139 4.13 -4.25 1.21
CA LEU A 139 3.04 -4.50 2.12
C LEU A 139 1.88 -5.06 1.42
N LEU A 140 1.36 -4.28 0.45
CA LEU A 140 0.14 -4.66 -0.22
C LEU A 140 0.31 -5.91 -1.06
N ALA A 141 1.46 -6.12 -1.73
CA ALA A 141 1.74 -7.35 -2.41
C ALA A 141 1.78 -8.58 -1.53
N ASP A 142 2.35 -8.51 -0.30
CA ASP A 142 2.36 -9.63 0.61
C ASP A 142 1.03 -9.78 1.33
N THR A 143 0.31 -8.65 1.56
CA THR A 143 -0.95 -8.59 2.33
C THR A 143 -2.14 -9.35 1.70
N SER A 1 -4.84 -3.12 -30.75
CA SER A 1 -5.98 -2.23 -30.27
C SER A 1 -5.72 -1.51 -28.96
N LYS A 2 -5.12 -2.17 -27.96
CA LYS A 2 -4.93 -1.64 -26.62
C LYS A 2 -4.01 -0.43 -26.55
N GLU A 3 -2.98 -0.37 -27.42
CA GLU A 3 -2.06 0.74 -27.52
C GLU A 3 -2.52 1.85 -28.44
N VAL A 4 -3.72 1.65 -28.99
CA VAL A 4 -4.33 2.54 -29.98
C VAL A 4 -5.43 3.33 -29.32
N MET A 5 -6.33 2.60 -28.61
CA MET A 5 -7.70 2.98 -28.43
C MET A 5 -7.92 4.18 -27.53
N LYS A 6 -7.01 4.40 -26.56
CA LYS A 6 -7.09 5.48 -25.61
C LYS A 6 -5.84 6.31 -25.52
N GLN A 7 -6.07 7.49 -24.92
CA GLN A 7 -5.10 8.56 -24.72
C GLN A 7 -3.95 8.20 -23.81
N MET A 8 -4.21 7.42 -22.74
CA MET A 8 -3.21 6.92 -21.83
C MET A 8 -3.48 5.44 -21.65
N THR A 9 -2.41 4.60 -21.58
CA THR A 9 -2.54 3.18 -21.36
C THR A 9 -2.39 2.81 -19.89
N ILE A 10 -1.66 3.62 -19.10
CA ILE A 10 -1.40 3.35 -17.69
C ILE A 10 -1.99 4.47 -16.86
N ASN A 11 -2.91 4.13 -15.93
CA ASN A 11 -3.33 5.02 -14.87
C ASN A 11 -3.34 4.21 -13.58
N PHE A 12 -2.95 4.82 -12.45
CA PHE A 12 -2.97 4.20 -11.13
C PHE A 12 -4.35 4.26 -10.45
N ALA A 13 -5.26 5.08 -10.99
CA ALA A 13 -6.55 5.41 -10.42
C ALA A 13 -7.63 4.37 -10.51
N LYS A 14 -7.58 3.43 -11.47
CA LYS A 14 -8.64 2.44 -11.66
C LYS A 14 -8.92 1.56 -10.45
N PRO A 15 -7.98 0.95 -9.71
CA PRO A 15 -8.31 0.32 -8.45
C PRO A 15 -8.71 1.29 -7.34
N MET A 16 -8.27 2.57 -7.38
CA MET A 16 -8.59 3.52 -6.33
C MET A 16 -10.03 4.02 -6.42
N GLU A 17 -10.50 4.34 -7.64
CA GLU A 17 -11.87 4.77 -7.88
C GLU A 17 -12.85 3.63 -7.74
N ALA A 18 -12.42 2.40 -8.11
CA ALA A 18 -13.15 1.19 -7.83
C ALA A 18 -13.30 0.92 -6.36
N CYS A 19 -12.22 1.08 -5.54
CA CYS A 19 -12.30 0.85 -4.11
C CYS A 19 -13.32 1.83 -3.52
N LYS A 20 -13.26 3.13 -3.89
CA LYS A 20 -14.08 4.15 -3.24
C LYS A 20 -15.58 3.86 -3.38
N GLN A 21 -16.03 3.44 -4.58
CA GLN A 21 -17.42 3.05 -4.78
C GLN A 21 -17.77 1.69 -4.23
N GLU A 22 -16.86 0.69 -4.38
CA GLU A 22 -17.01 -0.70 -3.97
C GLU A 22 -17.21 -0.78 -2.48
N LEU A 23 -16.47 0.07 -1.76
CA LEU A 23 -16.51 0.07 -0.31
C LEU A 23 -17.70 0.88 0.17
N ASN A 24 -18.39 1.59 -0.76
CA ASN A 24 -19.48 2.52 -0.54
C ASN A 24 -19.12 3.67 0.39
N VAL A 25 -17.93 4.28 0.19
CA VAL A 25 -17.37 5.30 1.06
C VAL A 25 -17.24 6.61 0.28
N PRO A 26 -17.17 7.78 0.91
CA PRO A 26 -16.96 9.03 0.21
C PRO A 26 -15.53 9.22 -0.26
N ASP A 27 -15.35 10.20 -1.17
CA ASP A 27 -14.11 10.63 -1.79
C ASP A 27 -13.16 11.21 -0.74
N ALA A 28 -13.74 11.69 0.37
CA ALA A 28 -13.06 12.17 1.55
C ALA A 28 -12.20 11.12 2.22
N VAL A 29 -12.56 9.83 2.16
CA VAL A 29 -11.82 8.86 2.94
C VAL A 29 -10.83 8.08 2.11
N MET A 30 -11.02 7.98 0.78
CA MET A 30 -9.98 7.46 -0.09
C MET A 30 -8.79 8.42 -0.15
N GLN A 31 -9.05 9.75 -0.05
CA GLN A 31 -8.02 10.77 -0.04
C GLN A 31 -7.29 10.84 1.29
N ASP A 32 -7.87 10.24 2.35
CA ASP A 32 -7.17 10.03 3.60
C ASP A 32 -5.90 9.18 3.43
N PHE A 33 -5.94 8.14 2.57
CA PHE A 33 -4.79 7.37 2.13
C PHE A 33 -3.73 8.19 1.39
N PHE A 34 -4.11 9.13 0.51
CA PHE A 34 -3.17 10.06 -0.13
C PHE A 34 -2.47 10.98 0.87
N ASN A 35 -3.23 11.56 1.81
CA ASN A 35 -2.78 12.38 2.93
C ASN A 35 -1.94 11.65 3.95
N PHE A 36 -2.07 10.32 4.06
CA PHE A 36 -1.39 9.43 4.98
C PHE A 36 0.12 9.55 4.86
N TRP A 37 0.63 9.66 3.63
CA TRP A 37 2.05 9.70 3.34
C TRP A 37 2.65 11.08 3.56
N LYS A 38 1.81 12.11 3.83
CA LYS A 38 2.26 13.45 4.18
C LYS A 38 3.04 13.48 5.49
N GLU A 39 4.20 14.17 5.53
CA GLU A 39 5.05 14.20 6.72
C GLU A 39 4.36 14.88 7.90
N GLY A 40 4.30 14.16 9.05
CA GLY A 40 3.73 14.66 10.29
C GLY A 40 2.23 14.59 10.38
N TYR A 41 1.52 14.08 9.34
CA TYR A 41 0.08 14.16 9.30
C TYR A 41 -0.53 12.95 9.96
N GLN A 42 -1.52 13.19 10.84
CA GLN A 42 -2.17 12.12 11.55
C GLN A 42 -3.43 11.69 10.81
N ILE A 43 -3.43 10.43 10.35
CA ILE A 43 -4.61 9.71 9.92
C ILE A 43 -5.00 8.70 10.98
N THR A 44 -6.24 8.81 11.47
CA THR A 44 -6.77 7.99 12.57
C THR A 44 -8.07 7.34 12.16
N ASN A 45 -8.48 7.49 10.88
CA ASN A 45 -9.81 7.14 10.42
C ASN A 45 -9.88 5.73 9.90
N ARG A 46 -10.88 4.97 10.38
CA ARG A 46 -11.07 3.56 10.12
C ARG A 46 -11.25 3.22 8.65
N GLU A 47 -11.85 4.15 7.88
CA GLU A 47 -11.93 4.10 6.45
C GLU A 47 -10.62 4.15 5.73
N ALA A 48 -9.61 4.85 6.28
CA ALA A 48 -8.30 4.87 5.63
C ALA A 48 -7.74 3.47 5.49
N GLY A 49 -7.90 2.64 6.54
CA GLY A 49 -7.51 1.24 6.55
C GLY A 49 -8.26 0.41 5.56
N CYS A 50 -9.58 0.65 5.45
CA CYS A 50 -10.47 -0.07 4.56
C CYS A 50 -10.10 0.14 3.11
N VAL A 51 -9.74 1.40 2.71
CA VAL A 51 -9.22 1.63 1.38
C VAL A 51 -7.85 1.01 1.17
N ILE A 52 -6.96 1.06 2.17
CA ILE A 52 -5.60 0.54 2.05
C ILE A 52 -5.55 -0.94 1.74
N LEU A 53 -6.35 -1.74 2.46
CA LEU A 53 -6.42 -3.17 2.28
C LEU A 53 -7.02 -3.63 0.98
N CYS A 54 -7.91 -2.79 0.44
CA CYS A 54 -8.54 -2.89 -0.85
C CYS A 54 -7.56 -2.72 -2.00
N LEU A 55 -6.57 -1.78 -1.99
CA LEU A 55 -5.58 -1.78 -3.04
C LEU A 55 -4.80 -3.05 -3.09
N ALA A 56 -4.46 -3.62 -1.93
CA ALA A 56 -3.71 -4.84 -1.77
C ALA A 56 -4.29 -6.05 -2.48
N LYS A 57 -5.64 -6.14 -2.53
CA LYS A 57 -6.31 -7.16 -3.30
C LYS A 57 -6.41 -6.80 -4.79
N LYS A 58 -6.36 -5.49 -5.14
CA LYS A 58 -6.60 -4.94 -6.47
C LYS A 58 -5.32 -4.51 -7.19
N LEU A 59 -4.21 -5.25 -6.99
CA LEU A 59 -2.90 -4.92 -7.58
C LEU A 59 -2.81 -5.44 -8.99
N GLU A 60 -3.72 -6.37 -9.28
CA GLU A 60 -3.94 -7.03 -10.56
C GLU A 60 -4.34 -6.03 -11.62
N LEU A 61 -4.99 -4.97 -11.13
CA LEU A 61 -5.50 -3.82 -11.84
C LEU A 61 -4.38 -2.93 -12.34
N LEU A 62 -3.23 -2.95 -11.63
CA LEU A 62 -2.05 -2.15 -11.85
C LEU A 62 -1.30 -2.63 -13.08
N ASP A 63 -0.44 -1.77 -13.63
CA ASP A 63 0.25 -2.07 -14.87
C ASP A 63 1.38 -3.09 -14.71
N GLN A 64 1.56 -3.98 -15.71
CA GLN A 64 2.62 -4.98 -15.71
C GLN A 64 4.02 -4.41 -15.74
N ASP A 65 4.21 -3.22 -16.34
CA ASP A 65 5.49 -2.52 -16.45
C ASP A 65 6.15 -2.25 -15.09
N MET A 66 5.37 -1.90 -14.04
CA MET A 66 5.93 -1.72 -12.70
C MET A 66 6.19 -3.02 -11.98
N ASN A 67 5.68 -4.16 -12.53
CA ASN A 67 5.79 -5.52 -12.05
C ASN A 67 5.16 -5.81 -10.69
N LEU A 68 4.12 -5.06 -10.26
CA LEU A 68 3.50 -5.40 -8.98
C LEU A 68 2.53 -6.55 -9.14
N HIS A 69 2.77 -7.66 -8.40
CA HIS A 69 1.77 -8.70 -8.26
C HIS A 69 1.76 -9.05 -6.79
N HIS A 70 0.58 -9.42 -6.29
CA HIS A 70 0.37 -9.82 -4.91
C HIS A 70 1.12 -11.11 -4.60
N GLY A 71 1.90 -11.10 -3.51
CA GLY A 71 2.75 -12.21 -3.08
C GLY A 71 4.16 -12.19 -3.60
N LYS A 72 4.49 -11.29 -4.57
CA LYS A 72 5.74 -11.31 -5.31
C LYS A 72 6.62 -10.15 -4.90
N ALA A 73 6.48 -9.70 -3.63
CA ALA A 73 7.13 -8.51 -3.10
C ALA A 73 8.62 -8.52 -3.19
N MET A 74 9.28 -9.65 -2.87
CA MET A 74 10.74 -9.68 -2.92
C MET A 74 11.29 -9.39 -4.31
N GLU A 75 10.65 -9.96 -5.36
CA GLU A 75 11.05 -9.74 -6.74
C GLU A 75 10.73 -8.33 -7.23
N PHE A 76 9.51 -7.87 -6.91
CA PHE A 76 8.99 -6.54 -7.18
C PHE A 76 9.81 -5.44 -6.52
N ALA A 77 10.10 -5.58 -5.21
CA ALA A 77 10.80 -4.61 -4.43
C ALA A 77 12.20 -4.32 -4.96
N MET A 78 12.94 -5.39 -5.36
CA MET A 78 14.24 -5.26 -5.98
C MET A 78 14.21 -4.55 -7.33
N LYS A 79 13.17 -4.76 -8.18
CA LYS A 79 13.00 -3.99 -9.41
C LYS A 79 12.79 -2.49 -9.17
N HIS A 80 12.28 -2.11 -7.98
CA HIS A 80 12.07 -0.74 -7.54
C HIS A 80 13.21 -0.16 -6.74
N GLY A 81 14.39 -0.81 -6.73
CA GLY A 81 15.61 -0.20 -6.23
C GLY A 81 15.90 -0.51 -4.80
N ALA A 82 15.06 -1.33 -4.13
CA ALA A 82 15.44 -1.95 -2.87
C ALA A 82 16.55 -2.99 -3.08
N ASP A 83 17.54 -3.09 -2.16
CA ASP A 83 18.47 -4.20 -2.18
C ASP A 83 17.80 -5.40 -1.52
N GLU A 84 18.41 -6.61 -1.60
CA GLU A 84 17.79 -7.84 -1.14
C GLU A 84 17.56 -7.84 0.37
N ALA A 85 18.49 -7.21 1.10
CA ALA A 85 18.43 -6.94 2.52
C ALA A 85 17.31 -5.98 2.90
N MET A 86 17.18 -4.89 2.12
CA MET A 86 16.15 -3.88 2.28
C MET A 86 14.77 -4.40 1.96
N ALA A 87 14.66 -5.24 0.91
CA ALA A 87 13.43 -5.88 0.52
C ALA A 87 12.84 -6.76 1.60
N LYS A 88 13.68 -7.64 2.21
CA LYS A 88 13.26 -8.48 3.32
C LYS A 88 13.02 -7.68 4.58
N GLN A 89 13.73 -6.54 4.76
CA GLN A 89 13.48 -5.59 5.82
C GLN A 89 12.11 -4.96 5.82
N LEU A 90 11.51 -4.55 4.67
CA LEU A 90 10.18 -4.04 4.66
C LEU A 90 9.15 -5.08 5.10
N LEU A 91 9.31 -6.33 4.62
CA LEU A 91 8.50 -7.46 5.06
C LEU A 91 8.73 -7.77 6.55
N ASP A 92 10.00 -7.69 7.04
CA ASP A 92 10.38 -7.88 8.43
C ASP A 92 9.84 -6.82 9.39
N ILE A 93 9.87 -5.52 9.00
CA ILE A 93 9.24 -4.42 9.73
C ILE A 93 7.76 -4.69 9.88
N LYS A 94 7.12 -5.11 8.77
CA LYS A 94 5.72 -5.43 8.75
C LYS A 94 5.39 -6.49 9.75
N HIS A 95 6.11 -7.63 9.74
CA HIS A 95 5.64 -8.73 10.55
C HIS A 95 5.92 -8.45 12.00
N SER A 96 6.99 -7.65 12.20
CA SER A 96 7.41 -7.18 13.53
C SER A 96 6.38 -6.26 14.14
N CYS A 97 5.85 -5.34 13.33
CA CYS A 97 4.79 -4.42 13.68
C CYS A 97 3.46 -5.09 13.94
N GLU A 98 3.14 -6.20 13.25
CA GLU A 98 1.89 -6.94 13.39
C GLU A 98 1.71 -7.50 14.78
N LYS A 99 2.83 -7.71 15.49
CA LYS A 99 2.90 -8.22 16.84
C LYS A 99 2.49 -7.15 17.83
N VAL A 100 2.93 -5.90 17.56
CA VAL A 100 2.89 -4.81 18.52
C VAL A 100 1.66 -3.96 18.34
N ILE A 101 1.14 -3.86 17.10
CA ILE A 101 -0.10 -3.16 16.82
C ILE A 101 -1.33 -3.92 17.30
N THR A 102 -2.44 -3.18 17.55
CA THR A 102 -3.74 -3.80 17.69
C THR A 102 -4.22 -4.37 16.37
N ILE A 103 -4.49 -5.69 16.38
CA ILE A 103 -5.11 -6.49 15.37
C ILE A 103 -6.50 -6.67 15.87
N VAL A 104 -7.46 -6.43 14.97
CA VAL A 104 -8.83 -6.57 15.33
C VAL A 104 -9.35 -7.72 14.49
N ALA A 105 -10.00 -8.69 15.14
CA ALA A 105 -10.74 -9.74 14.48
C ALA A 105 -11.94 -9.26 13.67
N ASP A 106 -12.75 -8.37 14.28
CA ASP A 106 -13.90 -7.73 13.67
C ASP A 106 -13.57 -6.80 12.50
N ASP A 107 -12.46 -6.06 12.60
CA ASP A 107 -12.23 -4.88 11.79
C ASP A 107 -10.83 -5.00 11.14
N PRO A 108 -10.63 -5.57 9.96
CA PRO A 108 -9.31 -5.71 9.36
C PRO A 108 -8.73 -4.37 8.92
N CYS A 109 -9.56 -3.31 8.87
CA CYS A 109 -9.19 -1.97 8.47
C CYS A 109 -8.25 -1.35 9.50
N GLN A 110 -8.56 -1.52 10.82
CA GLN A 110 -7.65 -1.18 11.92
C GLN A 110 -6.38 -1.97 11.86
N THR A 111 -6.45 -3.30 11.63
CA THR A 111 -5.23 -4.11 11.51
C THR A 111 -4.30 -3.60 10.40
N MET A 112 -4.80 -3.30 9.17
CA MET A 112 -3.98 -2.67 8.16
C MET A 112 -3.52 -1.23 8.44
N LEU A 113 -4.40 -0.32 8.90
CA LEU A 113 -4.05 1.08 9.17
C LEU A 113 -3.09 1.22 10.33
N ASN A 114 -3.34 0.48 11.44
CA ASN A 114 -2.47 0.46 12.61
C ASN A 114 -1.11 -0.10 12.24
N LEU A 115 -1.07 -1.18 11.41
CA LEU A 115 0.16 -1.73 10.91
C LEU A 115 0.91 -0.77 10.04
N ALA A 116 0.20 -0.11 9.11
CA ALA A 116 0.76 0.76 8.10
C ALA A 116 1.41 1.96 8.74
N MET A 117 0.74 2.52 9.77
CA MET A 117 1.27 3.64 10.50
C MET A 117 2.44 3.21 11.41
N CYS A 118 2.48 1.93 11.90
CA CYS A 118 3.69 1.34 12.53
C CYS A 118 4.82 1.07 11.54
N PHE A 119 4.52 0.45 10.38
CA PHE A 119 5.47 0.23 9.30
C PHE A 119 6.17 1.47 8.80
N LYS A 120 5.38 2.54 8.52
CA LYS A 120 5.89 3.80 8.06
C LYS A 120 6.80 4.42 9.09
N ALA A 121 6.49 4.17 10.38
CA ALA A 121 7.24 4.72 11.50
C ALA A 121 8.68 4.25 11.51
N GLU A 122 8.87 2.94 11.27
CA GLU A 122 10.17 2.30 11.14
C GLU A 122 10.96 2.73 9.91
N ILE A 123 10.38 2.79 8.69
CA ILE A 123 11.06 3.31 7.51
C ILE A 123 11.41 4.78 7.58
N HIS A 124 10.69 5.58 8.40
CA HIS A 124 11.03 6.96 8.67
C HIS A 124 12.36 7.07 9.44
N LYS A 125 12.65 6.12 10.34
CA LYS A 125 13.83 6.15 11.20
C LYS A 125 15.11 5.78 10.46
N LEU A 126 14.97 5.00 9.37
CA LEU A 126 16.00 4.45 8.53
C LEU A 126 16.78 5.47 7.72
N ASP A 127 18.05 5.12 7.38
CA ASP A 127 18.97 5.97 6.67
C ASP A 127 18.79 5.85 5.15
N TRP A 128 17.83 5.03 4.68
CA TRP A 128 17.52 4.88 3.26
C TRP A 128 16.03 5.04 3.11
N ALA A 129 15.56 5.45 1.91
CA ALA A 129 14.15 5.63 1.66
C ALA A 129 13.64 4.63 0.64
N PRO A 130 12.67 3.74 0.93
CA PRO A 130 11.83 3.14 -0.11
C PRO A 130 10.91 4.19 -0.70
N THR A 131 10.50 4.04 -1.97
CA THR A 131 9.53 4.92 -2.61
C THR A 131 8.16 4.37 -2.26
N LEU A 132 7.07 5.11 -2.53
CA LEU A 132 5.72 4.62 -2.27
C LEU A 132 5.37 3.39 -3.09
N ASP A 133 5.95 3.21 -4.30
CA ASP A 133 5.73 2.03 -5.11
C ASP A 133 6.19 0.76 -4.40
N VAL A 134 7.34 0.80 -3.72
CA VAL A 134 8.00 -0.32 -3.05
C VAL A 134 7.63 -0.44 -1.59
N ALA A 135 7.59 0.68 -0.81
CA ALA A 135 7.26 0.63 0.60
C ALA A 135 5.85 0.16 0.84
N VAL A 136 4.88 0.73 0.09
CA VAL A 136 3.52 0.24 0.20
C VAL A 136 3.39 -1.04 -0.55
N GLY A 137 4.14 -1.19 -1.67
CA GLY A 137 3.96 -2.33 -2.55
C GLY A 137 4.27 -3.65 -1.90
N GLU A 138 5.35 -3.74 -1.08
CA GLU A 138 5.63 -4.95 -0.32
C GLU A 138 4.55 -5.29 0.71
N LEU A 139 3.98 -4.25 1.39
CA LEU A 139 2.88 -4.38 2.32
C LEU A 139 1.64 -4.86 1.67
N LEU A 140 1.28 -4.17 0.59
CA LEU A 140 0.08 -4.47 -0.11
C LEU A 140 0.17 -5.82 -0.80
N ALA A 141 1.32 -6.16 -1.41
CA ALA A 141 1.54 -7.46 -1.99
C ALA A 141 1.48 -8.60 -0.99
N ASP A 142 2.00 -8.43 0.25
CA ASP A 142 2.00 -9.48 1.25
C ASP A 142 0.80 -9.39 2.19
N THR A 143 -0.34 -8.75 1.80
CA THR A 143 -1.50 -8.71 2.70
C THR A 143 -2.14 -10.10 2.98
N SER A 1 -14.29 4.45 -22.47
CA SER A 1 -15.10 5.73 -22.39
C SER A 1 -15.08 6.49 -21.07
N LYS A 2 -14.99 5.79 -19.92
CA LYS A 2 -15.20 6.40 -18.63
C LYS A 2 -13.86 6.84 -18.08
N GLU A 3 -13.73 8.17 -17.86
CA GLU A 3 -12.60 8.94 -17.37
C GLU A 3 -11.26 8.64 -18.03
N VAL A 4 -11.31 8.17 -19.30
CA VAL A 4 -10.14 7.86 -20.13
C VAL A 4 -9.31 9.07 -20.44
N MET A 5 -10.00 10.17 -20.81
CA MET A 5 -9.54 11.15 -21.77
C MET A 5 -8.34 12.00 -21.35
N LYS A 6 -8.09 12.12 -20.02
CA LYS A 6 -7.06 12.96 -19.45
C LYS A 6 -5.68 12.46 -19.86
N GLN A 7 -4.78 13.38 -20.30
CA GLN A 7 -3.64 13.06 -21.15
C GLN A 7 -2.58 12.13 -20.58
N MET A 8 -2.34 12.13 -19.24
CA MET A 8 -1.42 11.19 -18.63
C MET A 8 -2.20 10.39 -17.60
N THR A 9 -2.09 9.04 -17.66
CA THR A 9 -2.73 8.14 -16.71
C THR A 9 -1.67 7.20 -16.20
N ILE A 10 -1.92 6.49 -15.07
CA ILE A 10 -0.99 5.55 -14.48
C ILE A 10 -1.71 4.23 -14.30
N ASN A 11 -0.94 3.10 -14.26
CA ASN A 11 -1.47 1.76 -14.10
C ASN A 11 -2.14 1.51 -12.76
N PHE A 12 -1.57 2.09 -11.68
CA PHE A 12 -1.93 1.86 -10.28
C PHE A 12 -3.38 2.25 -9.98
N ALA A 13 -3.91 3.24 -10.73
CA ALA A 13 -5.29 3.65 -10.72
C ALA A 13 -6.31 2.59 -11.15
N LYS A 14 -6.00 1.69 -12.12
CA LYS A 14 -6.97 0.73 -12.60
C LYS A 14 -7.44 -0.26 -11.53
N PRO A 15 -6.62 -0.91 -10.70
CA PRO A 15 -7.11 -1.61 -9.52
C PRO A 15 -7.69 -0.69 -8.45
N MET A 16 -7.26 0.59 -8.36
CA MET A 16 -7.74 1.48 -7.32
C MET A 16 -9.21 1.88 -7.54
N GLU A 17 -9.59 2.22 -8.80
CA GLU A 17 -10.95 2.58 -9.15
C GLU A 17 -11.87 1.39 -9.17
N ALA A 18 -11.32 0.19 -9.49
CA ALA A 18 -12.01 -1.07 -9.31
C ALA A 18 -12.30 -1.35 -7.87
N CYS A 19 -11.35 -1.08 -6.94
CA CYS A 19 -11.56 -1.30 -5.53
C CYS A 19 -12.73 -0.45 -5.07
N LYS A 20 -12.79 0.86 -5.43
CA LYS A 20 -13.79 1.77 -4.88
C LYS A 20 -15.22 1.32 -5.17
N GLN A 21 -15.48 0.86 -6.41
CA GLN A 21 -16.77 0.32 -6.76
C GLN A 21 -17.03 -1.08 -6.24
N GLU A 22 -16.00 -1.95 -6.26
CA GLU A 22 -16.05 -3.34 -5.80
C GLU A 22 -16.38 -3.40 -4.34
N LEU A 23 -15.82 -2.46 -3.58
CA LEU A 23 -16.00 -2.42 -2.14
C LEU A 23 -17.31 -1.73 -1.81
N ASN A 24 -17.93 -1.04 -2.80
CA ASN A 24 -19.13 -0.23 -2.69
C ASN A 24 -18.98 0.92 -1.69
N VAL A 25 -17.86 1.66 -1.81
CA VAL A 25 -17.47 2.74 -0.91
C VAL A 25 -17.41 4.03 -1.71
N PRO A 26 -17.52 5.22 -1.11
CA PRO A 26 -17.44 6.47 -1.85
C PRO A 26 -16.03 6.83 -2.30
N ASP A 27 -15.94 7.83 -3.20
CA ASP A 27 -14.76 8.41 -3.79
C ASP A 27 -13.89 9.02 -2.69
N ALA A 28 -14.58 9.54 -1.65
CA ALA A 28 -14.04 10.13 -0.45
C ALA A 28 -13.10 9.21 0.30
N VAL A 29 -13.32 7.88 0.28
CA VAL A 29 -12.50 7.03 1.12
C VAL A 29 -11.40 6.34 0.33
N MET A 30 -11.55 6.16 -1.00
CA MET A 30 -10.40 5.78 -1.83
C MET A 30 -9.35 6.88 -1.88
N GLN A 31 -9.79 8.16 -1.85
CA GLN A 31 -8.89 9.29 -1.86
C GLN A 31 -8.15 9.47 -0.56
N ASP A 32 -8.70 8.89 0.53
CA ASP A 32 -8.01 8.80 1.81
C ASP A 32 -6.72 8.00 1.76
N PHE A 33 -6.68 6.89 0.99
CA PHE A 33 -5.46 6.11 0.81
C PHE A 33 -4.33 6.88 0.15
N PHE A 34 -4.58 7.66 -0.91
CA PHE A 34 -3.49 8.44 -1.46
C PHE A 34 -3.03 9.61 -0.61
N ASN A 35 -3.99 10.26 0.08
CA ASN A 35 -3.78 11.30 1.06
C ASN A 35 -3.03 10.86 2.30
N PHE A 36 -2.96 9.53 2.55
CA PHE A 36 -2.23 8.87 3.64
C PHE A 36 -0.76 9.23 3.61
N TRP A 37 -0.17 9.27 2.40
CA TRP A 37 1.25 9.47 2.20
C TRP A 37 1.63 10.93 2.32
N LYS A 38 0.63 11.86 2.41
CA LYS A 38 0.89 13.28 2.63
C LYS A 38 1.49 13.54 4.01
N GLU A 39 2.63 14.26 4.08
CA GLU A 39 3.22 14.65 5.35
C GLU A 39 2.35 15.68 6.06
N GLY A 40 2.07 15.44 7.35
CA GLY A 40 1.18 16.27 8.14
C GLY A 40 -0.25 15.77 8.17
N TYR A 41 -0.61 14.74 7.37
CA TYR A 41 -1.92 14.14 7.40
C TYR A 41 -1.97 12.91 8.26
N GLN A 42 -3.06 12.81 9.03
CA GLN A 42 -3.43 11.59 9.70
C GLN A 42 -4.70 11.07 9.05
N ILE A 43 -4.62 9.83 8.57
CA ILE A 43 -5.75 9.04 8.12
C ILE A 43 -6.06 8.01 9.19
N THR A 44 -7.32 8.02 9.68
CA THR A 44 -7.77 7.20 10.81
C THR A 44 -8.99 6.39 10.44
N ASN A 45 -9.43 6.47 9.15
CA ASN A 45 -10.72 6.02 8.71
C ASN A 45 -10.70 4.56 8.32
N ARG A 46 -11.70 3.79 8.79
CA ARG A 46 -11.81 2.35 8.67
C ARG A 46 -11.84 1.86 7.24
N GLU A 47 -12.44 2.68 6.33
CA GLU A 47 -12.41 2.50 4.91
C GLU A 47 -11.07 2.60 4.27
N ALA A 48 -10.14 3.43 4.81
CA ALA A 48 -8.80 3.55 4.24
C ALA A 48 -8.10 2.20 4.22
N GLY A 49 -8.26 1.42 5.29
CA GLY A 49 -7.74 0.07 5.42
C GLY A 49 -8.31 -0.90 4.44
N CYS A 50 -9.64 -0.79 4.22
CA CYS A 50 -10.39 -1.64 3.32
C CYS A 50 -9.95 -1.47 1.89
N VAL A 51 -9.69 -0.22 1.45
CA VAL A 51 -9.09 0.00 0.14
C VAL A 51 -7.65 -0.46 0.07
N ILE A 52 -6.84 -0.26 1.13
CA ILE A 52 -5.43 -0.62 1.13
C ILE A 52 -5.19 -2.10 0.90
N LEU A 53 -5.95 -2.96 1.61
CA LEU A 53 -5.84 -4.40 1.50
C LEU A 53 -6.29 -4.96 0.17
N CYS A 54 -7.23 -4.26 -0.46
CA CYS A 54 -7.72 -4.46 -1.79
C CYS A 54 -6.71 -4.21 -2.89
N LEU A 55 -5.84 -3.15 -2.86
CA LEU A 55 -4.80 -3.06 -3.86
C LEU A 55 -3.87 -4.22 -3.83
N ALA A 56 -3.54 -4.71 -2.63
CA ALA A 56 -2.66 -5.81 -2.38
C ALA A 56 -3.06 -7.10 -3.07
N LYS A 57 -4.38 -7.36 -3.15
CA LYS A 57 -4.87 -8.52 -3.87
C LYS A 57 -4.95 -8.27 -5.38
N LYS A 58 -4.93 -6.99 -5.83
CA LYS A 58 -5.15 -6.57 -7.20
C LYS A 58 -3.88 -6.05 -7.87
N LEU A 59 -2.69 -6.59 -7.50
CA LEU A 59 -1.39 -6.14 -8.01
C LEU A 59 -1.12 -6.75 -9.34
N GLU A 60 -1.76 -7.88 -9.57
CA GLU A 60 -1.77 -8.61 -10.83
C GLU A 60 -2.44 -7.82 -11.96
N LEU A 61 -3.18 -6.76 -11.59
CA LEU A 61 -3.74 -5.75 -12.47
C LEU A 61 -2.66 -4.81 -13.02
N LEU A 62 -1.56 -4.66 -12.27
CA LEU A 62 -0.46 -3.74 -12.51
C LEU A 62 0.41 -4.21 -13.66
N ASP A 63 1.20 -3.29 -14.25
CA ASP A 63 1.94 -3.58 -15.45
C ASP A 63 3.20 -4.36 -15.12
N GLN A 64 3.62 -5.26 -16.03
CA GLN A 64 4.83 -6.04 -15.88
C GLN A 64 6.12 -5.23 -15.81
N ASP A 65 6.19 -4.03 -16.45
CA ASP A 65 7.38 -3.19 -16.44
C ASP A 65 7.83 -2.77 -15.04
N MET A 66 6.89 -2.54 -14.08
CA MET A 66 7.27 -2.23 -12.70
C MET A 66 7.67 -3.46 -11.91
N ASN A 67 7.36 -4.68 -12.43
CA ASN A 67 7.60 -5.99 -11.86
C ASN A 67 6.87 -6.31 -10.56
N LEU A 68 5.73 -5.65 -10.23
CA LEU A 68 5.03 -5.97 -9.00
C LEU A 68 4.12 -7.16 -9.19
N HIS A 69 4.33 -8.21 -8.37
CA HIS A 69 3.35 -9.26 -8.27
C HIS A 69 3.28 -9.66 -6.82
N HIS A 70 2.10 -10.15 -6.38
CA HIS A 70 1.88 -10.54 -5.01
C HIS A 70 2.69 -11.76 -4.59
N GLY A 71 3.40 -11.62 -3.46
CA GLY A 71 4.35 -12.59 -2.93
C GLY A 71 5.79 -12.39 -3.34
N LYS A 72 6.07 -11.48 -4.31
CA LYS A 72 7.37 -11.37 -4.97
C LYS A 72 8.14 -10.15 -4.51
N ALA A 73 7.86 -9.65 -3.28
CA ALA A 73 8.38 -8.40 -2.76
C ALA A 73 9.87 -8.32 -2.72
N MET A 74 10.58 -9.38 -2.28
CA MET A 74 12.02 -9.29 -2.14
C MET A 74 12.73 -9.03 -3.48
N GLU A 75 12.26 -9.69 -4.56
CA GLU A 75 12.76 -9.49 -5.91
C GLU A 75 12.36 -8.15 -6.51
N PHE A 76 11.08 -7.76 -6.33
CA PHE A 76 10.48 -6.51 -6.72
C PHE A 76 11.12 -5.31 -6.06
N ALA A 77 11.33 -5.37 -4.73
CA ALA A 77 11.88 -4.30 -3.95
C ALA A 77 13.28 -3.90 -4.39
N MET A 78 14.14 -4.90 -4.69
CA MET A 78 15.47 -4.68 -5.24
C MET A 78 15.47 -4.02 -6.61
N LYS A 79 14.49 -4.34 -7.50
CA LYS A 79 14.31 -3.67 -8.78
C LYS A 79 14.01 -2.17 -8.62
N HIS A 80 13.40 -1.78 -7.49
CA HIS A 80 13.05 -0.41 -7.14
C HIS A 80 14.07 0.31 -6.28
N GLY A 81 15.30 -0.24 -6.17
CA GLY A 81 16.41 0.50 -5.59
C GLY A 81 16.65 0.23 -4.14
N ALA A 82 15.81 -0.60 -3.50
CA ALA A 82 16.15 -1.16 -2.20
C ALA A 82 17.36 -2.10 -2.29
N ASP A 83 18.27 -2.10 -1.30
CA ASP A 83 19.30 -3.14 -1.21
C ASP A 83 18.67 -4.37 -0.54
N GLU A 84 19.37 -5.51 -0.53
CA GLU A 84 18.80 -6.77 -0.05
C GLU A 84 18.47 -6.74 1.43
N ALA A 85 19.30 -6.01 2.20
CA ALA A 85 19.12 -5.71 3.61
C ALA A 85 17.92 -4.83 3.86
N MET A 86 17.76 -3.77 3.03
CA MET A 86 16.66 -2.83 3.08
C MET A 86 15.34 -3.46 2.68
N ALA A 87 15.38 -4.34 1.66
CA ALA A 87 14.22 -5.08 1.20
C ALA A 87 13.63 -5.98 2.28
N LYS A 88 14.48 -6.77 2.97
CA LYS A 88 14.05 -7.59 4.08
C LYS A 88 13.65 -6.77 5.29
N GLN A 89 14.25 -5.57 5.47
CA GLN A 89 13.85 -4.61 6.47
C GLN A 89 12.43 -4.09 6.34
N LEU A 90 11.90 -3.77 5.14
CA LEU A 90 10.53 -3.38 5.01
C LEU A 90 9.57 -4.49 5.42
N LEU A 91 9.85 -5.74 5.01
CA LEU A 91 9.12 -6.91 5.44
C LEU A 91 9.26 -7.15 6.96
N ASP A 92 10.46 -6.94 7.53
CA ASP A 92 10.75 -7.04 8.95
C ASP A 92 10.07 -6.00 9.82
N ILE A 93 10.01 -4.72 9.38
CA ILE A 93 9.25 -3.65 10.04
C ILE A 93 7.79 -4.04 10.09
N LYS A 94 7.27 -4.56 8.97
CA LYS A 94 5.90 -5.00 8.87
C LYS A 94 5.59 -6.05 9.88
N HIS A 95 6.40 -7.11 9.97
CA HIS A 95 5.96 -8.23 10.81
C HIS A 95 6.12 -7.86 12.26
N SER A 96 7.10 -6.96 12.49
CA SER A 96 7.39 -6.41 13.82
C SER A 96 6.24 -5.55 14.32
N CYS A 97 5.69 -4.71 13.43
CA CYS A 97 4.53 -3.90 13.68
C CYS A 97 3.25 -4.67 13.89
N GLU A 98 3.09 -5.84 13.23
CA GLU A 98 1.89 -6.68 13.32
C GLU A 98 1.66 -7.20 14.72
N LYS A 99 2.74 -7.27 15.52
CA LYS A 99 2.76 -7.71 16.89
C LYS A 99 2.18 -6.64 17.78
N VAL A 100 2.52 -5.35 17.49
CA VAL A 100 2.33 -4.25 18.39
C VAL A 100 1.04 -3.50 18.08
N ILE A 101 0.60 -3.52 16.81
CA ILE A 101 -0.68 -2.96 16.41
C ILE A 101 -1.86 -3.80 16.85
N THR A 102 -3.04 -3.15 17.00
CA THR A 102 -4.29 -3.88 17.10
C THR A 102 -4.64 -4.57 15.79
N ILE A 103 -4.81 -5.90 15.88
CA ILE A 103 -5.28 -6.82 14.89
C ILE A 103 -6.68 -7.08 15.29
N VAL A 104 -7.58 -7.00 14.32
CA VAL A 104 -8.96 -7.24 14.58
C VAL A 104 -9.31 -8.51 13.82
N ALA A 105 -9.90 -9.47 14.53
CA ALA A 105 -10.47 -10.66 13.95
C ALA A 105 -11.65 -10.40 13.01
N ASP A 106 -12.58 -9.52 13.43
CA ASP A 106 -13.73 -9.08 12.68
C ASP A 106 -13.35 -8.29 11.43
N ASP A 107 -12.33 -7.42 11.51
CA ASP A 107 -12.15 -6.33 10.57
C ASP A 107 -10.71 -6.32 10.05
N PRO A 108 -10.34 -6.90 8.92
CA PRO A 108 -8.96 -6.86 8.43
C PRO A 108 -8.52 -5.47 8.01
N CYS A 109 -9.46 -4.50 7.85
CA CYS A 109 -9.20 -3.16 7.40
C CYS A 109 -8.40 -2.39 8.45
N GLN A 110 -8.78 -2.52 9.75
CA GLN A 110 -8.02 -2.00 10.88
C GLN A 110 -6.67 -2.64 10.98
N THR A 111 -6.58 -3.99 10.85
CA THR A 111 -5.29 -4.67 10.86
C THR A 111 -4.32 -4.15 9.79
N MET A 112 -4.75 -3.97 8.50
CA MET A 112 -3.92 -3.31 7.51
C MET A 112 -3.63 -1.83 7.74
N LEU A 113 -4.64 -0.98 8.06
CA LEU A 113 -4.45 0.45 8.28
C LEU A 113 -3.59 0.75 9.48
N ASN A 114 -3.85 0.05 10.62
CA ASN A 114 -3.08 0.19 11.84
C ASN A 114 -1.64 -0.25 11.60
N LEU A 115 -1.43 -1.35 10.84
CA LEU A 115 -0.11 -1.80 10.47
C LEU A 115 0.59 -0.81 9.59
N ALA A 116 -0.11 -0.29 8.58
CA ALA A 116 0.42 0.60 7.56
C ALA A 116 0.91 1.88 8.18
N MET A 117 0.11 2.42 9.13
CA MET A 117 0.47 3.63 9.84
C MET A 117 1.61 3.35 10.83
N CYS A 118 1.76 2.11 11.40
CA CYS A 118 2.97 1.68 12.13
C CYS A 118 4.19 1.48 11.24
N PHE A 119 4.04 0.77 10.10
CA PHE A 119 5.09 0.59 9.11
C PHE A 119 5.70 1.86 8.58
N LYS A 120 4.86 2.83 8.18
CA LYS A 120 5.29 4.11 7.70
C LYS A 120 6.04 4.88 8.76
N ALA A 121 5.65 4.66 10.04
CA ALA A 121 6.25 5.34 11.18
C ALA A 121 7.73 5.03 11.32
N GLU A 122 8.06 3.73 11.15
CA GLU A 122 9.41 3.21 11.16
C GLU A 122 10.26 3.65 9.95
N ILE A 123 9.76 3.59 8.69
CA ILE A 123 10.49 4.10 7.53
C ILE A 123 10.72 5.60 7.54
N HIS A 124 9.88 6.37 8.26
CA HIS A 124 10.06 7.80 8.49
C HIS A 124 11.31 8.09 9.32
N LYS A 125 11.69 7.18 10.26
CA LYS A 125 12.81 7.35 11.16
C LYS A 125 14.16 7.13 10.48
N LEU A 126 14.15 6.31 9.41
CA LEU A 126 15.32 5.76 8.72
C LEU A 126 16.12 6.77 7.92
N ASP A 127 17.43 6.46 7.76
CA ASP A 127 18.42 7.29 7.11
C ASP A 127 18.41 7.08 5.59
N TRP A 128 17.55 6.18 5.07
CA TRP A 128 17.40 5.93 3.65
C TRP A 128 15.92 6.00 3.35
N ALA A 129 15.55 6.32 2.09
CA ALA A 129 14.16 6.42 1.71
C ALA A 129 13.79 5.35 0.69
N PRO A 130 12.87 4.42 0.94
CA PRO A 130 12.13 3.74 -0.12
C PRO A 130 11.19 4.73 -0.79
N THR A 131 10.93 4.58 -2.10
CA THR A 131 9.81 5.23 -2.76
C THR A 131 8.55 4.45 -2.47
N LEU A 132 7.37 5.04 -2.75
CA LEU A 132 6.07 4.46 -2.44
C LEU A 132 5.87 3.15 -3.16
N ASP A 133 6.42 3.01 -4.38
CA ASP A 133 6.28 1.81 -5.19
C ASP A 133 6.84 0.57 -4.50
N VAL A 134 8.02 0.69 -3.86
CA VAL A 134 8.66 -0.29 -3.02
C VAL A 134 8.17 -0.34 -1.59
N ALA A 135 7.99 0.82 -0.92
CA ALA A 135 7.53 0.87 0.46
C ALA A 135 6.14 0.32 0.65
N VAL A 136 5.17 0.72 -0.21
CA VAL A 136 3.86 0.11 -0.11
C VAL A 136 3.91 -1.21 -0.81
N GLY A 137 4.78 -1.36 -1.83
CA GLY A 137 4.80 -2.56 -2.63
C GLY A 137 5.16 -3.79 -1.87
N GLU A 138 6.17 -3.75 -0.96
CA GLU A 138 6.47 -4.88 -0.12
C GLU A 138 5.34 -5.23 0.86
N LEU A 139 4.63 -4.20 1.41
CA LEU A 139 3.43 -4.41 2.22
C LEU A 139 2.32 -5.05 1.45
N LEU A 140 2.02 -4.45 0.29
CA LEU A 140 0.92 -4.94 -0.50
C LEU A 140 1.23 -6.31 -1.11
N ALA A 141 2.47 -6.54 -1.58
CA ALA A 141 2.90 -7.83 -2.10
C ALA A 141 2.82 -8.95 -1.07
N ASP A 142 3.22 -8.70 0.19
CA ASP A 142 3.18 -9.71 1.23
C ASP A 142 1.91 -9.61 2.07
N THR A 143 0.74 -9.22 1.49
CA THR A 143 -0.51 -9.16 2.26
C THR A 143 -1.01 -10.54 2.78
N SER A 1 -4.39 -7.43 -33.08
CA SER A 1 -5.89 -7.33 -32.92
C SER A 1 -6.35 -6.95 -31.51
N LYS A 2 -5.77 -7.59 -30.46
CA LYS A 2 -6.26 -7.52 -29.09
C LYS A 2 -6.22 -6.12 -28.50
N GLU A 3 -5.12 -5.38 -28.73
CA GLU A 3 -4.93 -4.02 -28.24
C GLU A 3 -5.39 -2.98 -29.21
N VAL A 4 -6.03 -3.43 -30.29
CA VAL A 4 -6.54 -2.58 -31.37
C VAL A 4 -8.04 -2.46 -31.20
N MET A 5 -8.72 -3.63 -31.09
CA MET A 5 -10.10 -3.77 -31.47
C MET A 5 -11.07 -2.99 -30.61
N LYS A 6 -10.75 -2.86 -29.30
CA LYS A 6 -11.44 -1.98 -28.38
C LYS A 6 -10.31 -1.38 -27.55
N GLN A 7 -10.26 -0.04 -27.42
CA GLN A 7 -9.15 0.63 -26.77
C GLN A 7 -9.16 0.55 -25.25
N MET A 8 -7.97 0.43 -24.63
CA MET A 8 -7.85 0.34 -23.19
C MET A 8 -6.61 1.09 -22.79
N THR A 9 -6.64 1.80 -21.64
CA THR A 9 -5.48 2.48 -21.09
C THR A 9 -5.61 2.34 -19.59
N ILE A 10 -4.49 2.44 -18.84
CA ILE A 10 -4.47 2.31 -17.39
C ILE A 10 -3.67 3.48 -16.83
N ASN A 11 -3.88 3.79 -15.54
CA ASN A 11 -3.15 4.82 -14.84
C ASN A 11 -3.22 4.41 -13.37
N PHE A 12 -2.26 4.88 -12.52
CA PHE A 12 -2.25 4.63 -11.09
C PHE A 12 -3.43 5.25 -10.35
N ALA A 13 -4.05 6.31 -10.93
CA ALA A 13 -5.31 6.85 -10.48
C ALA A 13 -6.52 5.95 -10.63
N LYS A 14 -6.54 5.03 -11.63
CA LYS A 14 -7.71 4.22 -11.89
C LYS A 14 -8.11 3.30 -10.75
N PRO A 15 -7.27 2.52 -10.04
CA PRO A 15 -7.71 1.88 -8.80
C PRO A 15 -7.97 2.87 -7.69
N MET A 16 -7.32 4.05 -7.67
CA MET A 16 -7.37 4.94 -6.53
C MET A 16 -8.67 5.72 -6.47
N GLU A 17 -9.19 6.18 -7.64
CA GLU A 17 -10.50 6.82 -7.75
C GLU A 17 -11.63 5.82 -7.52
N ALA A 18 -11.41 4.54 -7.91
CA ALA A 18 -12.32 3.44 -7.66
C ALA A 18 -12.48 3.17 -6.18
N CYS A 19 -11.38 3.16 -5.41
CA CYS A 19 -11.36 2.99 -3.97
C CYS A 19 -11.89 4.17 -3.18
N LYS A 20 -12.32 5.27 -3.81
CA LYS A 20 -13.15 6.25 -3.12
C LYS A 20 -14.64 5.92 -3.30
N GLN A 21 -15.08 5.65 -4.55
CA GLN A 21 -16.49 5.41 -4.85
C GLN A 21 -17.01 4.04 -4.48
N GLU A 22 -16.16 3.00 -4.66
CA GLU A 22 -16.41 1.58 -4.40
C GLU A 22 -16.76 1.37 -2.97
N LEU A 23 -16.07 2.12 -2.11
CA LEU A 23 -16.15 1.99 -0.69
C LEU A 23 -17.30 2.84 -0.18
N ASN A 24 -17.87 3.70 -1.05
CA ASN A 24 -18.90 4.69 -0.77
C ASN A 24 -18.48 5.70 0.30
N VAL A 25 -17.26 6.24 0.17
CA VAL A 25 -16.65 7.14 1.12
C VAL A 25 -16.40 8.48 0.45
N PRO A 26 -16.27 9.60 1.18
CA PRO A 26 -15.95 10.89 0.58
C PRO A 26 -14.50 11.01 0.15
N ASP A 27 -14.23 12.06 -0.65
CA ASP A 27 -12.95 12.45 -1.23
C ASP A 27 -11.98 12.82 -0.10
N ALA A 28 -12.55 13.30 1.02
CA ALA A 28 -11.89 13.65 2.24
C ALA A 28 -11.12 12.50 2.87
N VAL A 29 -11.59 11.24 2.71
CA VAL A 29 -10.93 10.18 3.43
C VAL A 29 -9.97 9.40 2.56
N MET A 30 -10.13 9.43 1.22
CA MET A 30 -9.06 8.95 0.34
C MET A 30 -7.83 9.84 0.40
N GLN A 31 -8.00 11.15 0.62
CA GLN A 31 -6.90 12.08 0.77
C GLN A 31 -6.23 12.01 2.12
N ASP A 32 -6.90 11.36 3.10
CA ASP A 32 -6.26 10.99 4.35
C ASP A 32 -5.05 10.07 4.17
N PHE A 33 -5.12 9.12 3.21
CA PHE A 33 -4.00 8.32 2.73
C PHE A 33 -2.85 9.12 2.12
N PHE A 34 -3.14 10.18 1.35
CA PHE A 34 -2.11 11.11 0.87
C PHE A 34 -1.39 11.86 2.00
N ASN A 35 -2.16 12.37 2.99
CA ASN A 35 -1.71 13.03 4.20
C ASN A 35 -0.95 12.12 5.15
N PHE A 36 -1.21 10.80 5.10
CA PHE A 36 -0.61 9.76 5.92
C PHE A 36 0.90 9.75 5.83
N TRP A 37 1.44 9.91 4.60
CA TRP A 37 2.86 9.81 4.34
C TRP A 37 3.61 11.07 4.73
N LYS A 38 2.89 12.17 5.07
CA LYS A 38 3.46 13.43 5.51
C LYS A 38 4.24 13.29 6.81
N GLU A 39 5.48 13.83 6.88
CA GLU A 39 6.29 13.79 8.08
C GLU A 39 5.66 14.63 9.18
N GLY A 40 5.49 14.03 10.39
CA GLY A 40 4.88 14.70 11.53
C GLY A 40 3.40 14.50 11.65
N TYR A 41 2.72 13.87 10.65
CA TYR A 41 1.29 13.63 10.71
C TYR A 41 0.93 12.29 11.32
N GLN A 42 -0.12 12.29 12.16
CA GLN A 42 -0.75 11.08 12.65
C GLN A 42 -2.16 11.04 12.10
N ILE A 43 -2.45 10.05 11.24
CA ILE A 43 -3.78 9.74 10.76
C ILE A 43 -4.35 8.62 11.61
N THR A 44 -5.56 8.86 12.17
CA THR A 44 -6.22 7.96 13.11
C THR A 44 -7.55 7.46 12.59
N ASN A 45 -7.93 7.86 11.35
CA ASN A 45 -9.26 7.71 10.83
C ASN A 45 -9.45 6.34 10.21
N ARG A 46 -10.54 5.66 10.60
CA ARG A 46 -10.90 4.30 10.25
C ARG A 46 -11.05 4.09 8.75
N GLU A 47 -11.51 5.13 8.04
CA GLU A 47 -11.53 5.18 6.60
C GLU A 47 -10.20 5.14 5.93
N ALA A 48 -9.14 5.69 6.55
CA ALA A 48 -7.81 5.65 5.93
C ALA A 48 -7.36 4.22 5.65
N GLY A 49 -7.58 3.27 6.59
CA GLY A 49 -7.27 1.87 6.38
C GLY A 49 -8.09 1.25 5.31
N CYS A 50 -9.40 1.62 5.24
CA CYS A 50 -10.34 1.09 4.28
C CYS A 50 -9.94 1.44 2.87
N VAL A 51 -9.44 2.67 2.61
CA VAL A 51 -8.86 2.98 1.31
C VAL A 51 -7.56 2.25 1.08
N ILE A 52 -6.68 2.16 2.09
CA ILE A 52 -5.34 1.59 1.95
C ILE A 52 -5.39 0.13 1.52
N LEU A 53 -6.26 -0.66 2.17
CA LEU A 53 -6.45 -2.06 1.86
C LEU A 53 -7.08 -2.33 0.51
N CYS A 54 -7.90 -1.37 0.04
CA CYS A 54 -8.53 -1.38 -1.26
C CYS A 54 -7.50 -1.34 -2.39
N LEU A 55 -6.41 -0.53 -2.32
CA LEU A 55 -5.41 -0.55 -3.33
C LEU A 55 -4.74 -1.89 -3.48
N ALA A 56 -4.49 -2.57 -2.37
CA ALA A 56 -3.76 -3.81 -2.27
C ALA A 56 -4.29 -4.94 -3.11
N LYS A 57 -5.63 -5.03 -3.21
CA LYS A 57 -6.28 -5.90 -4.18
C LYS A 57 -6.10 -5.45 -5.62
N LYS A 58 -6.18 -4.12 -5.88
CA LYS A 58 -6.30 -3.52 -7.18
C LYS A 58 -4.96 -3.01 -7.72
N LEU A 59 -3.87 -3.77 -7.47
CA LEU A 59 -2.51 -3.45 -7.87
C LEU A 59 -2.28 -3.76 -9.31
N GLU A 60 -3.01 -4.76 -9.79
CA GLU A 60 -2.96 -5.26 -11.15
C GLU A 60 -3.48 -4.23 -12.15
N LEU A 61 -4.19 -3.23 -11.60
CA LEU A 61 -4.74 -2.09 -12.30
C LEU A 61 -3.65 -1.05 -12.60
N LEU A 62 -2.57 -1.05 -11.79
CA LEU A 62 -1.43 -0.16 -11.80
C LEU A 62 -0.60 -0.36 -13.06
N ASP A 63 0.25 0.63 -13.37
CA ASP A 63 1.03 0.64 -14.59
C ASP A 63 2.06 -0.49 -14.60
N GLN A 64 2.00 -1.40 -15.60
CA GLN A 64 2.76 -2.64 -15.64
C GLN A 64 4.27 -2.45 -15.64
N ASP A 65 4.73 -1.27 -16.12
CA ASP A 65 6.10 -0.81 -16.10
C ASP A 65 6.72 -0.80 -14.70
N MET A 66 5.94 -0.52 -13.62
CA MET A 66 6.50 -0.53 -12.27
C MET A 66 6.61 -1.94 -11.71
N ASN A 67 6.01 -2.93 -12.43
CA ASN A 67 5.97 -4.35 -12.17
C ASN A 67 5.24 -4.77 -10.89
N LEU A 68 4.25 -4.00 -10.37
CA LEU A 68 3.58 -4.39 -9.15
C LEU A 68 2.48 -5.42 -9.38
N HIS A 69 2.58 -6.60 -8.71
CA HIS A 69 1.47 -7.51 -8.60
C HIS A 69 1.50 -8.08 -7.20
N HIS A 70 0.32 -8.49 -6.69
CA HIS A 70 0.16 -9.06 -5.36
C HIS A 70 0.93 -10.35 -5.19
N GLY A 71 1.72 -10.40 -4.10
CA GLY A 71 2.47 -11.59 -3.70
C GLY A 71 3.89 -11.64 -4.24
N LYS A 72 4.22 -10.74 -5.20
CA LYS A 72 5.50 -10.73 -5.89
C LYS A 72 6.40 -9.65 -5.34
N ALA A 73 6.17 -9.24 -4.07
CA ALA A 73 6.85 -8.13 -3.42
C ALA A 73 8.34 -8.25 -3.40
N MET A 74 8.91 -9.43 -3.07
CA MET A 74 10.35 -9.55 -3.00
C MET A 74 11.05 -9.26 -4.34
N GLU A 75 10.45 -9.73 -5.45
CA GLU A 75 10.93 -9.43 -6.80
C GLU A 75 10.68 -7.99 -7.22
N PHE A 76 9.46 -7.48 -6.96
CA PHE A 76 9.02 -6.12 -7.19
C PHE A 76 9.84 -5.08 -6.45
N ALA A 77 10.08 -5.29 -5.14
CA ALA A 77 10.79 -4.38 -4.29
C ALA A 77 12.22 -4.13 -4.74
N MET A 78 12.91 -5.20 -5.19
CA MET A 78 14.24 -5.14 -5.78
C MET A 78 14.28 -4.35 -7.08
N LYS A 79 13.24 -4.41 -7.93
CA LYS A 79 13.10 -3.58 -9.13
C LYS A 79 13.04 -2.08 -8.79
N HIS A 80 12.55 -1.74 -7.58
CA HIS A 80 12.45 -0.39 -7.05
C HIS A 80 13.63 0.03 -6.20
N GLY A 81 14.74 -0.73 -6.21
CA GLY A 81 15.99 -0.28 -5.64
C GLY A 81 16.23 -0.73 -4.23
N ALA A 82 15.29 -1.51 -3.64
CA ALA A 82 15.59 -2.25 -2.42
C ALA A 82 16.63 -3.34 -2.66
N ASP A 83 17.57 -3.57 -1.71
CA ASP A 83 18.43 -4.75 -1.77
C ASP A 83 17.64 -5.93 -1.23
N GLU A 84 18.15 -7.17 -1.40
CA GLU A 84 17.40 -8.37 -1.04
C GLU A 84 17.12 -8.47 0.46
N ALA A 85 18.10 -7.99 1.26
CA ALA A 85 18.03 -7.86 2.70
C ALA A 85 16.98 -6.84 3.13
N MET A 86 16.96 -5.66 2.45
CA MET A 86 16.01 -4.60 2.67
C MET A 86 14.60 -4.98 2.26
N ALA A 87 14.47 -5.71 1.14
CA ALA A 87 13.20 -6.21 0.65
C ALA A 87 12.51 -7.15 1.63
N LYS A 88 13.26 -8.14 2.17
CA LYS A 88 12.74 -9.05 3.19
C LYS A 88 12.51 -8.34 4.51
N GLN A 89 13.28 -7.28 4.81
CA GLN A 89 13.07 -6.40 5.94
C GLN A 89 11.75 -5.68 5.96
N LEU A 90 11.23 -5.14 4.83
CA LEU A 90 9.94 -4.52 4.82
C LEU A 90 8.82 -5.50 5.15
N LEU A 91 8.89 -6.72 4.58
CA LEU A 91 7.99 -7.80 4.89
C LEU A 91 8.12 -8.26 6.35
N ASP A 92 9.37 -8.31 6.89
CA ASP A 92 9.67 -8.63 8.27
C ASP A 92 9.19 -7.60 9.28
N ILE A 93 9.34 -6.28 9.00
CA ILE A 93 8.77 -5.19 9.80
C ILE A 93 7.27 -5.34 9.87
N LYS A 94 6.64 -5.63 8.72
CA LYS A 94 5.22 -5.83 8.62
C LYS A 94 4.76 -6.93 9.52
N HIS A 95 5.39 -8.12 9.47
CA HIS A 95 4.79 -9.23 10.19
C HIS A 95 5.04 -9.08 11.66
N SER A 96 6.17 -8.38 11.94
CA SER A 96 6.59 -8.04 13.31
C SER A 96 5.60 -7.09 13.96
N CYS A 97 5.17 -6.07 13.19
CA CYS A 97 4.18 -5.10 13.58
C CYS A 97 2.79 -5.66 13.76
N GLU A 98 2.41 -6.69 12.98
CA GLU A 98 1.09 -7.34 13.03
C GLU A 98 0.81 -7.96 14.38
N LYS A 99 1.88 -8.32 15.09
CA LYS A 99 1.86 -8.93 16.40
C LYS A 99 1.52 -7.89 17.45
N VAL A 100 2.14 -6.69 17.31
CA VAL A 100 2.12 -5.65 18.32
C VAL A 100 0.92 -4.75 18.20
N ILE A 101 0.45 -4.50 16.96
CA ILE A 101 -0.72 -3.68 16.70
C ILE A 101 -2.03 -4.35 17.08
N THR A 102 -3.07 -3.52 17.36
CA THR A 102 -4.44 -4.01 17.42
C THR A 102 -4.92 -4.46 16.05
N ILE A 103 -5.33 -5.74 15.99
CA ILE A 103 -5.96 -6.42 14.91
C ILE A 103 -7.38 -6.51 15.33
N VAL A 104 -8.28 -6.16 14.41
CA VAL A 104 -9.68 -6.24 14.66
C VAL A 104 -10.22 -7.30 13.75
N ALA A 105 -10.96 -8.26 14.32
CA ALA A 105 -11.71 -9.25 13.57
C ALA A 105 -12.82 -8.67 12.71
N ASP A 106 -13.61 -7.75 13.30
CA ASP A 106 -14.68 -7.02 12.66
C ASP A 106 -14.25 -6.10 11.53
N ASP A 107 -13.09 -5.43 11.69
CA ASP A 107 -12.74 -4.26 10.91
C ASP A 107 -11.34 -4.44 10.35
N PRO A 108 -11.08 -4.88 9.13
CA PRO A 108 -9.71 -5.01 8.60
C PRO A 108 -9.04 -3.68 8.38
N CYS A 109 -9.80 -2.55 8.41
CA CYS A 109 -9.31 -1.22 8.14
C CYS A 109 -8.39 -0.75 9.25
N GLN A 110 -8.78 -0.97 10.54
CA GLN A 110 -7.95 -0.73 11.70
C GLN A 110 -6.71 -1.58 11.69
N THR A 111 -6.83 -2.88 11.38
CA THR A 111 -5.68 -3.77 11.25
C THR A 111 -4.69 -3.26 10.20
N MET A 112 -5.17 -2.84 9.00
CA MET A 112 -4.30 -2.27 7.98
C MET A 112 -3.65 -0.94 8.38
N LEU A 113 -4.44 0.02 8.87
CA LEU A 113 -4.00 1.36 9.24
C LEU A 113 -3.06 1.36 10.42
N ASN A 114 -3.42 0.59 11.48
CA ASN A 114 -2.60 0.43 12.67
C ASN A 114 -1.28 -0.22 12.31
N LEU A 115 -1.31 -1.24 11.42
CA LEU A 115 -0.11 -1.87 10.91
C LEU A 115 0.74 -0.92 10.12
N ALA A 116 0.10 -0.16 9.21
CA ALA A 116 0.75 0.73 8.27
C ALA A 116 1.49 1.81 9.01
N MET A 117 0.85 2.37 10.07
CA MET A 117 1.46 3.40 10.88
C MET A 117 2.55 2.81 11.78
N CYS A 118 2.46 1.51 12.21
CA CYS A 118 3.59 0.79 12.83
C CYS A 118 4.73 0.48 11.86
N PHE A 119 4.42 -0.03 10.65
CA PHE A 119 5.39 -0.25 9.59
C PHE A 119 6.20 0.97 9.21
N LYS A 120 5.51 2.11 8.99
CA LYS A 120 6.14 3.36 8.67
C LYS A 120 7.05 3.84 9.79
N ALA A 121 6.67 3.50 11.04
CA ALA A 121 7.41 3.90 12.23
C ALA A 121 8.83 3.33 12.23
N GLU A 122 8.94 2.04 11.86
CA GLU A 122 10.18 1.33 11.69
C GLU A 122 11.04 1.81 10.50
N ILE A 123 10.51 2.03 9.27
CA ILE A 123 11.28 2.62 8.20
C ILE A 123 11.67 4.08 8.39
N HIS A 124 10.97 4.83 9.27
CA HIS A 124 11.38 6.15 9.72
C HIS A 124 12.71 6.08 10.48
N LYS A 125 12.92 5.03 11.31
CA LYS A 125 14.09 4.91 12.18
C LYS A 125 15.35 4.48 11.42
N LEU A 126 15.16 3.78 10.29
CA LEU A 126 16.19 3.21 9.43
C LEU A 126 17.06 4.23 8.70
N ASP A 127 18.30 3.82 8.39
CA ASP A 127 19.32 4.64 7.76
C ASP A 127 19.17 4.65 6.24
N TRP A 128 18.17 3.93 5.67
CA TRP A 128 17.88 3.92 4.25
C TRP A 128 16.39 4.20 4.11
N ALA A 129 15.96 4.75 2.97
CA ALA A 129 14.57 5.05 2.73
C ALA A 129 14.01 4.19 1.59
N PRO A 130 12.99 3.35 1.77
CA PRO A 130 12.16 2.88 0.66
C PRO A 130 11.31 4.03 0.15
N THR A 131 10.95 4.01 -1.14
CA THR A 131 10.08 5.01 -1.75
C THR A 131 8.65 4.53 -1.55
N LEU A 132 7.64 5.37 -1.82
CA LEU A 132 6.25 4.97 -1.67
C LEU A 132 5.85 3.84 -2.61
N ASP A 133 6.52 3.68 -3.79
CA ASP A 133 6.28 2.56 -4.68
C ASP A 133 6.60 1.21 -4.02
N VAL A 134 7.71 1.15 -3.24
CA VAL A 134 8.26 -0.05 -2.63
C VAL A 134 7.84 -0.24 -1.21
N ALA A 135 7.85 0.81 -0.36
CA ALA A 135 7.48 0.69 1.04
C ALA A 135 6.04 0.28 1.22
N VAL A 136 5.12 0.96 0.51
CA VAL A 136 3.74 0.56 0.53
C VAL A 136 3.56 -0.65 -0.32
N GLY A 137 4.34 -0.76 -1.41
CA GLY A 137 4.13 -1.81 -2.39
C GLY A 137 4.30 -3.20 -1.85
N GLU A 138 5.34 -3.43 -1.00
CA GLU A 138 5.50 -4.72 -0.33
C GLU A 138 4.38 -5.05 0.63
N LEU A 139 3.86 -4.04 1.39
CA LEU A 139 2.73 -4.16 2.27
C LEU A 139 1.49 -4.52 1.56
N LEU A 140 1.20 -3.72 0.52
CA LEU A 140 0.00 -3.91 -0.23
C LEU A 140 0.03 -5.22 -1.02
N ALA A 141 1.17 -5.55 -1.64
CA ALA A 141 1.35 -6.80 -2.34
C ALA A 141 1.23 -8.03 -1.45
N ASP A 142 1.68 -7.97 -0.18
CA ASP A 142 1.55 -9.08 0.73
C ASP A 142 0.24 -9.00 1.55
N THR A 143 -0.80 -8.25 1.12
CA THR A 143 -2.06 -8.20 1.88
C THR A 143 -2.79 -9.57 1.97
N SER A 1 -5.77 0.99 -24.52
CA SER A 1 -6.50 2.28 -24.82
C SER A 1 -7.65 2.14 -25.81
N LYS A 2 -7.44 1.41 -26.92
CA LYS A 2 -8.33 1.36 -28.08
C LYS A 2 -9.72 0.84 -27.79
N GLU A 3 -9.79 -0.25 -27.00
CA GLU A 3 -11.05 -0.89 -26.60
C GLU A 3 -11.56 -0.41 -25.26
N VAL A 4 -10.92 0.66 -24.75
CA VAL A 4 -11.21 1.22 -23.43
C VAL A 4 -11.91 2.54 -23.67
N MET A 5 -11.20 3.38 -24.46
CA MET A 5 -11.41 4.76 -24.80
C MET A 5 -11.56 5.70 -23.61
N LYS A 6 -10.82 5.44 -22.51
CA LYS A 6 -10.79 6.30 -21.36
C LYS A 6 -9.34 6.37 -20.92
N GLN A 7 -8.86 7.56 -20.47
CA GLN A 7 -7.48 7.79 -20.11
C GLN A 7 -7.38 8.21 -18.66
N MET A 8 -6.18 8.05 -18.05
CA MET A 8 -5.94 8.34 -16.66
C MET A 8 -4.58 8.98 -16.53
N THR A 9 -4.34 9.72 -15.44
CA THR A 9 -3.08 10.43 -15.20
C THR A 9 -1.93 9.53 -14.76
N ILE A 10 -2.18 8.57 -13.85
CA ILE A 10 -1.18 7.66 -13.33
C ILE A 10 -1.69 6.24 -13.38
N ASN A 11 -0.75 5.24 -13.41
CA ASN A 11 -1.06 3.82 -13.52
C ASN A 11 -1.86 3.29 -12.34
N PHE A 12 -1.57 3.82 -11.13
CA PHE A 12 -2.22 3.46 -9.87
C PHE A 12 -3.69 3.85 -9.82
N ALA A 13 -4.15 4.79 -10.68
CA ALA A 13 -5.52 5.28 -10.67
C ALA A 13 -6.60 4.26 -10.95
N LYS A 14 -6.39 3.31 -11.88
CA LYS A 14 -7.42 2.35 -12.19
C LYS A 14 -7.79 1.43 -11.02
N PRO A 15 -6.91 0.80 -10.24
CA PRO A 15 -7.32 0.20 -8.98
C PRO A 15 -7.73 1.20 -7.90
N MET A 16 -7.20 2.45 -7.85
CA MET A 16 -7.66 3.42 -6.86
C MET A 16 -9.10 3.87 -7.05
N GLU A 17 -9.56 4.15 -8.30
CA GLU A 17 -10.94 4.53 -8.57
C GLU A 17 -11.89 3.37 -8.37
N ALA A 18 -11.41 2.14 -8.65
CA ALA A 18 -12.13 0.91 -8.38
C ALA A 18 -12.39 0.71 -6.90
N CYS A 19 -11.36 0.92 -6.05
CA CYS A 19 -11.45 0.83 -4.60
C CYS A 19 -12.19 1.99 -3.95
N LYS A 20 -12.65 2.99 -4.71
CA LYS A 20 -13.63 3.92 -4.18
C LYS A 20 -15.05 3.38 -4.39
N GLN A 21 -15.38 2.92 -5.62
CA GLN A 21 -16.74 2.49 -5.96
C GLN A 21 -17.10 1.10 -5.47
N GLU A 22 -16.12 0.16 -5.53
CA GLU A 22 -16.21 -1.26 -5.17
C GLU A 22 -16.60 -1.40 -3.73
N LEU A 23 -16.04 -0.49 -2.93
CA LEU A 23 -16.18 -0.52 -1.50
C LEU A 23 -17.43 0.26 -1.10
N ASN A 24 -18.06 0.94 -2.07
CA ASN A 24 -19.19 1.83 -1.96
C ASN A 24 -18.95 3.00 -1.00
N VAL A 25 -17.79 3.67 -1.10
CA VAL A 25 -17.35 4.71 -0.18
C VAL A 25 -17.23 6.03 -0.91
N PRO A 26 -17.22 7.18 -0.23
CA PRO A 26 -16.99 8.47 -0.86
C PRO A 26 -15.55 8.69 -1.29
N ASP A 27 -15.37 9.73 -2.14
CA ASP A 27 -14.13 10.20 -2.73
C ASP A 27 -13.20 10.69 -1.64
N ALA A 28 -13.80 11.19 -0.54
CA ALA A 28 -13.18 11.65 0.67
C ALA A 28 -12.30 10.59 1.32
N VAL A 29 -12.71 9.30 1.30
CA VAL A 29 -11.91 8.29 1.96
C VAL A 29 -10.78 7.76 1.09
N MET A 30 -10.95 7.63 -0.26
CA MET A 30 -9.87 7.20 -1.12
C MET A 30 -8.74 8.21 -1.16
N GLN A 31 -9.08 9.52 -1.04
CA GLN A 31 -8.10 10.58 -1.04
C GLN A 31 -7.28 10.63 0.23
N ASP A 32 -7.81 10.01 1.31
CA ASP A 32 -7.10 9.83 2.56
C ASP A 32 -5.86 8.95 2.41
N PHE A 33 -5.94 7.88 1.59
CA PHE A 33 -4.81 7.02 1.30
C PHE A 33 -3.64 7.72 0.63
N PHE A 34 -3.87 8.57 -0.37
CA PHE A 34 -2.76 9.30 -0.94
C PHE A 34 -2.17 10.38 -0.06
N ASN A 35 -3.05 11.07 0.70
CA ASN A 35 -2.69 12.06 1.70
C ASN A 35 -1.92 11.50 2.87
N PHE A 36 -2.05 10.19 3.15
CA PHE A 36 -1.39 9.43 4.19
C PHE A 36 0.12 9.52 4.10
N TRP A 37 0.64 9.49 2.86
CA TRP A 37 2.07 9.50 2.59
C TRP A 37 2.68 10.88 2.79
N LYS A 38 1.86 11.96 2.90
CA LYS A 38 2.34 13.27 3.33
C LYS A 38 2.83 13.17 4.78
N GLU A 39 4.08 13.61 5.05
CA GLU A 39 4.71 13.25 6.30
C GLU A 39 4.09 13.91 7.53
N GLY A 40 3.75 13.07 8.52
CA GLY A 40 3.11 13.49 9.76
C GLY A 40 1.61 13.64 9.64
N TYR A 41 1.04 13.59 8.41
CA TYR A 41 -0.36 13.96 8.19
C TYR A 41 -1.34 12.99 8.85
N GLN A 42 -2.36 13.56 9.53
CA GLN A 42 -3.15 12.83 10.51
C GLN A 42 -4.33 12.11 9.92
N ILE A 43 -4.06 10.94 9.31
CA ILE A 43 -5.07 10.05 8.82
C ILE A 43 -5.47 9.08 9.93
N THR A 44 -6.77 9.12 10.31
CA THR A 44 -7.35 8.37 11.42
C THR A 44 -8.58 7.62 10.96
N ASN A 45 -8.94 7.73 9.66
CA ASN A 45 -10.19 7.27 9.12
C ASN A 45 -10.09 5.80 8.81
N ARG A 46 -11.05 5.03 9.33
CA ARG A 46 -11.13 3.59 9.23
C ARG A 46 -11.15 3.06 7.83
N GLU A 47 -11.78 3.79 6.89
CA GLU A 47 -11.73 3.48 5.50
C GLU A 47 -10.43 3.65 4.81
N ALA A 48 -9.51 4.48 5.33
CA ALA A 48 -8.17 4.55 4.77
C ALA A 48 -7.58 3.14 4.69
N GLY A 49 -7.78 2.33 5.76
CA GLY A 49 -7.46 0.92 5.74
C GLY A 49 -8.26 0.12 4.76
N CYS A 50 -9.59 0.38 4.60
CA CYS A 50 -10.38 -0.42 3.69
C CYS A 50 -9.97 -0.20 2.25
N VAL A 51 -9.62 1.06 1.86
CA VAL A 51 -9.04 1.28 0.55
C VAL A 51 -7.66 0.66 0.41
N ILE A 52 -6.80 0.77 1.44
CA ILE A 52 -5.43 0.28 1.38
C ILE A 52 -5.33 -1.21 1.13
N LEU A 53 -6.15 -2.02 1.84
CA LEU A 53 -6.21 -3.44 1.62
C LEU A 53 -6.80 -3.87 0.28
N CYS A 54 -7.68 -3.02 -0.27
CA CYS A 54 -8.24 -3.12 -1.60
C CYS A 54 -7.19 -2.95 -2.70
N LEU A 55 -6.20 -2.00 -2.62
CA LEU A 55 -5.16 -1.98 -3.61
C LEU A 55 -4.37 -3.26 -3.64
N ALA A 56 -4.09 -3.83 -2.47
CA ALA A 56 -3.34 -5.04 -2.29
C ALA A 56 -3.91 -6.23 -3.03
N LYS A 57 -5.25 -6.33 -3.10
CA LYS A 57 -5.88 -7.37 -3.88
C LYS A 57 -5.98 -7.04 -5.37
N LYS A 58 -5.72 -5.78 -5.78
CA LYS A 58 -5.89 -5.26 -7.13
C LYS A 58 -4.58 -4.74 -7.73
N LEU A 59 -3.48 -5.52 -7.61
CA LEU A 59 -2.12 -5.18 -8.08
C LEU A 59 -1.93 -5.63 -9.51
N GLU A 60 -2.80 -6.53 -9.94
CA GLU A 60 -2.95 -7.11 -11.26
C GLU A 60 -3.23 -6.04 -12.28
N LEU A 61 -4.03 -5.09 -11.80
CA LEU A 61 -4.53 -3.90 -12.46
C LEU A 61 -3.40 -2.95 -12.82
N LEU A 62 -2.30 -2.99 -12.03
CA LEU A 62 -1.10 -2.18 -12.16
C LEU A 62 -0.33 -2.60 -13.39
N ASP A 63 0.58 -1.74 -13.89
CA ASP A 63 1.23 -2.03 -15.15
C ASP A 63 2.28 -3.12 -14.92
N GLN A 64 2.34 -4.12 -15.81
CA GLN A 64 3.25 -5.24 -15.72
C GLN A 64 4.72 -4.84 -15.73
N ASP A 65 5.04 -3.67 -16.33
CA ASP A 65 6.39 -3.11 -16.40
C ASP A 65 7.01 -2.85 -15.04
N MET A 66 6.23 -2.49 -13.98
CA MET A 66 6.82 -2.29 -12.66
C MET A 66 7.06 -3.60 -11.93
N ASN A 67 6.52 -4.72 -12.50
CA ASN A 67 6.58 -6.10 -12.05
C ASN A 67 5.90 -6.39 -10.72
N LEU A 68 4.85 -5.62 -10.30
CA LEU A 68 4.20 -5.92 -9.04
C LEU A 68 3.22 -7.08 -9.17
N HIS A 69 3.43 -8.16 -8.40
CA HIS A 69 2.45 -9.20 -8.27
C HIS A 69 2.42 -9.56 -6.80
N HIS A 70 1.27 -10.06 -6.31
CA HIS A 70 1.11 -10.48 -4.93
C HIS A 70 2.03 -11.63 -4.55
N GLY A 71 2.72 -11.47 -3.41
CA GLY A 71 3.58 -12.49 -2.82
C GLY A 71 5.02 -12.43 -3.29
N LYS A 72 5.28 -11.66 -4.37
CA LYS A 72 6.53 -11.63 -5.09
C LYS A 72 7.38 -10.46 -4.65
N ALA A 73 7.10 -9.92 -3.45
CA ALA A 73 7.69 -8.70 -2.93
C ALA A 73 9.17 -8.70 -2.87
N MET A 74 9.81 -9.81 -2.43
CA MET A 74 11.26 -9.83 -2.32
C MET A 74 11.94 -9.62 -3.68
N GLU A 75 11.40 -10.24 -4.75
CA GLU A 75 11.87 -10.06 -6.11
C GLU A 75 11.54 -8.69 -6.70
N PHE A 76 10.29 -8.24 -6.50
CA PHE A 76 9.74 -6.95 -6.88
C PHE A 76 10.47 -5.78 -6.25
N ALA A 77 10.71 -5.85 -4.93
CA ALA A 77 11.34 -4.79 -4.17
C ALA A 77 12.74 -4.48 -4.66
N MET A 78 13.53 -5.53 -4.99
CA MET A 78 14.85 -5.40 -5.59
C MET A 78 14.84 -4.75 -6.97
N LYS A 79 13.80 -5.00 -7.81
CA LYS A 79 13.62 -4.31 -9.09
C LYS A 79 13.44 -2.79 -8.92
N HIS A 80 12.90 -2.37 -7.76
CA HIS A 80 12.68 -0.98 -7.39
C HIS A 80 13.79 -0.36 -6.56
N GLY A 81 14.96 -1.01 -6.47
CA GLY A 81 16.16 -0.38 -5.93
C GLY A 81 16.38 -0.64 -4.48
N ALA A 82 15.50 -1.43 -3.82
CA ALA A 82 15.85 -2.02 -2.53
C ALA A 82 16.98 -3.05 -2.67
N ASP A 83 17.92 -3.11 -1.70
CA ASP A 83 18.88 -4.20 -1.66
C ASP A 83 18.21 -5.41 -1.02
N GLU A 84 18.86 -6.60 -1.06
CA GLU A 84 18.24 -7.84 -0.62
C GLU A 84 17.94 -7.85 0.87
N ALA A 85 18.82 -7.19 1.65
CA ALA A 85 18.69 -6.92 3.07
C ALA A 85 17.55 -5.96 3.36
N MET A 86 17.46 -4.87 2.58
CA MET A 86 16.46 -3.84 2.72
C MET A 86 15.08 -4.33 2.34
N ALA A 87 14.99 -5.19 1.30
CA ALA A 87 13.76 -5.82 0.88
C ALA A 87 13.12 -6.68 1.96
N LYS A 88 13.92 -7.55 2.63
CA LYS A 88 13.44 -8.36 3.73
C LYS A 88 13.15 -7.54 4.98
N GLN A 89 13.84 -6.39 5.15
CA GLN A 89 13.55 -5.42 6.18
C GLN A 89 12.16 -4.82 6.11
N LEU A 90 11.62 -4.45 4.93
CA LEU A 90 10.27 -3.96 4.85
C LEU A 90 9.24 -4.98 5.28
N LEU A 91 9.42 -6.25 4.86
CA LEU A 91 8.61 -7.37 5.30
C LEU A 91 8.78 -7.63 6.80
N ASP A 92 10.02 -7.53 7.33
CA ASP A 92 10.35 -7.66 8.75
C ASP A 92 9.79 -6.57 9.64
N ILE A 93 9.82 -5.29 9.22
CA ILE A 93 9.16 -4.16 9.90
C ILE A 93 7.70 -4.44 10.01
N LYS A 94 7.07 -4.92 8.91
CA LYS A 94 5.67 -5.20 8.86
C LYS A 94 5.30 -6.21 9.91
N HIS A 95 5.96 -7.39 9.96
CA HIS A 95 5.52 -8.46 10.83
C HIS A 95 5.78 -8.08 12.26
N SER A 96 6.85 -7.28 12.44
CA SER A 96 7.26 -6.77 13.75
C SER A 96 6.22 -5.82 14.31
N CYS A 97 5.70 -4.93 13.45
CA CYS A 97 4.61 -4.04 13.73
C CYS A 97 3.27 -4.70 13.96
N GLU A 98 2.99 -5.84 13.30
CA GLU A 98 1.72 -6.56 13.37
C GLU A 98 1.42 -7.00 14.79
N LYS A 99 2.50 -7.24 15.57
CA LYS A 99 2.53 -7.69 16.93
C LYS A 99 2.09 -6.58 17.86
N VAL A 100 2.56 -5.34 17.56
CA VAL A 100 2.51 -4.23 18.50
C VAL A 100 1.27 -3.38 18.27
N ILE A 101 0.76 -3.35 17.02
CA ILE A 101 -0.48 -2.68 16.67
C ILE A 101 -1.71 -3.40 17.17
N THR A 102 -2.81 -2.64 17.34
CA THR A 102 -4.14 -3.24 17.46
C THR A 102 -4.57 -3.89 16.17
N ILE A 103 -4.88 -5.20 16.27
CA ILE A 103 -5.46 -6.06 15.29
C ILE A 103 -6.88 -6.20 15.73
N VAL A 104 -7.79 -6.02 14.79
CA VAL A 104 -9.18 -6.16 15.07
C VAL A 104 -9.64 -7.37 14.30
N ALA A 105 -10.31 -8.32 14.99
CA ALA A 105 -10.99 -9.42 14.36
C ALA A 105 -12.15 -9.03 13.46
N ASP A 106 -13.00 -8.10 13.93
CA ASP A 106 -14.13 -7.54 13.21
C ASP A 106 -13.76 -6.70 12.00
N ASP A 107 -12.66 -5.93 12.09
CA ASP A 107 -12.40 -4.82 11.20
C ASP A 107 -10.98 -4.98 10.64
N PRO A 108 -10.71 -5.59 9.48
CA PRO A 108 -9.35 -5.75 8.97
C PRO A 108 -8.74 -4.44 8.52
N CYS A 109 -9.57 -3.37 8.38
CA CYS A 109 -9.18 -2.07 7.91
C CYS A 109 -8.32 -1.36 8.96
N GLN A 110 -8.72 -1.42 10.25
CA GLN A 110 -7.90 -0.98 11.38
C GLN A 110 -6.61 -1.75 11.47
N THR A 111 -6.65 -3.09 11.34
CA THR A 111 -5.42 -3.90 11.32
C THR A 111 -4.47 -3.44 10.21
N MET A 112 -4.96 -3.20 8.97
CA MET A 112 -4.16 -2.70 7.88
C MET A 112 -3.62 -1.29 8.09
N LEU A 113 -4.49 -0.33 8.46
CA LEU A 113 -4.16 1.09 8.65
C LEU A 113 -3.24 1.30 9.84
N ASN A 114 -3.55 0.64 10.98
CA ASN A 114 -2.73 0.70 12.19
C ASN A 114 -1.35 0.12 11.89
N LEU A 115 -1.29 -1.01 11.14
CA LEU A 115 -0.02 -1.58 10.71
C LEU A 115 0.74 -0.65 9.80
N ALA A 116 0.05 -0.07 8.81
CA ALA A 116 0.62 0.77 7.78
C ALA A 116 1.25 2.00 8.38
N MET A 117 0.55 2.61 9.36
CA MET A 117 1.07 3.77 10.05
C MET A 117 2.21 3.38 11.00
N CYS A 118 2.24 2.13 11.57
CA CYS A 118 3.43 1.60 12.27
C CYS A 118 4.60 1.29 11.34
N PHE A 119 4.34 0.61 10.21
CA PHE A 119 5.33 0.36 9.17
C PHE A 119 6.01 1.59 8.64
N LYS A 120 5.21 2.63 8.30
CA LYS A 120 5.69 3.88 7.82
C LYS A 120 6.55 4.58 8.85
N ALA A 121 6.21 4.37 10.14
CA ALA A 121 6.90 4.97 11.27
C ALA A 121 8.36 4.54 11.33
N GLU A 122 8.60 3.23 11.11
CA GLU A 122 9.90 2.63 11.03
C GLU A 122 10.72 3.05 9.80
N ILE A 123 10.17 3.08 8.56
CA ILE A 123 10.88 3.61 7.40
C ILE A 123 11.14 5.10 7.42
N HIS A 124 10.39 5.88 8.23
CA HIS A 124 10.68 7.28 8.54
C HIS A 124 12.02 7.41 9.27
N LYS A 125 12.32 6.48 10.22
CA LYS A 125 13.51 6.54 11.06
C LYS A 125 14.81 6.22 10.30
N LEU A 126 14.69 5.40 9.24
CA LEU A 126 15.76 4.82 8.45
C LEU A 126 16.57 5.80 7.62
N ASP A 127 17.84 5.40 7.41
CA ASP A 127 18.86 6.17 6.73
C ASP A 127 18.77 6.03 5.21
N TRP A 128 17.81 5.24 4.70
CA TRP A 128 17.57 5.04 3.29
C TRP A 128 16.08 5.17 3.09
N ALA A 129 15.62 5.53 1.87
CA ALA A 129 14.21 5.68 1.59
C ALA A 129 13.75 4.63 0.58
N PRO A 130 12.80 3.73 0.88
CA PRO A 130 12.01 3.07 -0.16
C PRO A 130 11.07 4.08 -0.80
N THR A 131 10.72 3.89 -2.08
CA THR A 131 9.78 4.73 -2.79
C THR A 131 8.39 4.16 -2.53
N LEU A 132 7.30 4.88 -2.88
CA LEU A 132 5.96 4.38 -2.70
C LEU A 132 5.67 3.11 -3.50
N ASP A 133 6.36 2.90 -4.65
CA ASP A 133 6.23 1.67 -5.42
C ASP A 133 6.64 0.44 -4.63
N VAL A 134 7.73 0.55 -3.83
CA VAL A 134 8.37 -0.53 -3.08
C VAL A 134 7.95 -0.59 -1.63
N ALA A 135 7.87 0.56 -0.90
CA ALA A 135 7.49 0.56 0.49
C ALA A 135 6.08 0.06 0.72
N VAL A 136 5.11 0.56 -0.08
CA VAL A 136 3.76 0.05 -0.02
C VAL A 136 3.70 -1.26 -0.74
N GLY A 137 4.50 -1.41 -1.82
CA GLY A 137 4.39 -2.58 -2.68
C GLY A 137 4.68 -3.88 -1.99
N GLU A 138 5.71 -3.93 -1.11
CA GLU A 138 5.96 -5.11 -0.31
C GLU A 138 4.84 -5.44 0.68
N LEU A 139 4.22 -4.42 1.31
CA LEU A 139 3.07 -4.55 2.18
C LEU A 139 1.88 -5.07 1.48
N LEU A 140 1.57 -4.40 0.36
CA LEU A 140 0.40 -4.73 -0.39
C LEU A 140 0.54 -6.09 -1.06
N ALA A 141 1.74 -6.42 -1.61
CA ALA A 141 2.01 -7.73 -2.16
C ALA A 141 1.91 -8.85 -1.14
N ASP A 142 2.33 -8.64 0.12
CA ASP A 142 2.28 -9.67 1.14
C ASP A 142 0.95 -9.64 1.91
N THR A 143 -0.14 -9.00 1.40
CA THR A 143 -1.42 -8.99 2.13
C THR A 143 -2.06 -10.39 2.34
N SER A 1 -10.94 23.88 -13.36
CA SER A 1 -10.28 22.62 -12.81
C SER A 1 -10.38 21.40 -13.71
N LYS A 2 -11.55 21.15 -14.34
CA LYS A 2 -11.87 19.93 -15.04
C LYS A 2 -10.96 19.66 -16.24
N GLU A 3 -10.69 20.71 -17.04
CA GLU A 3 -9.84 20.67 -18.23
C GLU A 3 -8.37 20.81 -17.93
N VAL A 4 -8.05 20.93 -16.64
CA VAL A 4 -6.70 21.12 -16.15
C VAL A 4 -6.21 19.80 -15.63
N MET A 5 -7.04 19.18 -14.75
CA MET A 5 -6.58 18.22 -13.78
C MET A 5 -6.09 16.91 -14.38
N LYS A 6 -6.64 16.51 -15.55
CA LYS A 6 -6.49 15.20 -16.17
C LYS A 6 -5.32 15.05 -17.09
N GLN A 7 -4.43 16.03 -17.00
CA GLN A 7 -3.20 16.19 -17.77
C GLN A 7 -2.20 15.06 -17.57
N MET A 8 -2.12 14.52 -16.32
CA MET A 8 -1.42 13.29 -16.02
C MET A 8 -2.44 12.42 -15.35
N THR A 9 -2.57 11.14 -15.76
CA THR A 9 -3.58 10.26 -15.21
C THR A 9 -3.09 8.85 -15.33
N ILE A 10 -3.63 7.94 -14.47
CA ILE A 10 -3.44 6.50 -14.46
C ILE A 10 -2.06 6.06 -13.95
N ASN A 11 -2.04 5.44 -12.74
CA ASN A 11 -0.97 4.60 -12.31
C ASN A 11 -1.70 3.53 -11.51
N PHE A 12 -1.39 2.23 -11.76
CA PHE A 12 -2.00 1.04 -11.16
C PHE A 12 -3.53 1.00 -11.08
N ALA A 13 -4.21 1.62 -12.07
CA ALA A 13 -5.65 1.82 -12.11
C ALA A 13 -6.52 0.61 -12.27
N LYS A 14 -6.12 -0.39 -13.07
CA LYS A 14 -6.97 -1.52 -13.37
C LYS A 14 -7.34 -2.34 -12.12
N PRO A 15 -6.46 -2.72 -11.19
CA PRO A 15 -6.89 -3.26 -9.90
C PRO A 15 -7.54 -2.25 -8.98
N MET A 16 -7.25 -0.92 -9.06
CA MET A 16 -7.97 0.06 -8.26
C MET A 16 -9.45 0.19 -8.60
N GLU A 17 -9.80 0.25 -9.90
CA GLU A 17 -11.18 0.37 -10.34
C GLU A 17 -11.94 -0.92 -10.14
N ALA A 18 -11.24 -2.07 -10.27
CA ALA A 18 -11.77 -3.35 -9.90
C ALA A 18 -12.04 -3.46 -8.41
N CYS A 19 -11.11 -3.02 -7.53
CA CYS A 19 -11.31 -3.10 -6.09
C CYS A 19 -12.54 -2.29 -5.73
N LYS A 20 -12.68 -1.05 -6.25
CA LYS A 20 -13.71 -0.14 -5.81
C LYS A 20 -15.12 -0.70 -6.05
N GLN A 21 -15.36 -1.33 -7.21
CA GLN A 21 -16.63 -1.98 -7.50
C GLN A 21 -16.81 -3.32 -6.81
N GLU A 22 -15.71 -4.11 -6.72
CA GLU A 22 -15.61 -5.44 -6.11
C GLU A 22 -15.99 -5.36 -4.67
N LEU A 23 -15.55 -4.27 -4.01
CA LEU A 23 -15.77 -4.11 -2.59
C LEU A 23 -17.13 -3.48 -2.34
N ASN A 24 -17.79 -2.98 -3.42
CA ASN A 24 -19.04 -2.24 -3.40
C ASN A 24 -18.97 -0.97 -2.55
N VAL A 25 -17.89 -0.19 -2.74
CA VAL A 25 -17.59 1.01 -1.97
C VAL A 25 -17.58 2.18 -2.91
N PRO A 26 -17.72 3.42 -2.43
CA PRO A 26 -17.59 4.59 -3.28
C PRO A 26 -16.18 4.89 -3.69
N ASP A 27 -16.12 5.90 -4.57
CA ASP A 27 -15.00 6.59 -5.10
C ASP A 27 -14.17 7.26 -4.01
N ALA A 28 -14.91 7.82 -3.05
CA ALA A 28 -14.47 8.55 -1.89
C ALA A 28 -13.52 7.76 -1.01
N VAL A 29 -13.65 6.43 -0.95
CA VAL A 29 -12.84 5.69 -0.02
C VAL A 29 -11.67 5.01 -0.70
N MET A 30 -11.75 4.68 -2.01
CA MET A 30 -10.55 4.28 -2.75
C MET A 30 -9.56 5.42 -2.89
N GLN A 31 -10.05 6.68 -2.96
CA GLN A 31 -9.20 7.84 -3.06
C GLN A 31 -8.49 8.17 -1.77
N ASP A 32 -9.03 7.65 -0.64
CA ASP A 32 -8.38 7.74 0.65
C ASP A 32 -7.03 7.02 0.69
N PHE A 33 -6.93 5.85 0.03
CA PHE A 33 -5.66 5.13 -0.08
C PHE A 33 -4.57 5.89 -0.77
N PHE A 34 -4.84 6.58 -1.89
CA PHE A 34 -3.78 7.37 -2.49
C PHE A 34 -3.39 8.62 -1.74
N ASN A 35 -4.40 9.28 -1.13
CA ASN A 35 -4.26 10.45 -0.29
C ASN A 35 -3.50 10.18 1.00
N PHE A 36 -3.49 8.91 1.46
CA PHE A 36 -2.82 8.38 2.64
C PHE A 36 -1.34 8.68 2.62
N TRP A 37 -0.73 8.58 1.43
CA TRP A 37 0.70 8.69 1.25
C TRP A 37 1.13 10.15 1.27
N LYS A 38 0.17 11.11 1.19
CA LYS A 38 0.49 12.49 1.45
C LYS A 38 0.85 12.67 2.92
N GLU A 39 2.04 13.22 3.23
CA GLU A 39 2.56 13.17 4.58
C GLU A 39 1.79 14.02 5.58
N GLY A 40 1.37 13.36 6.68
CA GLY A 40 0.59 13.96 7.75
C GLY A 40 -0.90 13.84 7.57
N TYR A 41 -1.40 13.46 6.37
CA TYR A 41 -2.80 13.50 6.03
C TYR A 41 -3.64 12.49 6.82
N GLN A 42 -4.79 12.93 7.35
CA GLN A 42 -5.53 12.20 8.36
C GLN A 42 -6.51 11.21 7.79
N ILE A 43 -5.97 10.05 7.35
CA ILE A 43 -6.78 8.92 6.95
C ILE A 43 -6.98 8.02 8.14
N THR A 44 -8.26 7.86 8.55
CA THR A 44 -8.66 7.11 9.74
C THR A 44 -9.75 6.12 9.40
N ASN A 45 -10.07 6.00 8.09
CA ASN A 45 -11.31 5.43 7.62
C ASN A 45 -11.17 3.94 7.38
N ARG A 46 -12.13 3.16 7.90
CA ARG A 46 -12.17 1.71 7.89
C ARG A 46 -12.13 1.09 6.50
N GLU A 47 -12.74 1.78 5.51
CA GLU A 47 -12.63 1.47 4.11
C GLU A 47 -11.25 1.59 3.51
N ALA A 48 -10.39 2.50 4.03
CA ALA A 48 -9.04 2.65 3.50
C ALA A 48 -8.27 1.34 3.56
N GLY A 49 -8.37 0.60 4.69
CA GLY A 49 -7.75 -0.71 4.85
C GLY A 49 -8.30 -1.74 3.94
N CYS A 50 -9.64 -1.71 3.71
CA CYS A 50 -10.35 -2.65 2.87
C CYS A 50 -9.89 -2.56 1.43
N VAL A 51 -9.67 -1.33 0.91
CA VAL A 51 -9.07 -1.15 -0.40
C VAL A 51 -7.61 -1.55 -0.41
N ILE A 52 -6.83 -1.22 0.64
CA ILE A 52 -5.40 -1.51 0.68
C ILE A 52 -5.08 -2.99 0.57
N LEU A 53 -5.80 -3.84 1.33
CA LEU A 53 -5.62 -5.27 1.30
C LEU A 53 -6.03 -5.93 0.01
N CYS A 54 -7.00 -5.31 -0.68
CA CYS A 54 -7.46 -5.66 -1.98
C CYS A 54 -6.44 -5.44 -3.09
N LEU A 55 -5.63 -4.35 -3.13
CA LEU A 55 -4.58 -4.28 -4.11
C LEU A 55 -3.58 -5.39 -3.96
N ALA A 56 -3.28 -5.76 -2.71
CA ALA A 56 -2.38 -6.82 -2.35
C ALA A 56 -2.70 -8.18 -2.94
N LYS A 57 -4.00 -8.48 -3.08
CA LYS A 57 -4.42 -9.69 -3.77
C LYS A 57 -4.44 -9.53 -5.30
N LYS A 58 -4.48 -8.28 -5.82
CA LYS A 58 -4.67 -7.94 -7.22
C LYS A 58 -3.41 -7.35 -7.87
N LEU A 59 -2.22 -7.85 -7.50
CA LEU A 59 -0.91 -7.36 -7.99
C LEU A 59 -0.55 -7.97 -9.30
N GLU A 60 -1.23 -9.08 -9.57
CA GLU A 60 -1.18 -9.90 -10.76
C GLU A 60 -1.60 -9.08 -11.97
N LEU A 61 -2.56 -8.18 -11.69
CA LEU A 61 -3.18 -7.22 -12.59
C LEU A 61 -2.19 -6.18 -13.09
N LEU A 62 -1.14 -5.90 -12.28
CA LEU A 62 -0.13 -4.87 -12.48
C LEU A 62 0.78 -5.21 -13.64
N ASP A 63 1.46 -4.16 -14.18
CA ASP A 63 2.28 -4.30 -15.35
C ASP A 63 3.56 -5.09 -15.05
N GLN A 64 3.88 -6.10 -15.90
CA GLN A 64 5.00 -7.01 -15.70
C GLN A 64 6.36 -6.35 -15.65
N ASP A 65 6.52 -5.18 -16.31
CA ASP A 65 7.73 -4.38 -16.33
C ASP A 65 8.24 -4.00 -14.94
N MET A 66 7.34 -3.74 -13.95
CA MET A 66 7.78 -3.42 -12.60
C MET A 66 8.13 -4.67 -11.79
N ASN A 67 7.77 -5.87 -12.31
CA ASN A 67 7.96 -7.18 -11.73
C ASN A 67 7.30 -7.43 -10.37
N LEU A 68 6.14 -6.79 -10.07
CA LEU A 68 5.46 -7.07 -8.82
C LEU A 68 4.63 -8.34 -8.93
N HIS A 69 4.90 -9.32 -8.05
CA HIS A 69 4.00 -10.42 -7.85
C HIS A 69 4.00 -10.73 -6.38
N HIS A 70 2.85 -11.22 -5.88
CA HIS A 70 2.59 -11.47 -4.49
C HIS A 70 3.49 -12.56 -3.94
N GLY A 71 4.14 -12.31 -2.80
CA GLY A 71 5.07 -13.23 -2.16
C GLY A 71 6.51 -13.08 -2.59
N LYS A 72 6.80 -12.32 -3.65
CA LYS A 72 8.11 -12.21 -4.27
C LYS A 72 8.76 -10.88 -3.90
N ALA A 73 8.38 -10.31 -2.74
CA ALA A 73 8.80 -8.99 -2.30
C ALA A 73 10.28 -8.81 -2.21
N MET A 74 11.03 -9.77 -1.65
CA MET A 74 12.47 -9.58 -1.50
C MET A 74 13.18 -9.40 -2.83
N GLU A 75 12.79 -10.20 -3.86
CA GLU A 75 13.30 -10.09 -5.22
C GLU A 75 12.84 -8.82 -5.93
N PHE A 76 11.54 -8.49 -5.81
CA PHE A 76 10.89 -7.30 -6.32
C PHE A 76 11.46 -6.02 -5.74
N ALA A 77 11.62 -5.95 -4.41
CA ALA A 77 12.09 -4.78 -3.72
C ALA A 77 13.49 -4.36 -4.15
N MET A 78 14.40 -5.34 -4.35
CA MET A 78 15.74 -5.11 -4.87
C MET A 78 15.75 -4.57 -6.30
N LYS A 79 14.81 -5.03 -7.18
CA LYS A 79 14.65 -4.48 -8.53
C LYS A 79 14.26 -3.00 -8.51
N HIS A 80 13.60 -2.54 -7.43
CA HIS A 80 13.19 -1.16 -7.20
C HIS A 80 14.17 -0.33 -6.40
N GLY A 81 15.41 -0.83 -6.20
CA GLY A 81 16.49 0.00 -5.68
C GLY A 81 16.68 -0.11 -4.20
N ALA A 82 15.88 -0.93 -3.50
CA ALA A 82 16.21 -1.34 -2.15
C ALA A 82 17.45 -2.24 -2.13
N ASP A 83 18.33 -2.12 -1.10
CA ASP A 83 19.38 -3.11 -0.89
C ASP A 83 18.77 -4.28 -0.15
N GLU A 84 19.50 -5.41 0.00
CA GLU A 84 18.96 -6.64 0.57
C GLU A 84 18.58 -6.48 2.04
N ALA A 85 19.37 -5.66 2.76
CA ALA A 85 19.15 -5.23 4.12
C ALA A 85 17.92 -4.36 4.26
N MET A 86 17.73 -3.40 3.34
CA MET A 86 16.58 -2.52 3.27
C MET A 86 15.31 -3.26 2.92
N ALA A 87 15.42 -4.22 1.98
CA ALA A 87 14.32 -5.08 1.58
C ALA A 87 13.76 -5.91 2.72
N LYS A 88 14.65 -6.57 3.50
CA LYS A 88 14.27 -7.34 4.67
C LYS A 88 13.79 -6.44 5.80
N GLN A 89 14.30 -5.19 5.87
CA GLN A 89 13.82 -4.16 6.77
C GLN A 89 12.39 -3.76 6.58
N LEU A 90 11.86 -3.58 5.34
CA LEU A 90 10.48 -3.27 5.16
C LEU A 90 9.56 -4.40 5.62
N LEU A 91 9.93 -5.66 5.32
CA LEU A 91 9.25 -6.83 5.84
C LEU A 91 9.34 -6.94 7.37
N ASP A 92 10.52 -6.61 7.96
CA ASP A 92 10.76 -6.57 9.39
C ASP A 92 10.00 -5.49 10.14
N ILE A 93 9.89 -4.26 9.59
CA ILE A 93 9.07 -3.16 10.14
C ILE A 93 7.64 -3.61 10.20
N LYS A 94 7.16 -4.25 9.11
CA LYS A 94 5.81 -4.76 9.03
C LYS A 94 5.53 -5.73 10.13
N HIS A 95 6.39 -6.74 10.34
CA HIS A 95 5.97 -7.79 11.26
C HIS A 95 6.09 -7.29 12.67
N SER A 96 7.02 -6.33 12.84
CA SER A 96 7.27 -5.65 14.11
C SER A 96 6.07 -4.81 14.52
N CYS A 97 5.50 -4.08 13.55
CA CYS A 97 4.31 -3.28 13.70
C CYS A 97 3.05 -4.08 13.95
N GLU A 98 2.94 -5.31 13.39
CA GLU A 98 1.78 -6.19 13.54
C GLU A 98 1.53 -6.59 14.98
N LYS A 99 2.59 -6.54 15.79
CA LYS A 99 2.61 -6.87 17.20
C LYS A 99 1.97 -5.74 18.00
N VAL A 100 2.27 -4.49 17.59
CA VAL A 100 2.03 -3.31 18.41
C VAL A 100 0.73 -2.64 18.03
N ILE A 101 0.30 -2.78 16.76
CA ILE A 101 -0.99 -2.31 16.31
C ILE A 101 -2.16 -3.14 16.80
N THR A 102 -3.36 -2.53 16.87
CA THR A 102 -4.60 -3.28 17.02
C THR A 102 -4.90 -4.10 15.77
N ILE A 103 -5.04 -5.42 15.99
CA ILE A 103 -5.45 -6.43 15.08
C ILE A 103 -6.86 -6.72 15.46
N VAL A 104 -7.73 -6.74 14.45
CA VAL A 104 -9.11 -7.06 14.67
C VAL A 104 -9.35 -8.39 14.01
N ALA A 105 -9.93 -9.33 14.77
CA ALA A 105 -10.41 -10.59 14.25
C ALA A 105 -11.56 -10.47 13.27
N ASP A 106 -12.55 -9.63 13.59
CA ASP A 106 -13.71 -9.31 12.78
C ASP A 106 -13.36 -8.61 11.47
N ASP A 107 -12.38 -7.69 11.50
CA ASP A 107 -12.22 -6.69 10.47
C ASP A 107 -10.76 -6.69 10.00
N PRO A 108 -10.32 -7.31 8.92
CA PRO A 108 -8.93 -7.26 8.48
C PRO A 108 -8.51 -5.86 8.01
N CYS A 109 -9.48 -4.96 7.76
CA CYS A 109 -9.25 -3.64 7.21
C CYS A 109 -8.55 -2.74 8.21
N GLN A 110 -8.99 -2.75 9.51
CA GLN A 110 -8.32 -2.09 10.60
C GLN A 110 -6.93 -2.61 10.82
N THR A 111 -6.76 -3.96 10.82
CA THR A 111 -5.44 -4.57 10.93
C THR A 111 -4.50 -4.09 9.82
N MET A 112 -4.95 -4.06 8.55
CA MET A 112 -4.13 -3.58 7.45
C MET A 112 -3.81 -2.08 7.53
N LEU A 113 -4.82 -1.22 7.77
CA LEU A 113 -4.69 0.23 7.85
C LEU A 113 -3.87 0.67 9.03
N ASN A 114 -4.13 0.08 10.22
CA ASN A 114 -3.39 0.35 11.44
C ASN A 114 -1.94 -0.05 11.26
N LEU A 115 -1.68 -1.22 10.61
CA LEU A 115 -0.34 -1.65 10.28
C LEU A 115 0.35 -0.72 9.33
N ALA A 116 -0.37 -0.31 8.27
CA ALA A 116 0.16 0.50 7.20
C ALA A 116 0.59 1.85 7.71
N MET A 117 -0.23 2.45 8.60
CA MET A 117 0.07 3.72 9.20
C MET A 117 1.21 3.58 10.23
N CYS A 118 1.37 2.39 10.91
CA CYS A 118 2.57 2.08 11.71
C CYS A 118 3.82 1.84 10.87
N PHE A 119 3.72 1.04 9.78
CA PHE A 119 4.79 0.81 8.83
C PHE A 119 5.36 2.07 8.20
N LYS A 120 4.48 2.96 7.72
CA LYS A 120 4.84 4.21 7.11
C LYS A 120 5.57 5.10 8.11
N ALA A 121 5.20 4.98 9.40
CA ALA A 121 5.76 5.78 10.47
C ALA A 121 7.26 5.55 10.66
N GLU A 122 7.66 4.27 10.59
CA GLU A 122 9.02 3.79 10.64
C GLU A 122 9.84 4.19 9.41
N ILE A 123 9.35 4.02 8.15
CA ILE A 123 10.03 4.46 6.94
C ILE A 123 10.15 5.97 6.80
N HIS A 124 9.25 6.75 7.46
CA HIS A 124 9.37 8.20 7.60
C HIS A 124 10.63 8.59 8.35
N LYS A 125 10.96 7.85 9.44
CA LYS A 125 12.01 8.21 10.38
C LYS A 125 13.42 7.91 9.86
N LEU A 126 13.50 6.96 8.90
CA LEU A 126 14.72 6.42 8.30
C LEU A 126 15.50 7.41 7.45
N ASP A 127 16.82 7.15 7.34
CA ASP A 127 17.78 7.98 6.62
C ASP A 127 17.79 7.68 5.12
N TRP A 128 16.97 6.73 4.65
CA TRP A 128 16.84 6.38 3.24
C TRP A 128 15.35 6.33 2.94
N ALA A 129 14.96 6.53 1.67
CA ALA A 129 13.58 6.49 1.27
C ALA A 129 13.29 5.32 0.33
N PRO A 130 12.43 4.35 0.65
CA PRO A 130 11.79 3.51 -0.37
C PRO A 130 10.78 4.36 -1.14
N THR A 131 10.50 4.01 -2.41
CA THR A 131 9.45 4.63 -3.20
C THR A 131 8.17 3.92 -2.85
N LEU A 132 6.99 4.44 -3.26
CA LEU A 132 5.72 3.78 -2.99
C LEU A 132 5.64 2.41 -3.62
N ASP A 133 6.27 2.19 -4.81
CA ASP A 133 6.27 0.93 -5.52
C ASP A 133 6.87 -0.19 -4.68
N VAL A 134 7.97 0.09 -3.95
CA VAL A 134 8.71 -0.83 -3.09
C VAL A 134 8.18 -0.83 -1.67
N ALA A 135 7.91 0.36 -1.07
CA ALA A 135 7.39 0.47 0.27
C ALA A 135 6.03 -0.15 0.43
N VAL A 136 5.07 0.14 -0.48
CA VAL A 136 3.79 -0.53 -0.38
C VAL A 136 3.94 -1.89 -0.98
N GLY A 137 4.84 -2.05 -1.98
CA GLY A 137 4.92 -3.31 -2.71
C GLY A 137 5.31 -4.48 -1.87
N GLU A 138 6.28 -4.34 -0.95
CA GLU A 138 6.61 -5.41 -0.02
C GLU A 138 5.48 -5.75 0.95
N LEU A 139 4.71 -4.74 1.42
CA LEU A 139 3.53 -4.92 2.25
C LEU A 139 2.45 -5.64 1.54
N LEU A 140 2.14 -5.12 0.34
CA LEU A 140 1.07 -5.69 -0.43
C LEU A 140 1.42 -7.08 -0.93
N ALA A 141 2.66 -7.30 -1.40
CA ALA A 141 3.12 -8.62 -1.79
C ALA A 141 3.13 -9.64 -0.66
N ASP A 142 3.50 -9.26 0.58
CA ASP A 142 3.54 -10.19 1.69
C ASP A 142 2.26 -10.10 2.55
N THR A 143 1.09 -9.71 2.01
CA THR A 143 -0.13 -9.67 2.82
C THR A 143 -0.60 -11.08 3.31
N SER A 1 -7.49 2.51 -29.19
CA SER A 1 -8.45 2.92 -28.09
C SER A 1 -7.83 3.69 -26.93
N LYS A 2 -6.63 3.26 -26.46
CA LYS A 2 -6.01 3.75 -25.23
C LYS A 2 -5.67 5.23 -25.29
N GLU A 3 -5.15 5.71 -26.44
CA GLU A 3 -4.80 7.10 -26.66
C GLU A 3 -5.94 7.96 -27.16
N VAL A 4 -7.12 7.34 -27.26
CA VAL A 4 -8.33 7.96 -27.77
C VAL A 4 -9.21 8.33 -26.61
N MET A 5 -9.42 7.33 -25.71
CA MET A 5 -10.58 7.24 -24.87
C MET A 5 -10.69 8.33 -23.81
N LYS A 6 -9.53 8.81 -23.32
CA LYS A 6 -9.44 9.83 -22.32
C LYS A 6 -8.19 10.63 -22.66
N GLN A 7 -8.14 11.93 -22.28
CA GLN A 7 -7.06 12.84 -22.62
C GLN A 7 -5.69 12.42 -22.08
N MET A 8 -5.64 11.81 -20.88
CA MET A 8 -4.50 11.05 -20.42
C MET A 8 -5.05 9.76 -19.87
N THR A 9 -4.46 8.59 -20.23
CA THR A 9 -4.92 7.29 -19.80
C THR A 9 -3.84 6.68 -18.95
N ILE A 10 -4.15 6.32 -17.69
CA ILE A 10 -3.19 5.77 -16.74
C ILE A 10 -3.71 4.43 -16.26
N ASN A 11 -2.93 3.34 -16.42
CA ASN A 11 -3.26 1.99 -15.97
C ASN A 11 -3.34 1.85 -14.45
N PHE A 12 -2.44 2.56 -13.73
CA PHE A 12 -2.14 2.44 -12.31
C PHE A 12 -3.37 2.70 -11.44
N ALA A 13 -4.23 3.67 -11.81
CA ALA A 13 -5.44 4.07 -11.13
C ALA A 13 -6.60 3.09 -11.11
N LYS A 14 -6.65 2.09 -12.02
CA LYS A 14 -7.76 1.16 -12.11
C LYS A 14 -8.09 0.39 -10.83
N PRO A 15 -7.19 -0.21 -10.04
CA PRO A 15 -7.57 -0.74 -8.74
C PRO A 15 -7.97 0.32 -7.73
N MET A 16 -7.46 1.58 -7.79
CA MET A 16 -7.87 2.61 -6.84
C MET A 16 -9.33 3.03 -7.01
N GLU A 17 -9.81 3.21 -8.27
CA GLU A 17 -11.20 3.53 -8.53
C GLU A 17 -12.12 2.36 -8.27
N ALA A 18 -11.64 1.12 -8.49
CA ALA A 18 -12.33 -0.10 -8.13
C ALA A 18 -12.56 -0.21 -6.62
N CYS A 19 -11.53 0.07 -5.80
CA CYS A 19 -11.59 0.05 -4.35
C CYS A 19 -12.34 1.23 -3.76
N LYS A 20 -12.84 2.18 -4.56
CA LYS A 20 -13.83 3.12 -4.07
C LYS A 20 -15.24 2.52 -4.20
N GLN A 21 -15.58 1.99 -5.39
CA GLN A 21 -16.94 1.52 -5.68
C GLN A 21 -17.26 0.16 -5.12
N GLU A 22 -16.27 -0.77 -5.14
CA GLU A 22 -16.33 -2.16 -4.69
C GLU A 22 -16.68 -2.23 -3.25
N LEU A 23 -16.14 -1.27 -2.51
CA LEU A 23 -16.24 -1.23 -1.07
C LEU A 23 -17.48 -0.45 -0.68
N ASN A 24 -18.15 0.18 -1.69
CA ASN A 24 -19.28 1.07 -1.57
C ASN A 24 -19.02 2.28 -0.66
N VAL A 25 -17.85 2.93 -0.82
CA VAL A 25 -17.40 4.02 0.03
C VAL A 25 -17.29 5.29 -0.79
N PRO A 26 -17.32 6.48 -0.23
CA PRO A 26 -17.18 7.72 -0.99
C PRO A 26 -15.76 7.98 -1.48
N ASP A 27 -15.66 8.97 -2.40
CA ASP A 27 -14.46 9.48 -3.04
C ASP A 27 -13.52 10.03 -1.97
N ALA A 28 -14.14 10.63 -0.93
CA ALA A 28 -13.52 11.21 0.23
C ALA A 28 -12.68 10.26 1.03
N VAL A 29 -12.99 8.95 1.05
CA VAL A 29 -12.20 8.07 1.86
C VAL A 29 -11.17 7.32 1.04
N MET A 30 -11.36 7.08 -0.27
CA MET A 30 -10.27 6.52 -1.07
C MET A 30 -9.09 7.47 -1.18
N GLN A 31 -9.36 8.80 -1.12
CA GLN A 31 -8.35 9.83 -1.15
C GLN A 31 -7.64 9.97 0.18
N ASP A 32 -8.24 9.42 1.28
CA ASP A 32 -7.60 9.50 2.57
C ASP A 32 -6.32 8.65 2.62
N PHE A 33 -6.27 7.56 1.82
CA PHE A 33 -5.08 6.78 1.48
C PHE A 33 -3.99 7.57 0.77
N PHE A 34 -4.35 8.43 -0.21
CA PHE A 34 -3.39 9.31 -0.86
C PHE A 34 -2.81 10.37 0.10
N ASN A 35 -3.66 10.97 0.94
CA ASN A 35 -3.31 11.91 2.00
C ASN A 35 -2.50 11.29 3.14
N PHE A 36 -2.62 9.96 3.37
CA PHE A 36 -1.94 9.19 4.40
C PHE A 36 -0.42 9.32 4.31
N TRP A 37 0.12 9.27 3.08
CA TRP A 37 1.54 9.30 2.80
C TRP A 37 2.16 10.68 3.04
N LYS A 38 1.32 11.74 3.08
CA LYS A 38 1.71 13.11 3.35
C LYS A 38 2.29 13.23 4.76
N GLU A 39 3.42 13.95 4.95
CA GLU A 39 4.23 13.77 6.12
C GLU A 39 3.56 14.17 7.43
N GLY A 40 3.37 13.18 8.33
CA GLY A 40 2.78 13.34 9.65
C GLY A 40 1.27 13.40 9.66
N TYR A 41 0.60 13.30 8.49
CA TYR A 41 -0.81 13.63 8.37
C TYR A 41 -1.73 12.64 9.08
N GLN A 42 -2.73 13.17 9.82
CA GLN A 42 -3.49 12.39 10.78
C GLN A 42 -4.68 11.68 10.20
N ILE A 43 -4.42 10.52 9.58
CA ILE A 43 -5.45 9.64 9.09
C ILE A 43 -5.77 8.58 10.14
N THR A 44 -7.03 8.56 10.61
CA THR A 44 -7.49 7.72 11.71
C THR A 44 -8.67 6.85 11.28
N ASN A 45 -9.16 7.03 10.05
CA ASN A 45 -10.46 6.56 9.61
C ASN A 45 -10.43 5.12 9.18
N ARG A 46 -11.43 4.32 9.64
CA ARG A 46 -11.54 2.89 9.42
C ARG A 46 -11.62 2.50 7.96
N GLU A 47 -12.22 3.37 7.12
CA GLU A 47 -12.23 3.25 5.68
C GLU A 47 -10.88 3.31 5.05
N ALA A 48 -9.93 4.04 5.66
CA ALA A 48 -8.57 4.09 5.12
C ALA A 48 -7.95 2.72 5.04
N GLY A 49 -8.10 1.89 6.09
CA GLY A 49 -7.64 0.51 6.08
C GLY A 49 -8.37 -0.33 5.08
N CYS A 50 -9.70 -0.12 4.95
CA CYS A 50 -10.55 -0.87 4.04
C CYS A 50 -10.15 -0.65 2.60
N VAL A 51 -9.80 0.60 2.20
CA VAL A 51 -9.23 0.85 0.89
C VAL A 51 -7.85 0.26 0.77
N ILE A 52 -6.99 0.39 1.78
CA ILE A 52 -5.59 -0.03 1.72
C ILE A 52 -5.46 -1.52 1.46
N LEU A 53 -6.24 -2.33 2.19
CA LEU A 53 -6.24 -3.78 2.04
C LEU A 53 -6.79 -4.28 0.72
N CYS A 54 -7.71 -3.48 0.13
CA CYS A 54 -8.28 -3.69 -1.18
C CYS A 54 -7.24 -3.62 -2.29
N LEU A 55 -6.26 -2.66 -2.28
CA LEU A 55 -5.22 -2.65 -3.28
C LEU A 55 -4.37 -3.89 -3.27
N ALA A 56 -4.06 -4.42 -2.09
CA ALA A 56 -3.18 -5.53 -1.86
C ALA A 56 -3.55 -6.80 -2.60
N LYS A 57 -4.86 -7.06 -2.73
CA LYS A 57 -5.41 -8.14 -3.53
C LYS A 57 -5.51 -7.83 -5.02
N LYS A 58 -5.42 -6.54 -5.41
CA LYS A 58 -5.70 -6.06 -6.76
C LYS A 58 -4.47 -5.47 -7.43
N LEU A 59 -3.32 -6.18 -7.33
CA LEU A 59 -2.02 -5.74 -7.87
C LEU A 59 -1.83 -6.25 -9.25
N GLU A 60 -2.70 -7.19 -9.59
CA GLU A 60 -2.89 -7.88 -10.86
C GLU A 60 -3.30 -6.89 -11.93
N LEU A 61 -4.08 -5.92 -11.45
CA LEU A 61 -4.68 -4.80 -12.15
C LEU A 61 -3.60 -3.83 -12.63
N LEU A 62 -2.48 -3.74 -11.87
CA LEU A 62 -1.35 -2.86 -12.06
C LEU A 62 -0.56 -3.25 -13.30
N ASP A 63 0.26 -2.32 -13.82
CA ASP A 63 1.01 -2.56 -15.03
C ASP A 63 2.18 -3.51 -14.81
N GLN A 64 2.42 -4.45 -15.76
CA GLN A 64 3.49 -5.43 -15.69
C GLN A 64 4.88 -4.82 -15.68
N ASP A 65 5.03 -3.62 -16.31
CA ASP A 65 6.24 -2.85 -16.40
C ASP A 65 6.85 -2.49 -15.04
N MET A 66 6.03 -2.19 -14.00
CA MET A 66 6.57 -1.88 -12.69
C MET A 66 7.02 -3.13 -11.94
N ASN A 67 6.59 -4.32 -12.42
CA ASN A 67 6.82 -5.67 -11.95
C ASN A 67 6.16 -6.07 -10.63
N LEU A 68 5.04 -5.43 -10.18
CA LEU A 68 4.42 -5.82 -8.92
C LEU A 68 3.56 -7.08 -9.07
N HIS A 69 3.84 -8.12 -8.26
CA HIS A 69 2.92 -9.23 -8.10
C HIS A 69 2.91 -9.68 -6.67
N HIS A 70 1.83 -10.37 -6.25
CA HIS A 70 1.57 -10.71 -4.86
C HIS A 70 2.62 -11.69 -4.36
N GLY A 71 3.21 -11.43 -3.19
CA GLY A 71 4.12 -12.36 -2.53
C GLY A 71 5.54 -12.30 -3.05
N LYS A 72 5.77 -11.63 -4.19
CA LYS A 72 7.01 -11.60 -4.93
C LYS A 72 7.88 -10.45 -4.48
N ALA A 73 7.57 -9.87 -3.32
CA ALA A 73 8.10 -8.65 -2.76
C ALA A 73 9.59 -8.66 -2.63
N MET A 74 10.22 -9.76 -2.19
CA MET A 74 11.65 -9.80 -1.95
C MET A 74 12.47 -9.49 -3.20
N GLU A 75 12.04 -10.05 -4.34
CA GLU A 75 12.66 -9.83 -5.65
C GLU A 75 12.29 -8.55 -6.31
N PHE A 76 11.00 -8.28 -6.19
CA PHE A 76 10.29 -7.08 -6.64
C PHE A 76 10.82 -5.80 -5.99
N ALA A 77 11.06 -5.81 -4.67
CA ALA A 77 11.59 -4.69 -3.93
C ALA A 77 12.95 -4.22 -4.43
N MET A 78 13.84 -5.17 -4.78
CA MET A 78 15.14 -4.92 -5.39
C MET A 78 15.04 -4.25 -6.76
N LYS A 79 14.03 -4.61 -7.59
CA LYS A 79 13.77 -3.99 -8.88
C LYS A 79 13.47 -2.49 -8.75
N HIS A 80 12.91 -2.06 -7.60
CA HIS A 80 12.62 -0.68 -7.28
C HIS A 80 13.71 0.03 -6.51
N GLY A 81 14.92 -0.56 -6.40
CA GLY A 81 16.08 0.16 -5.90
C GLY A 81 16.34 -0.03 -4.44
N ALA A 82 15.53 -0.85 -3.73
CA ALA A 82 15.93 -1.37 -2.44
C ALA A 82 17.12 -2.32 -2.56
N ASP A 83 18.05 -2.33 -1.57
CA ASP A 83 19.10 -3.35 -1.54
C ASP A 83 18.53 -4.60 -0.90
N GLU A 84 19.28 -5.72 -0.90
CA GLU A 84 18.75 -7.01 -0.46
C GLU A 84 18.41 -7.04 1.01
N ALA A 85 19.16 -6.26 1.82
CA ALA A 85 18.94 -6.04 3.22
C ALA A 85 17.67 -5.23 3.48
N MET A 86 17.49 -4.12 2.73
CA MET A 86 16.35 -3.24 2.74
C MET A 86 15.07 -3.92 2.29
N ALA A 87 15.16 -4.77 1.25
CA ALA A 87 14.05 -5.54 0.71
C ALA A 87 13.40 -6.45 1.73
N LYS A 88 14.21 -7.19 2.52
CA LYS A 88 13.74 -8.03 3.60
C LYS A 88 13.38 -7.22 4.84
N GLN A 89 14.02 -6.04 5.04
CA GLN A 89 13.71 -5.11 6.10
C GLN A 89 12.30 -4.57 6.07
N LEU A 90 11.73 -4.20 4.90
CA LEU A 90 10.36 -3.75 4.84
C LEU A 90 9.38 -4.83 5.27
N LEU A 91 9.62 -6.09 4.84
CA LEU A 91 8.85 -7.24 5.27
C LEU A 91 9.04 -7.52 6.78
N ASP A 92 10.28 -7.35 7.30
CA ASP A 92 10.62 -7.48 8.71
C ASP A 92 10.00 -6.42 9.62
N ILE A 93 9.96 -5.14 9.17
CA ILE A 93 9.26 -4.05 9.86
C ILE A 93 7.80 -4.38 10.00
N LYS A 94 7.20 -4.89 8.90
CA LYS A 94 5.81 -5.26 8.88
C LYS A 94 5.50 -6.30 9.91
N HIS A 95 6.29 -7.39 10.00
CA HIS A 95 5.88 -8.47 10.88
C HIS A 95 6.09 -8.07 12.31
N SER A 96 7.11 -7.20 12.47
CA SER A 96 7.50 -6.60 13.75
C SER A 96 6.42 -5.70 14.31
N CYS A 97 5.81 -4.91 13.41
CA CYS A 97 4.67 -4.07 13.72
C CYS A 97 3.40 -4.84 14.00
N GLU A 98 3.16 -5.98 13.32
CA GLU A 98 1.93 -6.78 13.43
C GLU A 98 1.69 -7.29 14.82
N LYS A 99 2.77 -7.51 15.58
CA LYS A 99 2.69 -8.05 16.93
C LYS A 99 2.46 -6.96 17.97
N VAL A 100 2.77 -5.67 17.63
CA VAL A 100 2.68 -4.56 18.57
C VAL A 100 1.41 -3.76 18.35
N ILE A 101 0.92 -3.69 17.09
CA ILE A 101 -0.33 -3.03 16.77
C ILE A 101 -1.57 -3.74 17.27
N THR A 102 -2.68 -2.96 17.45
CA THR A 102 -4.01 -3.55 17.60
C THR A 102 -4.50 -4.19 16.32
N ILE A 103 -4.90 -5.47 16.46
CA ILE A 103 -5.47 -6.35 15.49
C ILE A 103 -6.86 -6.53 15.94
N VAL A 104 -7.81 -6.40 15.01
CA VAL A 104 -9.18 -6.61 15.32
C VAL A 104 -9.60 -7.83 14.54
N ALA A 105 -10.21 -8.80 15.23
CA ALA A 105 -10.83 -9.95 14.60
C ALA A 105 -12.01 -9.61 13.70
N ASP A 106 -12.91 -8.73 14.18
CA ASP A 106 -14.06 -8.22 13.47
C ASP A 106 -13.72 -7.37 12.25
N ASP A 107 -12.66 -6.55 12.34
CA ASP A 107 -12.44 -5.45 11.42
C ASP A 107 -11.02 -5.57 10.85
N PRO A 108 -10.74 -6.15 9.70
CA PRO A 108 -9.36 -6.23 9.18
C PRO A 108 -8.80 -4.88 8.78
N CYS A 109 -9.65 -3.84 8.67
CA CYS A 109 -9.30 -2.52 8.21
C CYS A 109 -8.43 -1.81 9.24
N GLN A 110 -8.80 -1.89 10.55
CA GLN A 110 -8.00 -1.37 11.65
C GLN A 110 -6.66 -2.07 11.72
N THR A 111 -6.64 -3.41 11.59
CA THR A 111 -5.40 -4.18 11.56
C THR A 111 -4.46 -3.70 10.46
N MET A 112 -4.98 -3.49 9.22
CA MET A 112 -4.18 -2.99 8.12
C MET A 112 -3.68 -1.57 8.31
N LEU A 113 -4.58 -0.64 8.70
CA LEU A 113 -4.29 0.79 8.90
C LEU A 113 -3.35 1.02 10.06
N ASN A 114 -3.59 0.34 11.21
CA ASN A 114 -2.75 0.41 12.38
C ASN A 114 -1.37 -0.13 12.06
N LEU A 115 -1.28 -1.24 11.29
CA LEU A 115 -0.02 -1.77 10.83
C LEU A 115 0.70 -0.83 9.92
N ALA A 116 -0.02 -0.26 8.95
CA ALA A 116 0.51 0.60 7.91
C ALA A 116 1.10 1.85 8.50
N MET A 117 0.39 2.44 9.48
CA MET A 117 0.88 3.62 10.17
C MET A 117 2.05 3.27 11.10
N CYS A 118 2.12 2.02 11.67
CA CYS A 118 3.34 1.52 12.34
C CYS A 118 4.50 1.24 11.38
N PHE A 119 4.24 0.56 10.25
CA PHE A 119 5.23 0.34 9.20
C PHE A 119 5.87 1.59 8.66
N LYS A 120 5.05 2.61 8.31
CA LYS A 120 5.51 3.87 7.82
C LYS A 120 6.33 4.62 8.85
N ALA A 121 6.03 4.38 10.14
CA ALA A 121 6.71 5.00 11.25
C ALA A 121 8.19 4.64 11.30
N GLU A 122 8.47 3.34 11.08
CA GLU A 122 9.78 2.77 11.00
C GLU A 122 10.59 3.21 9.78
N ILE A 123 10.04 3.22 8.53
CA ILE A 123 10.74 3.79 7.39
C ILE A 123 10.93 5.30 7.42
N HIS A 124 10.13 6.05 8.22
CA HIS A 124 10.38 7.45 8.52
C HIS A 124 11.68 7.63 9.30
N LYS A 125 11.99 6.72 10.26
CA LYS A 125 13.12 6.87 11.16
C LYS A 125 14.46 6.53 10.50
N LEU A 126 14.41 5.67 9.46
CA LEU A 126 15.53 5.14 8.71
C LEU A 126 16.31 6.16 7.90
N ASP A 127 17.61 5.84 7.72
CA ASP A 127 18.59 6.67 7.07
C ASP A 127 18.55 6.56 5.55
N TRP A 128 17.64 5.72 5.00
CA TRP A 128 17.43 5.56 3.58
C TRP A 128 15.94 5.64 3.36
N ALA A 129 15.49 6.03 2.15
CA ALA A 129 14.07 6.14 1.87
C ALA A 129 13.64 5.14 0.80
N PRO A 130 12.72 4.20 1.04
CA PRO A 130 11.98 3.55 -0.03
C PRO A 130 10.99 4.52 -0.64
N THR A 131 10.61 4.32 -1.92
CA THR A 131 9.54 5.05 -2.59
C THR A 131 8.25 4.35 -2.24
N LEU A 132 7.07 4.95 -2.56
CA LEU A 132 5.79 4.33 -2.28
C LEU A 132 5.63 3.01 -3.03
N ASP A 133 6.18 2.90 -4.26
CA ASP A 133 6.07 1.72 -5.10
C ASP A 133 6.75 0.48 -4.49
N VAL A 134 7.76 0.68 -3.62
CA VAL A 134 8.49 -0.35 -2.89
C VAL A 134 8.00 -0.44 -1.45
N ALA A 135 7.84 0.70 -0.75
CA ALA A 135 7.36 0.70 0.62
C ALA A 135 5.96 0.17 0.77
N VAL A 136 4.98 0.60 -0.07
CA VAL A 136 3.66 0.01 0.02
C VAL A 136 3.67 -1.29 -0.73
N GLY A 137 4.53 -1.41 -1.77
CA GLY A 137 4.54 -2.57 -2.63
C GLY A 137 4.80 -3.85 -1.90
N GLU A 138 5.78 -3.88 -0.98
CA GLU A 138 6.07 -5.05 -0.19
C GLU A 138 4.95 -5.42 0.79
N LEU A 139 4.29 -4.39 1.41
CA LEU A 139 3.12 -4.57 2.24
C LEU A 139 1.95 -5.10 1.50
N LEU A 140 1.66 -4.45 0.37
CA LEU A 140 0.53 -4.84 -0.42
C LEU A 140 0.74 -6.19 -1.07
N ALA A 141 1.97 -6.51 -1.55
CA ALA A 141 2.29 -7.82 -2.05
C ALA A 141 2.18 -8.93 -1.01
N ASP A 142 2.68 -8.72 0.23
CA ASP A 142 2.70 -9.76 1.24
C ASP A 142 1.50 -9.64 2.19
N THR A 143 0.31 -9.20 1.71
CA THR A 143 -0.87 -9.10 2.58
C THR A 143 -1.40 -10.47 3.10
N SER A 1 -9.18 2.27 -29.72
CA SER A 1 -9.90 3.26 -30.63
C SER A 1 -10.12 4.65 -30.04
N LYS A 2 -10.52 4.73 -28.75
CA LYS A 2 -10.83 5.98 -28.07
C LYS A 2 -9.60 6.84 -27.88
N GLU A 3 -8.49 6.19 -27.44
CA GLU A 3 -7.24 6.83 -27.07
C GLU A 3 -6.37 7.23 -28.23
N VAL A 4 -6.86 6.92 -29.43
CA VAL A 4 -6.36 7.44 -30.69
C VAL A 4 -6.68 8.91 -30.82
N MET A 5 -7.97 9.22 -30.54
CA MET A 5 -8.64 10.35 -31.14
C MET A 5 -8.14 11.67 -30.56
N LYS A 6 -7.97 11.68 -29.23
CA LYS A 6 -7.28 12.68 -28.47
C LYS A 6 -6.36 11.89 -27.58
N GLN A 7 -5.10 12.35 -27.38
CA GLN A 7 -4.08 11.63 -26.66
C GLN A 7 -4.41 11.46 -25.18
N MET A 8 -4.25 10.23 -24.65
CA MET A 8 -4.60 9.90 -23.29
C MET A 8 -3.47 9.09 -22.68
N THR A 9 -3.30 9.19 -21.34
CA THR A 9 -2.47 8.27 -20.58
C THR A 9 -3.19 8.11 -19.26
N ILE A 10 -3.02 6.96 -18.57
CA ILE A 10 -3.74 6.68 -17.34
C ILE A 10 -2.81 5.90 -16.42
N ASN A 11 -2.88 6.16 -15.10
CA ASN A 11 -2.13 5.46 -14.08
C ASN A 11 -2.87 4.22 -13.60
N PHE A 12 -2.30 3.47 -12.63
CA PHE A 12 -2.86 2.23 -12.10
C PHE A 12 -3.98 2.46 -11.07
N ALA A 13 -4.98 3.28 -11.48
CA ALA A 13 -6.15 3.67 -10.74
C ALA A 13 -7.25 2.64 -10.73
N LYS A 14 -7.20 1.66 -11.65
CA LYS A 14 -8.24 0.65 -11.82
C LYS A 14 -8.54 -0.16 -10.55
N PRO A 15 -7.61 -0.69 -9.75
CA PRO A 15 -7.96 -1.27 -8.47
C PRO A 15 -8.41 -0.25 -7.43
N MET A 16 -7.99 1.03 -7.53
CA MET A 16 -8.30 2.03 -6.54
C MET A 16 -9.75 2.50 -6.65
N GLU A 17 -10.23 2.71 -7.90
CA GLU A 17 -11.61 3.08 -8.19
C GLU A 17 -12.55 1.90 -8.00
N ALA A 18 -12.07 0.68 -8.27
CA ALA A 18 -12.76 -0.54 -7.93
C ALA A 18 -12.95 -0.72 -6.46
N CYS A 19 -11.90 -0.46 -5.63
CA CYS A 19 -12.01 -0.60 -4.18
C CYS A 19 -13.10 0.35 -3.69
N LYS A 20 -13.11 1.62 -4.14
CA LYS A 20 -14.00 2.64 -3.58
C LYS A 20 -15.48 2.25 -3.73
N GLN A 21 -15.87 1.73 -4.91
CA GLN A 21 -17.22 1.25 -5.13
C GLN A 21 -17.51 -0.11 -4.50
N GLU A 22 -16.53 -1.03 -4.55
CA GLU A 22 -16.60 -2.39 -4.00
C GLU A 22 -16.85 -2.35 -2.52
N LEU A 23 -16.20 -1.39 -1.86
CA LEU A 23 -16.29 -1.27 -0.42
C LEU A 23 -17.54 -0.49 -0.04
N ASN A 24 -18.18 0.17 -1.03
CA ASN A 24 -19.33 1.06 -0.90
C ASN A 24 -19.05 2.25 0.01
N VAL A 25 -17.90 2.92 -0.21
CA VAL A 25 -17.40 4.01 0.60
C VAL A 25 -17.28 5.25 -0.28
N PRO A 26 -17.28 6.46 0.24
CA PRO A 26 -17.12 7.66 -0.58
C PRO A 26 -15.69 7.86 -1.04
N ASP A 27 -15.55 8.77 -2.03
CA ASP A 27 -14.31 9.20 -2.67
C ASP A 27 -13.42 9.90 -1.66
N ALA A 28 -14.05 10.49 -0.62
CA ALA A 28 -13.42 11.12 0.52
C ALA A 28 -12.54 10.20 1.33
N VAL A 29 -12.86 8.88 1.38
CA VAL A 29 -12.07 8.01 2.23
C VAL A 29 -11.07 7.23 1.42
N MET A 30 -11.26 6.97 0.12
CA MET A 30 -10.20 6.36 -0.69
C MET A 30 -9.01 7.30 -0.84
N GLN A 31 -9.29 8.64 -0.82
CA GLN A 31 -8.28 9.67 -0.89
C GLN A 31 -7.57 9.86 0.42
N ASP A 32 -8.15 9.35 1.54
CA ASP A 32 -7.51 9.48 2.82
C ASP A 32 -6.22 8.65 2.89
N PHE A 33 -6.17 7.54 2.13
CA PHE A 33 -4.98 6.74 1.81
C PHE A 33 -3.90 7.51 1.06
N PHE A 34 -4.26 8.35 0.08
CA PHE A 34 -3.31 9.25 -0.59
C PHE A 34 -2.70 10.28 0.37
N ASN A 35 -3.53 10.88 1.24
CA ASN A 35 -3.16 11.81 2.30
C ASN A 35 -2.30 11.20 3.39
N PHE A 36 -2.47 9.90 3.66
CA PHE A 36 -1.77 9.10 4.66
C PHE A 36 -0.26 9.15 4.51
N TRP A 37 0.24 9.11 3.25
CA TRP A 37 1.66 9.08 2.98
C TRP A 37 2.32 10.45 3.10
N LYS A 38 1.52 11.54 3.27
CA LYS A 38 2.07 12.83 3.70
C LYS A 38 2.64 12.70 5.11
N GLU A 39 3.89 13.19 5.34
CA GLU A 39 4.66 12.79 6.52
C GLU A 39 4.02 13.28 7.82
N GLY A 40 3.64 12.31 8.69
CA GLY A 40 3.06 12.57 10.00
C GLY A 40 1.59 12.92 10.00
N TYR A 41 0.91 12.95 8.82
CA TYR A 41 -0.44 13.45 8.68
C TYR A 41 -1.47 12.55 9.38
N GLN A 42 -2.42 13.17 10.12
CA GLN A 42 -3.22 12.46 11.10
C GLN A 42 -4.45 11.82 10.51
N ILE A 43 -4.24 10.64 9.90
CA ILE A 43 -5.28 9.80 9.36
C ILE A 43 -5.57 8.70 10.38
N THR A 44 -6.80 8.69 10.93
CA THR A 44 -7.20 7.82 12.03
C THR A 44 -8.43 7.03 11.67
N ASN A 45 -8.86 7.11 10.38
CA ASN A 45 -10.17 6.71 9.94
C ASN A 45 -10.21 5.24 9.57
N ARG A 46 -11.23 4.51 10.06
CA ARG A 46 -11.40 3.07 9.92
C ARG A 46 -11.50 2.62 8.47
N GLU A 47 -12.06 3.46 7.60
CA GLU A 47 -12.07 3.30 6.17
C GLU A 47 -10.73 3.31 5.51
N ALA A 48 -9.76 4.05 6.06
CA ALA A 48 -8.42 4.11 5.48
C ALA A 48 -7.80 2.74 5.42
N GLY A 49 -7.92 1.95 6.51
CA GLY A 49 -7.46 0.57 6.55
C GLY A 49 -8.20 -0.30 5.59
N CYS A 50 -9.53 -0.10 5.46
CA CYS A 50 -10.39 -0.89 4.59
C CYS A 50 -9.99 -0.71 3.13
N VAL A 51 -9.66 0.53 2.69
CA VAL A 51 -9.13 0.73 1.35
C VAL A 51 -7.73 0.17 1.22
N ILE A 52 -6.87 0.34 2.22
CA ILE A 52 -5.47 -0.09 2.13
C ILE A 52 -5.34 -1.59 1.92
N LEU A 53 -6.10 -2.39 2.68
CA LEU A 53 -6.08 -3.83 2.61
C LEU A 53 -6.63 -4.42 1.34
N CYS A 54 -7.56 -3.69 0.72
CA CYS A 54 -8.21 -3.96 -0.53
C CYS A 54 -7.24 -3.96 -1.69
N LEU A 55 -6.27 -2.99 -1.77
CA LEU A 55 -5.26 -3.03 -2.80
C LEU A 55 -4.42 -4.27 -2.77
N ALA A 56 -4.12 -4.80 -1.59
CA ALA A 56 -3.26 -5.95 -1.42
C ALA A 56 -3.70 -7.19 -2.17
N LYS A 57 -5.02 -7.44 -2.22
CA LYS A 57 -5.57 -8.46 -3.10
C LYS A 57 -5.47 -8.08 -4.57
N LYS A 58 -5.74 -6.81 -4.88
CA LYS A 58 -5.91 -6.26 -6.22
C LYS A 58 -4.60 -5.78 -6.84
N LEU A 59 -3.50 -6.54 -6.69
CA LEU A 59 -2.19 -6.20 -7.24
C LEU A 59 -2.03 -6.79 -8.61
N GLU A 60 -2.92 -7.75 -8.88
CA GLU A 60 -3.12 -8.48 -10.11
C GLU A 60 -3.53 -7.53 -11.22
N LEU A 61 -4.29 -6.52 -10.77
CA LEU A 61 -4.86 -5.41 -11.53
C LEU A 61 -3.79 -4.46 -12.04
N LEU A 62 -2.66 -4.37 -11.32
CA LEU A 62 -1.57 -3.45 -11.53
C LEU A 62 -0.77 -3.75 -12.77
N ASP A 63 -0.08 -2.72 -13.30
CA ASP A 63 0.66 -2.83 -14.53
C ASP A 63 1.91 -3.70 -14.36
N GLN A 64 2.11 -4.68 -15.28
CA GLN A 64 3.18 -5.66 -15.23
C GLN A 64 4.59 -5.04 -15.26
N ASP A 65 4.72 -3.84 -15.86
CA ASP A 65 5.96 -3.09 -15.93
C ASP A 65 6.61 -2.82 -14.57
N MET A 66 5.81 -2.62 -13.48
CA MET A 66 6.40 -2.41 -12.16
C MET A 66 6.90 -3.70 -11.54
N ASN A 67 6.36 -4.87 -12.01
CA ASN A 67 6.54 -6.23 -11.53
C ASN A 67 6.04 -6.56 -10.12
N LEU A 68 4.90 -5.99 -9.65
CA LEU A 68 4.30 -6.36 -8.37
C LEU A 68 3.38 -7.55 -8.54
N HIS A 69 3.56 -8.65 -7.77
CA HIS A 69 2.44 -9.58 -7.61
C HIS A 69 2.39 -9.98 -6.17
N HIS A 70 1.28 -10.58 -5.71
CA HIS A 70 1.20 -11.00 -4.32
C HIS A 70 2.15 -12.14 -3.97
N GLY A 71 2.87 -11.94 -2.84
CA GLY A 71 3.85 -12.87 -2.31
C GLY A 71 5.29 -12.68 -2.74
N LYS A 72 5.60 -11.85 -3.76
CA LYS A 72 6.86 -11.95 -4.45
C LYS A 72 7.80 -10.80 -4.11
N ALA A 73 7.52 -10.16 -2.97
CA ALA A 73 8.09 -8.90 -2.51
C ALA A 73 9.58 -8.89 -2.47
N MET A 74 10.25 -9.97 -2.01
CA MET A 74 11.70 -9.95 -1.87
C MET A 74 12.42 -9.71 -3.19
N GLU A 75 11.92 -10.29 -4.29
CA GLU A 75 12.47 -10.09 -5.64
C GLU A 75 12.09 -8.75 -6.25
N PHE A 76 10.80 -8.38 -6.11
CA PHE A 76 10.19 -7.14 -6.54
C PHE A 76 10.76 -5.90 -5.86
N ALA A 77 10.99 -5.95 -4.54
CA ALA A 77 11.56 -4.87 -3.77
C ALA A 77 12.92 -4.42 -4.28
N MET A 78 13.79 -5.40 -4.66
CA MET A 78 15.07 -5.15 -5.29
C MET A 78 14.98 -4.48 -6.65
N LYS A 79 13.95 -4.81 -7.47
CA LYS A 79 13.70 -4.15 -8.76
C LYS A 79 13.44 -2.66 -8.61
N HIS A 80 12.90 -2.23 -7.45
CA HIS A 80 12.56 -0.86 -7.11
C HIS A 80 13.64 -0.14 -6.33
N GLY A 81 14.86 -0.70 -6.25
CA GLY A 81 16.01 0.03 -5.75
C GLY A 81 16.29 -0.16 -4.30
N ALA A 82 15.49 -0.98 -3.60
CA ALA A 82 15.90 -1.51 -2.31
C ALA A 82 17.07 -2.49 -2.47
N ASP A 83 18.04 -2.51 -1.53
CA ASP A 83 19.04 -3.57 -1.52
C ASP A 83 18.45 -4.78 -0.81
N GLU A 84 19.16 -5.94 -0.80
CA GLU A 84 18.58 -7.18 -0.29
C GLU A 84 18.28 -7.11 1.20
N ALA A 85 19.10 -6.33 1.95
CA ALA A 85 18.93 -6.04 3.35
C ALA A 85 17.71 -5.16 3.62
N MET A 86 17.54 -4.10 2.79
CA MET A 86 16.40 -3.21 2.80
C MET A 86 15.11 -3.90 2.43
N ALA A 87 15.16 -4.80 1.42
CA ALA A 87 14.03 -5.60 0.99
C ALA A 87 13.48 -6.49 2.09
N LYS A 88 14.36 -7.20 2.83
CA LYS A 88 13.98 -8.01 3.97
C LYS A 88 13.63 -7.16 5.18
N GLN A 89 14.22 -5.96 5.31
CA GLN A 89 13.88 -4.98 6.32
C GLN A 89 12.45 -4.47 6.26
N LEU A 90 11.86 -4.17 5.08
CA LEU A 90 10.48 -3.76 5.02
C LEU A 90 9.54 -4.87 5.48
N LEU A 91 9.82 -6.12 5.09
CA LEU A 91 9.11 -7.29 5.57
C LEU A 91 9.32 -7.51 7.08
N ASP A 92 10.56 -7.29 7.60
CA ASP A 92 10.90 -7.35 9.03
C ASP A 92 10.20 -6.27 9.86
N ILE A 93 10.12 -5.01 9.36
CA ILE A 93 9.43 -3.90 10.02
C ILE A 93 7.97 -4.24 10.19
N LYS A 94 7.33 -4.78 9.13
CA LYS A 94 5.93 -5.14 9.16
C LYS A 94 5.64 -6.14 10.23
N HIS A 95 6.34 -7.29 10.23
CA HIS A 95 6.01 -8.32 11.18
C HIS A 95 6.41 -7.94 12.61
N SER A 96 7.42 -7.05 12.75
CA SER A 96 7.78 -6.45 14.04
C SER A 96 6.69 -5.55 14.59
N CYS A 97 6.08 -4.75 13.71
CA CYS A 97 4.96 -3.90 14.03
C CYS A 97 3.69 -4.66 14.34
N GLU A 98 3.44 -5.80 13.67
CA GLU A 98 2.24 -6.61 13.79
C GLU A 98 2.02 -7.12 15.20
N LYS A 99 3.11 -7.33 15.95
CA LYS A 99 3.03 -7.85 17.30
C LYS A 99 2.82 -6.75 18.33
N VAL A 100 3.12 -5.46 17.98
CA VAL A 100 3.04 -4.36 18.92
C VAL A 100 1.78 -3.56 18.72
N ILE A 101 1.25 -3.52 17.48
CA ILE A 101 -0.01 -2.86 17.17
C ILE A 101 -1.25 -3.58 17.67
N THR A 102 -2.35 -2.81 17.87
CA THR A 102 -3.68 -3.37 18.04
C THR A 102 -4.18 -4.03 16.78
N ILE A 103 -4.60 -5.30 16.94
CA ILE A 103 -5.18 -6.19 15.99
C ILE A 103 -6.57 -6.34 16.46
N VAL A 104 -7.52 -6.23 15.54
CA VAL A 104 -8.90 -6.43 15.87
C VAL A 104 -9.31 -7.69 15.15
N ALA A 105 -9.92 -8.62 15.90
CA ALA A 105 -10.55 -9.80 15.34
C ALA A 105 -11.71 -9.49 14.42
N ASP A 106 -12.57 -8.53 14.84
CA ASP A 106 -13.74 -8.12 14.11
C ASP A 106 -13.50 -7.21 12.91
N ASP A 107 -12.37 -6.48 12.91
CA ASP A 107 -12.16 -5.39 11.97
C ASP A 107 -10.75 -5.51 11.39
N PRO A 108 -10.49 -6.07 10.21
CA PRO A 108 -9.13 -6.15 9.66
C PRO A 108 -8.59 -4.78 9.27
N CYS A 109 -9.45 -3.75 9.19
CA CYS A 109 -9.10 -2.43 8.72
C CYS A 109 -8.21 -1.71 9.73
N GLN A 110 -8.56 -1.76 11.05
CA GLN A 110 -7.75 -1.26 12.14
C GLN A 110 -6.41 -1.96 12.22
N THR A 111 -6.41 -3.31 12.09
CA THR A 111 -5.19 -4.12 12.07
C THR A 111 -4.24 -3.64 10.97
N MET A 112 -4.73 -3.42 9.73
CA MET A 112 -3.88 -2.94 8.66
C MET A 112 -3.44 -1.47 8.83
N LEU A 113 -4.36 -0.54 9.17
CA LEU A 113 -4.07 0.88 9.33
C LEU A 113 -3.14 1.14 10.49
N ASN A 114 -3.37 0.48 11.64
CA ASN A 114 -2.51 0.57 12.82
C ASN A 114 -1.13 0.05 12.48
N LEU A 115 -1.04 -1.08 11.72
CA LEU A 115 0.21 -1.61 11.24
C LEU A 115 0.92 -0.66 10.33
N ALA A 116 0.18 -0.10 9.36
CA ALA A 116 0.68 0.74 8.30
C ALA A 116 1.27 2.00 8.87
N MET A 117 0.58 2.59 9.87
CA MET A 117 1.06 3.78 10.53
C MET A 117 2.29 3.44 11.40
N CYS A 118 2.41 2.21 11.97
CA CYS A 118 3.63 1.71 12.63
C CYS A 118 4.76 1.42 11.64
N PHE A 119 4.48 0.72 10.53
CA PHE A 119 5.42 0.47 9.45
C PHE A 119 6.05 1.70 8.85
N LYS A 120 5.21 2.70 8.53
CA LYS A 120 5.61 3.98 8.05
C LYS A 120 6.47 4.72 9.05
N ALA A 121 6.20 4.51 10.35
CA ALA A 121 6.93 5.16 11.43
C ALA A 121 8.41 4.79 11.43
N GLU A 122 8.70 3.49 11.22
CA GLU A 122 10.03 2.95 11.08
C GLU A 122 10.75 3.40 9.81
N ILE A 123 10.14 3.38 8.60
CA ILE A 123 10.76 3.89 7.38
C ILE A 123 10.95 5.40 7.36
N HIS A 124 10.17 6.17 8.17
CA HIS A 124 10.40 7.58 8.44
C HIS A 124 11.73 7.82 9.12
N LYS A 125 12.09 6.96 10.12
CA LYS A 125 13.24 7.17 10.98
C LYS A 125 14.56 6.81 10.32
N LEU A 126 14.51 5.93 9.30
CA LEU A 126 15.62 5.38 8.55
C LEU A 126 16.39 6.39 7.70
N ASP A 127 17.68 6.09 7.45
CA ASP A 127 18.61 6.93 6.73
C ASP A 127 18.51 6.75 5.22
N TRP A 128 17.60 5.85 4.74
CA TRP A 128 17.36 5.64 3.33
C TRP A 128 15.86 5.70 3.15
N ALA A 129 15.37 6.04 1.93
CA ALA A 129 13.96 6.14 1.68
C ALA A 129 13.52 5.12 0.63
N PRO A 130 12.64 4.14 0.91
CA PRO A 130 11.86 3.47 -0.13
C PRO A 130 10.84 4.43 -0.71
N THR A 131 10.51 4.29 -2.02
CA THR A 131 9.33 4.91 -2.61
C THR A 131 8.11 4.07 -2.29
N LEU A 132 6.90 4.60 -2.53
CA LEU A 132 5.63 3.98 -2.19
C LEU A 132 5.45 2.66 -2.89
N ASP A 133 5.96 2.55 -4.15
CA ASP A 133 5.87 1.35 -4.96
C ASP A 133 6.58 0.14 -4.34
N VAL A 134 7.61 0.38 -3.51
CA VAL A 134 8.37 -0.63 -2.76
C VAL A 134 7.95 -0.69 -1.31
N ALA A 135 7.79 0.48 -0.63
CA ALA A 135 7.35 0.51 0.75
C ALA A 135 5.96 -0.04 0.97
N VAL A 136 4.96 0.35 0.16
CA VAL A 136 3.65 -0.24 0.32
C VAL A 136 3.63 -1.54 -0.40
N GLY A 137 4.44 -1.69 -1.47
CA GLY A 137 4.45 -2.88 -2.30
C GLY A 137 4.79 -4.12 -1.53
N GLU A 138 5.83 -4.10 -0.66
CA GLU A 138 6.19 -5.24 0.14
C GLU A 138 5.16 -5.57 1.21
N LEU A 139 4.48 -4.54 1.81
CA LEU A 139 3.34 -4.76 2.68
C LEU A 139 2.20 -5.40 1.97
N LEU A 140 1.77 -4.76 0.87
CA LEU A 140 0.62 -5.26 0.16
C LEU A 140 0.88 -6.61 -0.50
N ALA A 141 2.09 -6.87 -1.05
CA ALA A 141 2.47 -8.16 -1.56
C ALA A 141 2.43 -9.28 -0.53
N ASP A 142 2.97 -9.05 0.69
CA ASP A 142 2.91 -10.01 1.77
C ASP A 142 1.49 -10.15 2.30
N THR A 143 0.71 -9.04 2.36
CA THR A 143 -0.65 -9.00 2.91
C THR A 143 -1.68 -9.89 2.18
#